data_6B3R
#
_entry.id   6B3R
#
_cell.length_a   1
_cell.length_b   1
_cell.length_c   1
_cell.angle_alpha   90
_cell.angle_beta   90
_cell.angle_gamma   90
#
_symmetry.space_group_name_H-M   'P 1'
#
loop_
_entity.id
_entity.type
_entity.pdbx_description
1 polymer 'Piezo-type mechanosensitive ion channel component 1'
2 polymer 'Piezo-type mechanosensitive ion channel component 1, unknown fragment'
#
loop_
_entity_poly.entity_id
_entity_poly.type
_entity_poly.pdbx_seq_one_letter_code
_entity_poly.pdbx_strand_id
1 'polypeptide(L)'
;MEPHVLGAGLYWLLLPCTLLAASLLRFNALSLVYLLFLLLLPWLPGPSRHSIPGHTGRLLRALLCLSLLFLVAHLAFQIC
LHTVPHLDQFLGQNGSLWVKVSQHIGVTRLDLKDIFNTTRLVAPDLGVLLASSLCLGLCGRLTRKAGQSRRTQELQDDDD
DDDDDDEDIDAAPAVGLKGAPALATKRRLWLASRFRVTAHWLLMTSGRTLVIVLLALAGIAHPSAFSSIYLVVFLAICTW
WSCHFPLSPLGFNTLCVMVSCFGAGHLICLYCYQTPFIQDMLPPGNIWARLFGLKNFVDLPNYSSPNALVLNTKHAWPIY
VSPGILLLLYYTATSLLKLHKSCPSELRKETPREDEEHELELDHLEPEPQARDATQGEMPMTTEPDLDNCTVHVLTSQSP
VRQRPVRPRLAELKEMSPLHGLGHLIMDQSYVCALIAMMVWSIMYHSWLTFVLLLWACLIWTVRSRHQLAMLCSPCILLY
GLTLCCLRYVWAMELPELPTTLGPVSLHQLGLEHTRYPCLDLGAMLLYLLTFWLLLRQFVKEKLLKKQKVPAALLEVTVA
DTEPTQTQTLLRSLGELVTGIYVKYWIYVCAGMFIVVSFAGRLVVYKIVYMFLFLLCLTLFQVYYTLWRKLLRVFWWLVV
AYTMLVLIAVYTFQFQDFPTYWRNLTGFTDEQLGDLGLEQFSVSELFSSILIPGFFLLACILQLHYFHRPFMQLTDLEHV
PPPGTRHPRWAHRQDAVSEAPLLEHQEEEEVFREDGQSMDGPHQATQVPEGTASKWGLVADRLLDLAASFSAVLTRIQVF
VRRLLELHVFKLVALYTVWVALKEVSVMNLLLVVLWAFALPYPRFRPMASCLSTVWTCIIIVCKMLYQLKIVNPHEYSSN
CTEPFPNNTNLQPLEINQSLLYRGPVDPANWFGVRKGYPNLGYIQNHLQILLLLVFEAVVYRRQEHYRRQHQQAPLPAQA
VCADGTRQRLDQDLLSCLKYFINFFFYKFGLEICFLMAVNVIGQRMNFMVILHGCWLVAILTRRRREAIARLWPNYCLFL
TLFLLYQYLLCLGMPPALCIDYPWRWSKAIPMNSALIKWLYLPDFFRAPNSTNLISDFLLLLCASQQWQVFSAERTEEWQ
RMAGINTDHLEPLRGEPNPIPNFIHCRSYLDMLKVAVFRYLFWLVLVVVFVAGATRISIFGLGYLLACFYLLLFGTTLLQ
KDTRAQLVLWDCLILYNVTVIISKNMLSLLSCVFVEQMQSNFCWVIQLFSLVCTVKGYYDPKEMMTRDRDCLLPVEEAGI
IWDSICFFFLLLQRRIFLSHYFLHVSADLKATALQASRGFALYNAANLKSINFHRQIEEKSLAQLKRQMKRIRAKQEKYR
QSQASRGQLQSKDPQDPSQEPGPDSPGGSSPPRRQWWRPWLDHATVIHSGDYFLFESDSEEEEEALPEDPRPAAQSAFQM
AYQAWVTNAQTVLRQRRERARQERAEQLASGGDLNPDVEPVDVPEDEMAGRSHMMQRVLSTMQFLWVLGQATVDGLTRWL
RAFTKHHRTMSDVLCAERYLLTQELLRVGEVRRGVLDQLYVGEDEATLSGPVETRDGPSTASSGLGAEEPLSSMTDDTSS
PLSTGYNTRSGSEEIVTDAGDLQAGTSLHGSQELLANARTRMRTASELLLDRRLHIPELEEAERFEAQQGRTLRLLRAGY
QCVAAHSELLCYFIIILNHMVTASAASLVLPVLVFLWAMLTIPRPSKRFWMTAIVFTEVMVVTKYLFQFGFFPWNSYVVL
RRYENKPYFPPRILGLEKTDSYIKYDLVQLMALFFHRSQLLCYGLWDHEEDRYPKDHCRSSVKDREAKEEPEAKLESQSE
TGTGHPKEPVLAGTPRDHIQGKGSIRSKDVIQDPPEDLKPRHTRHISIRFRRRKETPGPKGTAVMETEHEEGEGKETTER
KRPRHTQEKSKFRERMKAAGRRLQSFCVSLAQSFYQPLQRFFHDILHTKYRAATDVYALMFLADIVDIIIIIFGFWAFGK
HSAATDIASSLSDDQVPQAFLFMLLVQFGTMVIDRALYLRKTVLGKLAFQVVLVVAIHIWMFFILPAVTERMFSQNAVAQ
LWYFVKCIYFALSAYQIRCGYPTRILGNFLTKKYNHLNLFLFQGFRLVPFLVELRAVMDWVWTDTTLSLSNWMCVEDIYA
NIFIIKCSRETEKKYPQPKGQKKKKIVKYGMGGLIILFLIAIIWFPLLFMSLIRSVVGVVNQPIDVTVTLKLGGYEPLFT
MSAQQPSIVPFTPQAYEELSQQFDPYPLAMQFISQYSPEDIVTAQIEGSSGALWRISPPSRAQMKQELYNGTADITLRFT
WNFQRDLAKGGTVEYTNEKHTLELAPNSTARRQLAQLLEGRPDQSVVIPHLFPKYIRAPNGPEANPVKQLQPDEEEDYLG
VRIQLRREQVGTGASGEQAGTKASDFLEWWVIELQDCKADCNLLPMVIFSDKVSPPSLGFLAGYGIVGLYVSIVLVVGKF
VRGFFSEISHSIMFEELPCVDRILKLCQDIFLVRETRELELEEELYAKLIFLYRSPETMIKWTRERE
;
A,C,E
2 'polypeptide(L)' (UNK)(UNK)(UNK)(UNK)(UNK)(UNK)(UNK)(UNK)(UNK)(UNK)(UNK)(UNK)(UNK)(UNK)(UNK)(UNK) B,D,F
#
# COMPACT_ATOMS: atom_id res chain seq x y z
N LEU A 577 -18.55 29.27 -89.69
CA LEU A 577 -17.82 30.10 -88.73
C LEU A 577 -18.64 30.31 -87.46
N VAL A 578 -18.53 31.51 -86.89
CA VAL A 578 -19.25 31.89 -85.67
C VAL A 578 -20.10 33.12 -85.88
N THR A 579 -19.53 34.16 -86.52
CA THR A 579 -20.18 35.43 -86.84
C THR A 579 -20.73 36.13 -85.61
N GLY A 580 -19.98 36.07 -84.51
CA GLY A 580 -20.39 36.71 -83.27
C GLY A 580 -19.73 38.05 -83.05
N ILE A 581 -19.61 38.84 -84.12
CA ILE A 581 -18.96 40.15 -84.05
C ILE A 581 -19.91 41.26 -83.64
N TYR A 582 -21.17 40.94 -83.32
CA TYR A 582 -22.11 41.96 -82.90
C TYR A 582 -21.85 42.45 -81.48
N VAL A 583 -21.14 41.66 -80.67
CA VAL A 583 -20.79 42.13 -79.33
C VAL A 583 -19.58 43.04 -79.37
N LYS A 584 -18.72 42.88 -80.37
CA LYS A 584 -17.53 43.72 -80.50
C LYS A 584 -17.79 44.94 -81.39
N TYR A 585 -18.85 45.69 -81.07
CA TYR A 585 -19.18 46.91 -81.79
C TYR A 585 -19.50 48.05 -80.84
N TRP A 586 -19.14 47.92 -79.56
CA TRP A 586 -19.43 48.94 -78.56
C TRP A 586 -18.29 49.94 -78.45
N ILE A 587 -18.66 51.18 -78.15
CA ILE A 587 -17.70 52.28 -78.06
C ILE A 587 -17.23 52.50 -76.62
N TYR A 588 -17.53 51.57 -75.72
CA TYR A 588 -17.15 51.74 -74.32
C TYR A 588 -15.65 51.56 -74.12
N VAL A 589 -15.04 50.66 -74.89
CA VAL A 589 -13.59 50.48 -74.80
C VAL A 589 -12.88 51.68 -75.41
N CYS A 590 -13.45 52.26 -76.47
CA CYS A 590 -12.90 53.48 -77.05
C CYS A 590 -13.04 54.66 -76.10
N ALA A 591 -14.10 54.67 -75.29
CA ALA A 591 -14.25 55.72 -74.29
C ALA A 591 -13.28 55.53 -73.13
N GLY A 592 -13.06 54.28 -72.73
CA GLY A 592 -12.16 54.01 -71.62
C GLY A 592 -10.70 54.22 -71.96
N MET A 593 -10.34 54.07 -73.23
CA MET A 593 -8.96 54.32 -73.65
C MET A 593 -8.59 55.79 -73.53
N PHE A 594 -9.58 56.69 -73.67
CA PHE A 594 -9.32 58.12 -73.51
C PHE A 594 -8.97 58.47 -72.07
N ILE A 595 -9.68 57.87 -71.10
CA ILE A 595 -9.37 58.12 -69.70
C ILE A 595 -8.09 57.39 -69.29
N VAL A 596 -7.82 56.24 -69.90
CA VAL A 596 -6.59 55.51 -69.62
C VAL A 596 -5.38 56.26 -70.14
N VAL A 597 -5.53 57.00 -71.24
CA VAL A 597 -4.47 57.89 -71.70
C VAL A 597 -4.49 59.23 -70.96
N SER A 598 -5.62 59.57 -70.35
CA SER A 598 -5.68 60.81 -69.56
C SER A 598 -4.90 60.67 -68.27
N PHE A 599 -4.93 59.49 -67.65
CA PHE A 599 -4.16 59.25 -66.45
C PHE A 599 -2.74 58.81 -66.83
N ALA A 600 -1.99 58.33 -65.85
CA ALA A 600 -0.63 57.85 -66.09
C ALA A 600 -0.42 56.45 -65.54
N VAL A 605 0.35 62.63 -68.87
CA VAL A 605 0.46 62.42 -67.44
C VAL A 605 0.01 63.67 -66.69
N TYR A 606 0.87 64.69 -66.68
CA TYR A 606 0.62 65.95 -66.00
C TYR A 606 0.86 67.11 -66.95
N LYS A 607 0.30 67.02 -68.16
CA LYS A 607 0.46 68.03 -69.18
C LYS A 607 -0.87 68.69 -69.47
N ILE A 608 -0.81 69.84 -70.14
CA ILE A 608 -2.02 70.56 -70.53
C ILE A 608 -2.69 69.95 -71.75
N VAL A 609 -2.02 69.05 -72.45
CA VAL A 609 -2.66 68.31 -73.54
C VAL A 609 -3.60 67.24 -73.01
N TYR A 610 -3.39 66.77 -71.78
CA TYR A 610 -4.26 65.76 -71.19
C TYR A 610 -5.63 66.32 -70.84
N MET A 611 -5.75 67.63 -70.65
CA MET A 611 -7.05 68.22 -70.39
C MET A 611 -7.93 68.24 -71.63
N PHE A 612 -7.34 68.19 -72.82
CA PHE A 612 -8.13 68.16 -74.05
C PHE A 612 -8.87 66.83 -74.21
N LEU A 613 -8.26 65.73 -73.76
CA LEU A 613 -8.93 64.44 -73.82
C LEU A 613 -10.09 64.37 -72.84
N PHE A 614 -9.91 64.94 -71.64
CA PHE A 614 -11.01 64.98 -70.67
C PHE A 614 -12.10 65.94 -71.10
N LEU A 615 -11.75 67.03 -71.78
CA LEU A 615 -12.76 67.92 -72.33
C LEU A 615 -13.50 67.27 -73.49
N LEU A 616 -12.83 66.39 -74.24
CA LEU A 616 -13.50 65.67 -75.31
C LEU A 616 -14.47 64.63 -74.75
N CYS A 617 -14.07 63.94 -73.67
CA CYS A 617 -14.97 62.98 -73.05
C CYS A 617 -16.15 63.68 -72.36
N LEU A 618 -15.90 64.85 -71.79
CA LEU A 618 -16.98 65.62 -71.17
C LEU A 618 -17.94 66.17 -72.23
N THR A 619 -17.41 66.58 -73.38
CA THR A 619 -18.28 67.09 -74.45
C THR A 619 -19.08 65.96 -75.08
N LEU A 620 -18.49 64.76 -75.18
CA LEU A 620 -19.24 63.61 -75.68
C LEU A 620 -20.30 63.17 -74.67
N PHE A 621 -20.01 63.30 -73.38
CA PHE A 621 -21.01 62.97 -72.36
C PHE A 621 -22.17 63.97 -72.38
N GLN A 622 -21.88 65.26 -72.52
CA GLN A 622 -22.95 66.25 -72.63
C GLN A 622 -23.71 66.12 -73.94
N VAL A 623 -23.05 65.65 -75.00
CA VAL A 623 -23.75 65.35 -76.24
C VAL A 623 -24.66 64.15 -76.07
N TYR A 624 -24.26 63.18 -75.23
CA TYR A 624 -25.16 62.10 -74.86
C TYR A 624 -26.31 62.59 -73.99
N TYR A 625 -26.15 63.73 -73.33
CA TYR A 625 -27.23 64.34 -72.56
C TYR A 625 -27.99 65.41 -73.33
N THR A 626 -27.59 65.73 -74.57
CA THR A 626 -28.28 66.74 -75.35
C THR A 626 -28.97 66.18 -76.58
N LEU A 627 -28.22 65.54 -77.48
CA LEU A 627 -28.76 65.08 -78.76
C LEU A 627 -27.80 64.08 -79.39
N TRP A 628 -28.34 62.98 -79.87
CA TRP A 628 -27.56 61.93 -80.51
C TRP A 628 -27.39 62.27 -82.00
N ARG A 629 -26.95 61.28 -82.79
CA ARG A 629 -26.90 61.32 -84.26
C ARG A 629 -25.91 62.35 -84.79
N LYS A 630 -24.93 62.75 -83.98
CA LYS A 630 -23.84 63.59 -84.47
C LYS A 630 -22.50 63.17 -83.89
N LEU A 631 -22.44 62.01 -83.23
CA LEU A 631 -21.21 61.57 -82.57
C LEU A 631 -20.25 60.87 -83.51
N LEU A 632 -20.66 60.56 -84.74
CA LEU A 632 -19.75 59.96 -85.70
C LEU A 632 -18.73 60.98 -86.20
N ARG A 633 -19.20 62.18 -86.57
CA ARG A 633 -18.29 63.26 -86.94
C ARG A 633 -17.52 63.77 -85.73
N VAL A 634 -18.10 63.66 -84.53
CA VAL A 634 -17.40 64.02 -83.32
C VAL A 634 -16.26 63.04 -83.04
N PHE A 635 -16.50 61.75 -83.31
CA PHE A 635 -15.44 60.76 -83.17
C PHE A 635 -14.39 60.93 -84.26
N TRP A 636 -14.78 61.40 -85.45
CA TRP A 636 -13.81 61.70 -86.49
C TRP A 636 -12.94 62.89 -86.10
N TRP A 637 -13.54 63.91 -85.48
CA TRP A 637 -12.76 65.03 -84.98
C TRP A 637 -11.92 64.64 -83.77
N LEU A 638 -12.38 63.67 -82.99
CA LEU A 638 -11.56 63.15 -81.88
C LEU A 638 -10.38 62.35 -82.39
N VAL A 639 -10.56 61.62 -83.50
CA VAL A 639 -9.44 60.95 -84.15
C VAL A 639 -8.49 61.97 -84.75
N VAL A 640 -9.02 63.10 -85.24
CA VAL A 640 -8.17 64.16 -85.77
C VAL A 640 -7.39 64.83 -84.64
N ALA A 641 -8.02 64.99 -83.48
CA ALA A 641 -7.33 65.60 -82.34
C ALA A 641 -6.29 64.67 -81.76
N TYR A 642 -6.56 63.37 -81.75
CA TYR A 642 -5.56 62.40 -81.34
C TYR A 642 -4.42 62.31 -82.34
N THR A 643 -4.72 62.53 -83.63
CA THR A 643 -3.67 62.59 -84.64
C THR A 643 -2.82 63.84 -84.46
N MET A 644 -3.44 64.95 -84.08
CA MET A 644 -2.68 66.18 -83.80
C MET A 644 -1.84 66.03 -82.53
N LEU A 645 -2.35 65.30 -81.53
CA LEU A 645 -1.56 65.05 -80.32
C LEU A 645 -0.38 64.13 -80.61
N VAL A 646 -0.58 63.13 -81.48
CA VAL A 646 0.53 62.27 -81.89
C VAL A 646 1.52 63.03 -82.75
N LEU A 647 1.05 64.01 -83.53
CA LEU A 647 1.96 64.84 -84.31
C LEU A 647 2.74 65.79 -83.42
N ILE A 648 2.12 66.29 -82.35
CA ILE A 648 2.82 67.15 -81.40
C ILE A 648 3.85 66.36 -80.60
N ALA A 649 3.55 65.09 -80.31
CA ALA A 649 4.54 64.23 -79.68
C ALA A 649 5.67 63.86 -80.64
N VAL A 650 5.35 63.76 -81.93
CA VAL A 650 6.37 63.38 -82.91
C VAL A 650 7.29 64.55 -83.24
N TYR A 651 6.79 65.78 -83.19
CA TYR A 651 7.62 66.93 -83.54
C TYR A 651 8.63 67.29 -82.46
N THR A 652 8.44 66.80 -81.24
CA THR A 652 9.32 67.11 -80.12
C THR A 652 10.31 65.98 -79.83
N PHE A 653 10.51 65.07 -80.78
CA PHE A 653 11.49 64.02 -80.59
C PHE A 653 12.91 64.56 -80.72
N GLN A 654 13.12 65.49 -81.64
CA GLN A 654 14.41 66.13 -81.82
C GLN A 654 14.47 67.40 -80.96
N PHE A 655 15.50 68.21 -81.16
CA PHE A 655 15.69 69.44 -80.40
C PHE A 655 14.98 70.60 -81.13
N GLN A 656 13.65 70.48 -81.17
CA GLN A 656 12.80 71.50 -81.78
C GLN A 656 12.05 72.33 -80.75
N ASP A 657 12.22 72.04 -79.46
CA ASP A 657 11.57 72.83 -78.42
C ASP A 657 12.21 74.21 -78.26
N PHE A 658 13.47 74.35 -78.64
CA PHE A 658 14.11 75.66 -78.68
C PHE A 658 13.50 76.47 -79.81
N PRO A 659 13.24 75.83 -80.97
CA PRO A 659 12.48 76.54 -82.00
C PRO A 659 11.03 76.78 -81.62
N THR A 660 10.46 75.93 -80.77
CA THR A 660 9.11 76.17 -80.27
C THR A 660 9.08 77.35 -79.30
N TYR A 661 10.14 77.50 -78.50
CA TYR A 661 10.25 78.67 -77.63
C TYR A 661 10.52 79.94 -78.42
N TRP A 662 11.22 79.82 -79.55
CA TRP A 662 11.41 80.97 -80.43
C TRP A 662 10.12 81.34 -81.14
N ARG A 663 9.34 80.33 -81.56
CA ARG A 663 8.08 80.57 -82.25
C ARG A 663 6.96 80.96 -81.30
N ASN A 664 7.12 80.74 -80.00
CA ASN A 664 6.11 81.16 -79.03
C ASN A 664 6.13 82.68 -78.92
N LEU A 665 4.94 83.29 -78.98
CA LEU A 665 4.80 84.75 -78.96
C LEU A 665 4.92 85.25 -77.53
N THR A 666 6.16 85.26 -77.04
CA THR A 666 6.56 85.72 -75.70
C THR A 666 5.79 85.00 -74.59
N GLY A 667 5.58 83.69 -74.78
CA GLY A 667 4.83 82.92 -73.79
C GLY A 667 5.39 81.55 -73.52
N PHE A 668 6.71 81.37 -73.68
CA PHE A 668 7.31 80.07 -73.39
C PHE A 668 7.56 79.90 -71.90
N THR A 669 8.48 80.71 -71.35
CA THR A 669 8.77 80.86 -69.91
C THR A 669 9.18 79.56 -69.22
N ASP A 670 9.58 78.53 -70.00
CA ASP A 670 10.11 77.23 -69.56
C ASP A 670 9.11 76.37 -68.78
N GLU A 671 7.90 76.88 -68.52
CA GLU A 671 6.82 76.06 -67.98
C GLU A 671 5.48 76.28 -68.64
N GLN A 672 5.22 77.45 -69.24
CA GLN A 672 3.97 77.67 -69.96
C GLN A 672 3.95 76.93 -71.29
N LEU A 673 5.12 76.52 -71.79
CA LEU A 673 5.18 75.65 -72.96
C LEU A 673 6.26 74.59 -72.82
N GLY A 674 6.91 74.47 -71.66
CA GLY A 674 8.02 73.57 -71.50
C GLY A 674 7.75 72.38 -70.58
N ASP A 675 6.89 72.58 -69.58
CA ASP A 675 6.52 71.47 -68.70
C ASP A 675 5.55 70.52 -69.41
N LEU A 676 4.58 71.08 -70.12
CA LEU A 676 3.66 70.30 -70.93
C LEU A 676 4.14 70.15 -72.37
N GLY A 677 5.37 70.57 -72.66
CA GLY A 677 5.86 70.58 -74.02
C GLY A 677 6.67 69.35 -74.39
N LEU A 678 6.27 68.20 -73.86
CA LEU A 678 6.82 66.87 -74.18
C LEU A 678 8.32 66.80 -73.90
N GLU A 679 8.64 66.90 -72.61
CA GLU A 679 10.02 66.69 -72.15
C GLU A 679 10.37 65.22 -72.32
N GLN A 680 11.11 64.91 -73.37
CA GLN A 680 11.39 63.53 -73.75
C GLN A 680 12.55 62.99 -72.91
N PHE A 681 12.30 61.88 -72.21
CA PHE A 681 13.35 61.21 -71.45
C PHE A 681 14.12 60.19 -72.28
N SER A 682 13.50 59.68 -73.35
CA SER A 682 14.10 58.82 -74.36
C SER A 682 14.65 57.51 -73.80
N VAL A 683 14.13 57.05 -72.66
CA VAL A 683 14.52 55.75 -72.10
C VAL A 683 13.28 54.89 -71.93
N SER A 684 12.37 55.33 -71.07
CA SER A 684 11.10 54.65 -70.84
C SER A 684 9.91 55.58 -70.74
N GLU A 685 10.11 56.86 -70.41
CA GLU A 685 9.00 57.80 -70.38
C GLU A 685 8.56 58.20 -71.78
N LEU A 686 9.51 58.29 -72.72
CA LEU A 686 9.14 58.49 -74.12
C LEU A 686 8.43 57.27 -74.69
N PHE A 687 8.84 56.07 -74.25
CA PHE A 687 8.16 54.86 -74.68
C PHE A 687 6.74 54.78 -74.14
N SER A 688 6.55 55.21 -72.89
CA SER A 688 5.20 55.22 -72.30
C SER A 688 4.34 56.30 -72.94
N SER A 689 4.91 57.49 -73.20
CA SER A 689 4.14 58.56 -73.80
C SER A 689 3.87 58.33 -75.28
N ILE A 690 4.62 57.46 -75.94
CA ILE A 690 4.31 57.11 -77.32
C ILE A 690 3.37 55.91 -77.39
N LEU A 691 3.38 55.03 -76.39
CA LEU A 691 2.48 53.89 -76.38
C LEU A 691 1.12 54.20 -75.79
N ILE A 692 1.00 55.31 -75.06
CA ILE A 692 -0.27 55.73 -74.48
C ILE A 692 -1.20 56.14 -75.61
N PRO A 693 -0.79 57.06 -76.49
CA PRO A 693 -1.60 57.37 -77.67
C PRO A 693 -1.50 56.34 -78.77
N GLY A 694 -0.57 55.38 -78.66
CA GLY A 694 -0.42 54.37 -79.69
C GLY A 694 -1.58 53.39 -79.73
N PHE A 695 -2.20 53.14 -78.58
CA PHE A 695 -3.43 52.34 -78.57
C PHE A 695 -4.64 53.19 -78.89
N PHE A 696 -4.61 54.48 -78.53
CA PHE A 696 -5.76 55.34 -78.78
C PHE A 696 -5.93 55.66 -80.25
N LEU A 697 -4.83 55.75 -81.01
CA LEU A 697 -4.93 56.01 -82.43
C LEU A 697 -5.47 54.80 -83.18
N LEU A 698 -5.05 53.60 -82.79
CA LEU A 698 -5.59 52.38 -83.40
C LEU A 698 -7.05 52.18 -83.01
N ALA A 699 -7.42 52.54 -81.78
CA ALA A 699 -8.82 52.49 -81.38
C ALA A 699 -9.64 53.56 -82.10
N CYS A 700 -9.01 54.68 -82.45
CA CYS A 700 -9.69 55.71 -83.23
C CYS A 700 -9.96 55.23 -84.65
N ILE A 701 -9.00 54.50 -85.24
CA ILE A 701 -9.21 53.96 -86.58
C ILE A 701 -10.22 52.82 -86.55
N LEU A 702 -10.24 52.03 -85.48
CA LEU A 702 -11.24 50.98 -85.35
C LEU A 702 -12.64 51.54 -85.15
N GLN A 703 -12.75 52.62 -84.37
CA GLN A 703 -14.04 53.28 -84.19
C GLN A 703 -14.47 54.02 -85.46
N LEU A 704 -13.51 54.48 -86.26
CA LEU A 704 -13.86 55.10 -87.53
C LEU A 704 -14.32 54.06 -88.55
N HIS A 705 -13.81 52.83 -88.45
CA HIS A 705 -14.25 51.78 -89.35
C HIS A 705 -15.53 51.09 -88.89
N TYR A 706 -15.89 51.21 -87.61
CA TYR A 706 -17.06 50.55 -87.06
C TYR A 706 -18.11 51.53 -86.56
N PHE A 707 -18.12 52.76 -87.06
CA PHE A 707 -19.09 53.76 -86.61
C PHE A 707 -20.44 53.61 -87.29
N HIS A 708 -20.51 52.95 -88.45
CA HIS A 708 -21.77 52.78 -89.16
C HIS A 708 -22.58 51.61 -88.63
N ARG A 709 -21.93 50.55 -88.18
CA ARG A 709 -22.63 49.39 -87.64
C ARG A 709 -23.12 49.70 -86.24
N PRO A 710 -22.34 50.43 -85.44
CA PRO A 710 -22.79 50.75 -84.08
C PRO A 710 -23.91 51.76 -84.03
N PHE A 711 -23.99 52.66 -85.02
CA PHE A 711 -25.11 53.59 -85.13
C PHE A 711 -26.33 52.96 -85.77
N MET A 712 -26.26 51.70 -86.18
CA MET A 712 -27.45 51.00 -86.66
C MET A 712 -28.28 50.46 -85.51
N GLN A 713 -27.64 50.02 -84.43
CA GLN A 713 -28.37 49.54 -83.27
C GLN A 713 -28.84 50.69 -82.38
N LEU A 714 -28.00 51.72 -82.23
CA LEU A 714 -28.33 52.87 -81.38
C LEU A 714 -29.01 53.98 -82.16
N THR A 715 -30.07 53.61 -82.89
CA THR A 715 -30.90 54.55 -83.65
C THR A 715 -32.24 53.87 -83.89
N ASP A 716 -33.01 54.45 -84.81
CA ASP A 716 -34.29 53.85 -85.24
C ASP A 716 -34.04 52.86 -86.38
N LEU A 717 -33.32 51.78 -86.02
CA LEU A 717 -32.85 50.73 -86.93
C LEU A 717 -32.07 51.28 -88.12
N ARG A 782 -29.27 16.93 -74.55
CA ARG A 782 -29.81 17.83 -73.55
C ARG A 782 -28.87 19.01 -73.31
N LEU A 783 -28.36 19.58 -74.39
CA LEU A 783 -27.44 20.71 -74.31
C LEU A 783 -28.02 21.98 -74.92
N LEU A 784 -28.46 21.92 -76.18
CA LEU A 784 -28.90 23.11 -76.89
C LEU A 784 -30.25 23.59 -76.38
N ASP A 785 -31.13 22.66 -76.00
CA ASP A 785 -32.45 23.04 -75.49
C ASP A 785 -32.34 23.72 -74.13
N LEU A 786 -31.50 23.19 -73.25
CA LEU A 786 -31.29 23.83 -71.96
C LEU A 786 -30.53 25.15 -72.10
N ALA A 787 -29.65 25.25 -73.10
CA ALA A 787 -28.92 26.49 -73.33
C ALA A 787 -29.85 27.60 -73.80
N ALA A 788 -30.74 27.29 -74.74
CA ALA A 788 -31.67 28.30 -75.26
C ALA A 788 -32.72 28.66 -74.22
N SER A 789 -33.17 27.67 -73.43
CA SER A 789 -34.18 27.95 -72.42
C SER A 789 -33.62 28.78 -71.27
N PHE A 790 -32.40 28.48 -70.83
CA PHE A 790 -31.80 29.26 -69.75
C PHE A 790 -31.33 30.63 -70.24
N SER A 791 -31.02 30.75 -71.53
CA SER A 791 -30.79 32.09 -72.09
C SER A 791 -32.08 32.89 -72.16
N ALA A 792 -33.21 32.22 -72.40
CA ALA A 792 -34.50 32.91 -72.36
C ALA A 792 -34.85 33.34 -70.94
N VAL A 793 -34.47 32.53 -69.95
CA VAL A 793 -34.61 32.93 -68.54
C VAL A 793 -33.72 34.14 -68.24
N LEU A 794 -32.53 34.17 -68.83
CA LEU A 794 -31.64 35.31 -68.65
C LEU A 794 -32.19 36.56 -69.32
N THR A 795 -32.93 36.42 -70.43
CA THR A 795 -33.58 37.58 -71.02
C THR A 795 -34.76 38.06 -70.19
N ARG A 796 -35.47 37.14 -69.53
CA ARG A 796 -36.51 37.53 -68.59
C ARG A 796 -35.93 38.31 -67.41
N ILE A 797 -34.80 37.84 -66.88
CA ILE A 797 -34.10 38.56 -65.83
C ILE A 797 -33.53 39.87 -66.37
N GLN A 798 -33.16 39.91 -67.65
CA GLN A 798 -32.63 41.12 -68.26
C GLN A 798 -33.70 42.21 -68.31
N VAL A 799 -34.91 41.86 -68.73
CA VAL A 799 -36.01 42.82 -68.74
C VAL A 799 -36.45 43.17 -67.31
N PHE A 800 -36.36 42.21 -66.39
CA PHE A 800 -36.71 42.46 -64.99
C PHE A 800 -35.77 43.46 -64.34
N VAL A 801 -34.45 43.25 -64.51
CA VAL A 801 -33.46 44.17 -63.99
C VAL A 801 -33.57 45.52 -64.68
N ARG A 802 -33.81 45.53 -65.99
CA ARG A 802 -33.88 46.80 -66.73
C ARG A 802 -35.10 47.62 -66.35
N ARG A 803 -36.24 46.96 -66.11
CA ARG A 803 -37.43 47.70 -65.70
C ARG A 803 -37.28 48.21 -64.28
N LEU A 804 -36.63 47.43 -63.41
CA LEU A 804 -36.36 47.91 -62.07
C LEU A 804 -35.25 48.97 -62.05
N LEU A 805 -34.41 49.02 -63.08
CA LEU A 805 -33.35 50.01 -63.18
C LEU A 805 -33.75 51.18 -64.05
N GLU A 806 -34.96 51.15 -64.62
CA GLU A 806 -35.48 52.31 -65.32
C GLU A 806 -35.69 53.47 -64.36
N LEU A 807 -36.56 53.29 -63.39
CA LEU A 807 -36.57 54.15 -62.21
C LEU A 807 -35.63 53.54 -61.18
N HIS A 808 -35.65 54.06 -59.95
CA HIS A 808 -34.78 53.69 -58.84
C HIS A 808 -33.30 53.89 -59.14
N VAL A 809 -32.97 54.75 -60.11
CA VAL A 809 -31.57 55.08 -60.40
C VAL A 809 -31.36 56.57 -60.24
N PHE A 810 -32.40 57.38 -60.41
CA PHE A 810 -32.30 58.79 -60.06
C PHE A 810 -32.12 58.96 -58.56
N LYS A 811 -32.72 58.08 -57.78
CA LYS A 811 -32.47 58.03 -56.35
C LYS A 811 -31.03 57.60 -56.06
N LEU A 812 -30.51 56.67 -56.84
CA LEU A 812 -29.18 56.13 -56.57
C LEU A 812 -28.09 57.11 -56.98
N VAL A 813 -28.32 57.83 -58.08
CA VAL A 813 -27.40 58.90 -58.47
C VAL A 813 -27.44 60.03 -57.46
N ALA A 814 -28.63 60.37 -56.95
CA ALA A 814 -28.75 61.40 -55.92
C ALA A 814 -28.05 60.98 -54.64
N LEU A 815 -28.16 59.71 -54.26
CA LEU A 815 -27.44 59.21 -53.08
C LEU A 815 -25.94 59.25 -53.27
N TYR A 816 -25.45 58.94 -54.47
CA TYR A 816 -24.00 58.95 -54.66
C TYR A 816 -23.45 60.37 -54.74
N THR A 817 -24.20 61.31 -55.32
CA THR A 817 -23.75 62.70 -55.37
C THR A 817 -23.70 63.31 -53.97
N VAL A 818 -24.66 62.96 -53.12
CA VAL A 818 -24.61 63.47 -51.75
C VAL A 818 -23.56 62.73 -50.91
N TRP A 819 -23.32 61.44 -51.20
CA TRP A 819 -22.22 60.71 -50.57
C TRP A 819 -20.87 61.33 -50.93
N VAL A 820 -20.74 61.82 -52.16
CA VAL A 820 -19.53 62.54 -52.55
C VAL A 820 -19.46 63.89 -51.87
N ALA A 821 -20.55 64.66 -51.95
CA ALA A 821 -20.55 66.03 -51.45
C ALA A 821 -20.58 66.14 -49.93
N LEU A 822 -20.64 65.03 -49.19
CA LEU A 822 -20.56 65.09 -47.74
C LEU A 822 -19.35 64.37 -47.16
N LYS A 823 -18.86 63.31 -47.80
CA LYS A 823 -17.61 62.69 -47.34
C LYS A 823 -16.45 63.65 -47.53
N GLU A 824 -16.40 64.31 -48.68
CA GLU A 824 -15.55 65.47 -48.90
C GLU A 824 -16.48 66.65 -49.13
N VAL A 825 -16.41 67.66 -48.25
CA VAL A 825 -17.38 68.75 -48.28
C VAL A 825 -17.21 69.58 -49.55
N SER A 826 -16.05 70.25 -49.67
CA SER A 826 -15.45 70.70 -50.93
C SER A 826 -16.40 71.56 -51.77
N VAL A 827 -16.73 72.75 -51.24
CA VAL A 827 -17.74 73.63 -51.82
C VAL A 827 -17.34 74.05 -53.24
N MET A 828 -18.33 74.46 -54.04
CA MET A 828 -18.55 74.44 -55.51
C MET A 828 -19.21 73.12 -55.93
N ASN A 829 -19.42 72.18 -55.00
CA ASN A 829 -20.40 71.13 -55.23
C ASN A 829 -21.70 71.39 -54.47
N LEU A 830 -21.82 72.58 -53.89
CA LEU A 830 -23.08 72.99 -53.28
C LEU A 830 -24.16 73.16 -54.33
N LEU A 831 -23.77 73.44 -55.58
CA LEU A 831 -24.72 73.38 -56.68
C LEU A 831 -25.28 71.98 -56.87
N LEU A 832 -24.46 70.94 -56.66
CA LEU A 832 -24.97 69.57 -56.73
C LEU A 832 -25.91 69.27 -55.59
N VAL A 833 -25.59 69.76 -54.39
CA VAL A 833 -26.47 69.58 -53.24
C VAL A 833 -27.80 70.29 -53.45
N VAL A 834 -27.75 71.51 -54.01
CA VAL A 834 -28.97 72.28 -54.29
C VAL A 834 -29.80 71.61 -55.37
N LEU A 835 -29.16 71.21 -56.49
CA LEU A 835 -29.90 70.64 -57.62
C LEU A 835 -30.55 69.32 -57.26
N TRP A 836 -29.86 68.45 -56.52
CA TRP A 836 -30.50 67.18 -56.19
C TRP A 836 -31.52 67.31 -55.07
N ALA A 837 -31.31 68.23 -54.12
CA ALA A 837 -32.32 68.45 -53.09
C ALA A 837 -33.57 69.12 -53.61
N PHE A 838 -33.54 69.71 -54.81
CA PHE A 838 -34.78 70.09 -55.47
C PHE A 838 -35.21 69.12 -56.56
N ALA A 839 -34.32 68.21 -56.98
CA ALA A 839 -34.70 67.22 -57.97
C ALA A 839 -35.62 66.17 -57.36
N LEU A 840 -35.39 65.81 -56.09
CA LEU A 840 -36.19 64.75 -55.48
C LEU A 840 -37.64 65.15 -55.19
N PRO A 841 -37.95 66.29 -54.53
CA PRO A 841 -39.38 66.58 -54.32
C PRO A 841 -40.10 66.97 -55.60
N TYR A 842 -39.47 67.77 -56.43
CA TYR A 842 -40.17 68.34 -57.58
C TYR A 842 -40.21 67.35 -58.74
N PRO A 843 -41.39 67.12 -59.33
CA PRO A 843 -41.49 66.16 -60.43
C PRO A 843 -40.92 66.64 -61.75
N ARG A 844 -41.20 67.89 -62.12
CA ARG A 844 -40.79 68.41 -63.42
C ARG A 844 -39.31 68.76 -63.45
N PHE A 845 -38.69 68.96 -62.29
CA PHE A 845 -37.29 69.34 -62.19
C PHE A 845 -36.36 68.14 -62.25
N ARG A 846 -36.89 66.92 -62.39
CA ARG A 846 -36.03 65.73 -62.48
C ARG A 846 -35.18 65.69 -63.75
N PRO A 847 -35.72 65.83 -64.98
CA PRO A 847 -34.79 65.80 -66.14
C PRO A 847 -33.99 67.07 -66.29
N MET A 848 -34.42 68.18 -65.70
CA MET A 848 -33.68 69.43 -65.81
C MET A 848 -32.44 69.43 -64.90
N ALA A 849 -32.54 68.81 -63.73
CA ALA A 849 -31.43 68.79 -62.80
C ALA A 849 -30.37 67.78 -63.20
N SER A 850 -30.75 66.71 -63.89
CA SER A 850 -29.77 65.74 -64.35
C SER A 850 -28.89 66.32 -65.44
N CYS A 851 -29.49 67.11 -66.34
CA CYS A 851 -28.73 67.75 -67.42
C CYS A 851 -27.78 68.81 -66.87
N LEU A 852 -28.27 69.62 -65.92
CA LEU A 852 -27.40 70.61 -65.30
C LEU A 852 -26.33 69.98 -64.43
N SER A 853 -26.60 68.81 -63.85
CA SER A 853 -25.55 68.10 -63.13
C SER A 853 -24.49 67.58 -64.07
N THR A 854 -24.88 67.12 -65.26
CA THR A 854 -23.88 66.72 -66.26
C THR A 854 -23.05 67.91 -66.73
N VAL A 855 -23.63 69.11 -66.71
CA VAL A 855 -22.84 70.30 -67.07
C VAL A 855 -21.89 70.68 -65.95
N TRP A 856 -22.42 70.84 -64.73
CA TRP A 856 -21.62 71.43 -63.65
C TRP A 856 -20.58 70.48 -63.11
N THR A 857 -20.82 69.15 -63.14
CA THR A 857 -19.79 68.22 -62.71
C THR A 857 -18.60 68.20 -63.67
N CYS A 858 -18.87 68.34 -64.96
CA CYS A 858 -17.77 68.41 -65.92
C CYS A 858 -17.01 69.72 -65.79
N ILE A 859 -17.69 70.78 -65.37
CA ILE A 859 -16.98 72.01 -65.00
C ILE A 859 -16.06 71.76 -63.81
N ILE A 860 -16.53 70.99 -62.83
CA ILE A 860 -15.70 70.65 -61.67
C ILE A 860 -14.57 69.70 -62.07
N ILE A 861 -14.79 68.84 -63.05
CA ILE A 861 -13.74 67.95 -63.55
C ILE A 861 -12.62 68.74 -64.21
N VAL A 862 -12.96 69.74 -65.01
CA VAL A 862 -11.94 70.60 -65.61
C VAL A 862 -11.24 71.44 -64.53
N CYS A 863 -12.02 71.94 -63.56
CA CYS A 863 -11.45 72.74 -62.48
C CYS A 863 -10.70 71.89 -61.45
N LYS A 864 -10.76 70.56 -61.54
CA LYS A 864 -9.90 69.71 -60.74
C LYS A 864 -8.81 69.05 -61.57
N MET A 865 -8.81 69.26 -62.88
CA MET A 865 -7.67 68.89 -63.71
C MET A 865 -6.66 70.02 -63.82
N LEU A 866 -7.13 71.27 -63.87
CA LEU A 866 -6.27 72.40 -64.21
C LEU A 866 -5.50 72.94 -63.00
N TYR A 867 -4.74 72.05 -62.35
CA TYR A 867 -3.81 72.44 -61.28
C TYR A 867 -2.55 71.59 -61.43
N GLN A 868 -1.58 72.11 -62.15
CA GLN A 868 -0.32 71.45 -62.44
C GLN A 868 0.90 72.27 -62.07
N LEU A 869 0.88 73.58 -62.31
CA LEU A 869 2.09 74.38 -62.21
C LEU A 869 1.93 75.60 -61.30
N LYS A 870 0.74 76.19 -61.27
CA LYS A 870 0.48 77.37 -60.46
C LYS A 870 0.47 76.96 -58.99
N ILE A 871 1.54 77.30 -58.28
CA ILE A 871 1.78 76.78 -56.93
C ILE A 871 0.95 77.52 -55.89
N VAL A 872 0.93 76.97 -54.67
CA VAL A 872 0.06 77.47 -53.61
C VAL A 872 0.57 78.78 -53.02
N ASN A 873 1.89 79.01 -53.07
CA ASN A 873 2.50 80.10 -52.32
C ASN A 873 2.09 81.53 -52.72
N PRO A 874 1.83 81.87 -53.99
CA PRO A 874 1.20 83.18 -54.23
C PRO A 874 -0.24 83.25 -53.74
N HIS A 875 -0.98 82.16 -53.83
CA HIS A 875 -2.37 82.15 -53.38
C HIS A 875 -2.46 81.74 -51.91
N ASN A 880 -0.07 83.17 -43.60
CA ASN A 880 -1.49 83.03 -43.34
C ASN A 880 -1.79 82.70 -41.88
N CYS A 881 -2.58 83.57 -41.25
CA CYS A 881 -3.27 83.33 -39.98
C CYS A 881 -2.28 83.04 -38.83
N THR A 882 -1.51 84.06 -38.47
CA THR A 882 -0.71 83.99 -37.25
C THR A 882 -1.63 84.05 -36.04
N GLU A 883 -1.33 83.20 -35.04
CA GLU A 883 -2.30 82.91 -33.98
C GLU A 883 -2.38 84.06 -32.97
N PRO A 884 -3.59 84.35 -32.47
CA PRO A 884 -3.69 85.05 -31.18
C PRO A 884 -3.67 84.05 -30.02
N PHE A 885 -2.64 84.13 -29.19
CA PHE A 885 -2.50 83.20 -28.07
C PHE A 885 -3.49 83.42 -26.91
N PRO A 886 -4.01 84.65 -26.62
CA PRO A 886 -5.10 84.53 -25.63
C PRO A 886 -6.43 84.14 -26.24
N GLN A 892 -9.71 79.70 -28.18
CA GLN A 892 -10.22 79.61 -26.81
C GLN A 892 -9.76 78.35 -26.03
N PRO A 893 -9.68 77.13 -26.65
CA PRO A 893 -8.99 76.04 -25.95
C PRO A 893 -7.48 76.20 -25.88
N LEU A 894 -6.80 75.20 -25.28
CA LEU A 894 -5.35 75.28 -25.17
C LEU A 894 -4.68 74.89 -26.48
N GLU A 895 -5.16 73.85 -27.14
CA GLU A 895 -4.60 73.38 -28.41
C GLU A 895 -5.42 73.88 -29.59
N ILE A 896 -5.95 75.10 -29.48
CA ILE A 896 -6.71 75.72 -30.56
C ILE A 896 -5.82 76.07 -31.75
N ASN A 897 -4.51 76.19 -31.53
CA ASN A 897 -3.57 76.54 -32.59
C ASN A 897 -2.97 75.31 -33.26
N GLN A 898 -3.75 74.22 -33.34
CA GLN A 898 -3.30 72.95 -33.88
C GLN A 898 -4.15 72.46 -35.05
N SER A 899 -5.41 72.90 -35.15
CA SER A 899 -6.37 72.18 -36.01
C SER A 899 -6.45 72.71 -37.44
N LEU A 900 -7.02 73.90 -37.63
CA LEU A 900 -7.22 74.33 -39.01
C LEU A 900 -6.66 75.71 -39.33
N LEU A 901 -7.10 76.74 -38.60
CA LEU A 901 -6.88 78.11 -39.05
C LEU A 901 -5.49 78.60 -38.72
N TYR A 902 -5.18 78.68 -37.43
CA TYR A 902 -3.95 79.33 -36.97
C TYR A 902 -2.82 78.33 -36.77
N ARG A 903 -2.85 77.21 -37.50
CA ARG A 903 -1.77 76.23 -37.47
C ARG A 903 -1.04 76.18 -38.80
N GLY A 904 -1.74 75.96 -39.91
CA GLY A 904 -1.13 75.87 -41.20
C GLY A 904 -1.53 77.01 -42.12
N PRO A 905 -0.72 77.28 -43.15
CA PRO A 905 -1.10 78.28 -44.15
C PRO A 905 -2.29 77.79 -44.96
N VAL A 906 -3.40 78.53 -44.86
CA VAL A 906 -4.67 78.10 -45.42
C VAL A 906 -4.63 78.27 -46.93
N ASP A 907 -4.87 77.18 -47.65
CA ASP A 907 -5.04 77.25 -49.09
C ASP A 907 -6.36 77.95 -49.38
N PRO A 908 -6.37 79.09 -50.07
CA PRO A 908 -7.63 79.81 -50.28
C PRO A 908 -8.60 79.12 -51.22
N ALA A 909 -8.09 78.31 -52.15
CA ALA A 909 -8.95 77.56 -53.06
C ALA A 909 -9.34 76.20 -52.51
N ASN A 910 -8.85 75.84 -51.31
CA ASN A 910 -9.28 74.59 -50.68
C ASN A 910 -10.73 74.70 -50.23
N TRP A 911 -11.17 75.91 -49.84
CA TRP A 911 -12.58 76.13 -49.57
C TRP A 911 -13.42 76.03 -50.84
N PHE A 912 -12.81 76.28 -52.00
CA PHE A 912 -13.45 76.07 -53.28
C PHE A 912 -13.16 74.69 -53.87
N GLY A 913 -12.47 73.83 -53.12
CA GLY A 913 -12.31 72.45 -53.51
C GLY A 913 -11.13 72.18 -54.43
N VAL A 914 -9.96 72.71 -54.07
CA VAL A 914 -8.74 72.53 -54.85
C VAL A 914 -7.68 71.92 -53.95
N ARG A 915 -7.33 70.67 -54.21
CA ARG A 915 -6.17 70.02 -53.61
C ARG A 915 -5.53 69.17 -54.70
N LYS A 916 -4.33 69.55 -55.13
CA LYS A 916 -3.65 68.74 -56.15
C LYS A 916 -3.06 67.50 -55.47
N GLY A 917 -3.65 66.35 -55.75
CA GLY A 917 -3.20 65.11 -55.17
C GLY A 917 -2.13 64.43 -56.01
N TYR A 918 -1.48 63.45 -55.42
CA TYR A 918 -0.40 62.72 -56.09
C TYR A 918 -0.88 61.64 -57.08
N PRO A 919 -1.90 60.80 -56.82
CA PRO A 919 -2.31 59.84 -57.86
C PRO A 919 -2.96 60.48 -59.08
N ASN A 920 -3.47 61.71 -58.96
CA ASN A 920 -4.07 62.51 -60.03
C ASN A 920 -5.31 61.89 -60.67
N LEU A 921 -5.83 60.80 -60.10
CA LEU A 921 -7.12 60.26 -60.52
C LEU A 921 -7.97 60.00 -59.28
N GLY A 922 -7.30 59.63 -58.18
CA GLY A 922 -8.02 59.33 -56.94
C GLY A 922 -8.67 60.54 -56.31
N TYR A 923 -8.09 61.72 -56.53
CA TYR A 923 -8.75 62.96 -56.17
C TYR A 923 -9.96 63.23 -57.05
N ILE A 924 -10.01 62.65 -58.25
CA ILE A 924 -11.03 62.94 -59.24
C ILE A 924 -11.96 61.76 -59.47
N GLN A 925 -11.75 60.64 -58.77
CA GLN A 925 -12.61 59.47 -58.90
C GLN A 925 -14.05 59.75 -58.49
N ASN A 926 -14.25 60.70 -57.57
CA ASN A 926 -15.59 60.99 -57.06
C ASN A 926 -16.48 61.59 -58.16
N HIS A 927 -16.04 62.69 -58.76
CA HIS A 927 -16.81 63.31 -59.82
C HIS A 927 -16.76 62.52 -61.11
N LEU A 928 -15.73 61.68 -61.30
CA LEU A 928 -15.71 60.79 -62.46
C LEU A 928 -16.81 59.75 -62.36
N GLN A 929 -16.99 59.15 -61.18
CA GLN A 929 -18.05 58.17 -60.97
C GLN A 929 -19.43 58.83 -60.96
N ILE A 930 -19.52 60.10 -60.54
CA ILE A 930 -20.75 60.86 -60.67
C ILE A 930 -21.12 61.03 -62.14
N LEU A 931 -20.15 61.40 -62.96
CA LEU A 931 -20.41 61.59 -64.38
C LEU A 931 -20.71 60.26 -65.06
N LEU A 932 -20.08 59.17 -64.61
CA LEU A 932 -20.42 57.86 -65.15
C LEU A 932 -21.83 57.45 -64.80
N LEU A 933 -22.27 57.73 -63.56
CA LEU A 933 -23.64 57.38 -63.18
C LEU A 933 -24.67 58.25 -63.88
N LEU A 934 -24.33 59.50 -64.19
CA LEU A 934 -25.24 60.36 -64.94
C LEU A 934 -25.39 59.90 -66.38
N VAL A 935 -24.27 59.54 -67.02
CA VAL A 935 -24.31 59.03 -68.38
C VAL A 935 -25.02 57.68 -68.43
N PHE A 936 -24.78 56.83 -67.42
CA PHE A 936 -25.48 55.54 -67.34
C PHE A 936 -26.96 55.72 -67.08
N GLU A 937 -27.34 56.76 -66.32
CA GLU A 937 -28.75 57.11 -66.15
C GLU A 937 -29.36 57.55 -67.48
N ALA A 938 -28.59 58.21 -68.33
CA ALA A 938 -29.12 58.55 -69.65
C ALA A 938 -29.22 57.31 -70.53
N VAL A 939 -28.25 56.40 -70.43
CA VAL A 939 -28.19 55.20 -71.26
C VAL A 939 -29.39 54.29 -71.00
N VAL A 940 -29.82 54.19 -69.73
CA VAL A 940 -30.91 53.27 -69.38
C VAL A 940 -32.24 53.76 -69.94
N TYR A 941 -32.52 55.06 -69.83
CA TYR A 941 -33.75 55.61 -70.39
C TYR A 941 -33.76 55.54 -71.92
N ARG A 942 -32.60 55.78 -72.55
CA ARG A 942 -32.51 55.60 -74.01
C ARG A 942 -32.73 54.15 -74.40
N ARG A 943 -32.26 53.22 -73.57
CA ARG A 943 -32.50 51.80 -73.80
C ARG A 943 -33.98 51.46 -73.65
N GLN A 944 -34.70 52.20 -72.80
CA GLN A 944 -36.15 52.03 -72.71
C GLN A 944 -36.83 52.43 -74.00
N GLU A 945 -36.40 53.52 -74.63
CA GLU A 945 -37.01 53.85 -75.93
C GLU A 945 -36.52 52.93 -77.04
N HIS A 946 -35.35 52.31 -76.89
CA HIS A 946 -34.95 51.26 -77.83
C HIS A 946 -35.86 50.06 -77.75
N TYR A 947 -36.42 49.77 -76.58
CA TYR A 947 -37.43 48.73 -76.53
C TYR A 947 -38.81 49.28 -76.86
N ARG A 948 -39.04 50.58 -76.67
CA ARG A 948 -40.34 51.17 -76.96
C ARG A 948 -40.58 51.30 -78.47
N ARG A 949 -39.51 51.34 -79.28
CA ARG A 949 -39.68 51.33 -80.72
C ARG A 949 -40.30 50.02 -81.22
N GLN A 950 -39.99 48.92 -80.54
CA GLN A 950 -40.54 47.63 -80.94
C GLN A 950 -41.83 47.28 -80.22
N HIS A 951 -41.92 47.54 -78.92
CA HIS A 951 -43.03 47.06 -78.10
C HIS A 951 -43.44 48.18 -77.14
N GLN A 952 -44.22 47.83 -76.11
CA GLN A 952 -44.76 48.80 -75.17
C GLN A 952 -43.85 48.96 -73.96
N GLN A 953 -43.81 50.18 -73.43
CA GLN A 953 -43.19 50.50 -72.15
C GLN A 953 -44.17 51.22 -71.23
N ALA A 954 -45.43 50.79 -71.25
CA ALA A 954 -46.43 51.21 -70.27
C ALA A 954 -47.03 49.94 -69.68
N PRO A 955 -46.34 49.30 -68.71
CA PRO A 955 -46.87 48.06 -68.13
C PRO A 955 -48.13 48.31 -67.33
N LEU A 956 -48.05 49.26 -66.42
CA LEU A 956 -49.17 49.69 -65.59
C LEU A 956 -49.27 51.21 -65.63
N PRO A 957 -50.43 51.78 -65.24
CA PRO A 957 -50.51 53.22 -65.00
C PRO A 957 -49.48 53.75 -64.00
N ALA A 958 -49.49 53.23 -62.78
CA ALA A 958 -48.38 53.51 -61.87
C ALA A 958 -47.13 52.78 -62.35
N GLN A 959 -45.98 53.36 -62.05
CA GLN A 959 -44.72 52.74 -62.43
C GLN A 959 -44.52 51.46 -61.62
N ALA A 960 -44.20 50.37 -62.32
CA ALA A 960 -44.26 49.07 -61.67
C ALA A 960 -43.41 48.07 -62.45
N VAL A 961 -43.04 47.00 -61.75
CA VAL A 961 -42.32 45.88 -62.32
C VAL A 961 -43.19 44.64 -62.12
N CYS A 962 -43.23 43.76 -63.14
CA CYS A 962 -44.00 42.51 -63.13
C CYS A 962 -45.49 42.80 -62.95
N ALA A 963 -46.07 43.35 -64.02
CA ALA A 963 -47.42 43.90 -64.04
C ALA A 963 -48.56 42.91 -63.78
N ASP A 964 -48.27 41.62 -63.61
CA ASP A 964 -49.32 40.64 -63.42
C ASP A 964 -49.99 40.75 -62.05
N GLY A 965 -49.24 41.09 -61.01
CA GLY A 965 -49.80 41.14 -59.66
C GLY A 965 -50.73 42.30 -59.41
N THR A 966 -52.02 42.02 -59.24
CA THR A 966 -53.02 43.05 -59.03
C THR A 966 -53.30 43.21 -57.54
N ARG A 967 -54.27 44.07 -57.21
CA ARG A 967 -54.82 44.06 -55.86
C ARG A 967 -55.68 42.82 -55.63
N GLN A 968 -56.29 42.29 -56.69
CA GLN A 968 -57.15 41.12 -56.60
C GLN A 968 -56.36 39.83 -56.72
N ARG A 969 -55.32 39.81 -57.55
CA ARG A 969 -54.44 38.65 -57.64
C ARG A 969 -53.52 38.54 -56.43
N LEU A 970 -53.44 39.58 -55.61
CA LEU A 970 -52.75 39.53 -54.32
C LEU A 970 -53.30 38.42 -53.44
N ASP A 971 -54.61 38.20 -53.45
CA ASP A 971 -55.21 37.12 -52.68
C ASP A 971 -55.32 35.84 -53.50
N GLN A 972 -54.24 35.44 -54.15
CA GLN A 972 -54.20 34.16 -54.86
C GLN A 972 -53.09 33.24 -54.38
N ASP A 973 -51.85 33.71 -54.35
CA ASP A 973 -50.72 32.82 -54.18
C ASP A 973 -49.56 33.62 -53.62
N LEU A 974 -48.54 32.90 -53.13
CA LEU A 974 -47.31 33.52 -52.65
C LEU A 974 -46.62 34.33 -53.73
N LEU A 975 -46.64 33.85 -54.97
CA LEU A 975 -45.87 34.47 -56.04
C LEU A 975 -46.45 35.82 -56.42
N SER A 976 -47.78 35.92 -56.54
CA SER A 976 -48.39 37.20 -56.86
C SER A 976 -48.31 38.17 -55.70
N CYS A 977 -48.29 37.66 -54.46
CA CYS A 977 -48.09 38.53 -53.31
C CYS A 977 -46.68 39.07 -53.28
N LEU A 978 -45.71 38.26 -53.71
CA LEU A 978 -44.33 38.72 -53.78
C LEU A 978 -44.16 39.77 -54.88
N LYS A 979 -44.81 39.57 -56.03
CA LYS A 979 -44.74 40.56 -57.10
C LYS A 979 -45.44 41.86 -56.70
N TYR A 980 -46.56 41.75 -55.97
CA TYR A 980 -47.31 42.94 -55.56
C TYR A 980 -46.54 43.75 -54.53
N PHE A 981 -45.84 43.09 -53.62
CA PHE A 981 -45.00 43.82 -52.68
C PHE A 981 -43.58 44.00 -53.18
N ILE A 982 -43.33 43.74 -54.47
CA ILE A 982 -42.20 44.36 -55.16
C ILE A 982 -42.60 45.70 -55.75
N ASN A 983 -43.69 45.74 -56.52
CA ASN A 983 -43.99 46.95 -57.27
C ASN A 983 -44.87 47.96 -56.53
N PHE A 984 -45.45 47.60 -55.39
CA PHE A 984 -46.26 48.55 -54.63
C PHE A 984 -45.98 48.44 -53.14
N PHE A 985 -44.71 48.26 -52.77
CA PHE A 985 -44.41 48.18 -51.34
C PHE A 985 -44.34 49.57 -50.70
N PHE A 986 -43.61 50.49 -51.32
CA PHE A 986 -43.57 51.86 -50.83
C PHE A 986 -44.87 52.58 -51.09
N TYR A 987 -45.67 52.08 -52.03
CA TYR A 987 -47.03 52.59 -52.23
C TYR A 987 -47.89 52.39 -50.99
N LYS A 988 -47.82 51.20 -50.40
CA LYS A 988 -48.66 50.88 -49.25
C LYS A 988 -48.05 51.38 -47.95
N PHE A 989 -46.75 51.17 -47.77
CA PHE A 989 -46.08 51.37 -46.49
C PHE A 989 -45.09 52.52 -46.56
N GLY A 990 -45.50 53.63 -47.18
CA GLY A 990 -44.60 54.75 -47.35
C GLY A 990 -44.41 55.58 -46.10
N LEU A 991 -45.51 55.98 -45.45
CA LEU A 991 -45.45 56.83 -44.27
C LEU A 991 -44.75 56.14 -43.11
N GLU A 992 -44.91 54.82 -43.00
CA GLU A 992 -44.20 54.08 -41.95
C GLU A 992 -42.70 54.13 -42.17
N ILE A 993 -42.25 53.98 -43.41
CA ILE A 993 -40.81 54.04 -43.71
C ILE A 993 -40.29 55.46 -43.51
N CYS A 994 -41.10 56.47 -43.84
CA CYS A 994 -40.67 57.84 -43.64
C CYS A 994 -40.55 58.18 -42.16
N PHE A 995 -41.44 57.63 -41.34
CA PHE A 995 -41.34 57.84 -39.89
C PHE A 995 -40.12 57.12 -39.33
N LEU A 996 -39.82 55.93 -39.85
CA LEU A 996 -38.64 55.19 -39.42
C LEU A 996 -37.35 55.89 -39.79
N MET A 997 -37.29 56.49 -40.98
CA MET A 997 -36.07 57.17 -41.39
C MET A 997 -35.89 58.48 -40.64
N ALA A 998 -37.00 59.08 -40.18
CA ALA A 998 -36.89 60.20 -39.24
C ALA A 998 -36.25 59.75 -37.93
N VAL A 999 -36.63 58.57 -37.45
CA VAL A 999 -35.99 58.00 -36.26
C VAL A 999 -34.54 57.62 -36.58
N ASN A 1000 -34.24 57.30 -37.83
CA ASN A 1000 -32.86 57.00 -38.23
C ASN A 1000 -31.98 58.23 -38.13
N VAL A 1001 -32.51 59.40 -38.53
CA VAL A 1001 -31.78 60.65 -38.41
C VAL A 1001 -31.52 60.97 -36.94
N ILE A 1002 -32.55 60.76 -36.10
CA ILE A 1002 -32.37 60.90 -34.65
C ILE A 1002 -31.42 59.81 -34.13
N GLY A 1003 -31.30 58.69 -34.82
CA GLY A 1003 -30.46 57.60 -34.34
C GLY A 1003 -28.97 57.90 -34.45
N GLN A 1004 -28.52 58.33 -35.63
CA GLN A 1004 -27.09 58.59 -35.76
C GLN A 1004 -26.68 59.98 -35.31
N ARG A 1005 -27.56 60.98 -35.38
CA ARG A 1005 -27.09 62.33 -35.10
C ARG A 1005 -27.12 62.67 -33.61
N MET A 1006 -28.31 62.70 -33.02
CA MET A 1006 -28.57 63.17 -31.66
C MET A 1006 -27.95 64.54 -31.39
N ASN A 1007 -28.21 65.49 -32.28
CA ASN A 1007 -27.70 66.84 -32.16
C ASN A 1007 -28.85 67.82 -31.88
N PHE A 1008 -28.50 69.10 -31.80
CA PHE A 1008 -29.49 70.13 -31.50
C PHE A 1008 -30.40 70.39 -32.70
N MET A 1009 -29.89 70.22 -33.91
CA MET A 1009 -30.71 70.50 -35.08
C MET A 1009 -31.62 69.33 -35.45
N VAL A 1010 -31.40 68.16 -34.87
CA VAL A 1010 -32.27 67.02 -35.10
C VAL A 1010 -33.41 66.99 -34.08
N ILE A 1011 -33.32 67.83 -33.03
CA ILE A 1011 -34.46 68.15 -32.19
C ILE A 1011 -35.60 68.73 -33.02
N LEU A 1012 -35.26 69.49 -34.06
CA LEU A 1012 -36.24 69.94 -35.04
C LEU A 1012 -36.93 68.78 -35.73
N HIS A 1013 -36.18 67.71 -36.04
CA HIS A 1013 -36.78 66.56 -36.71
C HIS A 1013 -37.74 65.82 -35.78
N GLY A 1014 -37.39 65.71 -34.50
CA GLY A 1014 -38.31 65.09 -33.55
C GLY A 1014 -39.56 65.92 -33.30
N CYS A 1015 -39.41 67.24 -33.23
CA CYS A 1015 -40.55 68.11 -32.96
C CYS A 1015 -41.50 68.17 -34.15
N TRP A 1016 -40.98 68.25 -35.37
CA TRP A 1016 -41.87 68.19 -36.52
C TRP A 1016 -42.42 66.79 -36.74
N LEU A 1017 -41.75 65.75 -36.23
CA LEU A 1017 -42.31 64.40 -36.28
C LEU A 1017 -43.56 64.28 -35.41
N VAL A 1018 -43.51 64.85 -34.20
CA VAL A 1018 -44.71 64.90 -33.35
C VAL A 1018 -45.77 65.76 -34.00
N ALA A 1019 -45.35 66.84 -34.68
CA ALA A 1019 -46.29 67.68 -35.42
C ALA A 1019 -46.95 66.95 -36.59
N ILE A 1020 -46.36 65.87 -37.07
CA ILE A 1020 -47.04 64.97 -38.01
C ILE A 1020 -47.87 63.93 -37.30
N LEU A 1021 -47.30 63.28 -36.28
CA LEU A 1021 -47.92 62.11 -35.67
C LEU A 1021 -49.10 62.45 -34.76
N THR A 1022 -49.23 63.68 -34.27
CA THR A 1022 -50.46 64.03 -33.56
C THR A 1022 -51.64 64.09 -34.52
N ARG A 1023 -51.40 64.51 -35.76
CA ARG A 1023 -52.41 64.40 -36.79
C ARG A 1023 -52.50 62.94 -37.19
N ARG A 1024 -53.52 62.25 -36.67
CA ARG A 1024 -53.58 60.80 -36.72
C ARG A 1024 -53.93 60.29 -38.12
N ARG A 1025 -54.92 60.90 -38.77
CA ARG A 1025 -55.38 60.39 -40.05
C ARG A 1025 -54.41 60.78 -41.17
N ARG A 1026 -54.66 60.23 -42.35
CA ARG A 1026 -53.80 60.53 -43.49
C ARG A 1026 -54.08 61.90 -44.07
N GLU A 1027 -55.35 62.32 -44.09
CA GLU A 1027 -55.70 63.60 -44.67
C GLU A 1027 -55.20 64.75 -43.82
N ALA A 1028 -55.20 64.58 -42.49
CA ALA A 1028 -54.65 65.59 -41.61
C ALA A 1028 -53.13 65.70 -41.72
N ILE A 1029 -52.46 64.66 -42.20
CA ILE A 1029 -51.05 64.78 -42.53
C ILE A 1029 -50.89 65.44 -43.89
N ALA A 1030 -51.71 65.04 -44.87
CA ALA A 1030 -51.61 65.54 -46.24
C ALA A 1030 -51.91 67.03 -46.36
N ARG A 1031 -52.65 67.60 -45.41
CA ARG A 1031 -52.87 69.04 -45.40
C ARG A 1031 -51.62 69.85 -45.05
N LEU A 1032 -50.58 69.19 -44.52
CA LEU A 1032 -49.37 69.88 -44.10
C LEU A 1032 -48.09 69.22 -44.57
N TRP A 1033 -48.19 68.08 -45.26
CA TRP A 1033 -47.03 67.33 -45.71
C TRP A 1033 -46.18 68.02 -46.79
N PRO A 1034 -46.73 68.68 -47.83
CA PRO A 1034 -45.82 69.41 -48.74
C PRO A 1034 -45.12 70.59 -48.10
N ASN A 1035 -45.76 71.26 -47.15
CA ASN A 1035 -45.11 72.34 -46.42
C ASN A 1035 -43.93 71.83 -45.61
N TYR A 1036 -44.09 70.65 -45.00
CA TYR A 1036 -43.01 70.06 -44.22
C TYR A 1036 -41.88 69.55 -45.11
N CYS A 1037 -42.20 68.98 -46.27
CA CYS A 1037 -41.15 68.51 -47.18
C CYS A 1037 -40.35 69.69 -47.75
N LEU A 1038 -41.01 70.80 -48.04
CA LEU A 1038 -40.29 71.98 -48.51
C LEU A 1038 -39.45 72.58 -47.40
N PHE A 1039 -39.95 72.54 -46.16
CA PHE A 1039 -39.11 72.93 -45.03
C PHE A 1039 -37.98 71.95 -44.81
N LEU A 1040 -38.18 70.69 -45.19
CA LEU A 1040 -37.15 69.68 -44.97
C LEU A 1040 -35.97 69.88 -45.92
N THR A 1041 -36.27 70.12 -47.21
CA THR A 1041 -35.18 70.37 -48.15
C THR A 1041 -34.54 71.74 -47.92
N LEU A 1042 -35.29 72.72 -47.41
CA LEU A 1042 -34.65 73.96 -46.97
C LEU A 1042 -33.80 73.74 -45.73
N PHE A 1043 -34.17 72.76 -44.88
CA PHE A 1043 -33.38 72.47 -43.70
C PHE A 1043 -32.09 71.73 -44.08
N LEU A 1044 -32.16 70.87 -45.10
CA LEU A 1044 -30.95 70.20 -45.58
C LEU A 1044 -30.01 71.18 -46.26
N LEU A 1045 -30.55 72.13 -47.03
CA LEU A 1045 -29.69 73.13 -47.64
C LEU A 1045 -29.13 74.10 -46.62
N TYR A 1046 -29.90 74.40 -45.57
CA TYR A 1046 -29.37 75.18 -44.45
C TYR A 1046 -28.27 74.42 -43.75
N GLN A 1047 -28.43 73.10 -43.62
CA GLN A 1047 -27.44 72.28 -42.93
C GLN A 1047 -26.14 72.21 -43.71
N TYR A 1048 -26.22 72.20 -45.04
CA TYR A 1048 -25.01 72.17 -45.85
C TYR A 1048 -24.42 73.55 -46.10
N LEU A 1049 -25.23 74.62 -46.02
CA LEU A 1049 -24.65 75.96 -45.97
C LEU A 1049 -23.87 76.15 -44.68
N LEU A 1050 -24.33 75.57 -43.58
CA LEU A 1050 -23.47 75.46 -42.42
C LEU A 1050 -22.39 74.42 -42.68
N CYS A 1051 -21.37 74.43 -41.79
CA CYS A 1051 -19.98 74.00 -41.97
C CYS A 1051 -19.17 74.95 -42.83
N LEU A 1052 -19.72 76.09 -43.24
CA LEU A 1052 -18.96 77.07 -44.00
C LEU A 1052 -18.78 78.38 -43.23
N GLY A 1053 -19.88 79.05 -42.90
CA GLY A 1053 -19.82 80.34 -42.22
C GLY A 1053 -19.09 81.40 -43.03
N MET A 1054 -17.90 81.74 -42.59
CA MET A 1054 -16.91 82.54 -43.28
C MET A 1054 -15.77 81.64 -43.76
N PRO A 1055 -15.13 81.96 -44.89
CA PRO A 1055 -14.11 81.06 -45.43
C PRO A 1055 -12.88 81.04 -44.57
N PRO A 1056 -12.14 79.93 -44.53
CA PRO A 1056 -10.90 79.87 -43.76
C PRO A 1056 -9.74 80.64 -44.37
N ALA A 1057 -9.84 81.04 -45.64
CA ALA A 1057 -8.84 81.89 -46.25
C ALA A 1057 -8.81 83.25 -45.56
N LEU A 1058 -9.97 83.78 -45.21
CA LEU A 1058 -10.05 84.93 -44.33
C LEU A 1058 -9.70 84.47 -42.92
N CYS A 1059 -8.70 85.12 -42.31
CA CYS A 1059 -8.29 84.78 -40.95
C CYS A 1059 -9.25 85.33 -39.90
N ILE A 1060 -10.32 86.03 -40.29
CA ILE A 1060 -11.38 86.40 -39.37
C ILE A 1060 -12.05 85.12 -38.86
N ASP A 1061 -12.43 85.13 -37.59
CA ASP A 1061 -12.73 83.89 -36.90
C ASP A 1061 -14.23 83.83 -36.57
N TYR A 1062 -14.68 82.65 -36.16
CA TYR A 1062 -16.05 82.50 -35.72
C TYR A 1062 -16.23 83.18 -34.36
N PRO A 1063 -17.38 83.82 -34.10
CA PRO A 1063 -17.58 84.55 -32.85
C PRO A 1063 -17.97 83.67 -31.67
N TRP A 1064 -17.16 82.64 -31.40
CA TRP A 1064 -17.36 81.81 -30.22
C TRP A 1064 -16.05 81.55 -29.47
N ARG A 1065 -15.02 82.35 -29.76
CA ARG A 1065 -13.94 82.54 -28.80
C ARG A 1065 -14.24 83.68 -27.83
N TRP A 1066 -15.24 84.51 -28.14
CA TRP A 1066 -15.71 85.53 -27.21
C TRP A 1066 -16.50 84.92 -26.06
N SER A 1067 -17.08 83.72 -26.28
CA SER A 1067 -17.58 82.77 -25.29
C SER A 1067 -18.88 83.18 -24.58
N LYS A 1068 -19.38 84.40 -24.83
CA LYS A 1068 -20.59 84.95 -24.22
C LYS A 1068 -20.49 84.94 -22.68
N ALA A 1069 -19.27 85.15 -22.18
CA ALA A 1069 -18.88 85.22 -20.76
C ALA A 1069 -19.14 83.94 -19.95
N ILE A 1070 -19.64 82.88 -20.61
CA ILE A 1070 -19.79 81.55 -20.02
C ILE A 1070 -19.22 80.60 -21.06
N PRO A 1071 -17.93 80.27 -21.00
CA PRO A 1071 -17.31 79.49 -22.09
C PRO A 1071 -17.76 78.03 -22.06
N MET A 1072 -18.12 77.53 -23.23
CA MET A 1072 -18.49 76.13 -23.39
C MET A 1072 -17.30 75.35 -23.94
N ASN A 1073 -17.33 74.05 -23.73
CA ASN A 1073 -16.20 73.19 -24.08
C ASN A 1073 -16.27 72.82 -25.56
N SER A 1074 -15.44 71.88 -25.96
CA SER A 1074 -15.35 71.47 -27.36
C SER A 1074 -16.45 70.51 -27.79
N ALA A 1075 -17.35 70.14 -26.87
CA ALA A 1075 -18.42 69.21 -27.21
C ALA A 1075 -19.80 69.86 -27.28
N LEU A 1076 -20.02 70.97 -26.56
CA LEU A 1076 -21.29 71.68 -26.71
C LEU A 1076 -21.34 72.41 -28.05
N ILE A 1077 -20.18 72.83 -28.57
CA ILE A 1077 -20.08 73.29 -29.95
C ILE A 1077 -20.10 72.15 -30.95
N LYS A 1078 -20.06 70.90 -30.49
CA LYS A 1078 -20.29 69.75 -31.33
C LYS A 1078 -21.71 69.20 -31.18
N TRP A 1079 -22.26 69.19 -29.97
CA TRP A 1079 -23.65 68.74 -29.78
C TRP A 1079 -24.62 69.72 -30.43
N LEU A 1080 -24.50 71.01 -30.12
CA LEU A 1080 -25.08 72.00 -31.01
C LEU A 1080 -24.22 72.03 -32.27
N TYR A 1081 -24.86 72.19 -33.41
CA TYR A 1081 -24.15 72.13 -34.69
C TYR A 1081 -23.52 73.50 -34.95
N LEU A 1082 -22.37 73.72 -34.31
CA LEU A 1082 -21.69 74.98 -34.59
C LEU A 1082 -20.67 74.78 -35.70
N PRO A 1083 -20.70 75.60 -36.75
CA PRO A 1083 -19.63 75.55 -37.75
C PRO A 1083 -18.34 76.14 -37.20
N ASP A 1084 -17.40 75.29 -36.83
CA ASP A 1084 -16.15 75.74 -36.24
C ASP A 1084 -15.00 75.12 -37.02
N PHE A 1085 -13.79 75.33 -36.50
CA PHE A 1085 -12.58 74.90 -37.18
C PHE A 1085 -11.72 73.97 -36.34
N PHE A 1086 -11.99 73.85 -35.04
CA PHE A 1086 -11.27 72.92 -34.18
C PHE A 1086 -11.98 71.57 -34.11
N ARG A 1087 -13.22 71.57 -33.64
CA ARG A 1087 -14.10 70.40 -33.70
C ARG A 1087 -14.98 70.61 -34.93
N ALA A 1088 -14.49 70.12 -36.07
CA ALA A 1088 -15.20 70.26 -37.33
C ALA A 1088 -16.49 69.46 -37.28
N PRO A 1089 -17.65 70.09 -37.45
CA PRO A 1089 -18.92 69.36 -37.30
C PRO A 1089 -19.14 68.40 -38.46
N ASN A 1090 -19.54 67.18 -38.12
CA ASN A 1090 -19.54 66.08 -39.08
C ASN A 1090 -20.71 66.24 -40.04
N SER A 1091 -20.43 66.06 -41.32
CA SER A 1091 -21.43 66.07 -42.36
C SER A 1091 -21.60 64.72 -43.03
N THR A 1092 -20.77 63.74 -42.69
CA THR A 1092 -20.94 62.39 -43.21
C THR A 1092 -22.11 61.67 -42.57
N ASN A 1093 -22.62 62.16 -41.46
CA ASN A 1093 -23.80 61.60 -40.81
C ASN A 1093 -25.09 62.24 -41.30
N LEU A 1094 -25.00 63.14 -42.29
CA LEU A 1094 -26.14 63.83 -42.85
C LEU A 1094 -26.77 63.06 -44.01
N ILE A 1095 -26.14 61.96 -44.44
CA ILE A 1095 -26.65 61.16 -45.54
C ILE A 1095 -27.91 60.43 -45.14
N SER A 1096 -28.11 60.17 -43.84
CA SER A 1096 -29.38 59.66 -43.36
C SER A 1096 -30.49 60.69 -43.49
N ASP A 1097 -30.15 61.98 -43.31
CA ASP A 1097 -31.13 63.03 -43.52
C ASP A 1097 -31.47 63.20 -44.99
N PHE A 1098 -30.49 62.97 -45.87
CA PHE A 1098 -30.80 62.99 -47.30
C PHE A 1098 -31.64 61.80 -47.71
N LEU A 1099 -31.44 60.65 -47.06
CA LEU A 1099 -32.35 59.51 -47.24
C LEU A 1099 -33.76 59.85 -46.81
N LEU A 1100 -33.90 60.58 -45.70
CA LEU A 1100 -35.21 60.97 -45.22
C LEU A 1100 -35.88 61.99 -46.15
N LEU A 1101 -35.08 62.86 -46.78
CA LEU A 1101 -35.60 63.75 -47.80
C LEU A 1101 -36.05 62.97 -49.03
N LEU A 1102 -35.32 61.90 -49.37
CA LEU A 1102 -35.68 61.07 -50.50
C LEU A 1102 -37.00 60.35 -50.25
N CYS A 1103 -37.18 59.82 -49.04
CA CYS A 1103 -38.39 59.05 -48.74
C CYS A 1103 -39.62 59.94 -48.70
N ALA A 1104 -39.50 61.15 -48.16
CA ALA A 1104 -40.62 62.08 -48.18
C ALA A 1104 -40.89 62.61 -49.59
N SER A 1105 -39.86 62.64 -50.44
CA SER A 1105 -40.02 63.09 -51.82
C SER A 1105 -40.93 62.16 -52.61
N GLN A 1106 -40.66 60.85 -52.57
CA GLN A 1106 -41.60 59.95 -53.22
C GLN A 1106 -42.89 59.75 -52.43
N GLN A 1107 -42.92 60.15 -51.16
CA GLN A 1107 -44.18 60.17 -50.43
C GLN A 1107 -45.15 61.21 -50.98
N TRP A 1108 -44.64 62.26 -51.64
CA TRP A 1108 -45.53 63.17 -52.37
C TRP A 1108 -46.32 62.45 -53.47
N GLN A 1109 -45.68 61.54 -54.20
CA GLN A 1109 -46.40 60.78 -55.22
C GLN A 1109 -47.37 59.79 -54.60
N VAL A 1110 -47.00 59.25 -53.43
CA VAL A 1110 -47.92 58.37 -52.71
C VAL A 1110 -49.12 59.14 -52.20
N PHE A 1111 -48.93 60.40 -51.80
CA PHE A 1111 -50.07 61.25 -51.48
C PHE A 1111 -50.84 61.70 -52.71
N SER A 1112 -50.21 61.72 -53.88
CA SER A 1112 -50.94 62.06 -55.09
C SER A 1112 -51.81 60.91 -55.57
N ALA A 1113 -51.53 59.69 -55.09
CA ALA A 1113 -52.37 58.54 -55.42
C ALA A 1113 -53.79 58.69 -54.90
N GLU A 1114 -53.97 59.35 -53.76
CA GLU A 1114 -55.30 59.62 -53.25
C GLU A 1114 -56.06 60.60 -54.17
N ARG A 1115 -55.32 61.51 -54.81
CA ARG A 1115 -55.94 62.42 -55.76
C ARG A 1115 -56.28 61.72 -57.06
N THR A 1116 -55.37 60.90 -57.58
CA THR A 1116 -55.49 60.36 -58.93
C THR A 1116 -56.25 59.05 -58.93
N GLU A 1117 -57.31 58.98 -59.75
CA GLU A 1117 -57.99 57.74 -60.09
C GLU A 1117 -57.18 56.92 -61.10
N GLU A 1118 -56.09 57.48 -61.63
CA GLU A 1118 -55.40 56.93 -62.80
C GLU A 1118 -54.76 55.59 -62.50
N TRP A 1119 -54.34 55.35 -61.26
CA TRP A 1119 -53.82 54.03 -60.90
C TRP A 1119 -54.51 53.49 -59.66
N GLN A 1120 -55.82 53.69 -59.53
CA GLN A 1120 -56.56 53.06 -58.46
C GLN A 1120 -57.09 51.69 -58.83
N ARG A 1121 -56.90 51.25 -60.07
CA ARG A 1121 -57.28 49.89 -60.45
C ARG A 1121 -56.28 48.89 -59.89
N MET A 1122 -55.01 49.03 -60.28
CA MET A 1122 -53.93 48.26 -59.70
C MET A 1122 -53.52 48.97 -58.41
N ALA A 1123 -53.56 48.24 -57.28
CA ALA A 1123 -53.20 48.76 -55.95
C ALA A 1123 -54.07 49.96 -55.57
N GLY A 1124 -55.32 49.65 -55.25
CA GLY A 1124 -56.35 50.66 -55.01
C GLY A 1124 -56.22 51.53 -53.77
N ILE A 1125 -57.36 51.97 -53.23
CA ILE A 1125 -57.39 53.00 -52.19
C ILE A 1125 -56.73 52.50 -50.92
N ASN A 1126 -56.17 53.43 -50.14
CA ASN A 1126 -55.52 53.13 -48.87
C ASN A 1126 -56.03 54.06 -47.79
N THR A 1127 -57.33 54.33 -47.80
CA THR A 1127 -57.89 55.18 -46.76
C THR A 1127 -57.99 54.42 -45.44
N ASP A 1128 -57.81 55.15 -44.34
CA ASP A 1128 -57.82 54.57 -43.01
C ASP A 1128 -59.20 54.65 -42.36
N HIS A 1129 -60.21 54.17 -43.08
CA HIS A 1129 -61.59 54.17 -42.59
C HIS A 1129 -62.21 52.83 -42.92
N LEU A 1130 -62.55 52.06 -41.89
CA LEU A 1130 -63.16 50.75 -42.07
C LEU A 1130 -64.68 50.92 -42.16
N GLU A 1131 -65.42 49.82 -42.07
CA GLU A 1131 -66.86 49.79 -42.35
C GLU A 1131 -67.64 49.28 -41.14
N PRO A 1132 -68.02 50.15 -40.22
CA PRO A 1132 -68.97 49.76 -39.18
C PRO A 1132 -70.40 49.88 -39.70
N LEU A 1133 -71.34 49.39 -38.87
CA LEU A 1133 -72.79 49.45 -39.12
C LEU A 1133 -73.17 48.79 -40.45
N ARG A 1134 -72.50 47.69 -40.76
CA ARG A 1134 -72.52 47.11 -42.10
C ARG A 1134 -73.16 45.72 -42.06
N GLY A 1135 -73.98 45.44 -43.06
CA GLY A 1135 -74.53 44.10 -43.26
C GLY A 1135 -73.43 43.11 -43.54
N GLU A 1136 -72.76 43.23 -44.69
CA GLU A 1136 -71.52 42.50 -44.90
C GLU A 1136 -70.56 43.37 -45.70
N PRO A 1137 -69.36 43.63 -45.18
CA PRO A 1137 -68.38 44.39 -45.95
C PRO A 1137 -67.81 43.60 -47.11
N ASN A 1138 -67.27 42.41 -46.82
CA ASN A 1138 -66.65 41.40 -47.67
C ASN A 1138 -65.88 41.91 -48.89
N PRO A 1139 -64.78 42.66 -48.75
CA PRO A 1139 -63.93 42.92 -49.92
C PRO A 1139 -62.99 41.78 -50.23
N ILE A 1140 -62.75 40.90 -49.25
CA ILE A 1140 -61.88 39.73 -49.38
C ILE A 1140 -62.69 38.55 -48.84
N PRO A 1141 -62.60 37.36 -49.43
CA PRO A 1141 -63.24 36.18 -48.82
C PRO A 1141 -62.61 35.81 -47.49
N ASN A 1142 -63.32 34.94 -46.77
CA ASN A 1142 -62.93 34.56 -45.41
C ASN A 1142 -61.65 33.71 -45.46
N PHE A 1143 -60.61 34.18 -44.78
CA PHE A 1143 -59.27 33.64 -44.95
C PHE A 1143 -58.75 32.92 -43.72
N ILE A 1144 -59.57 32.79 -42.67
CA ILE A 1144 -59.10 32.30 -41.36
C ILE A 1144 -58.57 30.88 -41.48
N HIS A 1145 -59.18 30.07 -42.32
CA HIS A 1145 -58.73 28.72 -42.58
C HIS A 1145 -57.90 28.71 -43.85
N CYS A 1146 -56.83 27.91 -43.85
CA CYS A 1146 -55.72 28.17 -44.75
C CYS A 1146 -55.99 27.82 -46.21
N ARG A 1147 -56.15 26.52 -46.50
CA ARG A 1147 -56.30 25.89 -47.82
C ARG A 1147 -55.36 26.45 -48.89
N SER A 1148 -54.17 26.90 -48.50
CA SER A 1148 -53.20 27.56 -49.37
C SER A 1148 -51.87 27.61 -48.62
N TYR A 1149 -50.92 28.35 -49.17
CA TYR A 1149 -49.67 28.68 -48.50
C TYR A 1149 -49.55 30.16 -48.16
N LEU A 1150 -50.07 31.03 -49.03
CA LEU A 1150 -50.10 32.45 -48.73
C LEU A 1150 -51.13 32.77 -47.67
N ASP A 1151 -52.18 31.97 -47.58
CA ASP A 1151 -53.19 32.23 -46.56
C ASP A 1151 -52.73 31.75 -45.20
N MET A 1152 -51.84 30.75 -45.17
CA MET A 1152 -51.22 30.35 -43.90
C MET A 1152 -50.29 31.43 -43.38
N LEU A 1153 -49.54 32.06 -44.28
CA LEU A 1153 -48.73 33.22 -43.89
C LEU A 1153 -49.61 34.41 -43.54
N LYS A 1154 -50.79 34.51 -44.16
CA LYS A 1154 -51.67 35.64 -43.91
C LYS A 1154 -52.31 35.54 -42.53
N VAL A 1155 -52.70 34.33 -42.12
CA VAL A 1155 -53.22 34.19 -40.76
C VAL A 1155 -52.09 34.21 -39.73
N ALA A 1156 -50.86 33.86 -40.14
CA ALA A 1156 -49.72 34.00 -39.24
C ALA A 1156 -49.49 35.47 -38.89
N VAL A 1157 -49.44 36.33 -39.91
CA VAL A 1157 -49.28 37.77 -39.67
C VAL A 1157 -50.50 38.32 -38.95
N PHE A 1158 -51.66 38.26 -39.59
CA PHE A 1158 -52.84 38.99 -39.12
C PHE A 1158 -53.54 38.35 -37.93
N ARG A 1159 -53.02 37.27 -37.39
CA ARG A 1159 -53.59 36.83 -36.11
C ARG A 1159 -52.53 36.60 -35.05
N TYR A 1160 -51.36 36.08 -35.43
CA TYR A 1160 -50.35 35.73 -34.44
C TYR A 1160 -49.24 36.75 -34.32
N LEU A 1161 -49.08 37.66 -35.28
CA LEU A 1161 -48.05 38.70 -35.17
C LEU A 1161 -48.67 39.98 -34.62
N PHE A 1162 -49.22 39.84 -33.45
CA PHE A 1162 -49.61 40.89 -32.52
C PHE A 1162 -49.01 40.66 -31.16
N TRP A 1163 -48.97 39.40 -30.72
CA TRP A 1163 -48.32 39.06 -29.47
C TRP A 1163 -46.81 39.07 -29.62
N LEU A 1164 -46.32 38.85 -30.85
CA LEU A 1164 -44.91 39.03 -31.16
C LEU A 1164 -44.48 40.47 -30.96
N VAL A 1165 -45.38 41.41 -31.22
CA VAL A 1165 -45.10 42.82 -30.98
C VAL A 1165 -44.90 43.07 -29.49
N LEU A 1166 -45.71 42.41 -28.65
CA LEU A 1166 -45.58 42.59 -27.21
C LEU A 1166 -44.31 41.92 -26.68
N VAL A 1167 -43.86 40.87 -27.37
CA VAL A 1167 -42.55 40.30 -27.05
C VAL A 1167 -41.43 41.30 -27.37
N VAL A 1168 -41.54 42.00 -28.51
CA VAL A 1168 -40.52 42.98 -28.86
C VAL A 1168 -40.56 44.20 -27.93
N VAL A 1169 -41.75 44.55 -27.45
CA VAL A 1169 -41.89 45.59 -26.43
C VAL A 1169 -41.20 45.15 -25.14
N PHE A 1170 -41.34 43.87 -24.78
CA PHE A 1170 -40.68 43.37 -23.58
C PHE A 1170 -39.16 43.27 -23.76
N VAL A 1171 -38.70 42.98 -24.98
CA VAL A 1171 -37.26 42.91 -25.23
C VAL A 1171 -36.64 44.31 -25.17
N ALA A 1172 -37.32 45.30 -25.75
CA ALA A 1172 -36.81 46.67 -25.69
C ALA A 1172 -36.84 47.22 -24.27
N GLY A 1173 -37.77 46.76 -23.45
CA GLY A 1173 -37.70 47.07 -22.03
C GLY A 1173 -36.53 46.39 -21.36
N ALA A 1174 -36.29 45.12 -21.69
CA ALA A 1174 -35.33 44.31 -20.94
C ALA A 1174 -33.88 44.61 -21.30
N THR A 1175 -33.52 44.50 -22.58
CA THR A 1175 -32.11 44.49 -22.95
C THR A 1175 -31.47 45.87 -22.91
N ARG A 1176 -32.25 46.95 -22.84
CA ARG A 1176 -31.73 48.29 -22.56
C ARG A 1176 -32.55 48.87 -21.43
N ILE A 1177 -31.87 49.22 -20.34
CA ILE A 1177 -32.50 49.46 -19.04
C ILE A 1177 -32.49 50.94 -18.73
N SER A 1178 -33.67 51.52 -18.55
CA SER A 1178 -33.86 52.91 -18.17
C SER A 1178 -35.24 53.04 -17.52
N ILE A 1179 -35.63 54.27 -17.19
CA ILE A 1179 -37.00 54.52 -16.74
C ILE A 1179 -37.98 54.28 -17.88
N PHE A 1180 -37.59 54.69 -19.09
CA PHE A 1180 -38.45 54.49 -20.24
C PHE A 1180 -38.54 53.02 -20.63
N GLY A 1181 -37.48 52.25 -20.35
CA GLY A 1181 -37.58 50.81 -20.49
C GLY A 1181 -38.52 50.19 -19.48
N LEU A 1182 -38.59 50.75 -18.27
CA LEU A 1182 -39.58 50.32 -17.29
C LEU A 1182 -40.99 50.65 -17.78
N GLY A 1183 -41.15 51.75 -18.51
CA GLY A 1183 -42.42 52.04 -19.14
C GLY A 1183 -42.78 51.05 -20.23
N TYR A 1184 -41.78 50.56 -20.98
CA TYR A 1184 -42.02 49.50 -21.94
C TYR A 1184 -42.47 48.21 -21.24
N LEU A 1185 -41.89 47.92 -20.07
CA LEU A 1185 -42.27 46.72 -19.34
C LEU A 1185 -43.70 46.80 -18.83
N LEU A 1186 -44.08 47.96 -18.28
CA LEU A 1186 -45.44 48.09 -17.76
C LEU A 1186 -46.48 48.09 -18.88
N ALA A 1187 -46.12 48.66 -20.04
CA ALA A 1187 -47.02 48.60 -21.19
C ALA A 1187 -47.16 47.17 -21.70
N CYS A 1188 -46.07 46.40 -21.66
CA CYS A 1188 -46.13 45.00 -22.05
C CYS A 1188 -47.00 44.18 -21.10
N PHE A 1189 -46.90 44.46 -19.81
CA PHE A 1189 -47.69 43.71 -18.82
C PHE A 1189 -49.17 44.04 -18.94
N TYR A 1190 -49.50 45.32 -19.16
CA TYR A 1190 -50.88 45.73 -19.32
C TYR A 1190 -51.49 45.13 -20.59
N LEU A 1191 -50.73 45.09 -21.68
CA LEU A 1191 -51.29 44.54 -22.90
C LEU A 1191 -51.33 43.03 -22.90
N LEU A 1192 -50.41 42.37 -22.17
CA LEU A 1192 -50.53 40.92 -22.04
C LEU A 1192 -51.73 40.53 -21.18
N LEU A 1193 -52.10 41.37 -20.22
CA LEU A 1193 -53.34 41.10 -19.47
C LEU A 1193 -54.56 41.33 -20.33
N PHE A 1194 -54.64 42.49 -20.98
CA PHE A 1194 -55.86 42.95 -21.62
C PHE A 1194 -55.85 42.80 -23.12
N GLY A 1195 -55.04 41.87 -23.66
CA GLY A 1195 -55.00 41.71 -25.11
C GLY A 1195 -56.24 41.02 -25.66
N THR A 1196 -56.80 40.07 -24.90
CA THR A 1196 -57.97 39.33 -25.39
C THR A 1196 -59.21 40.21 -25.46
N THR A 1197 -59.27 41.30 -24.70
CA THR A 1197 -60.31 42.29 -24.86
C THR A 1197 -59.90 43.48 -25.72
N LEU A 1198 -58.60 43.70 -25.90
CA LEU A 1198 -58.17 44.74 -26.83
C LEU A 1198 -58.44 44.34 -28.28
N LEU A 1199 -58.24 43.06 -28.59
CA LEU A 1199 -58.51 42.59 -29.96
C LEU A 1199 -59.99 42.54 -30.27
N GLN A 1200 -60.86 42.59 -29.25
CA GLN A 1200 -62.30 42.55 -29.44
C GLN A 1200 -62.95 43.94 -29.36
N LYS A 1201 -62.16 45.00 -29.32
CA LYS A 1201 -62.69 46.35 -29.33
C LYS A 1201 -63.04 46.79 -30.75
N ASP A 1202 -63.32 48.07 -30.91
CA ASP A 1202 -63.56 48.68 -32.20
C ASP A 1202 -62.53 49.78 -32.43
N THR A 1203 -62.33 50.12 -33.70
CA THR A 1203 -61.24 50.99 -34.12
C THR A 1203 -61.38 52.44 -33.65
N ARG A 1204 -62.46 52.81 -33.00
CA ARG A 1204 -62.56 54.13 -32.38
C ARG A 1204 -62.02 54.15 -30.95
N ALA A 1205 -61.71 52.99 -30.37
CA ALA A 1205 -61.17 52.95 -29.01
C ALA A 1205 -59.85 52.20 -28.91
N GLN A 1206 -59.72 51.06 -29.59
CA GLN A 1206 -58.46 50.31 -29.57
C GLN A 1206 -57.35 51.08 -30.26
N LEU A 1207 -57.70 51.90 -31.24
CA LEU A 1207 -56.72 52.72 -31.93
C LEU A 1207 -56.32 53.92 -31.09
N VAL A 1208 -57.20 54.37 -30.19
CA VAL A 1208 -56.84 55.44 -29.26
C VAL A 1208 -55.82 54.94 -28.24
N LEU A 1209 -56.04 53.73 -27.70
CA LEU A 1209 -55.06 53.13 -26.80
C LEU A 1209 -53.75 52.82 -27.53
N TRP A 1210 -53.86 52.42 -28.80
CA TRP A 1210 -52.66 52.09 -29.56
C TRP A 1210 -51.87 53.35 -29.92
N ASP A 1211 -52.57 54.46 -30.18
CA ASP A 1211 -51.89 55.73 -30.43
C ASP A 1211 -51.21 56.26 -29.17
N CYS A 1212 -51.76 55.97 -27.99
CA CYS A 1212 -51.06 56.31 -26.76
C CYS A 1212 -49.76 55.53 -26.64
N LEU A 1213 -49.75 54.29 -27.12
CA LEU A 1213 -48.53 53.50 -27.08
C LEU A 1213 -47.50 54.00 -28.09
N ILE A 1214 -47.94 54.39 -29.29
CA ILE A 1214 -47.02 54.92 -30.30
C ILE A 1214 -46.46 56.27 -29.85
N LEU A 1215 -47.31 57.10 -29.25
CA LEU A 1215 -46.87 58.38 -28.71
C LEU A 1215 -45.87 58.20 -27.58
N TYR A 1216 -46.01 57.11 -26.81
CA TYR A 1216 -45.02 56.83 -25.77
C TYR A 1216 -43.66 56.52 -26.38
N ASN A 1217 -43.62 55.72 -27.45
CA ASN A 1217 -42.34 55.34 -28.04
C ASN A 1217 -41.65 56.53 -28.68
N VAL A 1218 -42.42 57.42 -29.30
CA VAL A 1218 -41.86 58.64 -29.89
C VAL A 1218 -41.29 59.53 -28.82
N THR A 1219 -41.98 59.64 -27.66
CA THR A 1219 -41.44 60.43 -26.57
C THR A 1219 -40.23 59.78 -25.93
N VAL A 1220 -40.09 58.45 -26.01
CA VAL A 1220 -38.87 57.79 -25.53
C VAL A 1220 -37.68 58.21 -26.39
N ILE A 1221 -37.86 58.21 -27.71
CA ILE A 1221 -36.80 58.59 -28.64
C ILE A 1221 -36.43 60.05 -28.47
N ILE A 1222 -37.43 60.93 -28.34
CA ILE A 1222 -37.16 62.35 -28.27
C ILE A 1222 -36.60 62.74 -26.91
N SER A 1223 -37.04 62.09 -25.83
CA SER A 1223 -36.43 62.35 -24.53
C SER A 1223 -35.01 61.80 -24.47
N LYS A 1224 -34.70 60.79 -25.27
CA LYS A 1224 -33.31 60.36 -25.33
C LYS A 1224 -32.47 61.35 -26.13
N ASN A 1225 -33.09 62.10 -27.05
CA ASN A 1225 -32.38 63.22 -27.64
C ASN A 1225 -32.22 64.37 -26.64
N MET A 1226 -33.27 64.61 -25.83
CA MET A 1226 -33.22 65.61 -24.77
C MET A 1226 -32.19 65.29 -23.71
N LEU A 1227 -31.87 64.01 -23.53
CA LEU A 1227 -30.84 63.59 -22.60
C LEU A 1227 -29.53 63.25 -23.28
N SER A 1228 -29.51 63.25 -24.62
CA SER A 1228 -28.27 63.34 -25.36
C SER A 1228 -27.70 64.75 -25.36
N LEU A 1229 -28.50 65.73 -24.91
CA LEU A 1229 -27.95 67.00 -24.44
C LEU A 1229 -26.83 66.81 -23.42
N LEU A 1230 -27.00 65.86 -22.51
CA LEU A 1230 -26.00 65.62 -21.47
C LEU A 1230 -24.83 64.77 -21.93
N SER A 1231 -24.70 64.53 -23.25
CA SER A 1231 -23.49 63.90 -23.77
C SER A 1231 -22.30 64.85 -23.71
N CYS A 1232 -22.53 66.15 -23.93
CA CYS A 1232 -21.44 67.11 -23.86
C CYS A 1232 -21.10 67.42 -22.41
N VAL A 1233 -22.06 67.92 -21.64
CA VAL A 1233 -21.86 68.12 -20.22
C VAL A 1233 -22.05 66.77 -19.55
N PHE A 1234 -20.97 66.02 -19.41
CA PHE A 1234 -21.02 64.66 -18.89
C PHE A 1234 -20.21 64.48 -17.61
N VAL A 1235 -18.94 64.85 -17.62
CA VAL A 1235 -18.10 64.65 -16.44
C VAL A 1235 -18.33 65.70 -15.37
N GLU A 1236 -19.06 66.77 -15.69
CA GLU A 1236 -19.44 67.73 -14.66
C GLU A 1236 -20.54 67.14 -13.77
N GLN A 1237 -21.52 66.47 -14.36
CA GLN A 1237 -22.59 65.84 -13.62
C GLN A 1237 -22.22 64.43 -13.14
N MET A 1238 -21.01 63.96 -13.40
CA MET A 1238 -20.69 62.56 -13.11
C MET A 1238 -20.37 62.37 -11.63
N GLN A 1239 -19.28 62.94 -11.15
CA GLN A 1239 -18.85 62.65 -9.79
C GLN A 1239 -19.60 63.47 -8.75
N SER A 1240 -20.35 64.49 -9.16
CA SER A 1240 -21.24 65.20 -8.25
C SER A 1240 -22.54 64.42 -8.14
N ASN A 1241 -22.93 64.06 -6.92
CA ASN A 1241 -24.11 63.25 -6.69
C ASN A 1241 -25.42 64.00 -6.93
N PHE A 1242 -25.93 63.91 -8.15
CA PHE A 1242 -27.25 64.41 -8.48
C PHE A 1242 -28.27 63.28 -8.39
N CYS A 1243 -28.32 62.67 -7.20
CA CYS A 1243 -28.90 61.33 -6.92
C CYS A 1243 -28.41 60.28 -7.92
N TRP A 1244 -27.17 60.44 -8.39
CA TRP A 1244 -26.50 59.63 -9.41
C TRP A 1244 -27.39 59.43 -10.64
N VAL A 1245 -27.61 60.55 -11.33
CA VAL A 1245 -28.62 60.64 -12.38
C VAL A 1245 -28.20 59.99 -13.69
N ILE A 1246 -26.92 59.62 -13.84
CA ILE A 1246 -26.46 59.04 -15.10
C ILE A 1246 -27.05 57.66 -15.31
N GLN A 1247 -26.96 56.80 -14.29
CA GLN A 1247 -27.45 55.44 -14.45
C GLN A 1247 -28.95 55.32 -14.21
N LEU A 1248 -29.67 56.42 -13.99
CA LEU A 1248 -31.12 56.40 -14.14
C LEU A 1248 -31.50 56.24 -15.60
N PHE A 1249 -31.13 57.22 -16.42
CA PHE A 1249 -31.57 57.28 -17.80
C PHE A 1249 -30.59 56.65 -18.77
N SER A 1250 -29.56 55.99 -18.25
CA SER A 1250 -28.42 55.43 -19.01
C SER A 1250 -27.78 56.52 -19.89
N LEU A 1251 -27.26 57.55 -19.21
CA LEU A 1251 -26.74 58.71 -19.90
C LEU A 1251 -25.39 58.40 -20.54
N VAL A 1252 -25.43 57.89 -21.76
CA VAL A 1252 -24.23 57.54 -22.51
C VAL A 1252 -24.52 57.84 -23.98
N CYS A 1253 -23.47 58.16 -24.73
CA CYS A 1253 -23.62 58.52 -26.13
C CYS A 1253 -23.20 57.38 -27.04
N THR A 1254 -23.54 57.52 -28.32
CA THR A 1254 -23.13 56.58 -29.35
C THR A 1254 -22.32 57.22 -30.48
N VAL A 1255 -22.34 58.53 -30.61
CA VAL A 1255 -21.74 59.20 -31.75
C VAL A 1255 -20.23 59.30 -31.53
N LYS A 1256 -19.46 59.16 -32.62
CA LYS A 1256 -18.01 59.01 -32.51
C LYS A 1256 -17.32 60.30 -32.07
N GLY A 1257 -17.75 61.45 -32.60
CA GLY A 1257 -17.06 62.69 -32.35
C GLY A 1257 -17.33 63.34 -31.00
N TYR A 1258 -17.13 62.58 -29.93
CA TYR A 1258 -17.44 63.01 -28.57
C TYR A 1258 -16.44 62.32 -27.65
N TYR A 1259 -16.80 62.21 -26.36
CA TYR A 1259 -15.94 61.73 -25.27
C TYR A 1259 -15.54 60.25 -25.39
N ASP A 1260 -15.90 59.54 -26.47
CA ASP A 1260 -15.49 58.18 -26.79
C ASP A 1260 -15.88 57.18 -25.70
N PRO A 1261 -17.16 56.80 -25.60
CA PRO A 1261 -17.59 55.88 -24.55
C PRO A 1261 -16.99 54.49 -24.73
N LYS A 1262 -17.03 53.73 -23.63
CA LYS A 1262 -16.31 52.46 -23.37
C LYS A 1262 -14.81 52.51 -23.74
N GLU A 1263 -14.21 53.71 -23.74
CA GLU A 1263 -12.77 53.87 -23.58
C GLU A 1263 -12.40 54.69 -22.36
N MET A 1264 -13.28 55.57 -21.88
CA MET A 1264 -13.16 56.14 -20.55
C MET A 1264 -13.86 55.31 -19.50
N MET A 1265 -14.09 54.03 -19.79
CA MET A 1265 -14.52 53.05 -18.80
C MET A 1265 -13.42 52.70 -17.80
N THR A 1266 -12.16 53.06 -18.12
CA THR A 1266 -11.02 52.73 -17.28
C THR A 1266 -11.08 53.42 -15.92
N ARG A 1267 -11.59 54.65 -15.87
CA ARG A 1267 -11.91 55.24 -14.58
C ARG A 1267 -13.13 54.52 -14.00
N ASP A 1268 -13.06 54.21 -12.70
CA ASP A 1268 -14.04 53.31 -12.11
C ASP A 1268 -14.77 53.88 -10.91
N ARG A 1269 -14.20 54.84 -10.19
CA ARG A 1269 -14.87 55.41 -9.02
C ARG A 1269 -16.03 56.26 -9.49
N ASP A 1270 -17.26 55.82 -9.16
CA ASP A 1270 -18.52 56.35 -9.69
C ASP A 1270 -18.53 56.33 -11.21
N CYS A 1271 -18.53 55.12 -11.74
CA CYS A 1271 -18.45 54.90 -13.18
C CYS A 1271 -19.82 54.59 -13.79
N LEU A 1272 -19.89 54.72 -15.10
CA LEU A 1272 -21.11 54.63 -15.88
C LEU A 1272 -21.35 53.21 -16.37
N LEU A 1273 -22.35 53.06 -17.24
CA LEU A 1273 -22.66 51.78 -17.88
C LEU A 1273 -22.63 51.95 -19.40
N PRO A 1274 -21.64 51.37 -20.09
CA PRO A 1274 -21.54 51.58 -21.54
C PRO A 1274 -22.33 50.58 -22.37
N VAL A 1275 -22.51 49.35 -21.87
CA VAL A 1275 -23.05 48.28 -22.69
C VAL A 1275 -24.54 48.45 -22.93
N GLU A 1276 -25.22 49.22 -22.08
CA GLU A 1276 -26.56 49.70 -22.37
C GLU A 1276 -26.37 51.07 -22.98
N GLU A 1277 -26.41 51.13 -24.31
CA GLU A 1277 -26.13 52.34 -25.06
C GLU A 1277 -27.34 53.28 -25.04
N ALA A 1278 -27.37 54.23 -25.98
CA ALA A 1278 -28.52 55.12 -26.15
C ALA A 1278 -29.81 54.35 -26.38
N GLY A 1279 -29.73 53.15 -26.97
CA GLY A 1279 -30.86 52.25 -27.00
C GLY A 1279 -31.92 52.63 -27.99
N ILE A 1280 -31.58 53.43 -29.01
CA ILE A 1280 -32.55 53.82 -30.01
C ILE A 1280 -32.78 52.72 -31.02
N ILE A 1281 -31.96 51.66 -30.99
CA ILE A 1281 -32.11 50.51 -31.90
C ILE A 1281 -33.42 49.80 -31.62
N TRP A 1282 -33.62 49.34 -30.39
CA TRP A 1282 -34.84 48.62 -30.05
C TRP A 1282 -36.05 49.55 -29.96
N ASP A 1283 -35.83 50.84 -29.73
CA ASP A 1283 -36.94 51.79 -29.79
C ASP A 1283 -37.43 51.95 -31.23
N SER A 1284 -36.51 51.97 -32.19
CA SER A 1284 -36.90 52.05 -33.60
C SER A 1284 -37.49 50.73 -34.09
N ILE A 1285 -37.03 49.60 -33.56
CA ILE A 1285 -37.60 48.32 -33.95
C ILE A 1285 -39.02 48.18 -33.41
N CYS A 1286 -39.25 48.60 -32.16
CA CYS A 1286 -40.61 48.65 -31.64
C CYS A 1286 -41.48 49.63 -32.42
N PHE A 1287 -40.88 50.75 -32.87
CA PHE A 1287 -41.62 51.74 -33.64
C PHE A 1287 -42.07 51.18 -34.97
N PHE A 1288 -41.24 50.33 -35.58
CA PHE A 1288 -41.64 49.59 -36.77
C PHE A 1288 -42.83 48.67 -36.50
N PHE A 1289 -42.78 47.91 -35.40
CA PHE A 1289 -43.88 46.99 -35.12
C PHE A 1289 -45.17 47.69 -34.73
N LEU A 1290 -45.07 48.84 -34.05
CA LEU A 1290 -46.27 49.57 -33.65
C LEU A 1290 -47.01 50.12 -34.86
N LEU A 1291 -46.27 50.72 -35.80
CA LEU A 1291 -46.91 51.26 -37.00
C LEU A 1291 -47.41 50.16 -37.92
N LEU A 1292 -46.73 49.00 -37.91
CA LEU A 1292 -47.22 47.86 -38.69
C LEU A 1292 -48.52 47.33 -38.14
N GLN A 1293 -48.67 47.29 -36.80
CA GLN A 1293 -49.95 46.89 -36.23
C GLN A 1293 -51.04 47.92 -36.45
N ARG A 1294 -50.69 49.20 -36.53
CA ARG A 1294 -51.70 50.21 -36.86
C ARG A 1294 -52.25 49.99 -38.26
N ARG A 1295 -51.38 49.59 -39.20
CA ARG A 1295 -51.85 49.14 -40.51
C ARG A 1295 -52.71 47.88 -40.40
N ILE A 1296 -52.41 47.00 -39.43
CA ILE A 1296 -53.20 45.77 -39.29
C ILE A 1296 -54.57 46.06 -38.68
N PHE A 1297 -54.63 46.89 -37.63
CA PHE A 1297 -55.91 47.26 -37.04
C PHE A 1297 -56.76 48.10 -37.99
N LEU A 1298 -56.16 48.78 -38.97
CA LEU A 1298 -56.88 49.49 -40.00
C LEU A 1298 -57.08 48.66 -41.26
N SER A 1299 -57.18 47.34 -41.14
CA SER A 1299 -57.36 46.46 -42.28
C SER A 1299 -58.66 45.70 -42.17
N HIS A 1300 -59.11 45.17 -43.31
CA HIS A 1300 -60.26 44.28 -43.34
C HIS A 1300 -59.90 42.88 -42.91
N TYR A 1301 -58.62 42.55 -42.91
CA TYR A 1301 -58.18 41.23 -42.48
C TYR A 1301 -58.38 41.06 -40.98
N PHE A 1302 -58.06 42.10 -40.22
CA PHE A 1302 -58.41 42.12 -38.80
C PHE A 1302 -59.92 42.17 -38.58
N LEU A 1303 -60.68 42.70 -39.55
CA LEU A 1303 -62.13 42.66 -39.45
C LEU A 1303 -62.67 41.25 -39.60
N HIS A 1304 -61.93 40.36 -40.27
CA HIS A 1304 -62.27 38.94 -40.21
C HIS A 1304 -61.78 38.29 -38.93
N VAL A 1305 -60.61 38.70 -38.45
CA VAL A 1305 -59.99 38.04 -37.29
C VAL A 1305 -60.74 38.37 -36.01
N SER A 1306 -61.13 39.63 -35.82
CA SER A 1306 -61.88 40.00 -34.61
C SER A 1306 -63.28 39.43 -34.64
N ALA A 1307 -63.88 39.29 -35.82
CA ALA A 1307 -65.14 38.58 -35.94
C ALA A 1307 -64.99 37.11 -35.63
N ASP A 1308 -63.82 36.54 -35.90
CA ASP A 1308 -63.55 35.17 -35.51
C ASP A 1308 -63.34 35.04 -34.00
N LEU A 1309 -62.78 36.07 -33.37
CA LEU A 1309 -62.51 36.00 -31.93
C LEU A 1309 -63.78 36.15 -31.10
N LYS A 1310 -64.74 36.94 -31.57
CA LYS A 1310 -65.98 37.13 -30.82
C LYS A 1310 -66.80 35.85 -30.73
N ALA A 1311 -66.70 34.99 -31.75
CA ALA A 1311 -67.39 33.71 -31.69
C ALA A 1311 -66.78 32.76 -30.66
N THR A 1312 -65.47 32.86 -30.43
CA THR A 1312 -64.85 32.10 -29.34
C THR A 1312 -65.28 32.65 -27.99
N ALA A 1313 -65.47 33.98 -27.90
CA ALA A 1313 -66.01 34.58 -26.69
C ALA A 1313 -67.44 34.11 -26.41
N LEU A 1314 -68.17 33.71 -27.45
CA LEU A 1314 -69.46 33.05 -27.24
C LEU A 1314 -69.30 31.57 -26.91
N GLN A 1315 -68.27 30.91 -27.45
CA GLN A 1315 -68.09 29.47 -27.29
C GLN A 1315 -67.41 29.07 -25.99
N ALA A 1316 -67.15 30.02 -25.08
CA ALA A 1316 -66.56 29.67 -23.78
C ALA A 1316 -67.45 28.70 -22.99
N SER A 1317 -68.77 28.92 -23.01
CA SER A 1317 -69.68 28.10 -22.22
C SER A 1317 -69.77 26.69 -22.78
N ARG A 1318 -69.81 26.54 -24.11
CA ARG A 1318 -69.90 25.21 -24.67
C ARG A 1318 -68.56 24.48 -24.61
N GLY A 1319 -67.45 25.22 -24.58
CA GLY A 1319 -66.16 24.57 -24.36
C GLY A 1319 -66.06 23.96 -22.97
N PHE A 1320 -66.57 24.66 -21.95
CA PHE A 1320 -66.68 24.07 -20.63
C PHE A 1320 -67.70 22.93 -20.59
N ALA A 1321 -68.72 23.00 -21.45
CA ALA A 1321 -69.67 21.90 -21.54
C ALA A 1321 -69.04 20.65 -22.15
N LEU A 1322 -68.14 20.82 -23.12
CA LEU A 1322 -67.46 19.68 -23.71
C LEU A 1322 -66.45 19.08 -22.73
N TYR A 1323 -65.82 19.91 -21.89
CA TYR A 1323 -64.99 19.40 -20.82
C TYR A 1323 -65.82 18.59 -19.82
N ASN A 1324 -67.04 19.05 -19.51
CA ASN A 1324 -67.91 18.30 -18.61
C ASN A 1324 -68.33 16.98 -19.21
N ALA A 1325 -68.57 16.95 -20.52
CA ALA A 1325 -69.01 15.73 -21.20
C ALA A 1325 -67.91 14.68 -21.20
N ALA A 1326 -66.68 15.09 -21.54
CA ALA A 1326 -65.57 14.14 -21.57
C ALA A 1326 -65.19 13.67 -20.17
N ASN A 1327 -65.33 14.52 -19.16
CA ASN A 1327 -64.96 14.11 -17.81
C ASN A 1327 -65.98 13.16 -17.20
N LEU A 1328 -67.28 13.38 -17.45
CA LEU A 1328 -68.27 12.42 -16.99
C LEU A 1328 -68.12 11.07 -17.70
N LYS A 1329 -67.79 11.11 -19.00
CA LYS A 1329 -67.59 9.86 -19.74
C LYS A 1329 -66.36 9.12 -19.26
N SER A 1330 -65.30 9.85 -18.88
CA SER A 1330 -64.08 9.20 -18.42
C SER A 1330 -64.25 8.61 -17.03
N ILE A 1331 -64.92 9.32 -16.12
CA ILE A 1331 -65.11 8.81 -14.76
C ILE A 1331 -66.05 7.61 -14.77
N ASN A 1332 -67.07 7.62 -15.62
CA ASN A 1332 -67.92 6.44 -15.75
C ASN A 1332 -67.20 5.29 -16.43
N PHE A 1333 -66.22 5.60 -17.29
CA PHE A 1333 -65.41 4.55 -17.91
C PHE A 1333 -64.54 3.85 -16.87
N HIS A 1334 -63.91 4.62 -15.97
CA HIS A 1334 -63.18 4.00 -14.86
C HIS A 1334 -64.12 3.29 -13.90
N ARG A 1335 -65.37 3.76 -13.79
CA ARG A 1335 -66.34 3.09 -12.94
C ARG A 1335 -66.67 1.71 -13.49
N GLN A 1336 -66.82 1.60 -14.81
CA GLN A 1336 -67.09 0.29 -15.42
C GLN A 1336 -65.89 -0.64 -15.27
N ILE A 1337 -64.67 -0.08 -15.36
CA ILE A 1337 -63.46 -0.89 -15.20
C ILE A 1337 -63.36 -1.43 -13.77
N GLU A 1338 -63.66 -0.58 -12.77
CA GLU A 1338 -63.57 -1.03 -11.38
C GLU A 1338 -64.64 -2.05 -11.04
N GLU A 1339 -65.85 -1.88 -11.58
CA GLU A 1339 -66.92 -2.83 -11.26
C GLU A 1339 -66.68 -4.19 -11.92
N LYS A 1340 -66.17 -4.18 -13.15
CA LYS A 1340 -65.85 -5.44 -13.82
C LYS A 1340 -64.67 -6.14 -13.15
N SER A 1341 -63.69 -5.38 -12.66
CA SER A 1341 -62.54 -5.97 -11.99
C SER A 1341 -62.93 -6.59 -10.66
N LEU A 1342 -63.82 -5.94 -9.92
CA LEU A 1342 -64.25 -6.52 -8.65
C LEU A 1342 -65.20 -7.68 -8.87
N ALA A 1343 -65.92 -7.72 -9.99
CA ALA A 1343 -66.67 -8.91 -10.35
C ALA A 1343 -65.74 -10.07 -10.66
N GLN A 1344 -64.59 -9.79 -11.29
CA GLN A 1344 -63.60 -10.84 -11.52
C GLN A 1344 -63.01 -11.35 -10.22
N LEU A 1345 -62.76 -10.46 -9.26
CA LEU A 1345 -62.23 -10.90 -7.98
C LEU A 1345 -63.26 -11.70 -7.18
N LYS A 1346 -64.55 -11.35 -7.32
CA LYS A 1346 -65.60 -12.15 -6.68
C LYS A 1346 -65.67 -13.55 -7.28
N ARG A 1347 -65.57 -13.66 -8.61
CA ARG A 1347 -65.55 -14.94 -9.29
C ARG A 1347 -64.38 -15.80 -8.82
N GLN A 1348 -63.19 -15.20 -8.78
CA GLN A 1348 -61.98 -15.98 -8.50
C GLN A 1348 -61.92 -16.40 -7.04
N MET A 1349 -62.40 -15.56 -6.13
CA MET A 1349 -62.47 -15.96 -4.73
C MET A 1349 -63.49 -17.07 -4.53
N LYS A 1350 -64.59 -17.06 -5.28
CA LYS A 1350 -65.51 -18.19 -5.20
C LYS A 1350 -64.91 -19.45 -5.80
N ARG A 1351 -64.06 -19.31 -6.82
CA ARG A 1351 -63.39 -20.49 -7.39
C ARG A 1351 -62.44 -21.12 -6.37
N ILE A 1352 -61.69 -20.30 -5.64
CA ILE A 1352 -60.77 -20.79 -4.62
C ILE A 1352 -61.55 -21.44 -3.49
N ARG A 1353 -62.64 -20.81 -3.04
CA ARG A 1353 -63.44 -21.36 -1.95
C ARG A 1353 -64.17 -22.62 -2.36
N ALA A 1354 -64.59 -22.72 -3.62
CA ALA A 1354 -65.29 -23.94 -4.05
C ALA A 1354 -64.34 -25.11 -4.13
N LYS A 1355 -63.12 -24.88 -4.64
CA LYS A 1355 -62.09 -25.93 -4.65
C LYS A 1355 -61.78 -26.39 -3.24
N GLN A 1356 -61.63 -25.46 -2.31
CA GLN A 1356 -61.19 -25.88 -0.99
C GLN A 1356 -62.34 -26.38 -0.13
N GLU A 1357 -63.60 -26.10 -0.48
CA GLU A 1357 -64.68 -26.79 0.19
C GLU A 1357 -64.87 -28.21 -0.32
N LYS A 1358 -64.53 -28.45 -1.61
CA LYS A 1358 -64.37 -29.83 -2.06
C LYS A 1358 -63.28 -30.53 -1.27
N TYR A 1359 -62.24 -29.80 -0.91
CA TYR A 1359 -61.16 -30.38 -0.11
C TYR A 1359 -61.59 -30.58 1.32
N ARG A 1360 -62.54 -29.78 1.81
CA ARG A 1360 -63.15 -30.04 3.11
C ARG A 1360 -63.94 -31.34 3.11
N GLN A 1361 -64.63 -31.62 2.00
CA GLN A 1361 -65.42 -32.85 1.94
C GLN A 1361 -64.53 -34.07 1.76
N SER A 1362 -63.44 -33.93 1.00
CA SER A 1362 -62.48 -35.03 0.87
C SER A 1362 -61.71 -35.23 2.18
N GLN A 1363 -61.53 -34.17 2.96
CA GLN A 1363 -61.05 -34.33 4.32
C GLN A 1363 -62.06 -35.08 5.19
N ALA A 1364 -63.35 -34.84 4.95
CA ALA A 1364 -64.40 -35.50 5.73
C ALA A 1364 -64.50 -36.98 5.39
N SER A 1365 -64.12 -37.37 4.19
CA SER A 1365 -64.09 -38.78 3.84
C SER A 1365 -62.92 -39.50 4.52
N HIS A 1493 -22.88 -3.21 -61.30
CA HIS A 1493 -24.19 -2.58 -61.20
C HIS A 1493 -24.30 -1.68 -59.98
N MET A 1494 -24.80 -0.46 -60.19
CA MET A 1494 -24.93 0.50 -59.11
C MET A 1494 -26.06 0.15 -58.16
N MET A 1495 -27.07 -0.59 -58.64
CA MET A 1495 -28.34 -0.73 -57.95
C MET A 1495 -28.25 -1.49 -56.63
N GLN A 1496 -27.16 -2.25 -56.42
CA GLN A 1496 -27.01 -3.02 -55.18
C GLN A 1496 -26.85 -2.11 -53.96
N ARG A 1497 -26.21 -0.96 -54.13
CA ARG A 1497 -26.10 0.02 -53.06
C ARG A 1497 -26.89 1.29 -53.33
N VAL A 1498 -27.38 1.50 -54.55
CA VAL A 1498 -28.39 2.53 -54.78
C VAL A 1498 -29.71 2.12 -54.13
N LEU A 1499 -29.96 0.80 -54.00
CA LEU A 1499 -31.09 0.32 -53.21
C LEU A 1499 -30.97 0.74 -51.74
N SER A 1500 -29.75 0.70 -51.20
CA SER A 1500 -29.52 1.17 -49.83
C SER A 1500 -29.67 2.68 -49.73
N THR A 1501 -28.99 3.42 -50.61
CA THR A 1501 -29.04 4.88 -50.58
C THR A 1501 -30.31 5.46 -51.21
N MET A 1502 -31.31 4.64 -51.50
CA MET A 1502 -32.68 5.10 -51.74
C MET A 1502 -33.60 4.70 -50.61
N GLN A 1503 -33.62 3.41 -50.25
CA GLN A 1503 -34.54 2.93 -49.22
C GLN A 1503 -34.12 3.41 -47.84
N PHE A 1504 -32.90 3.07 -47.41
CA PHE A 1504 -32.42 3.48 -46.10
C PHE A 1504 -32.12 4.97 -46.02
N LEU A 1505 -32.03 5.67 -47.16
CA LEU A 1505 -31.90 7.12 -47.12
C LEU A 1505 -33.27 7.79 -46.96
N TRP A 1506 -34.15 7.58 -47.94
CA TRP A 1506 -35.45 8.24 -47.93
C TRP A 1506 -36.48 7.49 -47.09
N VAL A 1507 -36.80 6.26 -47.49
CA VAL A 1507 -38.11 5.68 -47.20
C VAL A 1507 -38.22 5.23 -45.76
N LEU A 1508 -37.17 4.62 -45.21
CA LEU A 1508 -37.23 4.12 -43.84
C LEU A 1508 -37.23 5.28 -42.84
N GLY A 1509 -36.43 6.32 -43.12
CA GLY A 1509 -36.46 7.51 -42.28
C GLY A 1509 -37.78 8.25 -42.35
N GLN A 1510 -38.36 8.35 -43.56
CA GLN A 1510 -39.66 8.99 -43.72
C GLN A 1510 -40.77 8.18 -43.06
N ALA A 1511 -40.64 6.87 -43.00
CA ALA A 1511 -41.60 6.05 -42.27
C ALA A 1511 -41.51 6.29 -40.77
N THR A 1512 -40.30 6.51 -40.26
CA THR A 1512 -40.16 6.80 -38.84
C THR A 1512 -40.65 8.20 -38.50
N VAL A 1513 -40.45 9.17 -39.39
CA VAL A 1513 -40.96 10.52 -39.18
C VAL A 1513 -42.48 10.52 -39.23
N ASP A 1514 -43.06 9.77 -40.18
CA ASP A 1514 -44.51 9.62 -40.25
C ASP A 1514 -45.06 8.88 -39.03
N GLY A 1515 -44.28 7.94 -38.47
CA GLY A 1515 -44.68 7.30 -37.23
C GLY A 1515 -44.68 8.25 -36.06
N LEU A 1516 -43.77 9.22 -36.04
CA LEU A 1516 -43.78 10.22 -34.99
C LEU A 1516 -44.97 11.16 -35.13
N THR A 1517 -45.36 11.48 -36.36
CA THR A 1517 -46.58 12.27 -36.58
C THR A 1517 -47.82 11.49 -36.14
N ARG A 1518 -47.87 10.18 -36.44
CA ARG A 1518 -48.99 9.35 -36.01
C ARG A 1518 -49.05 9.26 -34.50
N TRP A 1519 -47.89 9.18 -33.84
CA TRP A 1519 -47.85 9.11 -32.38
C TRP A 1519 -48.34 10.40 -31.75
N LEU A 1520 -47.98 11.56 -32.34
CA LEU A 1520 -48.45 12.82 -31.78
C LEU A 1520 -49.91 13.08 -32.09
N ARG A 1521 -50.42 12.58 -33.22
CA ARG A 1521 -51.85 12.70 -33.52
C ARG A 1521 -52.69 11.88 -32.53
N ALA A 1522 -52.23 10.67 -32.20
CA ALA A 1522 -52.90 9.93 -31.13
C ALA A 1522 -52.64 10.53 -29.77
N PHE A 1523 -51.56 11.29 -29.62
CA PHE A 1523 -51.25 11.92 -28.34
C PHE A 1523 -52.19 13.08 -28.05
N THR A 1524 -52.68 13.77 -29.08
CA THR A 1524 -53.56 14.93 -28.87
C THR A 1524 -54.86 14.84 -29.68
N LYS A 1525 -55.36 13.63 -29.92
CA LYS A 1525 -56.68 13.48 -30.52
C LYS A 1525 -57.78 13.96 -29.57
N HIS A 1526 -57.54 13.84 -28.27
CA HIS A 1526 -58.50 14.23 -27.23
C HIS A 1526 -58.78 15.74 -27.27
N HIS A 1527 -57.83 16.53 -27.75
CA HIS A 1527 -58.00 17.96 -27.94
C HIS A 1527 -58.38 18.32 -29.37
N ARG A 1528 -57.86 17.54 -30.34
CA ARG A 1528 -58.08 17.83 -31.76
C ARG A 1528 -59.55 17.69 -32.16
N THR A 1529 -60.24 16.70 -31.59
CA THR A 1529 -61.62 16.47 -32.00
C THR A 1529 -62.55 17.57 -31.50
N MET A 1530 -62.39 18.01 -30.26
CA MET A 1530 -63.24 19.09 -29.77
C MET A 1530 -62.85 20.43 -30.37
N SER A 1531 -61.58 20.59 -30.78
CA SER A 1531 -61.21 21.81 -31.48
C SER A 1531 -61.84 21.84 -32.87
N ASP A 1532 -61.97 20.69 -33.53
CA ASP A 1532 -62.59 20.67 -34.84
C ASP A 1532 -64.10 20.88 -34.75
N VAL A 1533 -64.73 20.36 -33.68
CA VAL A 1533 -66.16 20.60 -33.47
C VAL A 1533 -66.43 22.07 -33.21
N LEU A 1534 -65.62 22.68 -32.35
CA LEU A 1534 -65.75 24.11 -32.10
C LEU A 1534 -65.34 24.95 -33.30
N CYS A 1535 -64.50 24.40 -34.19
CA CYS A 1535 -64.16 25.09 -35.43
C CYS A 1535 -65.38 25.20 -36.35
N ALA A 1536 -66.13 24.09 -36.49
CA ALA A 1536 -67.32 24.10 -37.35
C ALA A 1536 -68.39 25.01 -36.78
N GLU A 1537 -68.60 24.96 -35.46
CA GLU A 1537 -69.56 25.85 -34.84
C GLU A 1537 -69.11 27.30 -34.83
N ARG A 1538 -67.80 27.55 -34.88
CA ARG A 1538 -67.33 28.93 -34.99
C ARG A 1538 -67.60 29.49 -36.37
N TYR A 1539 -67.51 28.64 -37.40
CA TYR A 1539 -67.90 29.02 -38.75
C TYR A 1539 -69.37 29.43 -38.80
N LEU A 1540 -70.24 28.62 -38.19
CA LEU A 1540 -71.67 28.94 -38.21
C LEU A 1540 -72.01 30.12 -37.30
N LEU A 1541 -71.27 30.30 -36.20
CA LEU A 1541 -71.53 31.44 -35.34
C LEU A 1541 -71.05 32.75 -35.96
N THR A 1542 -70.00 32.72 -36.79
CA THR A 1542 -69.63 33.92 -37.54
C THR A 1542 -70.67 34.23 -38.60
N GLN A 1543 -71.23 33.21 -39.24
CA GLN A 1543 -72.33 33.44 -40.18
C GLN A 1543 -73.64 33.77 -39.48
N GLU A 1544 -73.72 33.66 -38.15
CA GLU A 1544 -74.83 34.24 -37.42
C GLU A 1544 -74.50 35.63 -36.89
N LEU A 1545 -73.25 35.87 -36.49
CA LEU A 1545 -72.81 37.17 -36.03
C LEU A 1545 -72.64 38.19 -37.14
N LEU A 1546 -72.81 37.77 -38.40
CA LEU A 1546 -72.57 38.67 -39.52
C LEU A 1546 -73.60 39.80 -39.61
N ARG A 1547 -74.80 39.60 -39.07
CA ARG A 1547 -75.79 40.68 -39.10
C ARG A 1547 -76.49 40.92 -37.77
N VAL A 1548 -76.57 39.92 -36.88
CA VAL A 1548 -77.22 40.04 -35.59
C VAL A 1548 -76.28 39.53 -34.51
N GLY A 1549 -76.71 39.67 -33.26
CA GLY A 1549 -75.97 39.06 -32.16
C GLY A 1549 -76.20 37.57 -32.04
N GLU A 1550 -77.42 37.17 -31.67
CA GLU A 1550 -77.80 35.77 -31.55
C GLU A 1550 -79.25 35.62 -31.98
N VAL A 1551 -79.67 34.37 -32.14
CA VAL A 1551 -81.10 34.05 -32.24
C VAL A 1551 -81.30 32.66 -31.65
N ARG A 1552 -81.55 32.62 -30.33
CA ARG A 1552 -81.97 31.42 -29.58
C ARG A 1552 -81.04 30.22 -29.75
N ARG A 1553 -79.75 30.50 -30.05
CA ARG A 1553 -78.75 29.50 -30.45
C ARG A 1553 -79.25 28.60 -31.58
N GLY A 1554 -79.73 29.22 -32.66
CA GLY A 1554 -80.22 28.46 -33.80
C GLY A 1554 -79.10 27.84 -34.63
N VAL A 1555 -77.89 28.41 -34.57
CA VAL A 1555 -76.75 27.80 -35.25
C VAL A 1555 -76.32 26.50 -34.57
N LEU A 1556 -76.64 26.33 -33.29
CA LEU A 1556 -76.39 25.08 -32.60
C LEU A 1556 -77.40 23.99 -32.94
N ASP A 1557 -78.51 24.35 -33.59
CA ASP A 1557 -79.56 23.37 -33.88
C ASP A 1557 -79.20 22.50 -35.07
N GLN A 1558 -78.70 23.10 -36.15
CA GLN A 1558 -78.37 22.38 -37.37
C GLN A 1558 -76.93 21.89 -37.41
N LEU A 1559 -76.09 22.31 -36.46
CA LEU A 1559 -74.68 21.94 -36.50
C LEU A 1559 -74.48 20.49 -36.06
N TYR A 1560 -74.83 20.17 -34.82
CA TYR A 1560 -74.60 18.84 -34.29
C TYR A 1560 -75.60 17.82 -34.82
N VAL A 1561 -76.74 18.25 -35.34
CA VAL A 1561 -77.74 17.30 -35.82
C VAL A 1561 -77.39 16.78 -37.21
N GLY A 1562 -76.97 17.67 -38.12
CA GLY A 1562 -76.62 17.25 -39.47
C GLY A 1562 -75.25 16.58 -39.54
N GLU A 1563 -74.44 16.69 -38.49
CA GLU A 1563 -73.17 15.95 -38.39
C GLU A 1563 -73.04 15.53 -36.93
N ASP A 1564 -73.47 14.31 -36.63
CA ASP A 1564 -73.52 13.81 -35.26
C ASP A 1564 -72.53 12.71 -34.97
N GLU A 1565 -72.10 11.96 -35.99
CA GLU A 1565 -71.10 10.92 -35.78
C GLU A 1565 -69.73 11.52 -35.45
N ALA A 1566 -69.36 12.60 -36.13
CA ALA A 1566 -68.15 13.32 -35.75
C ALA A 1566 -68.33 14.10 -34.46
N THR A 1567 -69.57 14.49 -34.14
CA THR A 1567 -69.88 15.17 -32.90
C THR A 1567 -70.30 14.21 -31.79
N LEU A 1568 -69.94 12.94 -31.91
CA LEU A 1568 -70.22 11.96 -30.86
C LEU A 1568 -69.01 11.68 -29.99
N SER A 1569 -67.81 11.68 -30.58
CA SER A 1569 -66.60 11.44 -29.80
C SER A 1569 -66.24 12.65 -28.96
N GLY A 1570 -66.46 13.85 -29.49
CA GLY A 1570 -66.19 15.08 -28.75
C GLY A 1570 -67.37 15.46 -27.87
N PRO A 1571 -68.55 15.63 -28.47
CA PRO A 1571 -69.73 16.04 -27.73
C PRO A 1571 -70.54 14.82 -27.29
N VAL A 1572 -71.03 14.87 -26.05
CA VAL A 1572 -71.92 13.85 -25.53
C VAL A 1572 -73.29 14.40 -25.16
N GLU A 1573 -73.33 15.48 -24.38
CA GLU A 1573 -74.58 16.07 -23.92
C GLU A 1573 -75.00 17.27 -24.78
N THR A 1574 -74.69 17.23 -26.08
CA THR A 1574 -75.03 18.35 -26.95
C THR A 1574 -76.52 18.36 -27.30
N ARG A 1575 -77.03 17.23 -27.80
CA ARG A 1575 -78.43 17.13 -28.19
C ARG A 1575 -79.38 17.03 -27.00
N ASP A 1576 -78.86 16.76 -25.80
CA ASP A 1576 -79.71 16.72 -24.62
C ASP A 1576 -80.20 18.11 -24.23
N GLY A 1577 -79.43 19.14 -24.54
CA GLY A 1577 -79.82 20.50 -24.22
C GLY A 1577 -80.52 21.21 -25.38
N PRO A 1578 -80.38 20.70 -26.61
CA PRO A 1578 -81.03 21.30 -27.76
C PRO A 1578 -81.33 20.26 -28.83
N HIS A 1655 -72.42 19.74 -45.89
CA HIS A 1655 -72.46 20.32 -44.55
C HIS A 1655 -71.12 20.98 -44.24
N ILE A 1656 -71.14 22.32 -44.21
CA ILE A 1656 -70.00 23.20 -43.96
C ILE A 1656 -68.87 22.88 -44.93
N PRO A 1657 -68.96 23.32 -46.18
CA PRO A 1657 -68.03 22.83 -47.21
C PRO A 1657 -66.65 23.47 -47.16
N GLU A 1658 -66.56 24.72 -46.70
CA GLU A 1658 -65.27 25.44 -46.74
C GLU A 1658 -64.28 24.84 -45.77
N LEU A 1659 -64.76 24.39 -44.60
CA LEU A 1659 -63.90 23.66 -43.68
C LEU A 1659 -63.54 22.28 -44.22
N GLU A 1660 -64.38 21.71 -45.08
CA GLU A 1660 -64.05 20.44 -45.71
C GLU A 1660 -62.86 20.60 -46.65
N GLU A 1661 -62.90 21.60 -47.54
CA GLU A 1661 -61.71 21.78 -48.39
C GLU A 1661 -60.54 22.38 -47.62
N ALA A 1662 -60.80 23.02 -46.48
CA ALA A 1662 -59.70 23.47 -45.62
C ALA A 1662 -58.91 22.28 -45.10
N GLU A 1663 -59.62 21.26 -44.62
CA GLU A 1663 -58.96 20.04 -44.16
C GLU A 1663 -58.33 19.28 -45.32
N ARG A 1664 -58.97 19.31 -46.49
CA ARG A 1664 -58.45 18.59 -47.65
C ARG A 1664 -57.20 19.23 -48.21
N PHE A 1665 -57.01 20.53 -48.02
CA PHE A 1665 -55.80 21.20 -48.50
C PHE A 1665 -54.81 21.53 -47.39
N GLU A 1666 -55.09 21.14 -46.15
CA GLU A 1666 -54.03 21.06 -45.14
C GLU A 1666 -53.60 19.63 -44.88
N ALA A 1667 -54.27 18.65 -45.48
CA ALA A 1667 -53.82 17.27 -45.37
C ALA A 1667 -52.65 16.95 -46.29
N GLN A 1668 -52.28 17.86 -47.19
CA GLN A 1668 -51.20 17.64 -48.13
C GLN A 1668 -50.10 18.70 -47.96
N GLN A 1669 -49.79 19.04 -46.72
CA GLN A 1669 -48.74 20.03 -46.46
C GLN A 1669 -47.35 19.47 -46.68
N GLY A 1670 -47.17 18.16 -46.63
CA GLY A 1670 -45.85 17.57 -46.66
C GLY A 1670 -45.23 17.51 -45.28
N ARG A 1671 -44.21 16.69 -45.16
CA ARG A 1671 -43.57 16.49 -43.87
C ARG A 1671 -42.72 17.70 -43.50
N THR A 1672 -42.36 17.76 -42.21
CA THR A 1672 -41.65 18.85 -41.53
C THR A 1672 -42.38 20.19 -41.57
N LEU A 1673 -43.63 20.20 -41.97
CA LEU A 1673 -44.59 21.26 -41.69
C LEU A 1673 -45.86 20.68 -41.09
N ARG A 1674 -46.27 19.50 -41.56
CA ARG A 1674 -47.31 18.74 -40.89
C ARG A 1674 -46.83 18.23 -39.54
N LEU A 1675 -45.54 17.90 -39.42
CA LEU A 1675 -44.95 17.57 -38.14
C LEU A 1675 -44.91 18.77 -37.21
N LEU A 1676 -44.64 19.95 -37.76
CA LEU A 1676 -44.67 21.17 -36.95
C LEU A 1676 -46.09 21.50 -36.50
N ARG A 1677 -47.08 21.22 -37.35
CA ARG A 1677 -48.47 21.42 -36.97
C ARG A 1677 -48.87 20.48 -35.84
N ALA A 1678 -48.42 19.23 -35.91
CA ALA A 1678 -48.69 18.28 -34.84
C ALA A 1678 -47.98 18.68 -33.56
N GLY A 1679 -46.76 19.21 -33.67
CA GLY A 1679 -46.03 19.65 -32.50
C GLY A 1679 -46.66 20.86 -31.84
N TYR A 1680 -47.16 21.80 -32.63
CA TYR A 1680 -47.82 22.96 -32.04
C TYR A 1680 -49.17 22.59 -31.44
N GLN A 1681 -49.84 21.58 -31.98
CA GLN A 1681 -51.05 21.10 -31.34
C GLN A 1681 -50.75 20.40 -30.02
N CYS A 1682 -49.60 19.72 -29.93
CA CYS A 1682 -49.21 19.11 -28.65
C CYS A 1682 -48.86 20.17 -27.61
N VAL A 1683 -48.16 21.22 -28.04
CA VAL A 1683 -47.83 22.34 -27.14
C VAL A 1683 -49.09 23.05 -26.67
N ALA A 1684 -50.03 23.29 -27.59
CA ALA A 1684 -51.25 23.99 -27.23
C ALA A 1684 -52.17 23.15 -26.36
N ALA A 1685 -52.14 21.83 -26.53
CA ALA A 1685 -52.99 20.97 -25.71
C ALA A 1685 -52.42 20.80 -24.30
N HIS A 1686 -51.21 20.26 -24.21
CA HIS A 1686 -50.60 19.96 -22.91
C HIS A 1686 -49.71 21.13 -22.51
N SER A 1687 -50.35 22.21 -22.05
CA SER A 1687 -49.63 23.42 -21.69
C SER A 1687 -49.52 23.66 -20.19
N GLU A 1688 -50.30 22.96 -19.37
CA GLU A 1688 -50.06 22.95 -17.93
C GLU A 1688 -48.68 22.40 -17.62
N LEU A 1689 -48.34 21.26 -18.24
CA LEU A 1689 -47.02 20.66 -18.06
C LEU A 1689 -45.92 21.54 -18.64
N LEU A 1690 -46.22 22.29 -19.69
CA LEU A 1690 -45.22 23.18 -20.28
C LEU A 1690 -44.94 24.37 -19.37
N CYS A 1691 -46.00 24.94 -18.77
CA CYS A 1691 -45.80 26.00 -17.79
C CYS A 1691 -45.03 25.49 -16.58
N TYR A 1692 -45.32 24.26 -16.14
CA TYR A 1692 -44.56 23.66 -15.06
C TYR A 1692 -43.12 23.40 -15.46
N PHE A 1693 -42.89 23.09 -16.73
CA PHE A 1693 -41.55 22.80 -17.22
C PHE A 1693 -40.66 24.02 -17.16
N ILE A 1694 -41.17 25.19 -17.57
CA ILE A 1694 -40.33 26.39 -17.54
C ILE A 1694 -40.24 26.98 -16.12
N ILE A 1695 -41.29 26.83 -15.29
CA ILE A 1695 -41.20 27.22 -13.87
C ILE A 1695 -40.11 26.40 -13.16
N ILE A 1696 -39.96 25.14 -13.55
CA ILE A 1696 -38.83 24.37 -13.04
C ILE A 1696 -37.52 24.81 -13.69
N LEU A 1697 -37.56 25.13 -14.99
CA LEU A 1697 -36.32 25.27 -15.75
C LEU A 1697 -35.55 26.53 -15.37
N ASN A 1698 -36.25 27.65 -15.21
CA ASN A 1698 -35.55 28.85 -14.77
C ASN A 1698 -35.12 28.77 -13.32
N HIS A 1699 -35.76 27.92 -12.52
CA HIS A 1699 -35.30 27.71 -11.16
C HIS A 1699 -34.13 26.74 -11.11
N MET A 1700 -34.03 25.86 -12.11
CA MET A 1700 -32.82 25.06 -12.25
C MET A 1700 -31.63 25.93 -12.60
N VAL A 1701 -31.85 26.95 -13.43
CA VAL A 1701 -30.75 27.83 -13.81
C VAL A 1701 -30.47 28.85 -12.73
N THR A 1702 -31.46 29.70 -12.42
CA THR A 1702 -31.33 30.64 -11.32
C THR A 1702 -31.59 29.89 -10.02
N ALA A 1703 -30.55 29.68 -9.22
CA ALA A 1703 -30.66 28.91 -7.99
C ALA A 1703 -31.03 29.77 -6.79
N SER A 1704 -31.80 30.83 -7.01
CA SER A 1704 -32.04 31.84 -5.99
C SER A 1704 -33.06 31.38 -4.98
N ALA A 1705 -33.30 32.24 -3.98
CA ALA A 1705 -34.31 32.00 -2.95
C ALA A 1705 -35.65 32.62 -3.30
N ALA A 1706 -35.70 33.50 -4.29
CA ALA A 1706 -36.96 34.05 -4.74
C ALA A 1706 -37.54 33.27 -5.90
N SER A 1707 -36.72 32.52 -6.62
CA SER A 1707 -37.22 31.58 -7.61
C SER A 1707 -37.63 30.25 -7.00
N LEU A 1708 -37.46 30.09 -5.68
CA LEU A 1708 -38.04 28.95 -4.97
C LEU A 1708 -39.54 29.09 -4.79
N VAL A 1709 -40.07 30.30 -4.90
CA VAL A 1709 -41.45 30.57 -4.48
C VAL A 1709 -42.45 29.88 -5.39
N LEU A 1710 -42.15 29.83 -6.68
CA LEU A 1710 -43.06 29.21 -7.63
C LEU A 1710 -43.08 27.68 -7.61
N PRO A 1711 -41.97 26.92 -7.74
CA PRO A 1711 -42.12 25.46 -7.85
C PRO A 1711 -42.54 24.78 -6.56
N VAL A 1712 -42.30 25.39 -5.39
CA VAL A 1712 -42.90 24.90 -4.16
C VAL A 1712 -44.42 24.96 -4.26
N LEU A 1713 -44.94 26.09 -4.72
CA LEU A 1713 -46.37 26.21 -4.91
C LEU A 1713 -46.87 25.37 -6.08
N VAL A 1714 -46.01 25.04 -7.04
CA VAL A 1714 -46.39 24.11 -8.10
C VAL A 1714 -46.64 22.73 -7.50
N PHE A 1715 -45.64 22.18 -6.82
CA PHE A 1715 -45.69 20.82 -6.31
C PHE A 1715 -46.67 20.66 -5.16
N LEU A 1716 -47.04 21.75 -4.48
CA LEU A 1716 -47.95 21.64 -3.35
C LEU A 1716 -49.33 22.23 -3.60
N TRP A 1717 -49.51 23.06 -4.62
CA TRP A 1717 -50.81 23.68 -4.83
C TRP A 1717 -51.25 23.73 -6.28
N ALA A 1718 -50.36 23.58 -7.26
CA ALA A 1718 -50.82 23.47 -8.63
C ALA A 1718 -51.08 22.04 -9.02
N MET A 1719 -50.31 21.11 -8.46
CA MET A 1719 -50.46 19.69 -8.73
C MET A 1719 -51.46 19.01 -7.84
N LEU A 1720 -51.74 19.58 -6.66
CA LEU A 1720 -52.58 18.91 -5.67
C LEU A 1720 -54.03 19.35 -5.70
N THR A 1721 -54.39 20.37 -6.48
CA THR A 1721 -55.80 20.62 -6.75
C THR A 1721 -56.31 19.56 -7.71
N ILE A 1722 -57.37 18.87 -7.31
CA ILE A 1722 -57.71 17.57 -7.90
C ILE A 1722 -58.25 17.68 -9.34
N PRO A 1723 -59.28 18.52 -9.68
CA PRO A 1723 -59.62 18.61 -11.11
C PRO A 1723 -58.55 19.33 -11.94
N ARG A 1724 -58.21 20.55 -11.55
CA ARG A 1724 -57.35 21.46 -12.29
C ARG A 1724 -56.83 22.51 -11.33
N PRO A 1725 -55.75 23.21 -11.68
CA PRO A 1725 -55.41 24.42 -10.93
C PRO A 1725 -56.47 25.50 -11.11
N SER A 1726 -56.64 26.31 -10.07
CA SER A 1726 -57.74 27.25 -10.04
C SER A 1726 -57.41 28.50 -10.83
N LYS A 1727 -58.34 29.46 -10.78
CA LYS A 1727 -58.04 30.83 -11.19
C LYS A 1727 -56.91 31.42 -10.36
N ARG A 1728 -56.88 31.09 -9.06
CA ARG A 1728 -56.07 31.81 -8.10
C ARG A 1728 -54.59 31.51 -8.27
N PHE A 1729 -54.25 30.26 -8.63
CA PHE A 1729 -52.85 29.91 -8.83
C PHE A 1729 -52.26 30.58 -10.05
N TRP A 1730 -52.97 30.53 -11.18
CA TRP A 1730 -52.42 31.09 -12.41
C TRP A 1730 -52.32 32.59 -12.33
N MET A 1731 -53.28 33.25 -11.65
CA MET A 1731 -53.13 34.67 -11.39
C MET A 1731 -51.98 34.96 -10.42
N THR A 1732 -51.74 34.05 -9.47
CA THR A 1732 -50.61 34.23 -8.56
C THR A 1732 -49.28 34.08 -9.29
N ALA A 1733 -49.20 33.09 -10.19
CA ALA A 1733 -47.97 32.86 -10.94
C ALA A 1733 -47.69 34.00 -11.89
N ILE A 1734 -48.72 34.53 -12.55
CA ILE A 1734 -48.55 35.65 -13.47
C ILE A 1734 -48.12 36.90 -12.71
N VAL A 1735 -48.79 37.20 -11.60
CA VAL A 1735 -48.46 38.40 -10.81
C VAL A 1735 -47.07 38.27 -10.20
N PHE A 1736 -46.69 37.08 -9.74
CA PHE A 1736 -45.37 36.95 -9.12
C PHE A 1736 -44.24 36.99 -10.15
N THR A 1737 -44.47 36.48 -11.37
CA THR A 1737 -43.45 36.65 -12.40
C THR A 1737 -43.35 38.09 -12.87
N GLU A 1738 -44.46 38.83 -12.89
CA GLU A 1738 -44.39 40.25 -13.23
C GLU A 1738 -43.65 41.04 -12.16
N VAL A 1739 -43.91 40.75 -10.89
CA VAL A 1739 -43.17 41.37 -9.79
C VAL A 1739 -41.70 41.01 -9.87
N MET A 1740 -41.40 39.76 -10.24
CA MET A 1740 -40.00 39.33 -10.28
C MET A 1740 -39.26 39.97 -11.44
N VAL A 1741 -39.95 40.19 -12.57
CA VAL A 1741 -39.33 40.91 -13.70
C VAL A 1741 -39.01 42.34 -13.30
N VAL A 1742 -39.95 43.02 -12.64
CA VAL A 1742 -39.76 44.41 -12.27
C VAL A 1742 -38.66 44.54 -11.20
N THR A 1743 -38.66 43.66 -10.21
CA THR A 1743 -37.65 43.75 -9.15
C THR A 1743 -36.28 43.29 -9.61
N LYS A 1744 -36.19 42.43 -10.63
CA LYS A 1744 -34.89 42.17 -11.24
C LYS A 1744 -34.51 43.22 -12.26
N TYR A 1745 -35.47 43.97 -12.77
CA TYR A 1745 -35.16 45.12 -13.62
C TYR A 1745 -34.54 46.23 -12.78
N LEU A 1746 -35.11 46.48 -11.60
CA LEU A 1746 -34.42 47.24 -10.58
C LEU A 1746 -33.23 46.43 -10.08
N PHE A 1747 -32.31 47.14 -9.41
CA PHE A 1747 -31.02 46.62 -8.92
C PHE A 1747 -30.13 46.09 -10.04
N GLN A 1748 -30.39 46.51 -11.28
CA GLN A 1748 -29.41 46.51 -12.36
C GLN A 1748 -28.66 47.83 -12.40
N PHE A 1749 -29.00 48.73 -11.48
CA PHE A 1749 -28.40 50.03 -11.37
C PHE A 1749 -27.28 49.98 -10.35
N GLY A 1750 -26.17 50.64 -10.66
CA GLY A 1750 -25.06 50.69 -9.72
C GLY A 1750 -25.20 51.83 -8.74
N PHE A 1751 -26.34 51.88 -8.05
CA PHE A 1751 -26.61 52.99 -7.13
C PHE A 1751 -25.98 52.72 -5.77
N PHE A 1752 -26.39 51.66 -5.15
CA PHE A 1752 -26.11 51.16 -3.82
C PHE A 1752 -24.87 50.28 -3.84
N PRO A 1753 -24.05 50.35 -2.77
CA PRO A 1753 -22.67 49.82 -2.86
C PRO A 1753 -22.57 48.32 -3.00
N TRP A 1754 -23.65 47.56 -2.80
CA TRP A 1754 -23.60 46.13 -3.10
C TRP A 1754 -23.68 45.87 -4.59
N ASN A 1755 -24.09 46.85 -5.38
CA ASN A 1755 -24.15 46.74 -6.83
C ASN A 1755 -22.88 47.22 -7.52
N SER A 1756 -21.89 47.70 -6.77
CA SER A 1756 -20.68 48.24 -7.36
C SER A 1756 -19.78 47.10 -7.85
N TYR A 1757 -18.76 47.47 -8.63
CA TYR A 1757 -18.00 46.50 -9.40
C TYR A 1757 -16.80 45.92 -8.65
N VAL A 1758 -16.21 46.69 -7.75
CA VAL A 1758 -15.06 46.18 -6.99
C VAL A 1758 -15.52 45.14 -5.97
N VAL A 1759 -16.65 45.41 -5.31
CA VAL A 1759 -17.21 44.42 -4.40
C VAL A 1759 -17.86 43.27 -5.17
N LEU A 1760 -18.17 43.49 -6.46
CA LEU A 1760 -18.62 42.39 -7.30
C LEU A 1760 -17.46 41.44 -7.59
N ARG A 1761 -16.26 42.00 -7.77
CA ARG A 1761 -15.06 41.18 -7.91
C ARG A 1761 -14.73 40.48 -6.59
N ARG A 1762 -15.08 41.09 -5.46
CA ARG A 1762 -14.94 40.42 -4.17
C ARG A 1762 -15.90 39.24 -4.05
N TYR A 1763 -17.19 39.47 -4.29
CA TYR A 1763 -18.22 38.44 -4.16
C TYR A 1763 -18.49 37.71 -5.47
N GLU A 1764 -17.49 37.60 -6.34
CA GLU A 1764 -17.64 36.82 -7.56
C GLU A 1764 -17.74 35.33 -7.25
N ASN A 1765 -18.80 34.68 -7.75
CA ASN A 1765 -19.02 33.24 -7.67
C ASN A 1765 -19.05 32.73 -6.24
N LYS A 1766 -19.79 33.44 -5.39
CA LYS A 1766 -19.88 33.11 -3.97
C LYS A 1766 -21.34 33.07 -3.55
N PRO A 1767 -21.92 31.86 -3.28
CA PRO A 1767 -23.33 31.75 -2.87
C PRO A 1767 -23.60 32.08 -1.40
N TYR A 1768 -23.02 33.19 -0.94
CA TYR A 1768 -23.30 33.75 0.37
C TYR A 1768 -23.79 35.18 0.29
N PHE A 1769 -23.55 35.86 -0.83
CA PHE A 1769 -23.98 37.23 -1.04
C PHE A 1769 -25.50 37.26 -1.17
N PRO A 1770 -26.21 37.98 -0.30
CA PRO A 1770 -27.68 37.78 -0.17
C PRO A 1770 -28.49 38.27 -1.36
N PRO A 1771 -28.05 39.26 -2.16
CA PRO A 1771 -28.70 39.42 -3.48
C PRO A 1771 -28.46 38.25 -4.44
N ARG A 1772 -27.28 37.61 -4.40
CA ARG A 1772 -27.08 36.41 -5.21
C ARG A 1772 -27.89 35.24 -4.67
N ILE A 1773 -28.13 35.21 -3.36
CA ILE A 1773 -29.01 34.21 -2.78
C ILE A 1773 -30.45 34.50 -3.14
N LEU A 1774 -30.84 35.77 -3.22
CA LEU A 1774 -32.22 36.10 -3.51
C LEU A 1774 -32.47 36.36 -4.99
N GLY A 1775 -31.41 36.50 -5.80
CA GLY A 1775 -31.60 36.64 -7.23
C GLY A 1775 -31.60 38.06 -7.72
N LEU A 1776 -30.58 38.83 -7.35
CA LEU A 1776 -30.41 40.21 -7.80
C LEU A 1776 -29.03 40.39 -8.41
N GLU A 1777 -28.64 39.48 -9.30
CA GLU A 1777 -27.33 39.57 -9.93
C GLU A 1777 -27.36 40.55 -11.08
N LYS A 1778 -26.32 41.38 -11.19
CA LYS A 1778 -26.17 42.33 -12.29
C LYS A 1778 -25.48 41.71 -13.49
N THR A 1779 -26.00 40.58 -13.97
CA THR A 1779 -25.46 39.99 -15.19
C THR A 1779 -26.26 40.50 -16.39
N ASP A 1780 -25.65 40.38 -17.57
CA ASP A 1780 -26.29 40.88 -18.79
C ASP A 1780 -27.53 40.07 -19.13
N SER A 1781 -27.42 38.74 -19.05
CA SER A 1781 -28.59 37.86 -19.17
C SER A 1781 -29.20 37.68 -17.78
N TYR A 1782 -29.82 38.76 -17.29
CA TYR A 1782 -30.43 38.69 -15.97
C TYR A 1782 -31.79 38.02 -16.02
N ILE A 1783 -32.56 38.26 -17.09
CA ILE A 1783 -33.72 37.43 -17.39
C ILE A 1783 -33.19 36.15 -18.03
N LYS A 1784 -33.16 35.08 -17.26
CA LYS A 1784 -32.69 33.81 -17.81
C LYS A 1784 -33.77 33.18 -18.68
N TYR A 1785 -34.90 32.81 -18.06
CA TYR A 1785 -36.02 32.23 -18.78
C TYR A 1785 -37.34 32.84 -18.31
N ASP A 1786 -37.30 34.06 -17.75
CA ASP A 1786 -38.51 34.68 -17.23
C ASP A 1786 -39.34 35.27 -18.36
N LEU A 1787 -38.70 35.60 -19.48
CA LEU A 1787 -39.41 36.01 -20.69
C LEU A 1787 -40.21 34.83 -21.26
N VAL A 1788 -39.56 33.66 -21.33
CA VAL A 1788 -40.21 32.43 -21.77
C VAL A 1788 -41.29 32.03 -20.77
N GLN A 1789 -41.08 32.31 -19.50
CA GLN A 1789 -42.06 31.96 -18.48
C GLN A 1789 -43.30 32.85 -18.59
N LEU A 1790 -43.13 34.13 -18.88
CA LEU A 1790 -44.27 35.02 -19.08
C LEU A 1790 -45.07 34.66 -20.32
N MET A 1791 -44.39 34.32 -21.43
CA MET A 1791 -45.16 33.94 -22.61
C MET A 1791 -45.87 32.61 -22.41
N ALA A 1792 -45.30 31.73 -21.58
CA ALA A 1792 -45.95 30.44 -21.31
C ALA A 1792 -47.17 30.62 -20.43
N LEU A 1793 -47.06 31.45 -19.38
CA LEU A 1793 -48.18 31.69 -18.48
C LEU A 1793 -49.32 32.42 -19.17
N PHE A 1794 -49.01 33.42 -20.00
CA PHE A 1794 -50.09 34.13 -20.67
C PHE A 1794 -50.69 33.33 -21.81
N PHE A 1795 -49.92 32.46 -22.47
CA PHE A 1795 -50.51 31.61 -23.50
C PHE A 1795 -51.46 30.59 -22.87
N HIS A 1796 -51.10 30.06 -21.70
CA HIS A 1796 -51.99 29.13 -21.04
C HIS A 1796 -53.21 29.84 -20.46
N ARG A 1797 -53.05 31.09 -20.02
CA ARG A 1797 -54.20 31.90 -19.65
C ARG A 1797 -55.11 32.14 -20.85
N SER A 1798 -54.53 32.34 -22.03
CA SER A 1798 -55.33 32.56 -23.22
C SER A 1798 -56.10 31.32 -23.64
N GLN A 1799 -55.53 30.12 -23.41
CA GLN A 1799 -56.26 28.90 -23.69
C GLN A 1799 -57.40 28.70 -22.71
N LEU A 1800 -57.15 28.89 -21.42
CA LEU A 1800 -58.21 28.74 -20.42
C LEU A 1800 -59.23 29.87 -20.49
N LEU A 1801 -58.88 31.03 -21.02
CA LEU A 1801 -59.88 32.06 -21.33
C LEU A 1801 -60.64 31.74 -22.60
N CYS A 1802 -60.00 31.04 -23.54
CA CYS A 1802 -60.70 30.61 -24.74
C CYS A 1802 -61.78 29.59 -24.41
N TYR A 1803 -61.56 28.78 -23.39
CA TYR A 1803 -62.59 27.88 -22.90
C TYR A 1803 -63.20 28.47 -21.62
N GLY A 1804 -64.06 27.69 -20.97
CA GLY A 1804 -64.80 28.21 -19.84
C GLY A 1804 -64.20 27.92 -18.47
N LEU A 1805 -63.03 28.49 -18.16
CA LEU A 1805 -62.31 28.07 -16.98
C LEU A 1805 -62.05 29.14 -15.94
N TRP A 1806 -62.34 30.41 -16.22
CA TRP A 1806 -62.07 31.47 -15.27
C TRP A 1806 -63.35 31.80 -14.50
N ASP A 1807 -63.73 30.86 -13.65
CA ASP A 1807 -64.94 30.97 -12.85
C ASP A 1807 -64.74 31.97 -11.73
N GLN A 1952 -56.12 30.21 13.68
CA GLN A 1952 -56.98 29.16 14.22
C GLN A 1952 -58.36 29.20 13.59
N SER A 1953 -58.66 30.29 12.88
CA SER A 1953 -59.99 30.50 12.32
C SER A 1953 -60.01 30.90 10.85
N PHE A 1954 -58.89 31.32 10.28
CA PHE A 1954 -58.84 31.68 8.87
C PHE A 1954 -58.16 30.61 8.01
N TYR A 1955 -57.17 29.91 8.55
CA TYR A 1955 -56.55 28.82 7.81
C TYR A 1955 -57.45 27.61 7.70
N GLN A 1956 -58.39 27.45 8.64
CA GLN A 1956 -59.22 26.25 8.65
C GLN A 1956 -60.24 26.16 7.52
N PRO A 1957 -61.05 27.20 7.19
CA PRO A 1957 -62.01 27.01 6.09
C PRO A 1957 -61.38 26.93 4.70
N LEU A 1958 -60.09 27.19 4.57
CA LEU A 1958 -59.40 26.92 3.31
C LEU A 1958 -58.78 25.53 3.30
N GLN A 1959 -58.06 25.17 4.35
CA GLN A 1959 -57.28 23.92 4.31
C GLN A 1959 -58.12 22.70 4.59
N ARG A 1960 -59.14 22.80 5.46
CA ARG A 1960 -60.04 21.68 5.66
C ARG A 1960 -60.83 21.39 4.39
N PHE A 1961 -61.19 22.43 3.64
CA PHE A 1961 -61.84 22.23 2.36
C PHE A 1961 -60.85 21.76 1.30
N PHE A 1962 -59.56 22.12 1.45
CA PHE A 1962 -58.52 21.65 0.54
C PHE A 1962 -58.34 20.14 0.65
N HIS A 1963 -58.22 19.64 1.87
CA HIS A 1963 -58.19 18.19 2.07
C HIS A 1963 -59.54 17.54 1.79
N ASP A 1964 -60.63 18.30 1.92
CA ASP A 1964 -61.95 17.76 1.55
C ASP A 1964 -62.04 17.54 0.05
N ILE A 1965 -61.35 18.36 -0.74
CA ILE A 1965 -61.19 18.07 -2.16
C ILE A 1965 -60.29 16.86 -2.34
N LEU A 1966 -59.26 16.74 -1.50
CA LEU A 1966 -58.27 15.67 -1.65
C LEU A 1966 -58.80 14.29 -1.26
N HIS A 1967 -59.92 14.20 -0.54
CA HIS A 1967 -60.29 12.91 0.01
C HIS A 1967 -61.76 12.54 -0.18
N THR A 1968 -62.49 13.21 -1.07
CA THR A 1968 -63.89 12.86 -1.30
C THR A 1968 -64.29 12.72 -2.76
N LYS A 1969 -63.51 13.25 -3.70
CA LYS A 1969 -63.85 13.09 -5.10
C LYS A 1969 -63.61 11.65 -5.56
N TYR A 1970 -64.50 11.16 -6.42
CA TYR A 1970 -64.29 9.91 -7.13
C TYR A 1970 -63.74 10.26 -8.50
N ARG A 1971 -62.44 10.04 -8.70
CA ARG A 1971 -61.72 10.67 -9.80
C ARG A 1971 -61.20 9.69 -10.83
N ALA A 1972 -60.38 8.71 -10.45
CA ALA A 1972 -59.67 7.85 -11.40
C ALA A 1972 -59.01 6.72 -10.62
N ALA A 1973 -58.25 5.88 -11.33
CA ALA A 1973 -57.52 4.79 -10.71
C ALA A 1973 -56.31 4.48 -11.58
N THR A 1974 -55.14 5.00 -11.18
CA THR A 1974 -53.90 4.78 -11.91
C THR A 1974 -52.81 4.33 -10.95
N ASP A 1975 -51.79 3.71 -11.52
CA ASP A 1975 -50.62 3.24 -10.76
C ASP A 1975 -49.38 3.76 -11.46
N VAL A 1976 -48.69 4.69 -10.82
CA VAL A 1976 -47.55 5.36 -11.43
C VAL A 1976 -46.26 4.98 -10.68
N TYR A 1977 -46.30 3.88 -9.91
CA TYR A 1977 -45.17 3.60 -9.03
C TYR A 1977 -43.98 3.04 -9.80
N ALA A 1978 -44.22 2.38 -10.92
CA ALA A 1978 -43.12 1.93 -11.77
C ALA A 1978 -42.32 3.11 -12.31
N LEU A 1979 -43.01 4.17 -12.69
CA LEU A 1979 -42.32 5.35 -13.22
C LEU A 1979 -41.67 6.16 -12.10
N MET A 1980 -42.29 6.21 -10.92
CA MET A 1980 -41.66 6.85 -9.77
C MET A 1980 -40.37 6.14 -9.40
N PHE A 1981 -40.36 4.82 -9.47
CA PHE A 1981 -39.17 4.09 -9.07
C PHE A 1981 -38.10 4.13 -10.15
N LEU A 1982 -38.49 4.28 -11.42
CA LEU A 1982 -37.50 4.54 -12.46
C LEU A 1982 -36.80 5.87 -12.23
N ALA A 1983 -37.57 6.90 -11.87
CA ALA A 1983 -36.97 8.20 -11.57
C ALA A 1983 -36.08 8.16 -10.34
N ASP A 1984 -36.40 7.28 -9.39
CA ASP A 1984 -35.53 7.16 -8.22
C ASP A 1984 -34.23 6.44 -8.54
N ILE A 1985 -34.28 5.44 -9.42
CA ILE A 1985 -33.04 4.78 -9.85
C ILE A 1985 -32.17 5.73 -10.65
N VAL A 1986 -32.79 6.54 -11.53
CA VAL A 1986 -32.04 7.52 -12.31
C VAL A 1986 -31.45 8.60 -11.40
N ASP A 1987 -32.11 8.90 -10.28
CA ASP A 1987 -31.50 9.72 -9.25
C ASP A 1987 -30.24 9.07 -8.67
N ILE A 1988 -30.29 7.76 -8.42
CA ILE A 1988 -29.13 7.07 -7.87
C ILE A 1988 -27.99 7.03 -8.88
N ILE A 1989 -28.32 6.82 -10.15
CA ILE A 1989 -27.32 6.79 -11.22
C ILE A 1989 -26.64 8.15 -11.35
N ILE A 1990 -27.42 9.24 -11.25
CA ILE A 1990 -26.87 10.58 -11.37
C ILE A 1990 -26.01 10.93 -10.15
N ILE A 1991 -26.40 10.48 -8.96
CA ILE A 1991 -25.62 10.75 -7.77
C ILE A 1991 -24.29 9.99 -7.79
N ILE A 1992 -24.30 8.74 -8.24
CA ILE A 1992 -23.05 7.99 -8.39
C ILE A 1992 -22.19 8.58 -9.52
N PHE A 1993 -22.82 9.14 -10.55
CA PHE A 1993 -22.06 9.95 -11.50
C PHE A 1993 -21.60 11.26 -10.88
N GLY A 1994 -22.25 11.73 -9.82
CA GLY A 1994 -21.82 12.94 -9.13
C GLY A 1994 -20.63 12.73 -8.24
N PHE A 1995 -20.34 11.49 -7.86
CA PHE A 1995 -19.06 11.21 -7.21
C PHE A 1995 -17.89 11.24 -8.19
N TRP A 1996 -18.15 11.24 -9.49
CA TRP A 1996 -17.13 11.46 -10.52
C TRP A 1996 -16.91 12.97 -10.67
N ALA A 1997 -16.28 13.54 -9.65
CA ALA A 1997 -16.07 14.99 -9.57
C ALA A 1997 -14.84 15.32 -8.74
N GLN A 2015 -15.41 20.23 -0.76
CA GLN A 2015 -16.21 19.66 0.32
C GLN A 2015 -17.53 19.13 -0.22
N VAL A 2016 -17.64 19.10 -1.54
CA VAL A 2016 -18.87 18.68 -2.23
C VAL A 2016 -19.18 17.17 -2.23
N PRO A 2017 -18.24 16.19 -2.30
CA PRO A 2017 -18.71 14.79 -2.36
C PRO A 2017 -19.21 14.25 -1.04
N GLN A 2018 -19.02 14.96 0.07
CA GLN A 2018 -19.64 14.59 1.34
C GLN A 2018 -21.09 15.02 1.42
N ALA A 2019 -21.61 15.72 0.41
CA ALA A 2019 -23.02 16.07 0.36
C ALA A 2019 -23.82 15.08 -0.46
N PHE A 2020 -23.18 14.43 -1.45
CA PHE A 2020 -23.84 13.38 -2.22
C PHE A 2020 -24.09 12.13 -1.38
N LEU A 2021 -23.33 11.95 -0.30
CA LEU A 2021 -23.54 10.84 0.61
C LEU A 2021 -24.87 10.98 1.35
N PHE A 2022 -25.13 12.17 1.89
CA PHE A 2022 -26.41 12.41 2.56
C PHE A 2022 -27.57 12.36 1.59
N MET A 2023 -27.31 12.69 0.32
CA MET A 2023 -28.30 12.45 -0.74
C MET A 2023 -28.62 10.96 -0.86
N LEU A 2024 -27.61 10.10 -0.77
CA LEU A 2024 -27.87 8.66 -0.89
C LEU A 2024 -28.65 8.12 0.29
N LEU A 2025 -28.37 8.60 1.50
CA LEU A 2025 -29.15 8.15 2.65
C LEU A 2025 -30.60 8.60 2.54
N VAL A 2026 -30.83 9.82 2.08
CA VAL A 2026 -32.21 10.28 2.00
C VAL A 2026 -32.92 9.61 0.82
N GLN A 2027 -32.19 9.28 -0.27
CA GLN A 2027 -32.82 8.55 -1.37
C GLN A 2027 -33.23 7.15 -0.96
N PHE A 2028 -32.39 6.47 -0.17
CA PHE A 2028 -32.77 5.15 0.31
C PHE A 2028 -33.92 5.24 1.30
N GLY A 2029 -33.91 6.28 2.13
CA GLY A 2029 -35.02 6.47 3.06
C GLY A 2029 -36.33 6.78 2.35
N THR A 2030 -36.28 7.56 1.28
CA THR A 2030 -37.51 7.87 0.54
C THR A 2030 -38.01 6.65 -0.22
N MET A 2031 -37.11 5.83 -0.77
CA MET A 2031 -37.56 4.61 -1.44
C MET A 2031 -38.23 3.65 -0.48
N VAL A 2032 -37.69 3.55 0.74
CA VAL A 2032 -38.28 2.67 1.75
C VAL A 2032 -39.66 3.17 2.17
N ILE A 2033 -39.79 4.48 2.41
CA ILE A 2033 -41.08 5.01 2.78
C ILE A 2033 -42.06 4.97 1.59
N ASP A 2034 -41.54 4.98 0.35
CA ASP A 2034 -42.42 4.86 -0.81
C ASP A 2034 -43.06 3.49 -0.91
N ARG A 2035 -42.29 2.42 -0.71
CA ARG A 2035 -42.93 1.10 -0.69
C ARG A 2035 -43.86 0.93 0.49
N ALA A 2036 -43.57 1.60 1.61
CA ALA A 2036 -44.48 1.57 2.75
C ALA A 2036 -45.82 2.20 2.41
N LEU A 2037 -45.80 3.40 1.85
CA LEU A 2037 -47.05 4.09 1.54
C LEU A 2037 -47.74 3.49 0.33
N TYR A 2038 -46.99 2.90 -0.59
CA TYR A 2038 -47.61 2.25 -1.75
C TYR A 2038 -48.31 0.97 -1.35
N LEU A 2039 -47.66 0.14 -0.54
CA LEU A 2039 -48.29 -1.12 -0.15
C LEU A 2039 -49.40 -0.92 0.86
N ARG A 2040 -49.38 0.15 1.64
CA ARG A 2040 -50.45 0.39 2.59
C ARG A 2040 -51.50 1.35 2.08
N LYS A 2041 -51.34 1.87 0.86
CA LYS A 2041 -52.34 2.67 0.14
C LYS A 2041 -52.73 3.96 0.87
N THR A 2042 -51.89 4.44 1.78
CA THR A 2042 -52.25 5.57 2.63
C THR A 2042 -52.06 6.87 1.87
N VAL A 2043 -53.16 7.48 1.46
CA VAL A 2043 -53.11 8.74 0.74
C VAL A 2043 -52.66 9.86 1.69
N LEU A 2044 -53.17 9.85 2.93
CA LEU A 2044 -52.81 10.84 3.94
C LEU A 2044 -51.31 10.85 4.22
N GLY A 2045 -50.72 9.66 4.37
CA GLY A 2045 -49.29 9.57 4.58
C GLY A 2045 -48.50 10.02 3.37
N LYS A 2046 -49.05 9.82 2.17
CA LYS A 2046 -48.34 10.23 0.98
C LYS A 2046 -48.42 11.74 0.77
N LEU A 2047 -49.53 12.35 1.19
CA LEU A 2047 -49.60 13.81 1.27
C LEU A 2047 -48.51 14.38 2.17
N ALA A 2048 -48.43 13.87 3.40
CA ALA A 2048 -47.44 14.39 4.34
C ALA A 2048 -46.02 14.11 3.89
N PHE A 2049 -45.81 12.99 3.20
CA PHE A 2049 -44.48 12.65 2.73
C PHE A 2049 -44.07 13.53 1.57
N GLN A 2050 -44.99 13.85 0.66
CA GLN A 2050 -44.63 14.73 -0.44
C GLN A 2050 -44.44 16.17 0.05
N VAL A 2051 -45.25 16.59 1.03
CA VAL A 2051 -45.09 17.94 1.59
C VAL A 2051 -43.74 18.08 2.27
N VAL A 2052 -43.34 17.07 3.05
CA VAL A 2052 -42.06 17.19 3.74
C VAL A 2052 -40.91 17.03 2.74
N LEU A 2053 -41.11 16.31 1.63
CA LEU A 2053 -40.02 16.21 0.67
C LEU A 2053 -39.84 17.46 -0.15
N VAL A 2054 -40.94 18.08 -0.60
CA VAL A 2054 -40.85 19.32 -1.37
C VAL A 2054 -40.16 20.40 -0.56
N VAL A 2055 -40.57 20.54 0.71
CA VAL A 2055 -40.01 21.56 1.59
C VAL A 2055 -38.55 21.26 1.90
N ALA A 2056 -38.24 20.03 2.32
CA ALA A 2056 -36.89 19.75 2.79
C ALA A 2056 -35.87 19.70 1.67
N ILE A 2057 -36.25 19.21 0.48
CA ILE A 2057 -35.28 19.15 -0.60
C ILE A 2057 -35.04 20.54 -1.18
N HIS A 2058 -36.10 21.35 -1.31
CA HIS A 2058 -35.91 22.70 -1.80
C HIS A 2058 -35.19 23.59 -0.80
N ILE A 2059 -35.25 23.27 0.48
CA ILE A 2059 -34.39 23.95 1.44
C ILE A 2059 -32.96 23.44 1.32
N TRP A 2060 -32.77 22.12 1.42
CA TRP A 2060 -31.44 21.56 1.59
C TRP A 2060 -30.57 21.74 0.35
N MET A 2061 -31.16 21.80 -0.83
CA MET A 2061 -30.35 22.01 -2.01
C MET A 2061 -29.91 23.46 -2.13
N PHE A 2062 -30.87 24.37 -2.11
CA PHE A 2062 -30.58 25.74 -2.53
C PHE A 2062 -30.10 26.62 -1.38
N PHE A 2063 -30.67 26.45 -0.18
CA PHE A 2063 -30.21 27.25 0.94
C PHE A 2063 -28.85 26.81 1.47
N ILE A 2064 -28.46 25.57 1.22
CA ILE A 2064 -27.26 25.00 1.80
C ILE A 2064 -26.18 24.77 0.75
N LEU A 2065 -26.51 24.05 -0.32
CA LEU A 2065 -25.53 23.78 -1.35
C LEU A 2065 -25.55 24.89 -2.41
N GLN A 2075 -24.62 26.86 -11.21
CA GLN A 2075 -24.03 25.97 -10.22
C GLN A 2075 -23.64 24.62 -10.84
N ASN A 2076 -23.65 23.54 -10.05
CA ASN A 2076 -23.16 22.25 -10.53
C ASN A 2076 -24.20 21.60 -11.44
N ALA A 2077 -23.74 21.13 -12.61
CA ALA A 2077 -24.65 20.60 -13.62
C ALA A 2077 -25.25 19.27 -13.19
N VAL A 2078 -24.50 18.44 -12.47
CA VAL A 2078 -25.04 17.16 -12.05
C VAL A 2078 -26.04 17.36 -10.90
N ALA A 2079 -25.90 18.43 -10.13
CA ALA A 2079 -26.89 18.72 -9.10
C ALA A 2079 -28.18 19.24 -9.73
N GLN A 2080 -28.05 20.01 -10.82
CA GLN A 2080 -29.22 20.46 -11.55
C GLN A 2080 -29.93 19.28 -12.23
N LEU A 2081 -29.16 18.31 -12.72
CA LEU A 2081 -29.76 17.18 -13.41
C LEU A 2081 -30.41 16.20 -12.43
N TRP A 2082 -29.83 16.05 -11.25
CA TRP A 2082 -30.50 15.31 -10.18
C TRP A 2082 -31.78 16.02 -9.75
N TYR A 2083 -31.77 17.34 -9.75
CA TYR A 2083 -32.99 18.07 -9.40
C TYR A 2083 -34.07 17.92 -10.46
N PHE A 2084 -33.68 17.82 -11.73
CA PHE A 2084 -34.67 17.67 -12.79
C PHE A 2084 -35.34 16.30 -12.73
N VAL A 2085 -34.58 15.25 -12.42
CA VAL A 2085 -35.19 13.93 -12.30
C VAL A 2085 -36.03 13.85 -11.04
N LYS A 2086 -35.58 14.49 -9.96
CA LYS A 2086 -36.36 14.49 -8.72
C LYS A 2086 -37.65 15.29 -8.85
N CYS A 2087 -37.66 16.36 -9.64
CA CYS A 2087 -38.91 17.10 -9.76
C CYS A 2087 -39.88 16.43 -10.72
N ILE A 2088 -39.37 15.65 -11.69
CA ILE A 2088 -40.22 14.69 -12.40
C ILE A 2088 -40.87 13.73 -11.43
N TYR A 2089 -40.10 13.26 -10.46
CA TYR A 2089 -40.61 12.36 -9.43
C TYR A 2089 -41.67 13.03 -8.55
N PHE A 2090 -41.53 14.34 -8.28
CA PHE A 2090 -42.58 15.02 -7.53
C PHE A 2090 -43.86 15.16 -8.34
N ALA A 2091 -43.72 15.36 -9.65
CA ALA A 2091 -44.89 15.44 -10.51
C ALA A 2091 -45.64 14.12 -10.55
N LEU A 2092 -44.91 13.01 -10.56
CA LEU A 2092 -45.56 11.70 -10.60
C LEU A 2092 -46.18 11.34 -9.25
N SER A 2093 -45.51 11.71 -8.15
CA SER A 2093 -46.08 11.42 -6.83
C SER A 2093 -47.32 12.26 -6.55
N ALA A 2094 -47.37 13.50 -7.05
CA ALA A 2094 -48.61 14.27 -6.94
C ALA A 2094 -49.68 13.74 -7.87
N TYR A 2095 -49.28 13.18 -9.02
CA TYR A 2095 -50.27 12.57 -9.90
C TYR A 2095 -50.80 11.27 -9.34
N GLN A 2096 -50.13 10.68 -8.34
CA GLN A 2096 -50.70 9.57 -7.60
C GLN A 2096 -51.37 10.03 -6.30
N ILE A 2097 -51.13 11.28 -5.87
CA ILE A 2097 -52.00 11.89 -4.86
C ILE A 2097 -53.41 12.04 -5.42
N ARG A 2098 -53.53 12.67 -6.58
CA ARG A 2098 -54.78 12.58 -7.31
C ARG A 2098 -54.83 11.24 -8.04
N CYS A 2099 -55.95 10.96 -8.71
CA CYS A 2099 -56.23 9.73 -9.44
C CYS A 2099 -56.18 8.47 -8.58
N GLY A 2100 -56.12 8.59 -7.25
CA GLY A 2100 -56.17 7.55 -6.24
C GLY A 2100 -55.22 6.36 -6.39
N TYR A 2101 -55.48 5.37 -5.55
CA TYR A 2101 -54.86 4.05 -5.65
C TYR A 2101 -55.88 3.03 -6.14
N PRO A 2102 -55.50 2.16 -7.06
CA PRO A 2102 -56.38 1.06 -7.45
C PRO A 2102 -56.50 0.05 -6.31
N THR A 2103 -57.59 -0.71 -6.36
CA THR A 2103 -57.84 -1.72 -5.34
C THR A 2103 -57.21 -3.06 -5.67
N ARG A 2104 -56.21 -3.08 -6.56
CA ARG A 2104 -55.46 -4.30 -6.86
C ARG A 2104 -54.04 -3.87 -7.20
N ILE A 2105 -53.16 -3.94 -6.19
CA ILE A 2105 -51.76 -3.56 -6.38
C ILE A 2105 -51.06 -4.51 -7.36
N LEU A 2106 -51.30 -5.81 -7.21
CA LEU A 2106 -50.88 -6.87 -8.12
C LEU A 2106 -49.35 -6.90 -8.27
N GLY A 2107 -48.71 -7.28 -7.17
CA GLY A 2107 -47.37 -7.85 -7.14
C GLY A 2107 -46.27 -7.19 -7.94
N ASN A 2108 -45.77 -7.89 -8.96
CA ASN A 2108 -44.68 -7.38 -9.78
C ASN A 2108 -45.22 -6.80 -11.07
N PHE A 2109 -44.51 -5.79 -11.57
CA PHE A 2109 -44.94 -5.12 -12.79
C PHE A 2109 -44.39 -5.77 -14.04
N LEU A 2110 -43.34 -6.57 -13.93
CA LEU A 2110 -42.82 -7.28 -15.08
C LEU A 2110 -43.49 -8.63 -15.29
N THR A 2111 -44.20 -9.14 -14.30
CA THR A 2111 -44.87 -10.43 -14.44
C THR A 2111 -46.30 -10.28 -14.94
N LYS A 2112 -46.46 -9.55 -16.05
CA LYS A 2112 -47.79 -9.32 -16.62
C LYS A 2112 -47.92 -9.86 -18.03
N LYS A 2113 -46.95 -9.57 -18.90
CA LYS A 2113 -47.15 -9.77 -20.33
C LYS A 2113 -46.55 -11.07 -20.86
N TYR A 2114 -45.59 -11.66 -20.13
CA TYR A 2114 -44.92 -12.91 -20.49
C TYR A 2114 -44.24 -12.83 -21.86
N ASN A 2115 -43.64 -11.69 -22.17
CA ASN A 2115 -43.04 -11.51 -23.47
C ASN A 2115 -41.59 -11.96 -23.47
N HIS A 2116 -40.95 -11.83 -24.63
CA HIS A 2116 -39.54 -12.09 -24.79
C HIS A 2116 -38.71 -11.01 -24.10
N LEU A 2117 -38.96 -9.76 -24.45
CA LEU A 2117 -38.26 -8.64 -23.83
C LEU A 2117 -38.65 -8.49 -22.37
N ASN A 2118 -39.85 -8.92 -22.01
CA ASN A 2118 -40.28 -8.88 -20.62
C ASN A 2118 -39.46 -9.84 -19.77
N LEU A 2119 -39.09 -10.99 -20.35
CA LEU A 2119 -38.22 -11.94 -19.68
C LEU A 2119 -36.83 -11.35 -19.46
N PHE A 2120 -36.28 -10.71 -20.48
CA PHE A 2120 -34.93 -10.18 -20.33
C PHE A 2120 -34.88 -8.98 -19.40
N LEU A 2121 -35.98 -8.23 -19.30
CA LEU A 2121 -36.02 -7.18 -18.28
C LEU A 2121 -36.13 -7.76 -16.89
N PHE A 2122 -36.80 -8.91 -16.73
CA PHE A 2122 -36.92 -9.50 -15.41
C PHE A 2122 -35.58 -10.06 -14.92
N GLN A 2123 -34.87 -10.76 -15.80
CA GLN A 2123 -33.55 -11.27 -15.42
C GLN A 2123 -32.55 -10.13 -15.22
N GLY A 2124 -32.64 -9.08 -16.03
CA GLY A 2124 -31.80 -7.92 -15.83
C GLY A 2124 -32.14 -7.17 -14.55
N PHE A 2125 -33.39 -7.26 -14.11
CA PHE A 2125 -33.75 -6.73 -12.79
C PHE A 2125 -33.09 -7.53 -11.69
N ARG A 2126 -32.99 -8.84 -11.85
CA ARG A 2126 -32.38 -9.63 -10.79
C ARG A 2126 -30.87 -9.60 -10.82
N LEU A 2127 -30.26 -9.09 -11.90
CA LEU A 2127 -28.80 -8.95 -11.94
C LEU A 2127 -28.30 -7.81 -11.07
N VAL A 2128 -29.12 -6.80 -10.82
CA VAL A 2128 -28.79 -5.74 -9.86
C VAL A 2128 -28.64 -6.38 -8.49
N PRO A 2129 -27.57 -6.07 -7.72
CA PRO A 2129 -27.29 -6.79 -6.46
C PRO A 2129 -28.39 -6.76 -5.40
N PHE A 2130 -28.81 -5.58 -4.95
CA PHE A 2130 -29.62 -5.51 -3.74
C PHE A 2130 -31.04 -5.00 -3.99
N LEU A 2131 -31.66 -5.41 -5.10
CA LEU A 2131 -33.06 -5.08 -5.32
C LEU A 2131 -34.02 -6.21 -4.99
N VAL A 2132 -33.69 -7.45 -5.33
CA VAL A 2132 -34.60 -8.56 -5.14
C VAL A 2132 -34.75 -8.87 -3.65
N GLU A 2133 -33.65 -8.74 -2.91
CA GLU A 2133 -33.68 -8.85 -1.45
C GLU A 2133 -34.63 -7.84 -0.84
N LEU A 2134 -34.44 -6.56 -1.17
CA LEU A 2134 -35.23 -5.50 -0.58
C LEU A 2134 -36.69 -5.56 -1.04
N ARG A 2135 -36.92 -5.94 -2.29
CA ARG A 2135 -38.30 -6.08 -2.76
C ARG A 2135 -39.01 -7.16 -1.98
N ALA A 2136 -38.36 -8.30 -1.77
CA ALA A 2136 -39.00 -9.41 -1.08
C ALA A 2136 -39.20 -9.11 0.40
N VAL A 2137 -38.21 -8.50 1.06
CA VAL A 2137 -38.34 -8.21 2.49
C VAL A 2137 -39.39 -7.14 2.73
N MET A 2138 -39.34 -6.04 1.99
CA MET A 2138 -40.27 -4.94 2.25
C MET A 2138 -41.68 -5.29 1.85
N ASP A 2139 -41.85 -6.11 0.81
CA ASP A 2139 -43.19 -6.58 0.50
C ASP A 2139 -43.72 -7.48 1.59
N TRP A 2140 -42.84 -8.20 2.29
CA TRP A 2140 -43.28 -8.99 3.43
C TRP A 2140 -43.67 -8.12 4.59
N VAL A 2141 -42.89 -7.08 4.87
CA VAL A 2141 -43.13 -6.28 6.07
C VAL A 2141 -44.40 -5.46 5.92
N TRP A 2142 -44.60 -4.86 4.75
CA TRP A 2142 -45.70 -3.91 4.62
C TRP A 2142 -46.99 -4.53 4.14
N THR A 2143 -46.98 -5.76 3.64
CA THR A 2143 -48.23 -6.48 3.52
C THR A 2143 -48.55 -7.18 4.84
N ASP A 2144 -49.65 -7.90 4.86
CA ASP A 2144 -50.33 -8.30 6.09
C ASP A 2144 -50.66 -9.78 6.09
N THR A 2145 -49.66 -10.62 5.84
CA THR A 2145 -49.85 -12.05 5.68
C THR A 2145 -49.58 -12.80 6.98
N THR A 2146 -49.77 -14.12 6.91
CA THR A 2146 -49.54 -15.03 8.03
C THR A 2146 -48.22 -15.75 7.95
N LEU A 2147 -47.51 -15.65 6.84
CA LEU A 2147 -46.30 -16.41 6.63
C LEU A 2147 -45.16 -15.80 7.44
N SER A 2148 -44.11 -16.58 7.62
CA SER A 2148 -42.91 -16.07 8.25
C SER A 2148 -42.05 -15.38 7.18
N LEU A 2149 -40.81 -15.07 7.51
CA LEU A 2149 -39.97 -14.45 6.49
C LEU A 2149 -39.47 -15.50 5.51
N SER A 2150 -39.09 -16.67 6.00
CA SER A 2150 -38.57 -17.71 5.12
C SER A 2150 -39.66 -18.27 4.23
N ASN A 2151 -40.90 -18.31 4.70
CA ASN A 2151 -42.00 -18.78 3.88
C ASN A 2151 -42.31 -17.79 2.76
N TRP A 2152 -42.23 -16.50 3.08
CA TRP A 2152 -42.38 -15.46 2.07
C TRP A 2152 -41.29 -15.56 1.01
N MET A 2153 -40.07 -15.87 1.43
CA MET A 2153 -38.98 -16.05 0.48
C MET A 2153 -39.19 -17.28 -0.38
N CYS A 2154 -39.72 -18.36 0.21
CA CYS A 2154 -39.97 -19.56 -0.57
C CYS A 2154 -41.00 -19.32 -1.65
N VAL A 2155 -42.06 -18.56 -1.33
CA VAL A 2155 -43.09 -18.28 -2.33
C VAL A 2155 -42.54 -17.44 -3.46
N GLU A 2156 -41.79 -16.41 -3.14
CA GLU A 2156 -41.35 -15.53 -4.22
C GLU A 2156 -40.17 -16.10 -4.99
N ASP A 2157 -39.41 -17.04 -4.43
CA ASP A 2157 -38.42 -17.73 -5.23
C ASP A 2157 -39.07 -18.70 -6.19
N ILE A 2158 -40.15 -19.36 -5.74
CA ILE A 2158 -40.95 -20.22 -6.61
C ILE A 2158 -41.55 -19.40 -7.75
N TYR A 2159 -42.05 -18.22 -7.45
CA TYR A 2159 -42.72 -17.41 -8.45
C TYR A 2159 -41.73 -16.81 -9.44
N ALA A 2160 -40.52 -16.48 -8.99
CA ALA A 2160 -39.52 -15.94 -9.89
C ALA A 2160 -38.99 -17.01 -10.83
N ASN A 2161 -38.76 -18.22 -10.31
CA ASN A 2161 -38.31 -19.32 -11.16
C ASN A 2161 -39.37 -19.67 -12.19
N ILE A 2162 -40.63 -19.65 -11.79
CA ILE A 2162 -41.69 -20.08 -12.70
C ILE A 2162 -41.99 -19.04 -13.75
N PHE A 2163 -41.85 -17.76 -13.42
CA PHE A 2163 -42.03 -16.74 -14.46
C PHE A 2163 -40.94 -16.81 -15.51
N ILE A 2164 -39.71 -17.15 -15.10
CA ILE A 2164 -38.64 -17.31 -16.08
C ILE A 2164 -38.89 -18.53 -16.95
N ILE A 2165 -39.39 -19.62 -16.35
CA ILE A 2165 -39.70 -20.82 -17.13
C ILE A 2165 -40.86 -20.57 -18.06
N LYS A 2166 -41.90 -19.87 -17.59
CA LYS A 2166 -43.09 -19.63 -18.39
C LYS A 2166 -42.79 -18.77 -19.61
N CYS A 2167 -41.94 -17.76 -19.45
CA CYS A 2167 -41.58 -16.94 -20.59
C CYS A 2167 -40.72 -17.71 -21.58
N SER A 2168 -39.87 -18.62 -21.11
CA SER A 2168 -39.11 -19.44 -22.03
C SER A 2168 -40.00 -20.41 -22.78
N ARG A 2169 -41.04 -20.94 -22.12
CA ARG A 2169 -41.94 -21.84 -22.82
C ARG A 2169 -42.82 -21.11 -23.82
N GLU A 2170 -43.19 -19.85 -23.53
CA GLU A 2170 -43.99 -19.13 -24.51
C GLU A 2170 -43.19 -18.66 -25.69
N THR A 2171 -41.90 -18.35 -25.52
CA THR A 2171 -41.10 -18.07 -26.70
C THR A 2171 -40.84 -19.34 -27.50
N GLU A 2172 -40.82 -20.49 -26.83
CA GLU A 2172 -40.77 -21.75 -27.55
C GLU A 2172 -42.07 -22.03 -28.27
N LYS A 2173 -43.19 -21.49 -27.80
CA LYS A 2173 -44.45 -21.64 -28.52
C LYS A 2173 -44.56 -20.67 -29.68
N LYS A 2174 -44.26 -19.39 -29.42
CA LYS A 2174 -44.44 -18.36 -30.44
C LYS A 2174 -43.44 -18.50 -31.57
N TYR A 2175 -42.23 -18.92 -31.27
CA TYR A 2175 -41.20 -19.15 -32.29
C TYR A 2175 -40.70 -20.59 -32.19
N PRO A 2176 -41.49 -21.55 -32.67
CA PRO A 2176 -41.08 -22.95 -32.53
C PRO A 2176 -40.00 -23.30 -33.54
N GLN A 2177 -38.87 -23.80 -33.05
CA GLN A 2177 -37.89 -24.38 -33.95
C GLN A 2177 -38.43 -25.72 -34.46
N PRO A 2178 -38.00 -26.15 -35.65
CA PRO A 2178 -38.47 -27.44 -36.18
C PRO A 2178 -38.07 -28.61 -35.30
N LYS A 2179 -39.08 -29.40 -34.93
CA LYS A 2179 -38.96 -30.50 -33.98
C LYS A 2179 -38.21 -31.64 -34.65
N GLY A 2180 -36.89 -31.50 -34.72
CA GLY A 2180 -36.08 -32.46 -35.41
C GLY A 2180 -34.60 -32.19 -35.29
N GLN A 2181 -33.85 -32.49 -36.35
CA GLN A 2181 -32.40 -32.42 -36.30
C GLN A 2181 -31.93 -31.03 -36.73
N LYS A 2182 -32.22 -30.06 -35.87
CA LYS A 2182 -31.88 -28.67 -36.16
C LYS A 2182 -30.57 -28.33 -35.50
N LYS A 2183 -29.50 -28.31 -36.29
CA LYS A 2183 -28.24 -27.76 -35.82
C LYS A 2183 -28.35 -26.25 -35.71
N LYS A 2184 -27.82 -25.70 -34.63
CA LYS A 2184 -27.86 -24.26 -34.44
C LYS A 2184 -26.83 -23.56 -35.32
N LYS A 2185 -27.21 -22.42 -35.87
CA LYS A 2185 -26.42 -21.84 -36.96
C LYS A 2185 -25.23 -21.03 -36.45
N ILE A 2186 -25.50 -19.89 -35.82
CA ILE A 2186 -24.45 -18.95 -35.40
C ILE A 2186 -24.62 -18.49 -33.98
N VAL A 2187 -25.66 -18.92 -33.27
CA VAL A 2187 -25.81 -18.58 -31.87
C VAL A 2187 -24.76 -19.31 -31.03
N LYS A 2188 -24.21 -20.41 -31.55
CA LYS A 2188 -23.05 -21.04 -30.96
C LYS A 2188 -21.87 -20.08 -30.91
N TYR A 2189 -21.54 -19.47 -32.04
CA TYR A 2189 -20.48 -18.48 -32.06
C TYR A 2189 -20.89 -17.19 -31.38
N GLY A 2190 -22.18 -16.96 -31.23
CA GLY A 2190 -22.65 -15.73 -30.61
C GLY A 2190 -22.43 -15.72 -29.12
N MET A 2191 -22.81 -16.79 -28.43
CA MET A 2191 -22.67 -16.82 -26.98
C MET A 2191 -21.58 -17.77 -26.50
N GLY A 2192 -21.30 -18.86 -27.20
CA GLY A 2192 -20.20 -19.72 -26.80
C GLY A 2192 -18.86 -19.03 -26.98
N GLY A 2193 -18.65 -18.38 -28.11
CA GLY A 2193 -17.42 -17.63 -28.31
C GLY A 2193 -17.31 -16.43 -27.40
N LEU A 2194 -18.46 -15.86 -27.01
CA LEU A 2194 -18.47 -14.83 -25.97
C LEU A 2194 -17.96 -15.37 -24.65
N ILE A 2195 -18.43 -16.57 -24.27
CA ILE A 2195 -18.00 -17.19 -23.02
C ILE A 2195 -16.52 -17.54 -23.06
N ILE A 2196 -16.04 -18.05 -24.20
CA ILE A 2196 -14.63 -18.43 -24.34
C ILE A 2196 -13.73 -17.22 -24.23
N LEU A 2197 -14.07 -16.15 -24.95
CA LEU A 2197 -13.23 -14.95 -24.94
C LEU A 2197 -13.25 -14.26 -23.58
N PHE A 2198 -14.42 -14.24 -22.93
CA PHE A 2198 -14.53 -13.68 -21.59
C PHE A 2198 -13.69 -14.47 -20.60
N LEU A 2199 -13.68 -15.79 -20.76
CA LEU A 2199 -13.02 -16.62 -19.77
C LEU A 2199 -11.51 -16.61 -19.98
N ILE A 2200 -11.06 -16.52 -21.23
CA ILE A 2200 -9.64 -16.33 -21.50
C ILE A 2200 -9.17 -14.98 -20.97
N ALA A 2201 -10.02 -13.94 -21.05
CA ALA A 2201 -9.70 -12.64 -20.47
C ALA A 2201 -9.54 -12.70 -18.96
N ILE A 2202 -10.32 -13.56 -18.30
CA ILE A 2202 -10.10 -13.83 -16.88
C ILE A 2202 -8.76 -14.49 -16.66
N ILE A 2203 -8.28 -15.30 -17.61
CA ILE A 2203 -6.93 -15.81 -17.45
C ILE A 2203 -5.88 -14.76 -17.80
N TRP A 2204 -6.29 -13.68 -18.49
CA TRP A 2204 -5.38 -12.76 -19.15
C TRP A 2204 -5.05 -11.50 -18.35
N PHE A 2205 -5.81 -11.16 -17.29
CA PHE A 2205 -5.44 -9.97 -16.50
C PHE A 2205 -4.02 -9.90 -15.87
N PRO A 2206 -3.20 -10.99 -15.75
CA PRO A 2206 -1.76 -10.77 -15.55
C PRO A 2206 -1.02 -9.88 -16.54
N LEU A 2207 -1.64 -9.52 -17.67
CA LEU A 2207 -1.27 -8.30 -18.38
C LEU A 2207 -1.28 -7.08 -17.46
N LEU A 2208 -2.38 -6.89 -16.72
CA LEU A 2208 -2.48 -5.76 -15.78
C LEU A 2208 -1.55 -5.96 -14.58
N PHE A 2209 -1.43 -7.20 -14.10
CA PHE A 2209 -0.55 -7.52 -12.98
C PHE A 2209 0.92 -7.32 -13.33
N MET A 2210 1.29 -7.38 -14.61
CA MET A 2210 2.65 -7.07 -15.02
C MET A 2210 2.81 -5.69 -15.65
N SER A 2211 1.71 -4.97 -15.89
CA SER A 2211 1.84 -3.57 -16.28
C SER A 2211 1.88 -2.64 -15.08
N LEU A 2212 1.59 -3.14 -13.88
CA LEU A 2212 1.81 -2.37 -12.66
C LEU A 2212 3.20 -2.60 -12.07
N ILE A 2213 4.14 -3.14 -12.84
CA ILE A 2213 5.48 -3.44 -12.35
C ILE A 2213 6.48 -2.96 -13.40
N ARG A 2214 7.48 -2.19 -12.95
CA ARG A 2214 8.67 -1.78 -13.73
C ARG A 2214 8.28 -0.96 -14.95
N SER A 2215 7.67 0.20 -14.69
CA SER A 2215 7.17 1.06 -15.75
C SER A 2215 8.16 2.16 -16.15
N VAL A 2216 8.53 3.02 -15.21
CA VAL A 2216 9.29 4.23 -15.56
C VAL A 2216 10.73 4.00 -15.11
N VAL A 2217 11.14 2.72 -15.09
CA VAL A 2217 12.52 2.39 -14.74
C VAL A 2217 13.41 2.81 -15.90
N GLY A 2218 14.36 3.71 -15.64
CA GLY A 2218 15.28 4.10 -16.69
C GLY A 2218 15.73 5.54 -16.69
N VAL A 2219 15.22 6.36 -15.79
CA VAL A 2219 15.58 7.77 -15.75
C VAL A 2219 16.90 7.90 -15.00
N VAL A 2220 17.84 8.66 -15.57
CA VAL A 2220 19.23 8.64 -15.14
C VAL A 2220 19.41 9.58 -13.96
N ASN A 2221 20.27 9.18 -13.01
CA ASN A 2221 20.62 10.02 -11.86
C ASN A 2221 21.84 10.89 -12.14
N GLN A 2222 21.76 11.70 -13.18
CA GLN A 2222 22.86 12.64 -13.45
C GLN A 2222 22.87 13.72 -12.38
N PRO A 2223 23.95 13.85 -11.60
CA PRO A 2223 23.92 14.75 -10.45
C PRO A 2223 24.01 16.22 -10.86
N ILE A 2224 23.73 17.08 -9.90
CA ILE A 2224 23.76 18.52 -10.10
C ILE A 2224 25.04 19.13 -9.57
N ASP A 2225 25.36 18.88 -8.31
CA ASP A 2225 26.52 19.43 -7.64
C ASP A 2225 27.37 18.31 -7.09
N VAL A 2226 28.69 18.54 -7.01
CA VAL A 2226 29.61 17.64 -6.32
C VAL A 2226 30.56 18.50 -5.49
N THR A 2227 30.53 18.33 -4.17
CA THR A 2227 31.41 19.08 -3.30
C THR A 2227 32.50 18.18 -2.76
N VAL A 2228 33.58 18.80 -2.29
CA VAL A 2228 34.78 18.12 -1.80
C VAL A 2228 35.35 18.89 -0.63
N THR A 2229 35.60 18.22 0.49
CA THR A 2229 36.23 18.84 1.64
C THR A 2229 37.51 18.10 2.03
N LEU A 2230 38.27 18.72 2.94
CA LEU A 2230 39.48 18.13 3.53
C LEU A 2230 39.61 18.68 4.94
N LYS A 2231 39.17 17.91 5.93
CA LYS A 2231 39.22 18.35 7.32
C LYS A 2231 40.43 17.74 8.01
N LEU A 2232 41.35 18.61 8.45
CA LEU A 2232 42.52 18.19 9.21
C LEU A 2232 42.12 18.08 10.68
N GLY A 2233 41.72 16.89 11.08
CA GLY A 2233 41.34 16.64 12.45
C GLY A 2233 40.00 17.25 12.81
N GLY A 2234 39.88 17.76 14.02
CA GLY A 2234 38.64 18.37 14.46
C GLY A 2234 38.53 19.84 14.13
N TYR A 2235 39.27 20.28 13.13
CA TYR A 2235 39.30 21.68 12.74
C TYR A 2235 38.66 21.85 11.38
N GLU A 2236 38.73 23.07 10.86
CA GLU A 2236 37.94 23.44 9.69
C GLU A 2236 38.44 22.75 8.43
N PRO A 2237 37.55 22.54 7.45
CA PRO A 2237 38.01 22.03 6.16
C PRO A 2237 38.88 23.04 5.44
N LEU A 2238 39.74 22.52 4.58
CA LEU A 2238 40.58 23.36 3.76
C LEU A 2238 39.90 23.73 2.45
N PHE A 2239 38.86 22.99 2.07
CA PHE A 2239 38.18 23.15 0.81
C PHE A 2239 36.69 22.92 0.97
N THR A 2240 35.90 23.66 0.22
CA THR A 2240 34.53 23.29 -0.14
C THR A 2240 34.42 23.58 -1.63
N MET A 2241 34.85 22.62 -2.45
CA MET A 2241 34.85 22.82 -3.90
C MET A 2241 33.58 22.18 -4.45
N SER A 2242 32.50 22.95 -4.46
CA SER A 2242 31.24 22.52 -5.05
C SER A 2242 31.39 22.58 -6.57
N ALA A 2243 31.94 21.52 -7.13
CA ALA A 2243 32.05 21.41 -8.59
C ALA A 2243 30.67 21.18 -9.18
N GLN A 2244 30.27 22.06 -10.10
CA GLN A 2244 28.90 22.06 -10.59
C GLN A 2244 28.86 22.06 -12.12
N GLN A 2245 27.68 22.28 -12.67
CA GLN A 2245 27.56 22.47 -14.10
C GLN A 2245 28.07 23.86 -14.48
N PRO A 2246 28.68 24.02 -15.67
CA PRO A 2246 28.95 23.04 -16.73
C PRO A 2246 30.24 22.26 -16.54
N SER A 2247 30.92 22.43 -15.40
CA SER A 2247 32.13 21.67 -15.16
C SER A 2247 31.85 20.21 -14.84
N ILE A 2248 30.61 19.87 -14.53
CA ILE A 2248 30.15 18.48 -14.50
C ILE A 2248 29.73 18.11 -15.92
N VAL A 2249 30.46 17.19 -16.53
CA VAL A 2249 30.32 16.87 -17.95
C VAL A 2249 30.00 15.40 -18.08
N PRO A 2250 28.96 15.01 -18.84
CA PRO A 2250 28.71 13.59 -19.10
C PRO A 2250 29.68 12.98 -20.10
N PHE A 2251 29.47 11.72 -20.47
CA PHE A 2251 30.40 11.04 -21.37
C PHE A 2251 30.02 11.18 -22.83
N THR A 2252 31.04 11.09 -23.67
CA THR A 2252 30.91 10.68 -25.06
C THR A 2252 30.93 9.15 -25.10
N PRO A 2253 30.50 8.55 -26.21
CA PRO A 2253 30.76 7.11 -26.38
C PRO A 2253 32.24 6.78 -26.51
N GLN A 2254 33.08 7.75 -26.92
CA GLN A 2254 34.52 7.53 -26.91
C GLN A 2254 35.07 7.43 -25.50
N ALA A 2255 34.39 8.04 -24.52
CA ALA A 2255 34.81 7.86 -23.13
C ALA A 2255 34.52 6.44 -22.66
N TYR A 2256 33.42 5.85 -23.13
CA TYR A 2256 33.19 4.42 -22.91
C TYR A 2256 34.25 3.58 -23.60
N GLU A 2257 34.70 4.03 -24.78
CA GLU A 2257 35.80 3.35 -25.46
C GLU A 2257 37.09 3.48 -24.67
N GLU A 2258 37.30 4.64 -24.04
CA GLU A 2258 38.49 4.83 -23.21
C GLU A 2258 38.47 3.92 -21.99
N LEU A 2259 37.31 3.75 -21.36
CA LEU A 2259 37.23 2.88 -20.20
C LEU A 2259 37.37 1.41 -20.60
N SER A 2260 36.74 1.04 -21.72
CA SER A 2260 36.84 -0.33 -22.21
C SER A 2260 38.25 -0.67 -22.72
N GLN A 2261 39.06 0.33 -23.03
CA GLN A 2261 40.45 0.09 -23.40
C GLN A 2261 41.40 0.20 -22.23
N GLN A 2262 41.13 1.07 -21.26
CA GLN A 2262 42.01 1.19 -20.11
C GLN A 2262 41.81 0.10 -19.08
N PHE A 2263 40.72 -0.66 -19.16
CA PHE A 2263 40.45 -1.69 -18.16
C PHE A 2263 40.40 -3.08 -18.79
N ASP A 2264 41.33 -3.34 -19.70
CA ASP A 2264 41.48 -4.65 -20.31
C ASP A 2264 41.85 -5.78 -19.32
N PRO A 2265 42.91 -5.70 -18.49
CA PRO A 2265 43.35 -6.92 -17.78
C PRO A 2265 42.48 -7.31 -16.59
N TYR A 2266 41.32 -6.72 -16.40
CA TYR A 2266 40.35 -7.18 -15.43
C TYR A 2266 39.06 -7.53 -16.15
N PRO A 2267 38.53 -8.75 -15.98
CA PRO A 2267 37.24 -9.06 -16.59
C PRO A 2267 36.07 -8.42 -15.88
N LEU A 2268 36.15 -8.28 -14.55
CA LEU A 2268 35.09 -7.64 -13.77
C LEU A 2268 34.95 -6.17 -14.13
N ALA A 2269 36.07 -5.51 -14.45
CA ALA A 2269 36.03 -4.12 -14.87
C ALA A 2269 35.26 -3.97 -16.17
N MET A 2270 35.49 -4.87 -17.13
CA MET A 2270 34.80 -4.79 -18.41
C MET A 2270 33.31 -5.08 -18.27
N GLN A 2271 32.95 -6.08 -17.46
CA GLN A 2271 31.55 -6.44 -17.26
C GLN A 2271 30.79 -5.33 -16.55
N PHE A 2272 31.31 -4.86 -15.43
CA PHE A 2272 30.60 -3.92 -14.58
C PHE A 2272 30.76 -2.47 -15.03
N ILE A 2273 31.54 -2.19 -16.07
CA ILE A 2273 31.37 -0.93 -16.78
C ILE A 2273 30.37 -1.09 -17.91
N SER A 2274 30.35 -2.24 -18.58
CA SER A 2274 29.37 -2.50 -19.63
C SER A 2274 27.94 -2.61 -19.11
N GLN A 2275 27.75 -2.73 -17.80
CA GLN A 2275 26.41 -2.67 -17.22
C GLN A 2275 25.77 -1.30 -17.34
N TYR A 2276 26.54 -0.25 -17.59
CA TYR A 2276 26.01 1.11 -17.59
C TYR A 2276 25.66 1.57 -19.00
N SER A 2277 24.65 2.44 -19.08
CA SER A 2277 24.13 2.96 -20.32
C SER A 2277 25.09 4.00 -20.88
N PRO A 2278 24.86 4.53 -22.12
CA PRO A 2278 25.68 5.68 -22.57
C PRO A 2278 25.39 7.01 -21.87
N GLU A 2279 24.61 7.03 -20.80
CA GLU A 2279 24.33 8.25 -20.06
C GLU A 2279 24.58 8.13 -18.56
N ASP A 2280 24.97 6.96 -18.06
CA ASP A 2280 25.03 6.72 -16.63
C ASP A 2280 26.23 7.37 -15.95
N ILE A 2281 27.33 7.52 -16.68
CA ILE A 2281 28.62 7.81 -16.07
C ILE A 2281 29.02 9.23 -16.44
N VAL A 2282 29.18 10.09 -15.44
CA VAL A 2282 29.34 11.52 -15.65
C VAL A 2282 30.63 11.96 -14.94
N THR A 2283 31.39 12.87 -15.58
CA THR A 2283 32.55 13.45 -14.93
C THR A 2283 32.16 14.61 -14.03
N ALA A 2284 33.12 15.06 -13.23
CA ALA A 2284 32.96 16.28 -12.43
C ALA A 2284 34.34 16.91 -12.33
N GLN A 2285 34.63 17.86 -13.21
CA GLN A 2285 35.97 18.44 -13.30
C GLN A 2285 36.16 19.39 -12.13
N ILE A 2286 36.83 18.91 -11.09
CA ILE A 2286 36.97 19.64 -9.84
C ILE A 2286 38.17 20.56 -9.93
N GLU A 2287 37.92 21.85 -9.75
CA GLU A 2287 39.02 22.82 -9.76
C GLU A 2287 39.84 22.69 -8.48
N GLY A 2288 41.16 22.63 -8.64
CA GLY A 2288 42.04 22.56 -7.49
C GLY A 2288 42.40 23.88 -6.89
N SER A 2289 41.93 24.97 -7.47
CA SER A 2289 42.24 26.34 -7.05
C SER A 2289 41.00 26.92 -6.40
N SER A 2290 40.90 26.75 -5.08
CA SER A 2290 39.76 27.29 -4.35
C SER A 2290 39.84 28.81 -4.27
N GLY A 2291 38.69 29.45 -4.40
CA GLY A 2291 38.63 30.89 -4.22
C GLY A 2291 38.23 31.24 -2.81
N ALA A 2292 38.37 30.29 -1.90
CA ALA A 2292 37.85 30.40 -0.54
C ALA A 2292 38.98 30.65 0.43
N LEU A 2293 38.94 31.80 1.11
CA LEU A 2293 39.83 32.06 2.23
C LEU A 2293 39.69 30.98 3.28
N TRP A 2294 40.78 30.31 3.59
CA TRP A 2294 40.76 29.37 4.70
C TRP A 2294 40.62 30.16 5.98
N ARG A 2295 39.49 30.00 6.66
CA ARG A 2295 39.24 30.74 7.88
C ARG A 2295 40.16 30.26 8.98
N ILE A 2296 40.59 31.19 9.81
CA ILE A 2296 41.57 30.93 10.85
C ILE A 2296 41.04 31.45 12.17
N SER A 2297 41.79 31.15 13.22
CA SER A 2297 41.72 31.78 14.53
C SER A 2297 42.99 31.38 15.25
N PRO A 2298 43.54 32.24 16.10
CA PRO A 2298 44.75 31.88 16.85
C PRO A 2298 44.61 30.65 17.74
N PRO A 2299 43.38 30.26 18.20
CA PRO A 2299 43.27 28.86 18.65
C PRO A 2299 43.43 27.85 17.53
N SER A 2300 42.79 28.05 16.39
CA SER A 2300 42.93 27.08 15.30
C SER A 2300 44.33 27.14 14.70
N ARG A 2301 44.90 28.34 14.60
CA ARG A 2301 46.30 28.52 14.20
C ARG A 2301 47.25 27.73 15.08
N ALA A 2302 47.24 28.05 16.39
CA ALA A 2302 48.23 27.49 17.30
C ALA A 2302 48.00 26.01 17.52
N GLN A 2303 46.76 25.57 17.62
CA GLN A 2303 46.52 24.16 17.93
C GLN A 2303 46.69 23.25 16.73
N MET A 2304 46.55 23.76 15.50
CA MET A 2304 47.05 22.98 14.37
C MET A 2304 48.57 22.89 14.40
N LYS A 2305 49.25 23.99 14.75
CA LYS A 2305 50.70 23.95 14.88
C LYS A 2305 51.13 23.02 16.03
N GLN A 2306 50.35 22.99 17.10
CA GLN A 2306 50.69 22.13 18.24
C GLN A 2306 50.44 20.67 17.92
N GLU A 2307 49.36 20.37 17.20
CA GLU A 2307 49.10 18.98 16.82
C GLU A 2307 50.08 18.48 15.77
N LEU A 2308 50.72 19.38 15.02
CA LEU A 2308 51.74 18.92 14.08
C LEU A 2308 53.12 18.85 14.73
N TYR A 2309 53.57 19.94 15.36
CA TYR A 2309 54.90 19.97 15.96
C TYR A 2309 54.95 19.14 17.24
N ASN A 2310 54.12 19.50 18.22
CA ASN A 2310 54.16 18.86 19.53
C ASN A 2310 53.25 17.65 19.64
N GLY A 2311 52.11 17.67 18.94
CA GLY A 2311 51.12 16.62 19.11
C GLY A 2311 51.53 15.33 18.44
N THR A 2312 51.55 14.24 19.21
CA THR A 2312 51.84 12.92 18.66
C THR A 2312 50.59 12.10 18.41
N ALA A 2313 49.42 12.56 18.86
CA ALA A 2313 48.17 11.86 18.59
C ALA A 2313 47.83 11.94 17.11
N ASP A 2314 47.19 10.88 16.61
CA ASP A 2314 46.99 10.74 15.18
C ASP A 2314 45.93 11.70 14.67
N ILE A 2315 46.35 12.59 13.78
CA ILE A 2315 45.43 13.54 13.15
C ILE A 2315 44.76 12.84 11.99
N THR A 2316 43.43 12.95 11.92
CA THR A 2316 42.66 12.28 10.88
C THR A 2316 42.28 13.28 9.80
N LEU A 2317 42.61 12.94 8.55
CA LEU A 2317 42.26 13.75 7.39
C LEU A 2317 41.12 13.07 6.63
N ARG A 2318 39.96 13.70 6.62
CA ARG A 2318 38.82 13.21 5.88
C ARG A 2318 38.85 13.72 4.44
N PHE A 2319 37.96 13.16 3.63
CA PHE A 2319 37.79 13.59 2.25
C PHE A 2319 36.34 13.27 1.89
N THR A 2320 35.46 14.24 1.99
CA THR A 2320 34.03 13.96 1.88
C THR A 2320 33.49 14.48 0.57
N TRP A 2321 32.25 14.07 0.28
CA TRP A 2321 31.61 14.25 -1.01
C TRP A 2321 30.24 14.87 -0.79
N ASN A 2322 29.61 15.25 -1.89
CA ASN A 2322 28.16 15.47 -1.99
C ASN A 2322 27.72 15.21 -3.41
N PHE A 2323 26.42 14.97 -3.57
CA PHE A 2323 25.82 14.76 -4.89
C PHE A 2323 24.38 15.27 -4.79
N GLN A 2324 24.07 16.39 -5.46
CA GLN A 2324 22.67 16.79 -5.60
C GLN A 2324 22.08 16.08 -6.80
N ARG A 2325 21.01 15.33 -6.58
CA ARG A 2325 20.35 14.61 -7.64
C ARG A 2325 18.99 15.24 -7.91
N ASP A 2326 18.51 15.09 -9.14
CA ASP A 2326 17.20 15.60 -9.52
C ASP A 2326 16.11 14.80 -8.82
N LEU A 2327 15.37 15.44 -7.92
CA LEU A 2327 14.15 14.82 -7.43
C LEU A 2327 13.05 14.88 -8.47
N ALA A 2328 13.15 15.79 -9.44
CA ALA A 2328 12.21 15.82 -10.55
C ALA A 2328 12.40 14.62 -11.47
N LYS A 2329 13.57 14.00 -11.46
CA LYS A 2329 13.81 12.77 -12.19
C LYS A 2329 13.51 11.52 -11.37
N GLY A 2330 12.66 11.62 -10.36
CA GLY A 2330 12.34 10.49 -9.53
C GLY A 2330 13.43 10.20 -8.52
N GLY A 2331 13.13 9.26 -7.63
CA GLY A 2331 14.03 8.93 -6.55
C GLY A 2331 13.85 9.84 -5.35
N THR A 2332 14.32 9.38 -4.20
CA THR A 2332 14.14 10.10 -2.95
C THR A 2332 15.45 10.56 -2.33
N VAL A 2333 16.50 9.75 -2.42
CA VAL A 2333 17.78 10.10 -1.80
C VAL A 2333 18.44 11.18 -2.64
N GLU A 2334 18.55 12.39 -2.09
CA GLU A 2334 19.29 13.43 -2.76
C GLU A 2334 20.78 13.19 -2.65
N TYR A 2335 21.29 13.25 -1.42
CA TYR A 2335 22.72 13.30 -1.16
C TYR A 2335 23.28 11.94 -0.81
N THR A 2336 24.47 11.66 -1.34
CA THR A 2336 25.23 10.45 -1.02
C THR A 2336 26.65 10.85 -0.68
N ASN A 2337 27.11 10.47 0.50
CA ASN A 2337 28.40 10.92 1.00
C ASN A 2337 29.16 9.73 1.58
N GLU A 2338 30.49 9.80 1.56
CA GLU A 2338 31.32 8.95 2.41
C GLU A 2338 32.53 9.72 2.89
N LYS A 2339 32.91 9.46 4.14
CA LYS A 2339 34.15 9.95 4.73
C LYS A 2339 35.28 9.01 4.35
N HIS A 2340 36.46 9.56 4.11
CA HIS A 2340 37.61 8.77 3.66
C HIS A 2340 38.81 9.21 4.47
N THR A 2341 38.98 8.57 5.62
CA THR A 2341 39.91 9.01 6.63
C THR A 2341 41.26 8.33 6.44
N LEU A 2342 42.31 9.13 6.38
CA LEU A 2342 43.67 8.67 6.61
C LEU A 2342 44.20 9.35 7.86
N GLU A 2343 44.91 8.59 8.68
CA GLU A 2343 45.49 9.14 9.88
C GLU A 2343 46.92 9.57 9.63
N LEU A 2344 47.40 10.46 10.50
CA LEU A 2344 48.73 11.04 10.38
C LEU A 2344 49.54 10.59 11.59
N ALA A 2345 50.56 9.79 11.36
CA ALA A 2345 51.39 9.24 12.40
C ALA A 2345 52.34 10.31 12.94
N PRO A 2346 52.75 10.22 14.20
CA PRO A 2346 53.81 11.10 14.70
C PRO A 2346 55.15 10.76 14.06
N ASN A 2347 55.96 11.81 13.86
CA ASN A 2347 57.23 11.78 13.12
C ASN A 2347 57.07 11.25 11.69
N SER A 2348 55.88 11.44 11.10
CA SER A 2348 55.71 11.11 9.70
C SER A 2348 56.14 12.28 8.84
N THR A 2349 56.34 12.01 7.55
CA THR A 2349 56.75 13.05 6.63
C THR A 2349 55.62 14.04 6.38
N ALA A 2350 54.37 13.58 6.45
CA ALA A 2350 53.23 14.43 6.11
C ALA A 2350 53.01 15.51 7.16
N ARG A 2351 53.06 15.15 8.44
CA ARG A 2351 52.89 16.14 9.50
C ARG A 2351 54.03 17.13 9.51
N ARG A 2352 55.26 16.67 9.24
CA ARG A 2352 56.41 17.57 9.24
C ARG A 2352 56.31 18.58 8.11
N GLN A 2353 55.85 18.15 6.93
CA GLN A 2353 55.72 19.09 5.83
C GLN A 2353 54.58 20.06 6.06
N LEU A 2354 53.49 19.61 6.70
CA LEU A 2354 52.39 20.52 7.01
C LEU A 2354 52.80 21.51 8.12
N ALA A 2355 53.62 21.05 9.07
CA ALA A 2355 54.14 21.95 10.08
C ALA A 2355 55.09 22.97 9.48
N GLN A 2356 55.88 22.56 8.47
CA GLN A 2356 56.75 23.52 7.79
C GLN A 2356 55.97 24.49 6.93
N LEU A 2357 54.79 24.08 6.45
CA LEU A 2357 53.88 25.04 5.82
C LEU A 2357 53.41 26.08 6.81
N LEU A 2358 53.10 25.66 8.03
CA LEU A 2358 52.71 26.61 9.06
C LEU A 2358 53.90 27.36 9.66
N GLU A 2359 55.14 26.91 9.42
CA GLU A 2359 56.29 27.68 9.87
C GLU A 2359 56.51 28.91 9.01
N GLY A 2360 56.27 28.79 7.70
CA GLY A 2360 56.45 29.93 6.82
C GLY A 2360 57.39 29.71 5.66
N ARG A 2361 57.55 28.44 5.24
CA ARG A 2361 58.27 28.12 4.02
C ARG A 2361 57.24 27.96 2.92
N PRO A 2362 57.03 28.96 2.06
CA PRO A 2362 55.84 28.98 1.20
C PRO A 2362 55.94 28.15 -0.07
N ASP A 2363 56.91 27.25 -0.20
CA ASP A 2363 57.18 26.60 -1.48
C ASP A 2363 57.23 25.09 -1.32
N GLN A 2364 56.25 24.53 -0.64
CA GLN A 2364 56.23 23.10 -0.33
C GLN A 2364 54.89 22.50 -0.74
N SER A 2365 54.93 21.49 -1.60
CA SER A 2365 53.72 20.79 -2.04
C SER A 2365 53.69 19.43 -1.34
N VAL A 2366 52.86 19.32 -0.32
CA VAL A 2366 52.76 18.09 0.45
C VAL A 2366 52.01 17.05 -0.37
N VAL A 2367 52.62 15.88 -0.55
CA VAL A 2367 52.01 14.80 -1.33
C VAL A 2367 51.51 13.78 -0.31
N ILE A 2368 50.24 13.90 0.06
CA ILE A 2368 49.62 12.92 0.94
C ILE A 2368 49.13 11.77 0.08
N PRO A 2369 49.67 10.56 0.25
CA PRO A 2369 49.40 9.49 -0.71
C PRO A 2369 48.02 8.88 -0.52
N HIS A 2370 47.39 8.61 -1.66
CA HIS A 2370 46.19 7.77 -1.79
C HIS A 2370 45.01 8.33 -1.00
N LEU A 2371 44.56 9.50 -1.45
CA LEU A 2371 43.30 10.10 -1.00
C LEU A 2371 42.21 10.04 -2.05
N PHE A 2372 42.50 10.48 -3.26
CA PHE A 2372 41.48 10.84 -4.24
C PHE A 2372 41.15 9.65 -5.13
N PRO A 2373 39.92 9.15 -5.14
CA PRO A 2373 39.52 8.14 -6.11
C PRO A 2373 39.08 8.78 -7.42
N LYS A 2374 38.82 7.93 -8.39
CA LYS A 2374 38.14 8.38 -9.60
C LYS A 2374 36.86 7.63 -9.88
N TYR A 2375 36.86 6.32 -9.67
CA TYR A 2375 35.84 5.42 -10.18
C TYR A 2375 34.90 5.08 -9.04
N ILE A 2376 33.74 5.74 -9.00
CA ILE A 2376 32.86 5.77 -7.85
C ILE A 2376 31.44 5.47 -8.30
N ARG A 2377 30.85 4.42 -7.73
CA ARG A 2377 29.41 4.19 -7.90
C ARG A 2377 28.64 5.28 -7.18
N ALA A 2378 27.56 5.75 -7.81
CA ALA A 2378 26.61 6.67 -7.19
C ALA A 2378 25.26 5.96 -7.14
N PRO A 2379 25.05 5.07 -6.17
CA PRO A 2379 23.82 4.28 -6.15
C PRO A 2379 22.66 5.09 -5.59
N ASN A 2380 21.46 4.56 -5.78
CA ASN A 2380 20.26 5.18 -5.25
C ASN A 2380 20.21 5.12 -3.73
N GLY A 2381 20.94 4.21 -3.10
CA GLY A 2381 21.09 4.18 -1.67
C GLY A 2381 21.85 5.38 -1.18
N PRO A 2382 21.75 5.69 0.12
CA PRO A 2382 22.30 6.95 0.63
C PRO A 2382 23.82 7.00 0.73
N GLU A 2383 24.55 5.97 0.35
CA GLU A 2383 25.99 6.03 0.30
C GLU A 2383 26.45 6.25 -1.13
N ALA A 2384 27.73 6.59 -1.27
CA ALA A 2384 28.40 6.68 -2.55
C ALA A 2384 29.63 5.79 -2.47
N ASN A 2385 29.60 4.69 -3.16
CA ASN A 2385 30.68 3.75 -2.97
C ASN A 2385 31.72 3.91 -4.07
N PRO A 2386 33.00 4.03 -3.74
CA PRO A 2386 34.03 3.86 -4.76
C PRO A 2386 34.04 2.42 -5.23
N VAL A 2387 34.32 2.23 -6.52
CA VAL A 2387 34.17 0.91 -7.12
C VAL A 2387 35.29 0.01 -6.63
N LYS A 2388 34.93 -1.04 -5.89
CA LYS A 2388 35.88 -1.97 -5.31
C LYS A 2388 36.47 -2.92 -6.33
N GLN A 2389 35.97 -2.90 -7.56
CA GLN A 2389 36.48 -3.70 -8.67
C GLN A 2389 37.43 -2.90 -9.55
N LEU A 2390 37.06 -1.67 -9.88
CA LEU A 2390 37.97 -0.76 -10.57
C LEU A 2390 39.08 -0.29 -9.66
N GLN A 2391 38.88 -0.36 -8.35
CA GLN A 2391 39.93 -0.08 -7.36
C GLN A 2391 39.99 -1.29 -6.43
N PRO A 2392 40.64 -2.38 -6.84
CA PRO A 2392 40.72 -3.53 -5.93
C PRO A 2392 41.60 -3.28 -4.72
N ASP A 2393 42.71 -2.56 -4.88
CA ASP A 2393 43.42 -2.05 -3.71
C ASP A 2393 42.59 -0.92 -3.13
N GLU A 2394 41.80 -1.23 -2.11
CA GLU A 2394 40.82 -0.32 -1.55
C GLU A 2394 41.43 0.68 -0.57
N GLU A 2395 42.76 0.78 -0.54
CA GLU A 2395 43.45 1.87 0.12
C GLU A 2395 44.61 2.42 -0.71
N GLU A 2396 44.99 1.77 -1.82
CA GLU A 2396 46.16 2.16 -2.58
C GLU A 2396 45.89 2.24 -4.07
N ASP A 2397 44.63 2.36 -4.48
CA ASP A 2397 44.30 2.79 -5.83
C ASP A 2397 43.77 4.21 -5.85
N TYR A 2398 43.55 4.78 -4.67
CA TYR A 2398 43.33 6.21 -4.51
C TYR A 2398 44.62 6.95 -4.88
N LEU A 2399 44.47 8.23 -5.22
CA LEU A 2399 45.58 8.99 -5.77
C LEU A 2399 46.24 9.86 -4.72
N GLY A 2400 47.56 10.01 -4.85
CA GLY A 2400 48.27 10.94 -3.99
C GLY A 2400 47.95 12.37 -4.35
N VAL A 2401 47.77 13.19 -3.34
CA VAL A 2401 47.25 14.55 -3.50
C VAL A 2401 48.34 15.54 -3.13
N ARG A 2402 48.69 16.41 -4.09
CA ARG A 2402 49.66 17.47 -3.86
C ARG A 2402 48.95 18.68 -3.29
N ILE A 2403 49.45 19.18 -2.16
CA ILE A 2403 48.77 20.22 -1.38
C ILE A 2403 49.72 21.37 -1.14
N GLN A 2404 49.34 22.56 -1.57
CA GLN A 2404 50.08 23.78 -1.30
C GLN A 2404 49.23 24.74 -0.50
N LEU A 2405 49.89 25.79 -0.01
CA LEU A 2405 49.23 26.96 0.54
C LEU A 2405 49.15 28.05 -0.52
N ARG A 2406 48.72 29.23 -0.09
CA ARG A 2406 48.73 30.43 -0.93
C ARG A 2406 48.69 31.60 0.03
N ARG A 2407 49.77 32.37 0.11
CA ARG A 2407 49.81 33.48 1.05
C ARG A 2407 50.04 34.78 0.28
N GLU A 2408 49.72 35.89 0.94
CA GLU A 2408 49.98 37.21 0.40
C GLU A 2408 50.45 38.14 1.52
N GLN A 2409 50.50 39.42 1.20
CA GLN A 2409 50.66 40.49 2.17
C GLN A 2409 49.27 40.93 2.64
N VAL A 2410 49.18 42.12 3.24
CA VAL A 2410 47.91 42.67 3.72
C VAL A 2410 46.90 42.91 2.60
N GLY A 2411 47.33 42.93 1.34
CA GLY A 2411 46.43 43.13 0.22
C GLY A 2411 45.48 42.00 -0.06
N SER A 2424 52.88 36.44 12.69
CA SER A 2424 51.49 36.70 12.31
C SER A 2424 51.19 36.11 10.94
N ASP A 2425 49.94 36.23 10.50
CA ASP A 2425 49.52 35.61 9.25
C ASP A 2425 48.88 36.61 8.31
N PHE A 2426 48.30 36.12 7.21
CA PHE A 2426 47.72 36.99 6.20
C PHE A 2426 46.53 36.27 5.57
N LEU A 2427 46.10 36.76 4.42
CA LEU A 2427 45.07 36.11 3.63
C LEU A 2427 45.65 34.82 3.07
N GLU A 2428 45.16 33.68 3.56
CA GLU A 2428 45.74 32.39 3.22
C GLU A 2428 44.71 31.52 2.51
N TRP A 2429 45.21 30.55 1.73
CA TRP A 2429 44.36 29.66 0.96
C TRP A 2429 45.00 28.28 0.95
N TRP A 2430 44.48 27.38 0.11
CA TRP A 2430 45.03 26.04 -0.04
C TRP A 2430 44.88 25.60 -1.50
N VAL A 2431 45.63 24.56 -1.88
CA VAL A 2431 45.68 24.06 -3.24
C VAL A 2431 45.56 22.54 -3.20
N ILE A 2432 44.80 21.96 -4.14
CA ILE A 2432 44.82 20.53 -4.41
C ILE A 2432 45.36 20.31 -5.82
N GLU A 2433 46.38 19.47 -5.93
CA GLU A 2433 46.72 18.81 -7.18
C GLU A 2433 46.95 17.34 -6.89
N LEU A 2434 47.07 16.55 -7.95
CA LEU A 2434 47.47 15.16 -7.82
C LEU A 2434 48.93 15.02 -8.22
N GLN A 2435 49.45 13.79 -8.15
CA GLN A 2435 50.85 13.54 -8.46
C GLN A 2435 51.20 13.73 -9.93
N ASP A 2436 50.21 13.83 -10.81
CA ASP A 2436 50.44 13.93 -12.24
C ASP A 2436 49.62 15.05 -12.88
N CYS A 2437 49.23 16.06 -12.09
CA CYS A 2437 48.48 17.19 -12.61
C CYS A 2437 49.41 18.08 -13.42
N LYS A 2438 49.63 17.66 -14.68
CA LYS A 2438 50.52 18.35 -15.59
C LYS A 2438 49.80 18.88 -16.82
N ALA A 2439 48.97 18.04 -17.46
CA ALA A 2439 48.10 18.54 -18.52
C ALA A 2439 46.95 19.34 -17.94
N ASP A 2440 46.24 18.77 -16.98
CA ASP A 2440 45.20 19.46 -16.22
C ASP A 2440 45.74 19.67 -14.82
N CYS A 2441 46.31 20.85 -14.57
CA CYS A 2441 46.87 21.13 -13.25
C CYS A 2441 45.79 21.39 -12.23
N ASN A 2442 44.76 22.16 -12.60
CA ASN A 2442 43.72 22.52 -11.65
C ASN A 2442 42.49 21.62 -11.71
N LEU A 2443 42.13 21.13 -12.88
CA LEU A 2443 40.95 20.28 -13.01
C LEU A 2443 41.23 18.89 -12.48
N LEU A 2444 40.32 18.39 -11.65
CA LEU A 2444 40.40 17.03 -11.14
C LEU A 2444 39.27 16.22 -11.76
N PRO A 2445 39.56 15.14 -12.45
CA PRO A 2445 38.48 14.36 -13.07
C PRO A 2445 37.79 13.46 -12.07
N MET A 2446 36.50 13.25 -12.30
CA MET A 2446 35.71 12.27 -11.59
C MET A 2446 35.15 11.28 -12.59
N VAL A 2447 34.91 10.06 -12.16
CA VAL A 2447 34.20 9.06 -12.96
C VAL A 2447 33.08 8.54 -12.07
N ILE A 2448 31.91 9.15 -12.17
CA ILE A 2448 30.83 8.94 -11.23
C ILE A 2448 29.82 7.99 -11.85
N PHE A 2449 29.77 6.77 -11.34
CA PHE A 2449 28.89 5.73 -11.87
C PHE A 2449 27.53 5.90 -11.23
N SER A 2450 26.67 6.67 -11.87
CA SER A 2450 25.34 6.92 -11.33
C SER A 2450 24.34 5.93 -11.93
N ASP A 2451 23.48 5.40 -11.08
CA ASP A 2451 22.50 4.40 -11.48
C ASP A 2451 21.26 5.09 -12.05
N LYS A 2452 20.18 4.34 -12.21
CA LYS A 2452 18.94 4.88 -12.74
C LYS A 2452 17.85 4.81 -11.68
N VAL A 2453 16.69 5.35 -12.02
CA VAL A 2453 15.62 5.57 -11.07
C VAL A 2453 14.52 4.52 -11.28
N SER A 2454 14.23 3.77 -10.22
CA SER A 2454 13.02 2.97 -10.13
C SER A 2454 12.14 3.57 -9.05
N PRO A 2455 11.18 4.42 -9.39
CA PRO A 2455 10.50 5.26 -8.37
C PRO A 2455 9.59 4.48 -7.43
N PRO A 2456 9.11 3.26 -7.79
CA PRO A 2456 8.67 2.55 -6.59
C PRO A 2456 9.70 1.51 -6.14
N GLY A 2463 7.31 -10.37 -8.43
CA GLY A 2463 7.54 -10.48 -7.00
C GLY A 2463 7.33 -11.88 -6.46
N TYR A 2464 7.13 -11.99 -5.15
CA TYR A 2464 6.94 -13.29 -4.51
C TYR A 2464 5.77 -13.35 -3.55
N GLY A 2465 5.32 -12.25 -2.98
CA GLY A 2465 4.17 -12.23 -2.09
C GLY A 2465 2.88 -11.76 -2.72
N ILE A 2466 2.88 -11.48 -4.02
CA ILE A 2466 1.69 -10.97 -4.70
C ILE A 2466 1.25 -11.84 -5.88
N VAL A 2467 2.13 -12.64 -6.47
CA VAL A 2467 1.71 -13.66 -7.43
C VAL A 2467 0.91 -14.76 -6.73
N GLY A 2468 1.12 -14.96 -5.44
CA GLY A 2468 0.25 -15.84 -4.68
C GLY A 2468 -1.15 -15.29 -4.53
N LEU A 2469 -1.30 -13.96 -4.53
CA LEU A 2469 -2.63 -13.39 -4.56
C LEU A 2469 -3.23 -13.39 -5.96
N TYR A 2470 -2.40 -13.48 -7.01
CA TYR A 2470 -2.95 -13.83 -8.31
C TYR A 2470 -3.52 -15.24 -8.33
N VAL A 2471 -2.81 -16.20 -7.74
CA VAL A 2471 -3.32 -17.57 -7.72
C VAL A 2471 -4.54 -17.67 -6.81
N SER A 2472 -4.60 -16.83 -5.78
CA SER A 2472 -5.78 -16.75 -4.94
C SER A 2472 -6.99 -16.27 -5.73
N ILE A 2473 -6.85 -15.19 -6.49
CA ILE A 2473 -8.01 -14.67 -7.19
C ILE A 2473 -8.37 -15.50 -8.42
N VAL A 2474 -7.42 -16.23 -9.01
CA VAL A 2474 -7.82 -17.10 -10.11
C VAL A 2474 -8.52 -18.35 -9.58
N LEU A 2475 -8.22 -18.79 -8.35
CA LEU A 2475 -8.97 -19.91 -7.79
C LEU A 2475 -10.37 -19.48 -7.37
N VAL A 2476 -10.51 -18.27 -6.85
CA VAL A 2476 -11.81 -17.78 -6.42
C VAL A 2476 -12.74 -17.61 -7.60
N VAL A 2477 -12.25 -17.00 -8.67
CA VAL A 2477 -13.08 -16.86 -9.86
C VAL A 2477 -13.24 -18.21 -10.56
N GLY A 2478 -12.29 -19.13 -10.38
CA GLY A 2478 -12.43 -20.46 -10.96
C GLY A 2478 -13.57 -21.25 -10.38
N LYS A 2479 -13.66 -21.31 -9.06
CA LYS A 2479 -14.80 -21.99 -8.46
C LYS A 2479 -16.06 -21.14 -8.54
N PHE A 2480 -15.95 -19.83 -8.74
CA PHE A 2480 -17.14 -19.03 -9.00
C PHE A 2480 -17.79 -19.38 -10.33
N VAL A 2481 -16.98 -19.62 -11.36
CA VAL A 2481 -17.57 -20.03 -12.63
C VAL A 2481 -18.01 -21.48 -12.56
N ARG A 2482 -17.30 -22.32 -11.80
CA ARG A 2482 -17.76 -23.69 -11.56
C ARG A 2482 -19.01 -23.77 -10.72
N GLY A 2483 -19.44 -22.67 -10.10
CA GLY A 2483 -20.79 -22.63 -9.54
C GLY A 2483 -21.85 -22.80 -10.62
N PHE A 2484 -21.65 -22.14 -11.76
CA PHE A 2484 -22.62 -22.21 -12.84
C PHE A 2484 -22.66 -23.57 -13.51
N PHE A 2485 -21.65 -24.39 -13.31
CA PHE A 2485 -21.57 -25.74 -13.86
C PHE A 2485 -21.56 -26.72 -12.69
N SER A 2486 -21.43 -28.01 -13.01
CA SER A 2486 -21.12 -29.11 -12.11
C SER A 2486 -22.20 -29.45 -11.06
N GLU A 2487 -23.24 -28.64 -10.93
CA GLU A 2487 -24.30 -28.95 -9.97
C GLU A 2487 -25.67 -28.56 -10.50
N ILE A 2488 -25.89 -28.61 -11.80
CA ILE A 2488 -27.21 -28.27 -12.32
C ILE A 2488 -28.02 -29.50 -12.68
N SER A 2489 -27.45 -30.69 -12.55
CA SER A 2489 -28.25 -31.89 -12.53
C SER A 2489 -29.16 -31.90 -11.30
N HIS A 2490 -28.74 -31.26 -10.22
CA HIS A 2490 -29.57 -31.11 -9.05
C HIS A 2490 -30.78 -30.23 -9.30
N SER A 2491 -30.70 -29.33 -10.27
CA SER A 2491 -31.74 -28.37 -10.55
C SER A 2491 -32.58 -28.72 -11.78
N ILE A 2492 -32.29 -29.85 -12.43
CA ILE A 2492 -33.10 -30.29 -13.56
C ILE A 2492 -34.55 -30.54 -13.13
N MET A 2493 -34.75 -31.11 -11.95
CA MET A 2493 -36.11 -31.47 -11.56
C MET A 2493 -36.97 -30.28 -11.15
N PHE A 2494 -36.39 -29.09 -11.08
CA PHE A 2494 -37.16 -27.90 -10.74
C PHE A 2494 -37.15 -26.84 -11.82
N GLU A 2495 -36.34 -26.99 -12.87
CA GLU A 2495 -36.36 -26.00 -13.93
C GLU A 2495 -36.62 -26.58 -15.31
N GLU A 2496 -36.31 -27.86 -15.54
CA GLU A 2496 -36.53 -28.45 -16.85
C GLU A 2496 -37.89 -29.16 -16.87
N LEU A 2497 -38.94 -28.38 -16.72
CA LEU A 2497 -40.28 -28.94 -16.61
C LEU A 2497 -41.22 -28.32 -17.62
N PRO A 2498 -42.14 -29.11 -18.16
CA PRO A 2498 -43.11 -28.60 -19.12
C PRO A 2498 -44.20 -27.76 -18.45
N CYS A 2499 -45.28 -27.54 -19.21
CA CYS A 2499 -46.26 -26.46 -19.08
C CYS A 2499 -46.63 -26.09 -17.65
N VAL A 2500 -46.45 -24.82 -17.31
CA VAL A 2500 -46.31 -24.40 -15.93
C VAL A 2500 -47.52 -23.54 -15.63
N ASP A 2501 -48.61 -23.82 -16.31
CA ASP A 2501 -49.78 -22.95 -16.24
C ASP A 2501 -50.46 -23.07 -14.89
N ARG A 2502 -50.52 -24.28 -14.36
CA ARG A 2502 -51.22 -24.53 -13.11
C ARG A 2502 -50.53 -23.87 -11.93
N ILE A 2503 -49.21 -23.77 -11.98
CA ILE A 2503 -48.53 -23.26 -10.80
C ILE A 2503 -48.56 -21.74 -10.81
N LEU A 2504 -48.62 -21.12 -12.00
CA LEU A 2504 -48.90 -19.69 -12.04
C LEU A 2504 -50.31 -19.40 -11.59
N LYS A 2505 -51.26 -20.30 -11.87
CA LYS A 2505 -52.60 -20.15 -11.32
C LYS A 2505 -52.55 -20.20 -9.80
N LEU A 2506 -51.74 -21.08 -9.24
CA LEU A 2506 -51.67 -21.19 -7.79
C LEU A 2506 -50.95 -19.99 -7.17
N CYS A 2507 -49.90 -19.50 -7.81
CA CYS A 2507 -49.16 -18.38 -7.24
C CYS A 2507 -49.95 -17.08 -7.33
N GLN A 2508 -50.65 -16.88 -8.45
CA GLN A 2508 -51.49 -15.70 -8.57
C GLN A 2508 -52.71 -15.78 -7.65
N ASP A 2509 -53.16 -17.00 -7.34
CA ASP A 2509 -54.17 -17.17 -6.30
C ASP A 2509 -53.66 -16.69 -4.96
N ILE A 2510 -52.41 -17.03 -4.62
CA ILE A 2510 -51.85 -16.61 -3.33
C ILE A 2510 -51.71 -15.09 -3.28
N PHE A 2511 -51.39 -14.46 -4.41
CA PHE A 2511 -51.19 -13.01 -4.41
C PHE A 2511 -52.51 -12.27 -4.21
N LEU A 2512 -53.57 -12.68 -4.91
CA LEU A 2512 -54.83 -11.96 -4.73
C LEU A 2512 -55.47 -12.29 -3.38
N VAL A 2513 -55.17 -13.46 -2.82
CA VAL A 2513 -55.63 -13.76 -1.46
C VAL A 2513 -54.88 -12.90 -0.45
N ARG A 2514 -53.61 -12.59 -0.72
CA ARG A 2514 -52.89 -11.63 0.12
C ARG A 2514 -53.50 -10.24 0.03
N GLU A 2515 -54.11 -9.89 -1.10
CA GLU A 2515 -54.82 -8.62 -1.19
C GLU A 2515 -56.11 -8.65 -0.38
N THR A 2516 -56.96 -9.65 -0.62
CA THR A 2516 -58.30 -9.65 -0.06
C THR A 2516 -58.35 -10.07 1.41
N ARG A 2517 -57.21 -10.35 2.03
CA ARG A 2517 -57.06 -10.60 3.47
C ARG A 2517 -57.85 -11.82 3.94
N GLU A 2518 -58.04 -12.80 3.06
CA GLU A 2518 -58.67 -14.05 3.45
C GLU A 2518 -57.59 -15.11 3.69
N LEU A 2519 -56.84 -14.88 4.77
CA LEU A 2519 -55.52 -15.49 4.94
C LEU A 2519 -55.57 -16.98 5.26
N GLU A 2520 -56.73 -17.53 5.62
CA GLU A 2520 -56.86 -18.98 5.68
C GLU A 2520 -56.66 -19.61 4.32
N LEU A 2521 -57.14 -18.94 3.28
CA LEU A 2521 -56.91 -19.43 1.93
C LEU A 2521 -55.44 -19.30 1.55
N GLU A 2522 -54.76 -18.31 2.11
CA GLU A 2522 -53.32 -18.18 1.86
C GLU A 2522 -52.56 -19.36 2.44
N GLU A 2523 -52.88 -19.73 3.68
CA GLU A 2523 -52.18 -20.85 4.31
C GLU A 2523 -52.49 -22.18 3.63
N GLU A 2524 -53.72 -22.34 3.13
CA GLU A 2524 -54.05 -23.62 2.51
C GLU A 2524 -53.46 -23.73 1.11
N LEU A 2525 -53.43 -22.63 0.36
CA LEU A 2525 -52.75 -22.64 -0.92
C LEU A 2525 -51.24 -22.75 -0.76
N TYR A 2526 -50.69 -22.19 0.32
CA TYR A 2526 -49.26 -22.34 0.55
C TYR A 2526 -48.90 -23.76 0.96
N ALA A 2527 -49.80 -24.46 1.64
CA ALA A 2527 -49.59 -25.87 1.88
C ALA A 2527 -49.64 -26.66 0.58
N LYS A 2528 -50.40 -26.19 -0.41
CA LYS A 2528 -50.35 -26.82 -1.73
C LYS A 2528 -49.02 -26.57 -2.42
N LEU A 2529 -48.44 -25.38 -2.28
CA LEU A 2529 -47.13 -25.13 -2.88
C LEU A 2529 -46.03 -25.97 -2.25
N ILE A 2530 -45.97 -25.99 -0.91
CA ILE A 2530 -44.95 -26.77 -0.22
C ILE A 2530 -45.07 -28.24 -0.58
N PHE A 2531 -46.30 -28.77 -0.61
CA PHE A 2531 -46.40 -30.18 -0.97
C PHE A 2531 -46.14 -30.41 -2.45
N LEU A 2532 -46.30 -29.41 -3.29
CA LEU A 2532 -45.94 -29.62 -4.69
C LEU A 2532 -44.44 -29.63 -4.85
N TYR A 2533 -43.72 -28.93 -3.98
CA TYR A 2533 -42.26 -28.93 -3.97
C TYR A 2533 -41.67 -29.93 -2.99
N ARG A 2534 -42.50 -30.76 -2.36
CA ARG A 2534 -42.02 -31.88 -1.57
C ARG A 2534 -42.16 -33.22 -2.27
N SER A 2535 -42.76 -33.25 -3.44
CA SER A 2535 -43.05 -34.51 -4.11
C SER A 2535 -42.92 -34.29 -5.60
N PRO A 2536 -41.77 -34.62 -6.17
CA PRO A 2536 -41.58 -34.46 -7.62
C PRO A 2536 -42.45 -35.34 -8.49
N GLU A 2537 -43.02 -36.44 -8.00
CA GLU A 2537 -43.97 -37.15 -8.84
C GLU A 2537 -45.29 -36.41 -8.96
N THR A 2538 -45.66 -35.65 -7.93
CA THR A 2538 -46.79 -34.75 -8.11
C THR A 2538 -46.42 -33.56 -8.97
N MET A 2539 -45.13 -33.21 -9.00
CA MET A 2539 -44.67 -32.21 -9.96
C MET A 2539 -44.81 -32.72 -11.38
N ILE A 2540 -44.61 -34.02 -11.59
CA ILE A 2540 -44.82 -34.61 -12.90
C ILE A 2540 -46.29 -34.66 -13.25
N LYS A 2541 -47.15 -34.98 -12.27
CA LYS A 2541 -48.59 -34.93 -12.50
C LYS A 2541 -49.04 -33.51 -12.84
N TRP A 2542 -48.65 -32.55 -12.03
CA TRP A 2542 -49.18 -31.20 -12.11
C TRP A 2542 -48.56 -30.39 -13.23
N THR A 2543 -47.44 -30.85 -13.80
CA THR A 2543 -46.83 -30.14 -14.91
C THR A 2543 -46.74 -31.00 -16.15
N ARG A 2544 -47.82 -31.67 -16.53
CA ARG A 2544 -47.87 -32.31 -17.83
C ARG A 2544 -48.15 -31.25 -18.90
N GLU A 2545 -48.37 -31.68 -20.13
CA GLU A 2545 -48.48 -30.74 -21.24
C GLU A 2545 -49.90 -30.62 -21.77
N ARG A 2546 -50.51 -31.74 -22.16
CA ARG A 2546 -51.90 -31.85 -22.61
C ARG A 2546 -52.27 -30.93 -23.78
N UNK B 1 -50.53 -22.26 10.89
CA UNK B 1 -49.81 -22.94 11.96
C UNK B 1 -49.56 -24.40 11.61
N UNK B 2 -50.54 -25.25 11.94
CA UNK B 2 -50.52 -26.65 11.56
C UNK B 2 -51.33 -26.92 10.30
N UNK B 3 -51.96 -25.89 9.74
CA UNK B 3 -52.57 -26.00 8.43
C UNK B 3 -51.58 -25.73 7.31
N UNK B 4 -50.49 -25.01 7.60
CA UNK B 4 -49.47 -24.76 6.59
C UNK B 4 -48.64 -26.00 6.33
N UNK B 5 -48.41 -26.81 7.34
CA UNK B 5 -47.65 -28.05 7.23
C UNK B 5 -48.56 -29.26 7.14
N UNK B 6 -49.64 -29.17 6.38
CA UNK B 6 -50.58 -30.28 6.24
C UNK B 6 -51.15 -30.29 4.83
N UNK B 7 -50.68 -31.21 4.00
CA UNK B 7 -51.21 -31.40 2.66
C UNK B 7 -50.90 -32.82 2.22
N UNK B 8 -51.92 -33.52 1.73
CA UNK B 8 -51.83 -34.94 1.46
C UNK B 8 -51.51 -35.20 0.00
N UNK B 9 -51.14 -36.45 -0.29
CA UNK B 9 -50.72 -36.87 -1.62
C UNK B 9 -51.91 -36.85 -2.55
N UNK B 10 -52.02 -35.77 -3.32
CA UNK B 10 -53.03 -35.52 -4.35
C UNK B 10 -54.46 -35.47 -3.80
N UNK B 11 -54.63 -35.38 -2.49
CA UNK B 11 -55.95 -35.04 -1.96
C UNK B 11 -56.31 -33.60 -2.27
N UNK B 12 -55.30 -32.76 -2.49
CA UNK B 12 -55.48 -31.41 -2.98
C UNK B 12 -55.06 -31.25 -4.44
N UNK B 13 -54.53 -32.31 -5.06
CA UNK B 13 -53.99 -32.21 -6.39
C UNK B 13 -54.58 -33.22 -7.35
N UNK B 14 -55.74 -33.78 -7.01
CA UNK B 14 -56.43 -34.69 -7.93
C UNK B 14 -57.02 -33.89 -9.09
N UNK B 15 -56.97 -34.48 -10.28
CA UNK B 15 -57.43 -33.79 -11.48
C UNK B 15 -58.95 -33.68 -11.47
N UNK B 16 -59.45 -32.45 -11.50
CA UNK B 16 -60.89 -32.22 -11.45
C UNK B 16 -61.38 -31.48 -12.68
N LEU C 577 63.31 -70.70 15.03
CA LEU C 577 63.71 -69.35 14.67
C LEU C 577 63.05 -68.91 13.36
N VAL C 578 63.78 -68.15 12.54
CA VAL C 578 63.30 -67.66 11.26
C VAL C 578 64.21 -68.10 10.12
N THR C 579 65.53 -67.95 10.30
CA THR C 579 66.58 -68.34 9.33
C THR C 579 66.39 -67.64 7.98
N GLY C 580 66.01 -66.37 8.02
CA GLY C 580 65.82 -65.60 6.81
C GLY C 580 67.00 -64.71 6.48
N ILE C 581 68.21 -65.23 6.68
CA ILE C 581 69.43 -64.46 6.43
C ILE C 581 69.90 -64.55 5.00
N TYR C 582 69.14 -65.20 4.11
CA TYR C 582 69.53 -65.28 2.71
C TYR C 582 69.31 -63.97 1.97
N VAL C 583 68.44 -63.10 2.48
CA VAL C 583 68.26 -61.80 1.85
C VAL C 583 69.36 -60.84 2.26
N LYS C 584 69.96 -61.04 3.43
CA LYS C 584 71.04 -60.17 3.92
C LYS C 584 72.41 -60.72 3.52
N TYR C 585 72.59 -61.01 2.24
CA TYR C 585 73.87 -61.47 1.72
C TYR C 585 74.26 -60.74 0.44
N TRP C 586 73.63 -59.61 0.15
CA TRP C 586 73.89 -58.85 -1.06
C TRP C 586 74.97 -57.80 -0.81
N ILE C 587 75.76 -57.56 -1.86
CA ILE C 587 76.88 -56.62 -1.79
C ILE C 587 76.49 -55.22 -2.26
N TYR C 588 75.19 -54.96 -2.43
CA TYR C 588 74.74 -53.66 -2.92
C TYR C 588 74.90 -52.58 -1.85
N VAL C 589 74.68 -52.94 -0.58
CA VAL C 589 74.89 -51.98 0.49
C VAL C 589 76.37 -51.69 0.68
N CYS C 590 77.21 -52.70 0.48
CA CYS C 590 78.67 -52.49 0.53
C CYS C 590 79.14 -51.64 -0.64
N ALA C 591 78.46 -51.74 -1.79
CA ALA C 591 78.80 -50.88 -2.92
C ALA C 591 78.32 -49.44 -2.68
N GLY C 592 77.15 -49.28 -2.08
CA GLY C 592 76.62 -47.96 -1.84
C GLY C 592 77.36 -47.20 -0.74
N MET C 593 77.96 -47.92 0.21
CA MET C 593 78.74 -47.28 1.26
C MET C 593 80.00 -46.63 0.70
N PHE C 594 80.54 -47.16 -0.39
CA PHE C 594 81.71 -46.56 -1.02
C PHE C 594 81.39 -45.22 -1.64
N ILE C 595 80.23 -45.11 -2.31
CA ILE C 595 79.84 -43.83 -2.89
C ILE C 595 79.37 -42.86 -1.80
N VAL C 596 78.79 -43.38 -0.72
CA VAL C 596 78.37 -42.54 0.39
C VAL C 596 79.58 -41.96 1.12
N VAL C 597 80.69 -42.70 1.14
CA VAL C 597 81.94 -42.14 1.67
C VAL C 597 82.67 -41.33 0.62
N SER C 598 82.36 -41.53 -0.66
CA SER C 598 82.99 -40.74 -1.71
C SER C 598 82.44 -39.31 -1.72
N PHE C 599 81.16 -39.15 -1.42
CA PHE C 599 80.56 -37.83 -1.33
C PHE C 599 80.76 -37.27 0.09
N ALA C 600 80.08 -36.18 0.40
CA ALA C 600 80.17 -35.57 1.73
C ALA C 600 78.79 -35.35 2.33
N VAL C 605 85.76 -35.91 1.30
CA VAL C 605 84.91 -34.85 0.80
C VAL C 605 85.46 -34.31 -0.52
N TYR C 606 86.53 -33.52 -0.44
CA TYR C 606 87.17 -32.92 -1.60
C TYR C 606 88.66 -33.19 -1.57
N LYS C 607 89.03 -34.45 -1.33
CA LYS C 607 90.42 -34.86 -1.25
C LYS C 607 90.75 -35.79 -2.41
N ILE C 608 92.06 -35.99 -2.62
CA ILE C 608 92.52 -36.91 -3.67
C ILE C 608 92.43 -38.36 -3.25
N VAL C 609 92.21 -38.63 -1.96
CA VAL C 609 91.96 -40.00 -1.52
C VAL C 609 90.56 -40.46 -1.89
N TYR C 610 89.63 -39.53 -2.09
CA TYR C 610 88.27 -39.90 -2.47
C TYR C 610 88.18 -40.42 -3.90
N MET C 611 89.15 -40.07 -4.75
CA MET C 611 89.16 -40.59 -6.11
C MET C 611 89.55 -42.07 -6.15
N PHE C 612 90.26 -42.55 -5.12
CA PHE C 612 90.62 -43.97 -5.08
C PHE C 612 89.41 -44.85 -4.84
N LEU C 613 88.43 -44.38 -4.06
CA LEU C 613 87.22 -45.14 -3.84
C LEU C 613 86.37 -45.21 -5.11
N PHE C 614 86.30 -44.10 -5.85
CA PHE C 614 85.56 -44.09 -7.11
C PHE C 614 86.27 -44.90 -8.17
N LEU C 615 87.61 -44.92 -8.16
CA LEU C 615 88.34 -45.78 -9.07
C LEU C 615 88.17 -47.25 -8.70
N LEU C 616 88.00 -47.56 -7.42
CA LEU C 616 87.74 -48.93 -7.00
C LEU C 616 86.35 -49.38 -7.43
N CYS C 617 85.35 -48.49 -7.31
CA CYS C 617 84.00 -48.84 -7.75
C CYS C 617 83.94 -48.95 -9.27
N LEU C 618 84.69 -48.11 -9.99
CA LEU C 618 84.74 -48.21 -11.45
C LEU C 618 85.46 -49.47 -11.90
N THR C 619 86.52 -49.87 -11.19
CA THR C 619 87.22 -51.10 -11.55
C THR C 619 86.39 -52.33 -11.23
N LEU C 620 85.61 -52.28 -10.15
CA LEU C 620 84.68 -53.38 -9.86
C LEU C 620 83.55 -53.44 -10.85
N PHE C 621 83.10 -52.29 -11.35
CA PHE C 621 82.06 -52.27 -12.38
C PHE C 621 82.57 -52.82 -13.69
N GLN C 622 83.79 -52.45 -14.08
CA GLN C 622 84.39 -53.00 -15.30
C GLN C 622 84.72 -54.48 -15.15
N VAL C 623 85.03 -54.93 -13.93
CA VAL C 623 85.21 -56.35 -13.68
C VAL C 623 83.88 -57.09 -13.79
N TYR C 624 82.78 -56.43 -13.41
CA TYR C 624 81.46 -56.98 -13.67
C TYR C 624 81.12 -56.99 -15.16
N TYR C 625 81.78 -56.16 -15.96
CA TYR C 625 81.62 -56.17 -17.40
C TYR C 625 82.69 -56.98 -18.12
N THR C 626 83.67 -57.55 -17.41
CA THR C 626 84.71 -58.34 -18.05
C THR C 626 84.66 -59.81 -17.64
N LEU C 627 84.78 -60.12 -16.36
CA LEU C 627 84.87 -61.50 -15.89
C LEU C 627 84.62 -61.55 -14.40
N TRP C 628 83.79 -62.50 -13.97
CA TRP C 628 83.46 -62.68 -12.57
C TRP C 628 84.51 -63.58 -11.92
N ARG C 629 84.19 -64.09 -10.72
CA ARG C 629 84.96 -65.10 -9.98
C ARG C 629 86.35 -64.63 -9.56
N LYS C 630 86.54 -63.31 -9.46
CA LYS C 630 87.76 -62.77 -8.88
C LYS C 630 87.49 -61.57 -8.00
N LEU C 631 86.22 -61.30 -7.67
CA LEU C 631 85.85 -60.12 -6.89
C LEU C 631 86.00 -60.33 -5.39
N LEU C 632 86.24 -61.57 -4.94
CA LEU C 632 86.46 -61.80 -3.52
C LEU C 632 87.82 -61.27 -3.08
N ARG C 633 88.87 -61.58 -3.85
CA ARG C 633 90.18 -61.02 -3.59
C ARG C 633 90.22 -59.53 -3.88
N VAL C 634 89.39 -59.07 -4.82
CA VAL C 634 89.28 -57.63 -5.08
C VAL C 634 88.62 -56.92 -3.91
N PHE C 635 87.63 -57.55 -3.28
CA PHE C 635 87.03 -56.98 -2.08
C PHE C 635 87.97 -57.05 -0.89
N TRP C 636 88.84 -58.06 -0.85
CA TRP C 636 89.87 -58.13 0.19
C TRP C 636 90.89 -57.01 0.00
N TRP C 637 91.27 -56.73 -1.25
CA TRP C 637 92.18 -55.61 -1.50
C TRP C 637 91.48 -54.27 -1.29
N LEU C 638 90.16 -54.22 -1.49
CA LEU C 638 89.41 -53.00 -1.18
C LEU C 638 89.31 -52.77 0.32
N VAL C 639 89.20 -53.86 1.10
CA VAL C 639 89.27 -53.75 2.54
C VAL C 639 90.66 -53.34 2.99
N VAL C 640 91.70 -53.79 2.28
CA VAL C 640 93.07 -53.38 2.58
C VAL C 640 93.27 -51.91 2.25
N ALA C 641 92.66 -51.43 1.16
CA ALA C 641 92.79 -50.03 0.79
C ALA C 641 92.01 -49.14 1.73
N TYR C 642 90.86 -49.60 2.21
CA TYR C 642 90.11 -48.85 3.22
C TYR C 642 90.84 -48.87 4.55
N THR C 643 91.57 -49.94 4.85
CA THR C 643 92.41 -49.98 6.04
C THR C 643 93.58 -49.01 5.92
N MET C 644 94.15 -48.90 4.72
CA MET C 644 95.22 -47.94 4.50
C MET C 644 94.71 -46.50 4.56
N LEU C 645 93.48 -46.27 4.10
CA LEU C 645 92.88 -44.93 4.20
C LEU C 645 92.58 -44.58 5.66
N VAL C 646 92.13 -45.55 6.44
CA VAL C 646 91.91 -45.32 7.86
C VAL C 646 93.23 -45.13 8.59
N LEU C 647 94.29 -45.79 8.12
CA LEU C 647 95.60 -45.58 8.72
C LEU C 647 96.16 -44.21 8.37
N ILE C 648 95.89 -43.73 7.15
CA ILE C 648 96.33 -42.40 6.76
C ILE C 648 95.56 -41.33 7.51
N ALA C 649 94.27 -41.59 7.81
CA ALA C 649 93.52 -40.66 8.64
C ALA C 649 93.99 -40.71 10.10
N VAL C 650 94.46 -41.88 10.55
CA VAL C 650 94.89 -42.02 11.94
C VAL C 650 96.27 -41.39 12.15
N TYR C 651 97.13 -41.41 11.14
CA TYR C 651 98.48 -40.87 11.31
C TYR C 651 98.51 -39.35 11.32
N THR C 652 97.46 -38.69 10.84
CA THR C 652 97.41 -37.24 10.78
C THR C 652 96.58 -36.63 11.91
N PHE C 653 96.35 -37.41 12.98
CA PHE C 653 95.64 -36.85 14.13
C PHE C 653 96.54 -35.90 14.92
N GLN C 654 97.82 -36.23 15.03
CA GLN C 654 98.79 -35.38 15.71
C GLN C 654 99.43 -34.43 14.69
N PHE C 655 100.47 -33.72 15.11
CA PHE C 655 101.17 -32.78 14.23
C PHE C 655 102.29 -33.51 13.49
N GLN C 656 101.87 -34.43 12.63
CA GLN C 656 102.78 -35.21 11.79
C GLN C 656 102.76 -34.77 10.33
N ASP C 657 101.93 -33.78 9.98
CA ASP C 657 101.90 -33.28 8.61
C ASP C 657 103.13 -32.45 8.29
N PHE C 658 103.78 -31.86 9.29
CA PHE C 658 105.05 -31.18 9.10
C PHE C 658 106.12 -32.22 8.79
N PRO C 659 106.09 -33.37 9.47
CA PRO C 659 106.98 -34.46 9.08
C PRO C 659 106.60 -35.08 7.75
N THR C 660 105.33 -35.02 7.37
CA THR C 660 104.93 -35.49 6.04
C THR C 660 105.43 -34.54 4.94
N TYR C 661 105.44 -33.24 5.24
CA TYR C 661 105.99 -32.28 4.30
C TYR C 661 107.52 -32.39 4.22
N TRP C 662 108.16 -32.78 5.32
CA TRP C 662 109.59 -33.03 5.28
C TRP C 662 109.90 -34.32 4.52
N ARG C 663 109.07 -35.35 4.69
CA ARG C 663 109.26 -36.62 4.00
C ARG C 663 108.82 -36.58 2.54
N ASN C 664 108.05 -35.57 2.14
CA ASN C 664 107.66 -35.43 0.75
C ASN C 664 108.86 -35.01 -0.08
N LEU C 665 109.08 -35.70 -1.21
CA LEU C 665 110.23 -35.45 -2.06
C LEU C 665 109.99 -34.22 -2.93
N THR C 666 110.08 -33.05 -2.27
CA THR C 666 109.91 -31.72 -2.88
C THR C 666 108.56 -31.57 -3.59
N GLY C 667 107.51 -32.13 -2.98
CA GLY C 667 106.19 -32.08 -3.58
C GLY C 667 105.07 -31.82 -2.60
N PHE C 668 105.35 -31.11 -1.51
CA PHE C 668 104.31 -30.80 -0.55
C PHE C 668 103.49 -29.59 -0.99
N THR C 669 104.13 -28.41 -1.03
CA THR C 669 103.63 -27.15 -1.59
C THR C 669 102.32 -26.66 -0.96
N ASP C 670 101.96 -27.20 0.23
CA ASP C 670 100.80 -26.83 1.05
C ASP C 670 99.44 -27.09 0.41
N GLU C 671 99.41 -27.59 -0.83
CA GLU C 671 98.17 -28.07 -1.44
C GLU C 671 98.33 -29.38 -2.19
N GLN C 672 99.53 -29.73 -2.68
CA GLN C 672 99.73 -31.02 -3.34
C GLN C 672 99.75 -32.16 -2.33
N LEU C 673 99.98 -31.85 -1.05
CA LEU C 673 99.85 -32.85 0.01
C LEU C 673 99.19 -32.28 1.25
N GLY C 674 98.69 -31.05 1.20
CA GLY C 674 98.16 -30.40 2.39
C GLY C 674 96.66 -30.18 2.37
N ASP C 675 96.10 -29.95 1.18
CA ASP C 675 94.65 -29.81 1.06
C ASP C 675 93.96 -31.16 1.19
N LEU C 676 94.50 -32.20 0.56
CA LEU C 676 94.01 -33.55 0.70
C LEU C 676 94.72 -34.32 1.80
N GLY C 677 95.54 -33.64 2.60
CA GLY C 677 96.36 -34.30 3.61
C GLY C 677 95.74 -34.31 4.98
N LEU C 678 94.40 -34.44 5.04
CA LEU C 678 93.61 -34.61 6.26
C LEU C 678 93.81 -33.45 7.23
N GLU C 679 93.34 -32.27 6.79
CA GLU C 679 93.32 -31.10 7.66
C GLU C 679 92.27 -31.32 8.74
N GLN C 680 92.75 -31.67 9.94
CA GLN C 680 91.85 -32.05 11.03
C GLN C 680 91.30 -30.82 11.72
N PHE C 681 89.97 -30.72 11.79
CA PHE C 681 89.32 -29.63 12.50
C PHE C 681 89.09 -29.95 13.97
N SER C 682 89.02 -31.25 14.30
CA SER C 682 88.97 -31.78 15.67
C SER C 682 87.75 -31.31 16.46
N VAL C 683 86.67 -30.92 15.78
CA VAL C 683 85.43 -30.55 16.45
C VAL C 683 84.30 -31.41 15.93
N SER C 684 83.99 -31.29 14.65
CA SER C 684 82.98 -32.10 13.99
C SER C 684 83.40 -32.60 12.62
N GLU C 685 84.34 -31.94 11.94
CA GLU C 685 84.81 -32.43 10.65
C GLU C 685 85.71 -33.65 10.80
N LEU C 686 86.50 -33.70 11.88
CA LEU C 686 87.26 -34.91 12.19
C LEU C 686 86.33 -36.04 12.59
N PHE C 687 85.23 -35.73 13.29
CA PHE C 687 84.26 -36.76 13.64
C PHE C 687 83.55 -37.30 12.40
N SER C 688 83.25 -36.42 11.44
CA SER C 688 82.61 -36.88 10.21
C SER C 688 83.58 -37.66 9.34
N SER C 689 84.83 -37.21 9.26
CA SER C 689 85.82 -37.92 8.46
C SER C 689 86.28 -39.22 9.09
N ILE C 690 86.09 -39.40 10.39
CA ILE C 690 86.39 -40.67 11.01
C ILE C 690 85.19 -41.62 11.00
N LEU C 691 83.97 -41.07 10.98
CA LEU C 691 82.78 -41.90 10.91
C LEU C 691 82.39 -42.28 9.50
N ILE C 692 82.90 -41.59 8.49
CA ILE C 692 82.64 -41.91 7.10
C ILE C 692 83.29 -43.24 6.77
N PRO C 693 84.58 -43.41 7.01
CA PRO C 693 85.21 -44.73 6.84
C PRO C 693 84.91 -45.69 7.98
N GLY C 694 84.33 -45.22 9.08
CA GLY C 694 84.02 -46.09 10.20
C GLY C 694 82.92 -47.08 9.90
N PHE C 695 81.98 -46.71 9.03
CA PHE C 695 80.99 -47.67 8.57
C PHE C 695 81.53 -48.52 7.42
N PHE C 696 82.42 -47.95 6.61
CA PHE C 696 82.96 -48.68 5.47
C PHE C 696 83.90 -49.80 5.90
N LEU C 697 84.64 -49.60 6.99
CA LEU C 697 85.53 -50.65 7.46
C LEU C 697 84.76 -51.82 8.07
N LEU C 698 83.68 -51.52 8.80
CA LEU C 698 82.83 -52.59 9.32
C LEU C 698 82.08 -53.29 8.21
N ALA C 699 81.68 -52.56 7.18
CA ALA C 699 81.06 -53.20 6.02
C ALA C 699 82.08 -54.02 5.23
N CYS C 700 83.35 -53.61 5.26
CA CYS C 700 84.40 -54.40 4.63
C CYS C 700 84.63 -55.71 5.37
N ILE C 701 84.58 -55.68 6.71
CA ILE C 701 84.72 -56.90 7.48
C ILE C 701 83.51 -57.80 7.33
N LEU C 702 82.31 -57.20 7.20
CA LEU C 702 81.11 -58.00 6.98
C LEU C 702 81.11 -58.63 5.59
N GLN C 703 81.59 -57.89 4.59
CA GLN C 703 81.71 -58.47 3.25
C GLN C 703 82.82 -59.51 3.18
N LEU C 704 83.86 -59.35 4.00
CA LEU C 704 84.90 -60.37 4.05
C LEU C 704 84.42 -61.63 4.74
N HIS C 705 83.49 -61.51 5.68
CA HIS C 705 82.94 -62.68 6.35
C HIS C 705 81.80 -63.33 5.57
N TYR C 706 81.18 -62.61 4.63
CA TYR C 706 80.04 -63.12 3.88
C TYR C 706 80.33 -63.23 2.39
N PHE C 707 81.60 -63.32 2.00
CA PHE C 707 81.94 -63.41 0.58
C PHE C 707 81.78 -64.82 0.02
N HIS C 708 81.79 -65.84 0.87
CA HIS C 708 81.66 -67.21 0.40
C HIS C 708 80.22 -67.63 0.17
N ARG C 709 79.29 -67.10 0.97
CA ARG C 709 77.88 -67.42 0.81
C ARG C 709 77.32 -66.66 -0.38
N PRO C 710 77.74 -65.40 -0.58
CA PRO C 710 77.20 -64.64 -1.72
C PRO C 710 77.73 -65.11 -3.06
N PHE C 711 78.94 -65.68 -3.10
CA PHE C 711 79.46 -66.28 -4.32
C PHE C 711 78.93 -67.69 -4.56
N MET C 712 78.10 -68.21 -3.66
CA MET C 712 77.44 -69.49 -3.92
C MET C 712 76.22 -69.32 -4.79
N GLN C 713 75.49 -68.21 -4.63
CA GLN C 713 74.32 -67.96 -5.46
C GLN C 713 74.72 -67.36 -6.80
N LEU C 714 75.71 -66.47 -6.82
CA LEU C 714 76.15 -65.82 -8.05
C LEU C 714 77.28 -66.59 -8.73
N THR C 715 77.05 -67.88 -8.93
CA THR C 715 77.98 -68.76 -9.65
C THR C 715 77.19 -69.97 -10.13
N ASP C 716 77.90 -71.02 -10.53
CA ASP C 716 77.28 -72.29 -10.93
C ASP C 716 77.09 -73.16 -9.69
N LEU C 717 76.22 -72.69 -8.80
CA LEU C 717 75.92 -73.26 -7.48
C LEU C 717 77.16 -73.50 -6.64
N ARG C 782 42.76 -69.42 6.48
CA ARG C 782 42.88 -68.84 5.15
C ARG C 782 43.98 -67.80 5.09
N LEU C 783 45.13 -68.12 5.68
CA LEU C 783 46.27 -67.22 5.72
C LEU C 783 47.46 -67.76 4.95
N LEU C 784 47.92 -68.97 5.28
CA LEU C 784 49.14 -69.51 4.68
C LEU C 784 48.93 -69.91 3.23
N ASP C 785 47.73 -70.41 2.91
CA ASP C 785 47.44 -70.82 1.54
C ASP C 785 47.38 -69.61 0.61
N LEU C 786 46.72 -68.53 1.05
CA LEU C 786 46.68 -67.32 0.25
C LEU C 786 48.04 -66.64 0.18
N ALA C 787 48.85 -66.77 1.25
CA ALA C 787 50.18 -66.18 1.22
C ALA C 787 51.09 -66.89 0.22
N ALA C 788 51.06 -68.23 0.21
CA ALA C 788 51.89 -68.98 -0.72
C ALA C 788 51.41 -68.84 -2.15
N SER C 789 50.08 -68.76 -2.36
CA SER C 789 49.55 -68.63 -3.71
C SER C 789 49.82 -67.25 -4.29
N PHE C 790 49.67 -66.20 -3.47
CA PHE C 790 49.95 -64.85 -3.96
C PHE C 790 51.45 -64.60 -4.10
N SER C 791 52.27 -65.31 -3.32
CA SER C 791 53.71 -65.27 -3.57
C SER C 791 54.06 -65.98 -4.87
N ALA C 792 53.33 -67.05 -5.21
CA ALA C 792 53.53 -67.70 -6.50
C ALA C 792 53.11 -66.80 -7.65
N VAL C 793 52.04 -66.01 -7.45
CA VAL C 793 51.65 -64.99 -8.43
C VAL C 793 52.73 -63.94 -8.56
N LEU C 794 53.37 -63.57 -7.44
CA LEU C 794 54.47 -62.62 -7.49
C LEU C 794 55.69 -63.19 -8.20
N THR C 795 55.92 -64.50 -8.12
CA THR C 795 57.01 -65.10 -8.89
C THR C 795 56.68 -65.16 -10.38
N ARG C 796 55.39 -65.34 -10.73
CA ARG C 796 54.98 -65.25 -12.12
C ARG C 796 55.19 -63.85 -12.67
N ILE C 797 54.84 -62.83 -11.88
CA ILE C 797 55.11 -61.45 -12.26
C ILE C 797 56.62 -61.18 -12.28
N GLN C 798 57.37 -61.86 -11.42
CA GLN C 798 58.83 -61.69 -11.37
C GLN C 798 59.47 -62.18 -12.66
N VAL C 799 59.06 -63.36 -13.14
CA VAL C 799 59.57 -63.86 -14.41
C VAL C 799 59.04 -63.04 -15.58
N PHE C 800 57.82 -62.52 -15.47
CA PHE C 800 57.24 -61.68 -16.53
C PHE C 800 58.00 -60.37 -16.68
N VAL C 801 58.26 -59.69 -15.56
CA VAL C 801 59.03 -58.46 -15.58
C VAL C 801 60.46 -58.72 -16.01
N ARG C 802 61.05 -59.84 -15.56
CA ARG C 802 62.44 -60.14 -15.91
C ARG C 802 62.61 -60.48 -17.38
N ARG C 803 61.64 -61.19 -17.96
CA ARG C 803 61.73 -61.51 -19.39
C ARG C 803 61.50 -60.26 -20.23
N LEU C 804 60.61 -59.38 -19.78
CA LEU C 804 60.42 -58.11 -20.48
C LEU C 804 61.58 -57.16 -20.25
N LEU C 805 62.35 -57.35 -19.18
CA LEU C 805 63.50 -56.51 -18.88
C LEU C 805 64.80 -57.14 -19.35
N GLU C 806 64.73 -58.34 -19.92
CA GLU C 806 65.90 -58.94 -20.55
C GLU C 806 66.33 -58.12 -21.77
N LEU C 807 65.47 -58.02 -22.77
CA LEU C 807 65.60 -56.98 -23.77
C LEU C 807 64.84 -55.76 -23.28
N HIS C 808 64.65 -54.77 -24.17
CA HIS C 808 64.03 -53.48 -23.88
C HIS C 808 64.75 -52.69 -22.79
N VAL C 809 66.02 -52.98 -22.53
CA VAL C 809 66.82 -52.21 -21.57
C VAL C 809 68.03 -51.62 -22.26
N PHE C 810 68.50 -52.26 -23.33
CA PHE C 810 69.53 -51.62 -24.16
C PHE C 810 68.98 -50.37 -24.83
N LYS C 811 67.70 -50.40 -25.20
CA LYS C 811 67.03 -49.19 -25.67
C LYS C 811 66.91 -48.16 -24.57
N LEU C 812 66.66 -48.59 -23.33
CA LEU C 812 66.43 -47.64 -22.25
C LEU C 812 67.75 -47.02 -21.79
N VAL C 813 68.82 -47.79 -21.78
CA VAL C 813 70.15 -47.25 -21.49
C VAL C 813 70.57 -46.29 -22.60
N ALA C 814 70.28 -46.63 -23.85
CA ALA C 814 70.60 -45.73 -24.97
C ALA C 814 69.81 -44.42 -24.88
N LEU C 815 68.54 -44.50 -24.47
CA LEU C 815 67.74 -43.29 -24.28
C LEU C 815 68.27 -42.44 -23.13
N TYR C 816 68.72 -43.06 -22.06
CA TYR C 816 69.22 -42.25 -20.95
C TYR C 816 70.58 -41.64 -21.24
N THR C 817 71.45 -42.35 -21.97
CA THR C 817 72.74 -41.77 -22.35
C THR C 817 72.57 -40.60 -23.29
N VAL C 818 71.61 -40.68 -24.20
CA VAL C 818 71.37 -39.55 -25.10
C VAL C 818 70.63 -38.42 -24.37
N TRP C 819 69.76 -38.76 -23.40
CA TRP C 819 69.14 -37.74 -22.54
C TRP C 819 70.19 -36.98 -21.74
N VAL C 820 71.24 -37.68 -21.30
CA VAL C 820 72.36 -37.03 -20.61
C VAL C 820 73.16 -36.18 -21.60
N ALA C 821 73.54 -36.78 -22.73
CA ALA C 821 74.43 -36.11 -23.67
C ALA C 821 73.77 -35.01 -24.48
N LEU C 822 72.47 -34.76 -24.30
CA LEU C 822 71.83 -33.64 -24.97
C LEU C 822 71.26 -32.59 -24.03
N LYS C 823 70.82 -32.96 -22.82
CA LYS C 823 70.43 -31.96 -21.84
C LYS C 823 71.63 -31.12 -21.41
N GLU C 824 72.75 -31.78 -21.18
CA GLU C 824 74.04 -31.13 -21.06
C GLU C 824 74.89 -31.65 -22.21
N VAL C 825 75.31 -30.74 -23.10
CA VAL C 825 75.97 -31.15 -24.34
C VAL C 825 77.33 -31.77 -24.03
N SER C 826 78.25 -30.96 -23.51
CA SER C 826 79.41 -31.38 -22.70
C SER C 826 80.29 -32.42 -23.41
N VAL C 827 80.92 -31.98 -24.51
CA VAL C 827 81.66 -32.88 -25.41
C VAL C 827 82.81 -33.56 -24.64
N MET C 828 83.28 -34.69 -25.18
CA MET C 828 83.93 -35.91 -24.62
C MET C 828 82.86 -36.92 -24.21
N ASN C 829 81.57 -36.59 -24.33
CA ASN C 829 80.55 -37.65 -24.37
C ASN C 829 80.05 -37.87 -25.79
N LEU C 830 80.71 -37.26 -26.77
CA LEU C 830 80.42 -37.55 -28.16
C LEU C 830 80.79 -38.98 -28.52
N LEU C 831 81.74 -39.57 -27.78
CA LEU C 831 81.97 -41.01 -27.90
C LEU C 831 80.76 -41.81 -27.48
N LEU C 832 80.02 -41.36 -26.46
CA LEU C 832 78.78 -42.05 -26.08
C LEU C 832 77.72 -41.90 -27.16
N VAL C 833 77.62 -40.70 -27.75
CA VAL C 833 76.67 -40.48 -28.84
C VAL C 833 77.02 -41.35 -30.05
N VAL C 834 78.31 -41.45 -30.37
CA VAL C 834 78.75 -42.27 -31.50
C VAL C 834 78.50 -43.76 -31.22
N LEU C 835 78.90 -44.23 -30.02
CA LEU C 835 78.79 -45.66 -29.72
C LEU C 835 77.34 -46.13 -29.67
N TRP C 836 76.45 -45.33 -29.09
CA TRP C 836 75.05 -45.78 -29.05
C TRP C 836 74.34 -45.60 -30.37
N ALA C 837 74.70 -44.58 -31.16
CA ALA C 837 74.09 -44.44 -32.48
C ALA C 837 74.57 -45.48 -33.47
N PHE C 838 75.66 -46.20 -33.18
CA PHE C 838 75.97 -47.40 -33.94
C PHE C 838 75.58 -48.68 -33.21
N ALA C 839 75.29 -48.61 -31.92
CA ALA C 839 74.83 -49.80 -31.20
C ALA C 839 73.43 -50.19 -31.61
N LEU C 840 72.57 -49.20 -31.87
CA LEU C 840 71.18 -49.51 -32.18
C LEU C 840 70.97 -50.15 -33.56
N PRO C 841 71.51 -49.62 -34.68
CA PRO C 841 71.26 -50.34 -35.95
C PRO C 841 72.03 -51.64 -36.05
N TYR C 842 73.27 -51.67 -35.61
CA TYR C 842 74.11 -52.82 -35.85
C TYR C 842 73.85 -53.92 -34.82
N PRO C 843 73.64 -55.16 -35.25
CA PRO C 843 73.35 -56.25 -34.30
C PRO C 843 74.56 -56.72 -33.50
N ARG C 844 75.70 -56.90 -34.17
CA ARG C 844 76.88 -57.45 -33.52
C ARG C 844 77.58 -56.44 -32.63
N PHE C 845 77.33 -55.15 -32.86
CA PHE C 845 77.98 -54.08 -32.11
C PHE C 845 77.26 -53.78 -30.79
N ARG C 846 76.18 -54.50 -30.48
CA ARG C 846 75.47 -54.27 -29.23
C ARG C 846 76.28 -54.65 -27.97
N PRO C 847 76.87 -55.86 -27.84
CA PRO C 847 77.66 -56.11 -26.62
C PRO C 847 79.00 -55.42 -26.61
N MET C 848 79.52 -55.02 -27.78
CA MET C 848 80.80 -54.34 -27.84
C MET C 848 80.69 -52.88 -27.40
N ALA C 849 79.57 -52.24 -27.72
CA ALA C 849 79.39 -50.83 -27.35
C ALA C 849 79.03 -50.65 -25.89
N SER C 850 78.38 -51.64 -25.29
CA SER C 850 78.07 -51.56 -23.86
C SER C 850 79.32 -51.64 -23.02
N CYS C 851 80.27 -52.51 -23.42
CA CYS C 851 81.52 -52.65 -22.68
C CYS C 851 82.39 -51.41 -22.83
N LEU C 852 82.46 -50.86 -24.05
CA LEU C 852 83.22 -49.62 -24.24
C LEU C 852 82.54 -48.43 -23.56
N SER C 853 81.22 -48.44 -23.44
CA SER C 853 80.55 -47.39 -22.68
C SER C 853 80.86 -47.49 -21.20
N THR C 854 80.97 -48.72 -20.67
CA THR C 854 81.40 -48.89 -19.28
C THR C 854 82.83 -48.42 -19.08
N VAL C 855 83.68 -48.52 -20.11
CA VAL C 855 85.04 -48.01 -19.98
C VAL C 855 85.05 -46.49 -20.04
N TRP C 856 84.45 -45.91 -21.09
CA TRP C 856 84.62 -44.48 -21.35
C TRP C 856 83.83 -43.61 -20.37
N THR C 857 82.69 -44.09 -19.85
CA THR C 857 81.99 -43.31 -18.85
C THR C 857 82.75 -43.24 -17.54
N CYS C 858 83.44 -44.32 -17.16
CA CYS C 858 84.26 -44.27 -15.96
C CYS C 858 85.49 -43.41 -16.15
N ILE C 859 85.98 -43.30 -17.39
CA ILE C 859 87.01 -42.31 -17.69
C ILE C 859 86.46 -40.90 -17.48
N ILE C 860 85.21 -40.67 -17.90
CA ILE C 860 84.58 -39.36 -17.69
C ILE C 860 84.29 -39.12 -16.21
N ILE C 861 84.01 -40.17 -15.45
CA ILE C 861 83.79 -40.04 -14.01
C ILE C 861 85.06 -39.61 -13.30
N VAL C 862 86.21 -40.20 -13.66
CA VAL C 862 87.48 -39.77 -13.10
C VAL C 862 87.83 -38.36 -13.56
N CYS C 863 87.57 -38.05 -14.83
CA CYS C 863 87.83 -36.71 -15.35
C CYS C 863 86.83 -35.67 -14.88
N LYS C 864 85.76 -36.06 -14.19
CA LYS C 864 84.89 -35.10 -13.53
C LYS C 864 85.04 -35.15 -12.01
N MET C 865 85.86 -36.06 -11.49
CA MET C 865 86.26 -36.00 -10.10
C MET C 865 87.52 -35.17 -9.91
N LEU C 866 88.46 -35.24 -10.86
CA LEU C 866 89.80 -34.67 -10.66
C LEU C 866 89.85 -33.17 -10.99
N TYR C 867 88.99 -32.40 -10.30
CA TYR C 867 89.04 -30.93 -10.35
C TYR C 867 88.74 -30.42 -8.94
N GLN C 868 89.80 -30.19 -8.17
CA GLN C 868 89.72 -29.73 -6.80
C GLN C 868 90.55 -28.48 -6.53
N LEU C 869 91.74 -28.37 -7.11
CA LEU C 869 92.70 -27.34 -6.71
C LEU C 869 93.21 -26.51 -7.88
N LYS C 870 93.37 -27.14 -9.05
CA LYS C 870 93.88 -26.45 -10.23
C LYS C 870 92.82 -25.49 -10.74
N ILE C 871 93.03 -24.19 -10.49
CA ILE C 871 92.00 -23.17 -10.70
C ILE C 871 91.88 -22.81 -12.17
N VAL C 872 90.82 -22.04 -12.49
CA VAL C 872 90.47 -21.73 -13.87
C VAL C 872 91.41 -20.67 -14.46
N ASN C 873 91.98 -19.81 -13.62
CA ASN C 873 92.68 -18.62 -14.11
C ASN C 873 93.94 -18.87 -14.94
N PRO C 874 94.79 -19.88 -14.69
CA PRO C 874 95.82 -20.18 -15.70
C PRO C 874 95.25 -20.74 -16.99
N HIS C 875 94.19 -21.54 -16.92
CA HIS C 875 93.60 -22.12 -18.11
C HIS C 875 92.51 -21.20 -18.68
N ASN C 880 90.25 -13.30 -21.70
CA ASN C 880 89.62 -14.06 -22.77
C ASN C 880 88.55 -13.26 -23.51
N CYS C 881 88.75 -13.13 -24.83
CA CYS C 881 87.74 -12.71 -25.80
C CYS C 881 87.19 -11.30 -25.50
N THR C 882 88.07 -10.31 -25.65
CA THR C 882 87.63 -8.92 -25.63
C THR C 882 86.83 -8.62 -26.90
N GLU C 883 85.72 -7.89 -26.73
CA GLU C 883 84.71 -7.82 -27.78
C GLU C 883 85.14 -6.89 -28.91
N PRO C 884 84.80 -7.24 -30.15
CA PRO C 884 84.72 -6.21 -31.21
C PRO C 884 83.34 -5.58 -31.24
N PHE C 885 83.26 -4.29 -30.96
CA PHE C 885 81.98 -3.59 -30.92
C PHE C 885 81.32 -3.34 -32.28
N PRO C 886 82.06 -3.21 -33.42
CA PRO C 886 81.19 -3.21 -34.61
C PRO C 886 80.81 -4.62 -35.06
N GLN C 892 77.21 -9.14 -34.18
CA GLN C 892 76.34 -8.50 -35.15
C GLN C 892 75.02 -7.91 -34.55
N PRO C 893 74.34 -8.58 -33.56
CA PRO C 893 73.26 -7.87 -32.85
C PRO C 893 73.77 -6.79 -31.90
N LEU C 894 72.84 -6.14 -31.19
CA LEU C 894 73.22 -5.09 -30.26
C LEU C 894 73.73 -5.69 -28.95
N GLU C 895 73.06 -6.72 -28.44
CA GLU C 895 73.45 -7.38 -27.19
C GLU C 895 74.22 -8.66 -27.46
N ILE C 896 75.04 -8.65 -28.52
CA ILE C 896 75.88 -9.80 -28.86
C ILE C 896 76.99 -10.00 -27.84
N ASN C 897 77.34 -8.96 -27.07
CA ASN C 897 78.40 -9.04 -26.07
C ASN C 897 77.87 -9.41 -24.70
N GLN C 898 76.80 -10.22 -24.65
CA GLN C 898 76.14 -10.60 -23.42
C GLN C 898 76.07 -12.11 -23.21
N SER C 899 76.15 -12.91 -24.27
CA SER C 899 75.72 -14.31 -24.19
C SER C 899 76.84 -15.28 -23.83
N LEU C 900 77.77 -15.53 -24.76
CA LEU C 900 78.75 -16.57 -24.46
C LEU C 900 80.20 -16.13 -24.60
N LEU C 901 80.57 -15.65 -25.80
CA LEU C 901 81.98 -15.54 -26.13
C LEU C 901 82.61 -14.29 -25.55
N TYR C 902 82.13 -13.12 -26.00
CA TYR C 902 82.76 -11.86 -25.67
C TYR C 902 82.14 -11.20 -24.45
N ARG C 903 81.56 -11.98 -23.55
CA ARG C 903 81.02 -11.48 -22.29
C ARG C 903 81.83 -11.98 -21.10
N GLY C 904 82.00 -13.30 -20.96
CA GLY C 904 82.74 -13.85 -19.85
C GLY C 904 84.02 -14.52 -20.29
N PRO C 905 84.96 -14.69 -19.35
CA PRO C 905 86.19 -15.44 -19.65
C PRO C 905 85.86 -16.92 -19.86
N VAL C 906 86.12 -17.39 -21.08
CA VAL C 906 85.70 -18.73 -21.50
C VAL C 906 86.60 -19.77 -20.83
N ASP C 907 86.00 -20.68 -20.09
CA ASP C 907 86.71 -21.82 -19.56
C ASP C 907 87.08 -22.74 -20.72
N PRO C 908 88.36 -23.00 -20.97
CA PRO C 908 88.72 -23.81 -22.14
C PRO C 908 88.36 -25.27 -22.01
N ALA C 909 88.28 -25.80 -20.80
CA ALA C 909 87.87 -27.17 -20.58
C ALA C 909 86.37 -27.34 -20.42
N ASN C 910 85.61 -26.24 -20.46
CA ASN C 910 84.16 -26.33 -20.44
C ASN C 910 83.63 -26.92 -21.74
N TRP C 911 84.33 -26.66 -22.86
CA TRP C 911 84.01 -27.32 -24.11
C TRP C 911 84.32 -28.81 -24.04
N PHE C 912 85.25 -29.21 -23.18
CA PHE C 912 85.54 -30.61 -22.91
C PHE C 912 84.76 -31.14 -21.71
N GLY C 913 83.88 -30.34 -21.13
CA GLY C 913 82.97 -30.83 -20.12
C GLY C 913 83.51 -30.78 -18.71
N VAL C 914 84.07 -29.64 -18.32
CA VAL C 914 84.65 -29.46 -16.99
C VAL C 914 83.98 -28.24 -16.36
N ARG C 915 83.17 -28.49 -15.33
CA ARG C 915 82.64 -27.44 -14.47
C ARG C 915 82.64 -28.00 -13.05
N LYS C 916 83.48 -27.46 -12.18
CA LYS C 916 83.50 -27.92 -10.80
C LYS C 916 82.29 -27.32 -10.08
N GLY C 917 81.31 -28.17 -9.77
CA GLY C 917 80.12 -27.73 -9.07
C GLY C 917 80.27 -27.79 -7.57
N TYR C 918 79.33 -27.14 -6.88
CA TYR C 918 79.34 -27.11 -5.43
C TYR C 918 78.81 -28.37 -4.73
N PRO C 919 77.72 -29.03 -5.15
CA PRO C 919 77.32 -30.26 -4.45
C PRO C 919 78.27 -31.43 -4.66
N ASN C 920 79.10 -31.40 -5.71
CA ASN C 920 80.14 -32.38 -6.03
C ASN C 920 79.60 -33.79 -6.28
N LEU C 921 78.28 -33.97 -6.37
CA LEU C 921 77.70 -35.23 -6.81
C LEU C 921 76.64 -34.94 -7.87
N GLY C 922 75.97 -33.78 -7.74
CA GLY C 922 74.92 -33.42 -8.68
C GLY C 922 75.44 -33.12 -10.06
N TYR C 923 76.68 -32.64 -10.15
CA TYR C 923 77.36 -32.54 -11.45
C TYR C 923 77.69 -33.91 -12.02
N ILE C 924 77.78 -34.93 -11.18
CA ILE C 924 78.24 -36.25 -11.58
C ILE C 924 77.13 -37.29 -11.53
N GLN C 925 75.91 -36.88 -11.13
CA GLN C 925 74.76 -37.81 -11.08
C GLN C 925 74.43 -38.38 -12.44
N ASN C 926 74.71 -37.64 -13.51
CA ASN C 926 74.34 -38.07 -14.85
C ASN C 926 75.13 -39.31 -15.26
N HIS C 927 76.46 -39.21 -15.24
CA HIS C 927 77.29 -40.36 -15.59
C HIS C 927 77.28 -41.44 -14.53
N LEU C 928 76.96 -41.09 -13.27
CA LEU C 928 76.79 -42.12 -12.25
C LEU C 928 75.58 -42.99 -12.54
N GLN C 929 74.46 -42.37 -12.92
CA GLN C 929 73.27 -43.14 -13.28
C GLN C 929 73.44 -43.88 -14.60
N ILE C 930 74.26 -43.35 -15.51
CA ILE C 930 74.61 -44.09 -16.73
C ILE C 930 75.39 -45.35 -16.37
N LEU C 931 76.36 -45.23 -15.47
CA LEU C 931 77.14 -46.39 -15.07
C LEU C 931 76.30 -47.38 -14.27
N LEU C 932 75.33 -46.88 -13.49
CA LEU C 932 74.43 -47.77 -12.78
C LEU C 932 73.54 -48.54 -13.75
N LEU C 933 73.05 -47.87 -14.80
CA LEU C 933 72.20 -48.55 -15.78
C LEU C 933 72.99 -49.55 -16.62
N LEU C 934 74.28 -49.26 -16.88
CA LEU C 934 75.11 -50.22 -17.60
C LEU C 934 75.40 -51.46 -16.78
N VAL C 935 75.71 -51.28 -15.49
CA VAL C 935 75.95 -52.41 -14.60
C VAL C 935 74.66 -53.20 -14.39
N PHE C 936 73.52 -52.50 -14.26
CA PHE C 936 72.24 -53.17 -14.14
C PHE C 936 71.87 -53.92 -15.41
N GLU C 937 72.25 -53.38 -16.58
CA GLU C 937 72.09 -54.10 -17.84
C GLU C 937 72.93 -55.37 -17.87
N ALA C 938 74.11 -55.34 -17.25
CA ALA C 938 74.89 -56.56 -17.17
C ALA C 938 74.28 -57.54 -16.18
N VAL C 939 73.73 -57.04 -15.07
CA VAL C 939 73.16 -57.87 -14.01
C VAL C 939 71.95 -58.66 -14.53
N VAL C 940 71.13 -58.04 -15.38
CA VAL C 940 69.91 -58.69 -15.85
C VAL C 940 70.23 -59.86 -16.78
N TYR C 941 71.18 -59.67 -17.70
CA TYR C 941 71.58 -60.77 -18.58
C TYR C 941 72.29 -61.89 -17.82
N ARG C 942 73.09 -61.55 -16.81
CA ARG C 942 73.69 -62.58 -15.97
C ARG C 942 72.61 -63.33 -15.18
N ARG C 943 71.56 -62.63 -14.78
CA ARG C 943 70.44 -63.27 -14.10
C ARG C 943 69.68 -64.19 -15.04
N GLN C 944 69.69 -63.88 -16.36
CA GLN C 944 69.11 -64.80 -17.34
C GLN C 944 69.90 -66.10 -17.41
N GLU C 945 71.24 -66.03 -17.37
CA GLU C 945 71.97 -67.30 -17.34
C GLU C 945 71.89 -67.99 -15.98
N HIS C 946 71.62 -67.26 -14.90
CA HIS C 946 71.32 -67.91 -13.63
C HIS C 946 70.03 -68.72 -13.70
N TYR C 947 69.07 -68.28 -14.51
CA TYR C 947 67.91 -69.14 -14.72
C TYR C 947 68.17 -70.17 -15.82
N ARG C 948 69.09 -69.88 -16.74
CA ARG C 948 69.37 -70.81 -17.83
C ARG C 948 70.16 -72.03 -17.34
N ARG C 949 70.88 -71.91 -16.22
CA ARG C 949 71.53 -73.08 -15.63
C ARG C 949 70.53 -74.11 -15.16
N GLN C 950 69.36 -73.68 -14.70
CA GLN C 950 68.34 -74.61 -14.23
C GLN C 950 67.35 -75.00 -15.32
N HIS C 951 66.91 -74.06 -16.14
CA HIS C 951 65.81 -74.30 -17.08
C HIS C 951 66.16 -73.61 -18.40
N GLN C 952 65.16 -73.45 -19.27
CA GLN C 952 65.36 -72.91 -20.61
C GLN C 952 65.13 -71.40 -20.64
N GLN C 953 65.89 -70.72 -21.48
CA GLN C 953 65.69 -69.31 -21.82
C GLN C 953 65.57 -69.13 -23.33
N ALA C 954 64.90 -70.06 -23.99
CA ALA C 954 64.49 -69.90 -25.39
C ALA C 954 62.99 -70.16 -25.45
N PRO C 955 62.17 -69.14 -25.10
CA PRO C 955 60.71 -69.35 -25.12
C PRO C 955 60.18 -69.52 -26.53
N LEU C 956 60.55 -68.60 -27.39
CA LEU C 956 60.19 -68.63 -28.81
C LEU C 956 61.44 -68.38 -29.63
N PRO C 957 61.42 -68.73 -30.94
CA PRO C 957 62.47 -68.29 -31.85
C PRO C 957 62.70 -66.78 -31.87
N ALA C 958 61.66 -66.01 -32.19
CA ALA C 958 61.74 -64.58 -32.00
C ALA C 958 61.71 -64.27 -30.51
N GLN C 959 62.36 -63.18 -30.13
CA GLN C 959 62.36 -62.77 -28.73
C GLN C 959 60.96 -62.33 -28.32
N ALA C 960 60.48 -62.86 -27.20
CA ALA C 960 59.07 -62.73 -26.87
C ALA C 960 58.85 -62.95 -25.39
N VAL C 961 57.71 -62.44 -24.92
CA VAL C 961 57.25 -62.62 -23.55
C VAL C 961 55.91 -63.33 -23.62
N CYS C 962 55.67 -64.29 -22.71
CA CYS C 962 54.42 -65.07 -22.61
C CYS C 962 54.16 -65.84 -23.91
N ALA C 963 55.00 -66.87 -24.09
CA ALA C 963 55.10 -67.64 -25.33
C ALA C 963 53.85 -68.42 -25.76
N ASP C 964 52.78 -68.38 -24.96
CA ASP C 964 51.58 -69.14 -25.30
C ASP C 964 50.83 -68.57 -26.49
N GLY C 965 50.79 -67.25 -26.64
CA GLY C 965 50.02 -66.63 -27.70
C GLY C 965 50.62 -66.79 -29.08
N THR C 966 49.96 -67.56 -29.94
CA THR C 966 50.45 -67.84 -31.28
C THR C 966 49.77 -66.90 -32.28
N ARG C 967 50.05 -67.11 -33.56
CA ARG C 967 49.24 -66.49 -34.60
C ARG C 967 47.87 -67.16 -34.69
N GLN C 968 47.79 -68.44 -34.34
CA GLN C 968 46.55 -69.20 -34.39
C GLN C 968 45.74 -69.05 -33.11
N ARG C 969 46.41 -68.98 -31.95
CA ARG C 969 45.74 -68.73 -30.69
C ARG C 969 45.29 -67.28 -30.56
N LEU C 970 45.79 -66.39 -31.44
CA LEU C 970 45.28 -65.02 -31.55
C LEU C 970 43.78 -64.98 -31.79
N ASP C 971 43.26 -65.90 -32.60
CA ASP C 971 41.82 -65.96 -32.84
C ASP C 971 41.13 -66.92 -31.87
N GLN C 972 41.41 -66.78 -30.57
CA GLN C 972 40.70 -67.54 -29.55
C GLN C 972 40.00 -66.68 -28.52
N ASP C 973 40.70 -65.75 -27.89
CA ASP C 973 40.19 -65.08 -26.71
C ASP C 973 40.89 -63.74 -26.57
N LEU C 974 40.33 -62.88 -25.71
CA LEU C 974 40.94 -61.59 -25.39
C LEU C 974 42.33 -61.75 -24.80
N LEU C 975 42.52 -62.78 -23.97
CA LEU C 975 43.76 -62.91 -23.22
C LEU C 975 44.92 -63.27 -24.14
N SER C 976 44.70 -64.19 -25.08
CA SER C 976 45.76 -64.55 -26.02
C SER C 976 46.02 -63.43 -27.03
N CYS C 977 44.99 -62.64 -27.35
CA CYS C 977 45.20 -61.48 -28.20
C CYS C 977 46.02 -60.41 -27.49
N LEU C 978 45.81 -60.27 -26.18
CA LEU C 978 46.59 -59.32 -25.40
C LEU C 978 48.04 -59.77 -25.30
N LYS C 979 48.27 -61.08 -25.10
CA LYS C 979 49.64 -61.59 -25.06
C LYS C 979 50.33 -61.48 -26.41
N TYR C 980 49.58 -61.70 -27.50
CA TYR C 980 50.17 -61.63 -28.83
C TYR C 980 50.54 -60.20 -29.20
N PHE C 981 49.73 -59.23 -28.80
CA PHE C 981 50.10 -57.84 -29.03
C PHE C 981 50.88 -57.24 -27.86
N ILE C 982 51.36 -58.06 -26.95
CA ILE C 982 52.52 -57.70 -26.13
C ILE C 982 53.82 -58.10 -26.82
N ASN C 983 53.93 -59.35 -27.25
CA ASN C 983 55.23 -59.82 -27.72
C ASN C 983 55.46 -59.63 -29.22
N PHE C 984 54.45 -59.27 -29.99
CA PHE C 984 54.64 -59.03 -31.42
C PHE C 984 53.88 -57.79 -31.88
N PHE C 985 53.89 -56.73 -31.08
CA PHE C 985 53.22 -55.51 -31.49
C PHE C 985 54.06 -54.71 -32.46
N PHE C 986 55.33 -54.48 -32.11
CA PHE C 986 56.23 -53.79 -33.03
C PHE C 986 56.61 -54.67 -34.21
N TYR C 987 56.45 -55.97 -34.07
CA TYR C 987 56.60 -56.89 -35.20
C TYR C 987 55.60 -56.60 -36.30
N LYS C 988 54.34 -56.38 -35.92
CA LYS C 988 53.29 -56.17 -36.91
C LYS C 988 53.21 -54.72 -37.35
N PHE C 989 53.31 -53.79 -36.41
CA PHE C 989 53.03 -52.38 -36.65
C PHE C 989 54.27 -51.53 -36.51
N GLY C 990 55.39 -52.00 -37.07
CA GLY C 990 56.64 -51.29 -36.93
C GLY C 990 56.77 -50.07 -37.81
N LEU C 991 56.48 -50.24 -39.12
CA LEU C 991 56.63 -49.15 -40.07
C LEU C 991 55.66 -48.00 -39.79
N GLU C 992 54.48 -48.31 -39.28
CA GLU C 992 53.54 -47.27 -38.89
C GLU C 992 54.08 -46.43 -37.75
N ILE C 993 54.70 -47.07 -36.75
CA ILE C 993 55.27 -46.34 -35.62
C ILE C 993 56.49 -45.54 -36.07
N CYS C 994 57.28 -46.09 -37.01
CA CYS C 994 58.43 -45.36 -37.51
C CYS C 994 58.02 -44.12 -38.31
N PHE C 995 56.91 -44.23 -39.06
CA PHE C 995 56.40 -43.07 -39.78
C PHE C 995 55.85 -42.02 -38.82
N LEU C 996 55.21 -42.47 -37.74
CA LEU C 996 54.70 -41.56 -36.72
C LEU C 996 55.81 -40.83 -36.00
N MET C 997 56.90 -41.53 -35.69
CA MET C 997 58.00 -40.87 -34.97
C MET C 997 58.76 -39.92 -35.88
N ALA C 998 58.74 -40.17 -37.20
CA ALA C 998 59.23 -39.18 -38.14
C ALA C 998 58.38 -37.91 -38.09
N VAL C 999 57.06 -38.07 -38.00
CA VAL C 999 56.17 -36.92 -37.81
C VAL C 999 56.41 -36.28 -36.44
N ASN C 1000 56.83 -37.07 -35.45
CA ASN C 1000 57.15 -36.53 -34.13
C ASN C 1000 58.37 -35.61 -34.18
N VAL C 1001 59.38 -35.99 -34.96
CA VAL C 1001 60.57 -35.15 -35.16
C VAL C 1001 60.17 -33.85 -35.84
N ILE C 1002 59.31 -33.94 -36.86
CA ILE C 1002 58.75 -32.75 -37.50
C ILE C 1002 57.86 -31.98 -36.53
N GLY C 1003 57.29 -32.66 -35.52
CA GLY C 1003 56.38 -32.00 -34.60
C GLY C 1003 57.08 -31.06 -33.65
N GLN C 1004 58.13 -31.52 -32.98
CA GLN C 1004 58.80 -30.63 -32.03
C GLN C 1004 59.85 -29.72 -32.67
N ARG C 1005 60.47 -30.13 -33.78
CA ARG C 1005 61.58 -29.32 -34.27
C ARG C 1005 61.11 -28.18 -35.18
N MET C 1006 60.53 -28.53 -36.33
CA MET C 1006 60.18 -27.59 -37.41
C MET C 1006 61.35 -26.69 -37.80
N ASN C 1007 62.50 -27.31 -38.05
CA ASN C 1007 63.71 -26.58 -38.45
C ASN C 1007 64.07 -26.92 -39.89
N PHE C 1008 65.18 -26.34 -40.34
CA PHE C 1008 65.62 -26.55 -41.72
C PHE C 1008 66.19 -27.95 -41.92
N MET C 1009 66.79 -28.54 -40.89
CA MET C 1009 67.37 -29.86 -41.06
C MET C 1009 66.35 -30.98 -40.92
N VAL C 1010 65.14 -30.67 -40.44
CA VAL C 1010 64.08 -31.66 -40.37
C VAL C 1010 63.25 -31.67 -41.65
N ILE C 1011 63.45 -30.66 -42.52
CA ILE C 1011 63.00 -30.73 -43.90
C ILE C 1011 63.58 -31.94 -44.60
N LEU C 1012 64.82 -32.30 -44.25
CA LEU C 1012 65.41 -33.55 -44.71
C LEU C 1012 64.60 -34.76 -44.27
N HIS C 1013 64.07 -34.73 -43.05
CA HIS C 1013 63.28 -35.87 -42.56
C HIS C 1013 61.96 -35.99 -43.30
N GLY C 1014 61.33 -34.85 -43.62
CA GLY C 1014 60.11 -34.88 -44.41
C GLY C 1014 60.34 -35.35 -45.83
N CYS C 1015 61.44 -34.89 -46.44
CA CYS C 1015 61.72 -35.25 -47.83
C CYS C 1015 62.10 -36.72 -47.97
N TRP C 1016 62.90 -37.25 -47.05
CA TRP C 1016 63.19 -38.68 -47.10
C TRP C 1016 61.98 -39.51 -46.66
N LEU C 1017 61.05 -38.93 -45.90
CA LEU C 1017 59.80 -39.64 -45.58
C LEU C 1017 58.94 -39.84 -46.82
N VAL C 1018 58.84 -38.80 -47.67
CA VAL C 1018 58.14 -38.96 -48.94
C VAL C 1018 58.90 -39.94 -49.84
N ALA C 1019 60.23 -39.91 -49.78
CA ALA C 1019 61.04 -40.88 -50.52
C ALA C 1019 60.83 -42.31 -50.05
N ILE C 1020 60.32 -42.52 -48.83
CA ILE C 1020 59.88 -43.84 -48.40
C ILE C 1020 58.43 -44.09 -48.80
N LEU C 1021 57.55 -43.13 -48.56
CA LEU C 1021 56.11 -43.34 -48.69
C LEU C 1021 55.63 -43.38 -50.13
N THR C 1022 56.37 -42.83 -51.09
CA THR C 1022 56.00 -43.04 -52.48
C THR C 1022 56.20 -44.49 -52.89
N ARG C 1023 57.21 -45.15 -52.35
CA ARG C 1023 57.37 -46.58 -52.52
C ARG C 1023 56.32 -47.25 -51.63
N ARG C 1024 55.23 -47.69 -52.27
CA ARG C 1024 54.03 -48.09 -51.52
C ARG C 1024 54.20 -49.44 -50.85
N ARG C 1025 54.76 -50.42 -51.54
CA ARG C 1025 54.85 -51.77 -51.00
C ARG C 1025 55.98 -51.86 -49.98
N ARG C 1026 56.04 -53.00 -49.30
CA ARG C 1026 57.07 -53.20 -48.29
C ARG C 1026 58.43 -53.50 -48.91
N GLU C 1027 58.44 -54.25 -50.02
CA GLU C 1027 59.69 -54.62 -50.65
C GLU C 1027 60.37 -53.41 -51.29
N ALA C 1028 59.57 -52.50 -51.84
CA ALA C 1028 60.11 -51.27 -52.40
C ALA C 1028 60.68 -50.35 -51.33
N ILE C 1029 60.22 -50.48 -50.08
CA ILE C 1029 60.86 -49.78 -48.98
C ILE C 1029 62.13 -50.51 -48.55
N ALA C 1030 62.06 -51.84 -48.46
CA ALA C 1030 63.17 -52.66 -47.99
C ALA C 1030 64.38 -52.62 -48.90
N ARG C 1031 64.20 -52.28 -50.18
CA ARG C 1031 65.32 -52.10 -51.09
C ARG C 1031 66.14 -50.85 -50.78
N LEU C 1032 65.63 -49.94 -49.96
CA LEU C 1032 66.31 -48.69 -49.67
C LEU C 1032 66.33 -48.35 -48.18
N TRP C 1033 65.71 -49.17 -47.34
CA TRP C 1033 65.61 -48.90 -45.90
C TRP C 1033 66.94 -48.98 -45.14
N PRO C 1034 67.86 -49.94 -45.37
CA PRO C 1034 69.15 -49.86 -44.67
C PRO C 1034 69.99 -48.67 -45.08
N ASN C 1035 69.91 -48.25 -46.34
CA ASN C 1035 70.62 -47.06 -46.78
C ASN C 1035 70.12 -45.82 -46.07
N TYR C 1036 68.79 -45.74 -45.88
CA TYR C 1036 68.21 -44.60 -45.17
C TYR C 1036 68.52 -44.62 -43.68
N CYS C 1037 68.54 -45.80 -43.05
CA CYS C 1037 68.89 -45.87 -41.63
C CYS C 1037 70.34 -45.52 -41.40
N LEU C 1038 71.24 -45.91 -42.31
CA LEU C 1038 72.64 -45.52 -42.16
C LEU C 1038 72.82 -44.03 -42.41
N PHE C 1039 72.05 -43.47 -43.34
CA PHE C 1039 72.03 -42.02 -43.50
C PHE C 1039 71.42 -41.34 -42.28
N LEU C 1040 70.50 -42.01 -41.60
CA LEU C 1040 69.84 -41.41 -40.45
C LEU C 1040 70.78 -41.29 -39.27
N THR C 1041 71.54 -42.36 -38.98
CA THR C 1041 72.49 -42.29 -37.88
C THR C 1041 73.69 -41.41 -38.23
N LEU C 1042 74.05 -41.31 -39.52
CA LEU C 1042 75.03 -40.30 -39.92
C LEU C 1042 74.45 -38.89 -39.79
N PHE C 1043 73.15 -38.73 -39.97
CA PHE C 1043 72.53 -37.42 -39.81
C PHE C 1043 72.46 -37.02 -38.34
N LEU C 1044 72.21 -37.99 -37.47
CA LEU C 1044 72.22 -37.71 -36.03
C LEU C 1044 73.62 -37.37 -35.53
N LEU C 1045 74.63 -38.07 -36.03
CA LEU C 1045 76.00 -37.73 -35.63
C LEU C 1045 76.45 -36.41 -36.24
N TYR C 1046 75.98 -36.09 -37.44
CA TYR C 1046 76.21 -34.76 -38.01
C TYR C 1046 75.54 -33.70 -37.16
N GLN C 1047 74.33 -34.00 -36.66
CA GLN C 1047 73.58 -33.03 -35.87
C GLN C 1047 74.26 -32.77 -34.54
N TYR C 1048 74.88 -33.79 -33.95
CA TYR C 1048 75.57 -33.61 -32.68
C TYR C 1048 77.00 -33.09 -32.86
N LEU C 1049 77.62 -33.32 -34.02
CA LEU C 1049 78.87 -32.62 -34.33
C LEU C 1049 78.61 -31.12 -34.48
N LEU C 1050 77.47 -30.76 -35.04
CA LEU C 1050 77.02 -29.38 -34.94
C LEU C 1050 76.58 -29.08 -33.51
N CYS C 1051 76.43 -27.79 -33.22
CA CYS C 1051 76.53 -27.10 -31.92
C CYS C 1051 77.95 -26.99 -31.41
N LEU C 1052 78.95 -27.39 -32.20
CA LEU C 1052 80.33 -27.23 -31.79
C LEU C 1052 81.09 -26.27 -32.71
N GLY C 1053 81.20 -26.59 -34.00
CA GLY C 1053 81.95 -25.78 -34.94
C GLY C 1053 83.42 -25.66 -34.59
N MET C 1054 83.79 -24.48 -34.12
CA MET C 1054 85.07 -24.17 -33.49
C MET C 1054 84.86 -23.97 -32.00
N PRO C 1055 85.85 -24.31 -31.17
CA PRO C 1055 85.64 -24.23 -29.72
C PRO C 1055 85.54 -22.80 -29.24
N PRO C 1056 84.79 -22.55 -28.15
CA PRO C 1056 84.69 -21.18 -27.63
C PRO C 1056 85.93 -20.71 -26.90
N ALA C 1057 86.86 -21.62 -26.58
CA ALA C 1057 88.15 -21.21 -26.02
C ALA C 1057 88.94 -20.38 -27.01
N LEU C 1058 88.90 -20.78 -28.27
CA LEU C 1058 89.39 -19.93 -29.35
C LEU C 1058 88.42 -18.78 -29.54
N CYS C 1059 88.92 -17.55 -29.46
CA CYS C 1059 88.08 -16.37 -29.65
C CYS C 1059 87.75 -16.11 -31.12
N ILE C 1060 88.25 -16.93 -32.04
CA ILE C 1060 87.81 -16.86 -33.44
C ILE C 1060 86.33 -17.22 -33.50
N ASP C 1061 85.61 -16.54 -34.38
CA ASP C 1061 84.16 -16.52 -34.30
C ASP C 1061 83.55 -17.26 -35.48
N TYR C 1062 82.25 -17.52 -35.39
CA TYR C 1062 81.54 -18.13 -36.51
C TYR C 1062 81.38 -17.10 -37.63
N PRO C 1063 81.50 -17.53 -38.90
CA PRO C 1063 81.42 -16.59 -40.02
C PRO C 1063 80.00 -16.17 -40.41
N TRP C 1064 79.24 -15.68 -39.43
CA TRP C 1064 77.92 -15.13 -39.72
C TRP C 1064 77.69 -13.80 -39.02
N ARG C 1065 78.76 -13.15 -38.55
CA ARG C 1065 78.73 -11.71 -38.35
C ARG C 1065 79.13 -10.96 -39.62
N TRP C 1066 79.70 -11.65 -40.61
CA TRP C 1066 79.96 -11.06 -41.91
C TRP C 1066 78.68 -10.88 -42.72
N SER C 1067 77.64 -11.68 -42.40
CA SER C 1067 76.23 -11.49 -42.74
C SER C 1067 75.87 -11.73 -44.21
N LYS C 1068 76.88 -11.97 -45.07
CA LYS C 1068 76.71 -12.18 -46.52
C LYS C 1068 75.97 -11.02 -47.18
N ALA C 1069 76.22 -9.80 -46.67
CA ALA C 1069 75.69 -8.51 -47.11
C ALA C 1069 74.16 -8.38 -47.01
N ILE C 1070 73.47 -9.40 -46.51
CA ILE C 1070 72.05 -9.37 -46.21
C ILE C 1070 71.91 -9.97 -44.82
N PRO C 1071 71.96 -9.16 -43.77
CA PRO C 1071 72.01 -9.71 -42.40
C PRO C 1071 70.67 -10.30 -41.98
N MET C 1072 70.73 -11.50 -41.43
CA MET C 1072 69.55 -12.16 -40.88
C MET C 1072 69.50 -11.96 -39.38
N ASN C 1073 68.30 -12.12 -38.83
CA ASN C 1073 68.06 -11.83 -37.42
C ASN C 1073 68.47 -13.03 -36.57
N SER C 1074 68.11 -12.99 -35.29
CA SER C 1074 68.48 -14.03 -34.34
C SER C 1074 67.60 -15.27 -34.44
N ALA C 1075 66.60 -15.28 -35.32
CA ALA C 1075 65.71 -16.43 -35.44
C ALA C 1075 65.93 -17.23 -36.72
N LEU C 1076 66.42 -16.62 -37.79
CA LEU C 1076 66.75 -17.38 -38.98
C LEU C 1076 68.00 -18.23 -38.76
N ILE C 1077 68.91 -17.75 -37.90
CA ILE C 1077 70.00 -18.59 -37.40
C ILE C 1077 69.54 -19.59 -36.35
N LYS C 1078 68.29 -19.50 -35.91
CA LYS C 1078 67.68 -20.51 -35.07
C LYS C 1078 66.78 -21.45 -35.86
N TRP C 1079 66.02 -20.92 -36.84
CA TRP C 1079 65.19 -21.80 -37.67
C TRP C 1079 66.07 -22.69 -38.55
N LEU C 1080 67.00 -22.10 -39.28
CA LEU C 1080 68.11 -22.89 -39.77
C LEU C 1080 68.98 -23.24 -38.58
N TYR C 1081 69.51 -24.46 -38.57
CA TYR C 1081 70.28 -24.94 -37.42
C TYR C 1081 71.70 -24.42 -37.55
N LEU C 1082 71.89 -23.16 -37.16
CA LEU C 1082 73.25 -22.64 -37.18
C LEU C 1082 73.91 -22.81 -35.83
N PRO C 1083 75.10 -23.42 -35.76
CA PRO C 1083 75.83 -23.46 -34.49
C PRO C 1083 76.39 -22.10 -34.15
N ASP C 1084 75.76 -21.40 -33.22
CA ASP C 1084 76.18 -20.06 -32.85
C ASP C 1084 76.35 -20.02 -31.34
N PHE C 1085 76.59 -18.80 -30.83
CA PHE C 1085 76.89 -18.60 -29.43
C PHE C 1085 75.93 -17.64 -28.74
N PHE C 1086 75.12 -16.90 -29.50
CA PHE C 1086 74.12 -16.01 -28.92
C PHE C 1086 72.78 -16.72 -28.77
N ARG C 1087 72.21 -17.19 -29.87
CA ARG C 1087 71.05 -18.06 -29.86
C ARG C 1087 71.59 -19.48 -30.00
N ALA C 1088 71.88 -20.10 -28.87
CA ALA C 1088 72.42 -21.45 -28.84
C ALA C 1088 71.39 -22.43 -29.36
N PRO C 1089 71.68 -23.17 -30.43
CA PRO C 1089 70.68 -24.05 -31.02
C PRO C 1089 70.38 -25.24 -30.13
N ASN C 1090 69.09 -25.52 -29.95
CA ASN C 1090 68.66 -26.46 -28.93
C ASN C 1090 68.95 -27.88 -29.38
N SER C 1091 69.50 -28.68 -28.46
CA SER C 1091 69.77 -30.08 -28.69
C SER C 1091 68.92 -30.98 -27.78
N THR C 1092 68.17 -30.40 -26.86
CA THR C 1092 67.26 -31.19 -26.03
C THR C 1092 66.03 -31.64 -26.80
N ASN C 1093 65.76 -31.06 -27.96
CA ASN C 1093 64.66 -31.49 -28.81
C ASN C 1093 65.09 -32.54 -29.83
N LEU C 1094 66.34 -32.99 -29.75
CA LEU C 1094 66.89 -34.00 -30.64
C LEU C 1094 66.65 -35.42 -30.14
N ILE C 1095 66.11 -35.57 -28.92
CA ILE C 1095 65.86 -36.87 -28.34
C ILE C 1095 64.72 -37.57 -29.05
N SER C 1096 63.82 -36.81 -29.68
CA SER C 1096 62.81 -37.40 -30.56
C SER C 1096 63.45 -37.99 -31.81
N ASP C 1097 64.50 -37.35 -32.33
CA ASP C 1097 65.22 -37.92 -33.46
C ASP C 1097 65.99 -39.17 -33.07
N PHE C 1098 66.50 -39.21 -31.84
CA PHE C 1098 67.13 -40.44 -31.38
C PHE C 1098 66.12 -41.56 -31.18
N LEU C 1099 64.90 -41.21 -30.76
CA LEU C 1099 63.80 -42.18 -30.72
C LEU C 1099 63.49 -42.71 -32.11
N LEU C 1100 63.52 -41.84 -33.11
CA LEU C 1100 63.25 -42.26 -34.48
C LEU C 1100 64.39 -43.14 -35.02
N LEU C 1101 65.63 -42.88 -34.60
CA LEU C 1101 66.73 -43.77 -34.95
C LEU C 1101 66.56 -45.13 -34.27
N LEU C 1102 66.05 -45.13 -33.05
CA LEU C 1102 65.81 -46.37 -32.32
C LEU C 1102 64.74 -47.22 -33.02
N CYS C 1103 63.66 -46.57 -33.45
CA CYS C 1103 62.55 -47.30 -34.06
C CYS C 1103 62.94 -47.89 -35.41
N ALA C 1104 63.70 -47.14 -36.20
CA ALA C 1104 64.18 -47.69 -37.47
C ALA C 1104 65.24 -48.76 -37.26
N SER C 1105 65.96 -48.70 -36.12
CA SER C 1105 66.98 -49.71 -35.81
C SER C 1105 66.35 -51.08 -35.60
N GLN C 1106 65.32 -51.16 -34.76
CA GLN C 1106 64.63 -52.46 -34.64
C GLN C 1106 63.74 -52.76 -35.85
N GLN C 1107 63.43 -51.77 -36.68
CA GLN C 1107 62.76 -52.05 -37.93
C GLN C 1107 63.64 -52.85 -38.89
N TRP C 1108 64.97 -52.78 -38.75
CA TRP C 1108 65.84 -53.69 -39.50
C TRP C 1108 65.57 -55.15 -39.17
N GLN C 1109 65.35 -55.47 -37.89
CA GLN C 1109 65.03 -56.84 -37.53
C GLN C 1109 63.64 -57.24 -38.00
N VAL C 1110 62.71 -56.27 -38.02
CA VAL C 1110 61.39 -56.54 -38.57
C VAL C 1110 61.46 -56.79 -40.07
N PHE C 1111 62.36 -56.09 -40.77
CA PHE C 1111 62.60 -56.41 -42.17
C PHE C 1111 63.38 -57.71 -42.35
N SER C 1112 64.14 -58.14 -41.36
CA SER C 1112 64.82 -59.43 -41.46
C SER C 1112 63.87 -60.60 -41.26
N ALA C 1113 62.69 -60.33 -40.68
CA ALA C 1113 61.69 -61.38 -40.51
C ALA C 1113 61.16 -61.89 -41.85
N GLU C 1114 61.11 -61.02 -42.86
CA GLU C 1114 60.72 -61.47 -44.20
C GLU C 1114 61.78 -62.41 -44.79
N ARG C 1115 63.04 -62.20 -44.44
CA ARG C 1115 64.10 -63.08 -44.89
C ARG C 1115 64.08 -64.41 -44.14
N THR C 1116 63.89 -64.38 -42.82
CA THR C 1116 64.09 -65.55 -41.99
C THR C 1116 62.78 -66.34 -41.84
N GLU C 1117 62.85 -67.63 -42.17
CA GLU C 1117 61.82 -68.60 -41.85
C GLU C 1117 61.84 -68.98 -40.37
N GLU C 1118 62.86 -68.54 -39.63
CA GLU C 1118 63.16 -69.06 -38.30
C GLU C 1118 62.07 -68.72 -37.29
N TRP C 1119 61.37 -67.60 -37.47
CA TRP C 1119 60.25 -67.29 -36.60
C TRP C 1119 59.00 -66.96 -37.40
N GLN C 1120 58.76 -67.68 -38.50
CA GLN C 1120 57.51 -67.53 -39.22
C GLN C 1120 56.41 -68.44 -38.71
N ARG C 1121 56.71 -69.32 -37.75
CA ARG C 1121 55.67 -70.13 -37.14
C ARG C 1121 54.84 -69.30 -36.18
N MET C 1122 55.48 -68.73 -35.17
CA MET C 1122 54.84 -67.77 -34.29
C MET C 1122 54.90 -66.41 -34.97
N ALA C 1123 53.74 -65.78 -35.17
CA ALA C 1123 53.61 -64.46 -35.82
C ALA C 1123 54.20 -64.49 -37.24
N GLY C 1124 53.44 -65.14 -38.13
CA GLY C 1124 53.87 -65.41 -39.48
C GLY C 1124 54.03 -64.23 -40.43
N ILE C 1125 53.82 -64.48 -41.74
CA ILE C 1125 54.15 -63.52 -42.78
C ILE C 1125 53.29 -62.27 -42.66
N ASN C 1126 53.83 -61.15 -43.12
CA ASN C 1126 53.13 -59.87 -43.12
C ASN C 1126 53.23 -59.21 -44.47
N THR C 1127 53.11 -60.00 -45.54
CA THR C 1127 53.15 -59.43 -46.87
C THR C 1127 51.84 -58.70 -47.19
N ASP C 1128 51.97 -57.62 -47.96
CA ASP C 1128 50.83 -56.79 -48.32
C ASP C 1128 50.22 -57.20 -49.65
N HIS C 1129 49.89 -58.49 -49.77
CA HIS C 1129 49.28 -59.02 -50.98
C HIS C 1129 48.17 -59.97 -50.58
N LEU C 1130 46.93 -59.61 -50.93
CA LEU C 1130 45.78 -60.43 -50.60
C LEU C 1130 45.55 -61.45 -51.72
N GLU C 1131 44.39 -62.10 -51.72
CA GLU C 1131 44.13 -63.25 -52.59
C GLU C 1131 42.90 -63.00 -53.46
N PRO C 1132 43.06 -62.38 -54.63
CA PRO C 1132 41.98 -62.34 -55.60
C PRO C 1132 41.96 -63.61 -56.44
N LEU C 1133 40.90 -63.74 -57.25
CA LEU C 1133 40.67 -64.84 -58.18
C LEU C 1133 40.68 -66.20 -57.48
N ARG C 1134 40.10 -66.23 -56.28
CA ARG C 1134 40.27 -67.34 -55.36
C ARG C 1134 38.93 -68.04 -55.12
N GLY C 1135 38.96 -69.37 -55.08
CA GLY C 1135 37.82 -70.16 -54.68
C GLY C 1135 37.42 -69.88 -53.25
N GLU C 1136 38.26 -70.24 -52.29
CA GLU C 1136 38.09 -69.76 -50.93
C GLU C 1136 39.47 -69.51 -50.31
N PRO C 1137 39.75 -68.29 -49.85
CA PRO C 1137 41.02 -68.05 -49.17
C PRO C 1137 41.09 -68.70 -47.79
N ASN C 1138 40.09 -68.40 -46.95
CA ASN C 1138 39.85 -68.83 -45.57
C ASN C 1138 41.08 -69.11 -44.69
N PRO C 1139 41.92 -68.11 -44.38
CA PRO C 1139 42.94 -68.37 -43.35
C PRO C 1139 42.39 -68.22 -41.94
N ILE C 1140 41.25 -67.56 -41.79
CA ILE C 1140 40.58 -67.35 -40.51
C ILE C 1140 39.12 -67.73 -40.74
N PRO C 1141 38.44 -68.38 -39.78
CA PRO C 1141 37.00 -68.60 -39.92
C PRO C 1141 36.20 -67.30 -39.92
N ASN C 1142 34.94 -67.43 -40.32
CA ASN C 1142 34.06 -66.28 -40.49
C ASN C 1142 33.73 -65.68 -39.13
N PHE C 1143 34.06 -64.40 -38.96
CA PHE C 1143 34.05 -63.78 -37.65
C PHE C 1143 32.99 -62.69 -37.51
N ILE C 1144 32.14 -62.49 -38.53
CA ILE C 1144 31.22 -61.35 -38.56
C ILE C 1144 30.24 -61.40 -37.40
N HIS C 1145 29.83 -62.59 -37.01
CA HIS C 1145 28.94 -62.78 -35.87
C HIS C 1145 29.78 -63.17 -34.67
N CYS C 1146 29.42 -62.65 -33.50
CA CYS C 1146 30.37 -62.52 -32.40
C CYS C 1146 30.72 -63.83 -31.72
N ARG C 1147 29.74 -64.43 -31.03
CA ARG C 1147 29.83 -65.62 -30.17
C ARG C 1147 31.08 -65.68 -29.28
N SER C 1148 31.57 -64.52 -28.85
CA SER C 1148 32.81 -64.36 -28.09
C SER C 1148 32.83 -62.94 -27.53
N TYR C 1149 33.97 -62.56 -26.97
CA TYR C 1149 34.25 -61.19 -26.57
C TYR C 1149 35.33 -60.54 -27.41
N LEU C 1150 36.34 -61.32 -27.80
CA LEU C 1150 37.38 -60.81 -28.70
C LEU C 1150 36.84 -60.63 -30.11
N ASP C 1151 35.85 -61.43 -30.49
CA ASP C 1151 35.30 -61.30 -31.82
C ASP C 1151 34.35 -60.11 -31.91
N MET C 1152 33.75 -59.72 -30.78
CA MET C 1152 32.95 -58.50 -30.74
C MET C 1152 33.84 -57.27 -30.89
N LEU C 1153 35.01 -57.29 -30.24
CA LEU C 1153 35.99 -56.23 -30.46
C LEU C 1153 36.57 -56.28 -31.86
N LYS C 1154 36.65 -57.48 -32.45
CA LYS C 1154 37.23 -57.63 -33.78
C LYS C 1154 36.28 -57.06 -34.85
N VAL C 1155 34.98 -57.28 -34.71
CA VAL C 1155 34.06 -56.66 -35.64
C VAL C 1155 33.87 -55.18 -35.35
N ALA C 1156 34.11 -54.75 -34.10
CA ALA C 1156 34.10 -53.32 -33.79
C ALA C 1156 35.20 -52.60 -34.55
N VAL C 1157 36.43 -53.10 -34.47
CA VAL C 1157 37.53 -52.52 -35.21
C VAL C 1157 37.32 -52.66 -36.72
N PHE C 1158 37.27 -53.90 -37.20
CA PHE C 1158 37.33 -54.17 -38.64
C PHE C 1158 36.03 -53.89 -39.38
N ARG C 1159 35.00 -53.41 -38.72
CA ARG C 1159 33.85 -52.94 -39.50
C ARG C 1159 33.44 -51.54 -39.13
N TYR C 1160 33.50 -51.16 -37.86
CA TYR C 1160 32.99 -49.87 -37.45
C TYR C 1160 34.08 -48.83 -37.23
N LEU C 1161 35.34 -49.22 -37.13
CA LEU C 1161 36.42 -48.25 -36.98
C LEU C 1161 37.05 -47.97 -38.34
N PHE C 1162 36.22 -47.51 -39.22
CA PHE C 1162 36.53 -46.85 -40.48
C PHE C 1162 35.82 -45.52 -40.60
N TRP C 1163 34.58 -45.45 -40.14
CA TRP C 1163 33.85 -44.19 -40.10
C TRP C 1163 34.34 -43.32 -38.96
N LEU C 1164 34.89 -43.95 -37.91
CA LEU C 1164 35.56 -43.21 -36.84
C LEU C 1164 36.78 -42.47 -37.38
N VAL C 1165 37.44 -43.04 -38.38
CA VAL C 1165 38.57 -42.36 -39.02
C VAL C 1165 38.10 -41.10 -39.72
N LEU C 1166 36.93 -41.16 -40.36
CA LEU C 1166 36.40 -39.99 -41.04
C LEU C 1166 35.92 -38.94 -40.06
N VAL C 1167 35.51 -39.37 -38.87
CA VAL C 1167 35.24 -38.41 -37.78
C VAL C 1167 36.52 -37.70 -37.37
N VAL C 1168 37.62 -38.43 -37.25
CA VAL C 1168 38.89 -37.81 -36.85
C VAL C 1168 39.42 -36.90 -37.97
N VAL C 1169 39.17 -37.24 -39.23
CA VAL C 1169 39.48 -36.35 -40.35
C VAL C 1169 38.67 -35.07 -40.25
N PHE C 1170 37.40 -35.18 -39.86
CA PHE C 1170 36.56 -34.00 -39.71
C PHE C 1170 36.98 -33.16 -38.50
N VAL C 1171 37.47 -33.81 -37.44
CA VAL C 1171 37.91 -33.07 -36.26
C VAL C 1171 39.20 -32.32 -36.56
N ALA C 1172 40.14 -32.95 -37.27
CA ALA C 1172 41.37 -32.29 -37.66
C ALA C 1172 41.13 -31.15 -38.64
N GLY C 1173 40.08 -31.26 -39.46
CA GLY C 1173 39.67 -30.12 -40.25
C GLY C 1173 39.08 -29.01 -39.39
N ALA C 1174 38.26 -29.38 -38.40
CA ALA C 1174 37.47 -28.39 -37.67
C ALA C 1174 38.29 -27.64 -36.62
N THR C 1175 38.93 -28.37 -35.70
CA THR C 1175 39.47 -27.70 -34.52
C THR C 1175 40.77 -26.95 -34.78
N ARG C 1176 41.42 -27.18 -35.92
CA ARG C 1176 42.53 -26.35 -36.38
C ARG C 1176 42.24 -25.92 -37.80
N ILE C 1177 42.19 -24.61 -38.02
CA ILE C 1177 41.57 -24.03 -39.21
C ILE C 1177 42.65 -23.46 -40.12
N SER C 1178 42.71 -23.98 -41.35
CA SER C 1178 43.63 -23.53 -42.38
C SER C 1178 43.05 -23.92 -43.73
N ILE C 1179 43.81 -23.67 -44.80
CA ILE C 1179 43.43 -24.17 -46.12
C ILE C 1179 43.53 -25.69 -46.15
N PHE C 1180 44.57 -26.22 -45.50
CA PHE C 1180 44.74 -27.66 -45.46
C PHE C 1180 43.69 -28.32 -44.58
N GLY C 1181 43.20 -27.61 -43.56
CA GLY C 1181 42.05 -28.08 -42.83
C GLY C 1181 40.77 -28.11 -43.65
N LEU C 1182 40.64 -27.15 -44.59
CA LEU C 1182 39.53 -27.19 -45.53
C LEU C 1182 39.67 -28.38 -46.46
N GLY C 1183 40.90 -28.77 -46.79
CA GLY C 1183 41.10 -30.00 -47.55
C GLY C 1183 40.72 -31.24 -46.76
N TYR C 1184 40.96 -31.23 -45.44
CA TYR C 1184 40.47 -32.33 -44.60
C TYR C 1184 38.95 -32.39 -44.60
N LEU C 1185 38.29 -31.23 -44.61
CA LEU C 1185 36.83 -31.22 -44.61
C LEU C 1185 36.27 -31.76 -45.91
N LEU C 1186 36.85 -31.35 -47.04
CA LEU C 1186 36.35 -31.82 -48.32
C LEU C 1186 36.62 -33.31 -48.52
N ALA C 1187 37.76 -33.80 -48.00
CA ALA C 1187 38.04 -35.23 -48.06
C ALA C 1187 37.07 -36.01 -47.18
N CYS C 1188 36.70 -35.44 -46.03
CA CYS C 1188 35.72 -36.08 -45.16
C CYS C 1188 34.34 -36.13 -45.81
N PHE C 1189 33.96 -35.07 -46.51
CA PHE C 1189 32.65 -35.03 -47.16
C PHE C 1189 32.58 -36.01 -48.32
N TYR C 1190 33.66 -36.09 -49.10
CA TYR C 1190 33.71 -37.03 -50.23
C TYR C 1190 33.67 -38.47 -49.75
N LEU C 1191 34.37 -38.78 -48.65
CA LEU C 1191 34.37 -40.15 -48.18
C LEU C 1191 33.10 -40.51 -47.44
N LEU C 1192 32.45 -39.54 -46.79
CA LEU C 1192 31.15 -39.83 -46.20
C LEU C 1192 30.08 -40.08 -47.26
N LEU C 1193 30.20 -39.43 -48.43
CA LEU C 1193 29.28 -39.75 -49.51
C LEU C 1193 29.58 -41.13 -50.09
N PHE C 1194 30.83 -41.39 -50.43
CA PHE C 1194 31.21 -42.54 -51.23
C PHE C 1194 31.81 -43.67 -50.41
N GLY C 1195 31.53 -43.74 -49.11
CA GLY C 1195 32.11 -44.80 -48.30
C GLY C 1195 31.49 -46.15 -48.57
N THR C 1196 30.18 -46.19 -48.84
CA THR C 1196 29.49 -47.45 -49.06
C THR C 1196 29.93 -48.13 -50.35
N THR C 1197 30.44 -47.37 -51.31
CA THR C 1197 31.06 -47.95 -52.50
C THR C 1197 32.57 -48.04 -52.40
N LEU C 1198 33.20 -47.28 -51.50
CA LEU C 1198 34.64 -47.43 -51.28
C LEU C 1198 34.93 -48.75 -50.58
N LEU C 1199 34.09 -49.14 -49.62
CA LEU C 1199 34.30 -50.39 -48.92
C LEU C 1199 34.01 -51.61 -49.80
N GLN C 1200 33.33 -51.43 -50.92
CA GLN C 1200 33.00 -52.51 -51.84
C GLN C 1200 33.93 -52.57 -53.05
N LYS C 1201 35.00 -51.79 -53.05
CA LYS C 1201 35.99 -51.84 -54.13
C LYS C 1201 36.95 -53.01 -53.91
N ASP C 1202 38.02 -53.02 -54.70
CA ASP C 1202 39.10 -53.99 -54.55
C ASP C 1202 40.39 -53.23 -54.29
N THR C 1203 41.36 -53.95 -53.70
CA THR C 1203 42.58 -53.34 -53.17
C THR C 1203 43.51 -52.78 -54.24
N ARG C 1204 43.20 -52.92 -55.52
CA ARG C 1204 43.97 -52.26 -56.56
C ARG C 1204 43.43 -50.86 -56.87
N ALA C 1205 42.26 -50.50 -56.34
CA ALA C 1205 41.71 -49.16 -56.59
C ALA C 1205 41.38 -48.39 -55.31
N GLN C 1206 40.82 -49.07 -54.30
CA GLN C 1206 40.52 -48.39 -53.03
C GLN C 1206 41.79 -48.00 -52.32
N LEU C 1207 42.86 -48.76 -52.51
CA LEU C 1207 44.14 -48.44 -51.90
C LEU C 1207 44.83 -47.30 -52.64
N VAL C 1208 44.52 -47.12 -53.92
CA VAL C 1208 45.04 -45.97 -54.66
C VAL C 1208 44.40 -44.68 -54.17
N LEU C 1209 43.08 -44.70 -53.97
CA LEU C 1209 42.40 -43.54 -53.40
C LEU C 1209 42.86 -43.30 -51.96
N TRP C 1210 43.11 -44.37 -51.22
CA TRP C 1210 43.54 -44.22 -49.84
C TRP C 1210 44.97 -43.68 -49.76
N ASP C 1211 45.83 -44.08 -50.70
CA ASP C 1211 47.18 -43.54 -50.75
C ASP C 1211 47.19 -42.07 -51.14
N CYS C 1212 46.22 -41.63 -51.94
CA CYS C 1212 46.08 -40.20 -52.21
C CYS C 1212 45.73 -39.44 -50.95
N LEU C 1213 44.93 -40.06 -50.07
CA LEU C 1213 44.59 -39.41 -48.81
C LEU C 1213 45.78 -39.36 -47.85
N ILE C 1214 46.57 -40.44 -47.78
CA ILE C 1214 47.75 -40.45 -46.93
C ILE C 1214 48.79 -39.47 -47.44
N LEU C 1215 48.96 -39.40 -48.76
CA LEU C 1215 49.88 -38.43 -49.37
C LEU C 1215 49.43 -37.00 -49.11
N TYR C 1216 48.12 -36.77 -49.02
CA TYR C 1216 47.64 -35.44 -48.66
C TYR C 1216 48.05 -35.07 -47.25
N ASN C 1217 47.92 -35.99 -46.30
CA ASN C 1217 48.23 -35.67 -44.91
C ASN C 1217 49.72 -35.43 -44.71
N VAL C 1218 50.57 -36.18 -45.43
CA VAL C 1218 52.01 -35.97 -45.36
C VAL C 1218 52.38 -34.61 -45.94
N THR C 1219 51.71 -34.22 -47.03
CA THR C 1219 51.98 -32.89 -47.59
C THR C 1219 51.44 -31.77 -46.71
N VAL C 1220 50.42 -32.04 -45.88
CA VAL C 1220 49.97 -31.06 -44.91
C VAL C 1220 51.04 -30.81 -43.87
N ILE C 1221 51.64 -31.88 -43.36
CA ILE C 1221 52.70 -31.78 -42.35
C ILE C 1221 53.94 -31.09 -42.92
N ILE C 1222 54.32 -31.45 -44.15
CA ILE C 1222 55.55 -30.92 -44.72
C ILE C 1222 55.35 -29.47 -45.17
N SER C 1223 54.16 -29.12 -45.68
CA SER C 1223 53.90 -27.72 -46.00
C SER C 1223 53.80 -26.88 -44.74
N LYS C 1224 53.44 -27.48 -43.60
CA LYS C 1224 53.48 -26.71 -42.37
C LYS C 1224 54.91 -26.53 -41.90
N ASN C 1225 55.82 -27.43 -42.28
CA ASN C 1225 57.24 -27.16 -42.07
C ASN C 1225 57.73 -26.07 -43.04
N MET C 1226 57.26 -26.12 -44.29
CA MET C 1226 57.58 -25.09 -45.28
C MET C 1226 57.07 -23.72 -44.89
N LEU C 1227 56.00 -23.67 -44.09
CA LEU C 1227 55.47 -22.41 -43.59
C LEU C 1227 55.87 -22.14 -42.16
N SER C 1228 56.53 -23.09 -41.50
CA SER C 1228 57.30 -22.78 -40.30
C SER C 1228 58.63 -22.11 -40.64
N LEU C 1229 59.01 -22.09 -41.92
CA LEU C 1229 59.98 -21.12 -42.41
C LEU C 1229 59.62 -19.68 -42.02
N LEU C 1230 58.34 -19.34 -42.07
CA LEU C 1230 57.89 -17.99 -41.74
C LEU C 1230 57.72 -17.76 -40.25
N SER C 1231 58.21 -18.67 -39.40
CA SER C 1231 58.27 -18.40 -37.97
C SER C 1231 59.35 -17.38 -37.63
N CYS C 1232 60.46 -17.40 -38.36
CA CYS C 1232 61.52 -16.43 -38.12
C CYS C 1232 61.16 -15.08 -38.73
N VAL C 1233 60.93 -15.04 -40.04
CA VAL C 1233 60.45 -13.83 -40.69
C VAL C 1233 58.95 -13.77 -40.44
N PHE C 1234 58.56 -13.12 -39.35
CA PHE C 1234 57.16 -13.08 -38.95
C PHE C 1234 56.59 -11.68 -38.90
N VAL C 1235 57.24 -10.76 -38.17
CA VAL C 1235 56.72 -9.40 -38.05
C VAL C 1235 57.00 -8.55 -39.26
N GLU C 1236 57.86 -9.02 -40.18
CA GLU C 1236 58.04 -8.32 -41.44
C GLU C 1236 56.83 -8.50 -42.34
N GLN C 1237 56.30 -9.72 -42.40
CA GLN C 1237 55.12 -10.01 -43.20
C GLN C 1237 53.82 -9.74 -42.46
N MET C 1238 53.88 -9.24 -41.22
CA MET C 1238 52.67 -9.13 -40.41
C MET C 1238 51.86 -7.89 -40.81
N GLN C 1239 52.39 -6.71 -40.55
CA GLN C 1239 51.60 -5.51 -40.76
C GLN C 1239 51.56 -5.05 -42.21
N SER C 1240 52.40 -5.62 -43.06
CA SER C 1240 52.30 -5.38 -44.50
C SER C 1240 51.26 -6.33 -45.07
N ASN C 1241 50.26 -5.77 -45.75
CA ASN C 1241 49.15 -6.55 -46.28
C ASN C 1241 49.55 -7.41 -47.49
N PHE C 1242 49.93 -8.64 -47.21
CA PHE C 1242 50.18 -9.64 -48.25
C PHE C 1242 48.92 -10.49 -48.43
N CYS C 1243 47.81 -9.79 -48.74
CA CYS C 1243 46.41 -10.26 -48.59
C CYS C 1243 46.16 -10.90 -47.22
N TRP C 1244 46.86 -10.40 -46.21
CA TRP C 1244 46.86 -10.88 -44.82
C TRP C 1244 47.06 -12.40 -44.76
N VAL C 1245 48.28 -12.80 -45.15
CA VAL C 1245 48.59 -14.20 -45.42
C VAL C 1245 48.81 -15.01 -44.15
N ILE C 1246 48.92 -14.37 -42.98
CA ILE C 1246 49.18 -15.11 -41.75
C ILE C 1246 47.97 -15.96 -41.36
N GLN C 1247 46.80 -15.35 -41.34
CA GLN C 1247 45.62 -16.09 -40.91
C GLN C 1247 44.99 -16.92 -42.03
N LEU C 1248 45.61 -16.98 -43.22
CA LEU C 1248 45.27 -18.04 -44.15
C LEU C 1248 45.76 -19.38 -43.64
N PHE C 1249 47.07 -19.52 -43.49
CA PHE C 1249 47.69 -20.80 -43.17
C PHE C 1249 47.91 -21.00 -41.68
N SER C 1250 47.37 -20.09 -40.86
CA SER C 1250 47.60 -20.03 -39.40
C SER C 1250 49.09 -20.01 -39.09
N LEU C 1251 49.75 -18.96 -39.58
CA LEU C 1251 51.20 -18.85 -39.47
C LEU C 1251 51.61 -18.51 -38.05
N VAL C 1252 51.77 -19.54 -37.22
CA VAL C 1252 52.18 -19.38 -35.83
C VAL C 1252 53.07 -20.56 -35.48
N CYS C 1253 53.98 -20.36 -34.54
CA CYS C 1253 54.94 -21.39 -34.16
C CYS C 1253 54.55 -22.03 -32.83
N THR C 1254 55.20 -23.15 -32.54
CA THR C 1254 55.04 -23.84 -31.27
C THR C 1254 56.34 -23.99 -30.48
N VAL C 1255 57.49 -23.81 -31.11
CA VAL C 1255 58.77 -24.09 -30.48
C VAL C 1255 59.14 -22.93 -29.56
N LYS C 1256 59.76 -23.24 -28.42
CA LYS C 1256 59.98 -22.26 -27.35
C LYS C 1256 61.01 -21.21 -27.74
N GLY C 1257 62.11 -21.62 -28.38
CA GLY C 1257 63.21 -20.72 -28.65
C GLY C 1257 63.00 -19.77 -29.82
N TYR C 1258 61.90 -19.03 -29.82
CA TYR C 1258 61.51 -18.14 -30.90
C TYR C 1258 60.75 -16.97 -30.28
N TYR C 1259 59.93 -16.30 -31.10
CA TYR C 1259 59.22 -15.06 -30.76
C TYR C 1259 58.16 -15.20 -29.67
N ASP C 1260 58.00 -16.38 -29.04
CA ASP C 1260 57.15 -16.65 -27.89
C ASP C 1260 55.68 -16.33 -28.18
N PRO C 1261 54.97 -17.18 -28.94
CA PRO C 1261 53.58 -16.90 -29.28
C PRO C 1261 52.68 -16.94 -28.05
N LYS C 1262 51.50 -16.34 -28.21
CA LYS C 1262 50.51 -15.97 -27.18
C LYS C 1262 51.13 -15.25 -25.97
N GLU C 1263 52.28 -14.59 -26.14
CA GLU C 1263 52.72 -13.50 -25.28
C GLU C 1263 52.90 -12.19 -26.03
N MET C 1264 53.15 -12.23 -27.34
CA MET C 1264 53.02 -11.05 -28.19
C MET C 1264 51.62 -10.93 -28.76
N MET C 1265 50.63 -11.57 -28.13
CA MET C 1265 49.22 -11.36 -28.40
C MET C 1265 48.74 -9.98 -27.93
N THR C 1266 49.54 -9.32 -27.07
CA THR C 1266 49.15 -8.04 -26.49
C THR C 1266 49.04 -6.93 -27.54
N ARG C 1267 49.90 -6.97 -28.56
CA ARG C 1267 49.67 -6.11 -29.71
C ARG C 1267 48.46 -6.62 -30.48
N ASP C 1268 47.58 -5.72 -30.90
CA ASP C 1268 46.28 -6.12 -31.41
C ASP C 1268 45.96 -5.60 -32.81
N ARG C 1269 46.55 -4.50 -33.24
CA ARG C 1269 46.28 -3.95 -34.57
C ARG C 1269 46.90 -4.88 -35.61
N ASP C 1270 46.05 -5.52 -36.40
CA ASP C 1270 46.41 -6.61 -37.33
C ASP C 1270 47.15 -7.73 -36.59
N CYS C 1271 46.39 -8.39 -35.71
CA CYS C 1271 46.94 -9.42 -34.85
C CYS C 1271 46.62 -10.82 -35.37
N LEU C 1272 47.35 -11.79 -34.85
CA LEU C 1272 47.35 -13.17 -35.31
C LEU C 1272 46.35 -14.01 -34.51
N LEU C 1273 46.37 -15.31 -34.72
CA LEU C 1273 45.55 -16.26 -33.98
C LEU C 1273 46.45 -17.31 -33.31
N PRO C 1274 46.57 -17.30 -31.99
CA PRO C 1274 47.48 -18.24 -31.32
C PRO C 1274 46.85 -19.57 -30.97
N VAL C 1275 45.54 -19.59 -30.70
CA VAL C 1275 44.91 -20.79 -30.14
C VAL C 1275 44.77 -21.89 -31.18
N GLU C 1276 44.79 -21.54 -32.46
CA GLU C 1276 44.99 -22.52 -33.52
C GLU C 1276 46.49 -22.55 -33.79
N GLU C 1277 47.17 -23.51 -33.21
CA GLU C 1277 48.62 -23.61 -33.29
C GLU C 1277 49.06 -24.18 -34.64
N ALA C 1278 50.31 -24.67 -34.69
CA ALA C 1278 50.81 -25.34 -35.88
C ALA C 1278 49.95 -26.53 -36.29
N GLY C 1279 49.27 -27.17 -35.34
CA GLY C 1279 48.24 -28.12 -35.67
C GLY C 1279 48.76 -29.46 -36.13
N ILE C 1280 50.00 -29.78 -35.81
CA ILE C 1280 50.56 -31.07 -36.23
C ILE C 1280 50.08 -32.19 -35.33
N ILE C 1281 49.41 -31.87 -34.22
CA ILE C 1281 48.87 -32.86 -33.31
C ILE C 1281 47.79 -33.69 -34.01
N TRP C 1282 46.75 -33.02 -34.50
CA TRP C 1282 45.67 -33.73 -35.16
C TRP C 1282 46.06 -34.25 -36.53
N ASP C 1283 47.08 -33.66 -37.16
CA ASP C 1283 47.60 -34.21 -38.40
C ASP C 1283 48.30 -35.54 -38.14
N SER C 1284 49.05 -35.63 -37.04
CA SER C 1284 49.69 -36.89 -36.68
C SER C 1284 48.70 -37.93 -36.19
N ILE C 1285 47.62 -37.49 -35.52
CA ILE C 1285 46.58 -38.42 -35.09
C ILE C 1285 45.84 -38.99 -36.29
N CYS C 1286 45.51 -38.14 -37.27
CA CYS C 1286 44.93 -38.64 -38.52
C CYS C 1286 45.90 -39.54 -39.25
N PHE C 1287 47.19 -39.24 -39.19
CA PHE C 1287 48.20 -40.06 -39.86
C PHE C 1287 48.27 -41.45 -39.25
N PHE C 1288 48.07 -41.54 -37.92
CA PHE C 1288 47.95 -42.82 -37.25
C PHE C 1288 46.74 -43.60 -37.75
N PHE C 1289 45.59 -42.94 -37.87
CA PHE C 1289 44.39 -43.66 -38.29
C PHE C 1289 44.43 -44.05 -39.77
N LEU C 1290 45.08 -43.25 -40.62
CA LEU C 1290 45.16 -43.58 -42.04
C LEU C 1290 46.02 -44.82 -42.26
N LEU C 1291 47.18 -44.89 -41.59
CA LEU C 1291 48.04 -46.05 -41.74
C LEU C 1291 47.44 -47.29 -41.09
N LEU C 1292 46.66 -47.11 -40.03
CA LEU C 1292 45.98 -48.23 -39.40
C LEU C 1292 44.91 -48.80 -40.33
N GLN C 1293 44.19 -47.94 -41.06
CA GLN C 1293 43.24 -48.43 -42.04
C GLN C 1293 43.91 -49.08 -43.22
N ARG C 1294 45.10 -48.63 -43.60
CA ARG C 1294 45.83 -49.30 -44.68
C ARG C 1294 46.18 -50.72 -44.28
N ARG C 1295 46.54 -50.93 -43.01
CA ARG C 1295 46.69 -52.28 -42.48
C ARG C 1295 45.37 -53.04 -42.50
N ILE C 1296 44.24 -52.35 -42.30
CA ILE C 1296 42.95 -53.02 -42.30
C ILE C 1296 42.52 -53.40 -43.71
N PHE C 1297 42.67 -52.51 -44.68
CA PHE C 1297 42.35 -52.83 -46.07
C PHE C 1297 43.28 -53.89 -46.65
N LEU C 1298 44.48 -54.04 -46.09
CA LEU C 1298 45.39 -55.11 -46.48
C LEU C 1298 45.27 -56.35 -45.59
N SER C 1299 44.08 -56.61 -45.04
CA SER C 1299 43.88 -57.75 -44.16
C SER C 1299 42.83 -58.69 -44.75
N HIS C 1300 42.84 -59.92 -44.26
CA HIS C 1300 41.82 -60.89 -44.60
C HIS C 1300 40.53 -60.66 -43.83
N TYR C 1301 40.60 -59.90 -42.74
CA TYR C 1301 39.41 -59.60 -41.96
C TYR C 1301 38.49 -58.66 -42.73
N PHE C 1302 39.06 -57.67 -43.42
CA PHE C 1302 38.28 -56.88 -44.35
C PHE C 1302 37.82 -57.69 -45.55
N LEU C 1303 38.52 -58.76 -45.90
CA LEU C 1303 38.05 -59.64 -46.96
C LEU C 1303 36.81 -60.42 -46.54
N HIS C 1304 36.60 -60.62 -45.24
CA HIS C 1304 35.31 -61.12 -44.79
C HIS C 1304 34.27 -60.00 -44.72
N VAL C 1305 34.69 -58.79 -44.32
CA VAL C 1305 33.74 -57.71 -44.10
C VAL C 1305 33.17 -57.19 -45.43
N SER C 1306 34.02 -57.02 -46.44
CA SER C 1306 33.53 -56.56 -47.74
C SER C 1306 32.70 -57.62 -48.44
N ALA C 1307 33.02 -58.89 -48.22
CA ALA C 1307 32.14 -59.96 -48.70
C ALA C 1307 30.81 -59.96 -47.98
N ASP C 1308 30.79 -59.52 -46.72
CA ASP C 1308 29.53 -59.36 -46.01
C ASP C 1308 28.74 -58.16 -46.52
N LEU C 1309 29.43 -57.10 -46.95
CA LEU C 1309 28.75 -55.91 -47.42
C LEU C 1309 28.11 -56.10 -48.80
N LYS C 1310 28.74 -56.89 -49.66
CA LYS C 1310 28.20 -57.10 -51.00
C LYS C 1310 26.88 -57.87 -50.97
N ALA C 1311 26.68 -58.72 -49.97
CA ALA C 1311 25.42 -59.41 -49.82
C ALA C 1311 24.29 -58.47 -49.40
N THR C 1312 24.61 -57.44 -48.62
CA THR C 1312 23.61 -56.41 -48.33
C THR C 1312 23.29 -55.58 -49.57
N ALA C 1313 24.29 -55.36 -50.42
CA ALA C 1313 24.05 -54.69 -51.69
C ALA C 1313 23.14 -55.52 -52.60
N LEU C 1314 23.13 -56.84 -52.42
CA LEU C 1314 22.13 -57.66 -53.10
C LEU C 1314 20.78 -57.65 -52.38
N GLN C 1315 20.78 -57.53 -51.06
CA GLN C 1315 19.55 -57.61 -50.27
C GLN C 1315 18.76 -56.31 -50.20
N ALA C 1316 19.17 -55.27 -50.93
CA ALA C 1316 18.39 -54.02 -50.97
C ALA C 1316 16.98 -54.24 -51.48
N SER C 1317 16.81 -55.06 -52.52
CA SER C 1317 15.50 -55.27 -53.12
C SER C 1317 14.58 -56.04 -52.19
N ARG C 1318 15.10 -57.06 -51.51
CA ARG C 1318 14.25 -57.84 -50.62
C ARG C 1318 13.97 -57.08 -49.32
N GLY C 1319 14.86 -56.17 -48.91
CA GLY C 1319 14.56 -55.31 -47.78
C GLY C 1319 13.39 -54.38 -48.06
N PHE C 1320 13.35 -53.81 -49.28
CA PHE C 1320 12.18 -53.04 -49.68
C PHE C 1320 10.95 -53.94 -49.84
N ALA C 1321 11.16 -55.21 -50.19
CA ALA C 1321 10.03 -56.15 -50.25
C ALA C 1321 9.46 -56.44 -48.87
N LEU C 1322 10.33 -56.53 -47.86
CA LEU C 1322 9.85 -56.76 -46.50
C LEU C 1322 9.13 -55.53 -45.95
N TYR C 1323 9.58 -54.33 -46.33
CA TYR C 1323 8.85 -53.12 -46.00
C TYR C 1323 7.47 -53.11 -46.65
N ASN C 1324 7.38 -53.59 -47.89
CA ASN C 1324 6.08 -53.66 -48.57
C ASN C 1324 5.16 -54.66 -47.89
N ALA C 1325 5.73 -55.78 -47.43
CA ALA C 1325 4.92 -56.81 -46.78
C ALA C 1325 4.34 -56.34 -45.46
N ALA C 1326 5.18 -55.70 -44.63
CA ALA C 1326 4.71 -55.20 -43.35
C ALA C 1326 3.74 -54.04 -43.50
N ASN C 1327 3.91 -53.21 -44.53
CA ASN C 1327 3.00 -52.08 -44.69
C ASN C 1327 1.64 -52.51 -45.22
N LEU C 1328 1.60 -53.49 -46.13
CA LEU C 1328 0.31 -54.02 -46.58
C LEU C 1328 -0.42 -54.73 -45.43
N LYS C 1329 0.33 -55.45 -44.60
CA LYS C 1329 -0.27 -56.14 -43.46
C LYS C 1329 -0.80 -55.15 -42.42
N SER C 1330 -0.10 -54.02 -42.23
CA SER C 1330 -0.54 -53.04 -41.25
C SER C 1330 -1.76 -52.27 -41.73
N ILE C 1331 -1.80 -51.89 -43.02
CA ILE C 1331 -2.93 -51.14 -43.54
C ILE C 1331 -4.18 -52.02 -43.59
N ASN C 1332 -4.02 -53.30 -43.91
CA ASN C 1332 -5.17 -54.20 -43.85
C ASN C 1332 -5.59 -54.49 -42.41
N PHE C 1333 -4.64 -54.40 -41.46
CA PHE C 1333 -4.99 -54.56 -40.06
C PHE C 1333 -5.86 -53.40 -39.58
N HIS C 1334 -5.49 -52.17 -39.96
CA HIS C 1334 -6.35 -51.02 -39.65
C HIS C 1334 -7.67 -51.08 -40.41
N ARG C 1335 -7.67 -51.70 -41.60
CA ARG C 1335 -8.91 -51.88 -42.36
C ARG C 1335 -9.86 -52.81 -41.62
N GLN C 1336 -9.36 -53.89 -41.03
CA GLN C 1336 -10.20 -54.79 -40.26
C GLN C 1336 -10.72 -54.10 -38.99
N ILE C 1337 -9.90 -53.26 -38.38
CA ILE C 1337 -10.32 -52.53 -37.18
C ILE C 1337 -11.44 -51.54 -37.52
N GLU C 1338 -11.32 -50.83 -38.64
CA GLU C 1338 -12.33 -49.85 -39.02
C GLU C 1338 -13.65 -50.53 -39.41
N GLU C 1339 -13.56 -51.68 -40.11
CA GLU C 1339 -14.79 -52.35 -40.53
C GLU C 1339 -15.52 -52.96 -39.34
N LYS C 1340 -14.78 -53.54 -38.38
CA LYS C 1340 -15.42 -54.09 -37.20
C LYS C 1340 -16.00 -52.98 -36.31
N SER C 1341 -15.34 -51.83 -36.25
CA SER C 1341 -15.86 -50.73 -35.44
C SER C 1341 -17.13 -50.15 -36.05
N LEU C 1342 -17.19 -50.04 -37.38
CA LEU C 1342 -18.42 -49.53 -37.99
C LEU C 1342 -19.53 -50.57 -37.97
N ALA C 1343 -19.19 -51.85 -37.90
CA ALA C 1343 -20.21 -52.86 -37.67
C ALA C 1343 -20.77 -52.74 -36.25
N GLN C 1344 -19.92 -52.39 -35.28
CA GLN C 1344 -20.41 -52.15 -33.93
C GLN C 1344 -21.32 -50.93 -33.87
N LEU C 1345 -20.98 -49.88 -34.61
CA LEU C 1345 -21.85 -48.70 -34.62
C LEU C 1345 -23.16 -48.97 -35.33
N LYS C 1346 -23.16 -49.82 -36.36
CA LYS C 1346 -24.41 -50.23 -36.99
C LYS C 1346 -25.30 -51.02 -36.04
N ARG C 1347 -24.69 -51.94 -35.28
CA ARG C 1347 -25.44 -52.70 -34.28
C ARG C 1347 -26.05 -51.79 -33.23
N GLN C 1348 -25.26 -50.85 -32.71
CA GLN C 1348 -25.72 -50.04 -31.59
C GLN C 1348 -26.77 -49.02 -32.03
N MET C 1349 -26.65 -48.50 -33.24
CA MET C 1349 -27.69 -47.61 -33.76
C MET C 1349 -28.98 -48.37 -34.01
N LYS C 1350 -28.89 -49.64 -34.43
CA LYS C 1350 -30.12 -50.42 -34.54
C LYS C 1350 -30.71 -50.76 -33.18
N ARG C 1351 -29.87 -50.90 -32.15
CA ARG C 1351 -30.38 -51.13 -30.80
C ARG C 1351 -31.16 -49.93 -30.29
N ILE C 1352 -30.62 -48.72 -30.53
CA ILE C 1352 -31.29 -47.49 -30.13
C ILE C 1352 -32.60 -47.32 -30.89
N ARG C 1353 -32.58 -47.57 -32.20
CA ARG C 1353 -33.79 -47.41 -33.01
C ARG C 1353 -34.84 -48.47 -32.67
N ALA C 1354 -34.41 -49.68 -32.33
CA ALA C 1354 -35.39 -50.72 -31.98
C ALA C 1354 -36.08 -50.42 -30.66
N LYS C 1355 -35.30 -49.94 -29.67
CA LYS C 1355 -35.89 -49.51 -28.41
C LYS C 1355 -36.89 -48.38 -28.62
N GLN C 1356 -36.53 -47.41 -29.44
CA GLN C 1356 -37.41 -46.27 -29.55
C GLN C 1356 -38.55 -46.49 -30.52
N GLU C 1357 -38.48 -47.50 -31.38
CA GLU C 1357 -39.68 -47.87 -32.13
C GLU C 1357 -40.65 -48.68 -31.28
N LYS C 1358 -40.13 -49.45 -30.30
CA LYS C 1358 -41.00 -49.98 -29.25
C LYS C 1358 -41.69 -48.84 -28.50
N TYR C 1359 -40.97 -47.74 -28.30
CA TYR C 1359 -41.56 -46.60 -27.63
C TYR C 1359 -42.56 -45.87 -28.53
N ARG C 1360 -42.38 -45.97 -29.85
CA ARG C 1360 -43.39 -45.47 -30.76
C ARG C 1360 -44.68 -46.28 -30.65
N GLN C 1361 -44.56 -47.59 -30.48
CA GLN C 1361 -45.75 -48.42 -30.38
C GLN C 1361 -46.44 -48.25 -29.03
N SER C 1362 -45.66 -48.06 -27.96
CA SER C 1362 -46.25 -47.76 -26.66
C SER C 1362 -46.86 -46.37 -26.62
N GLN C 1363 -46.32 -45.44 -27.42
CA GLN C 1363 -46.99 -44.17 -27.66
C GLN C 1363 -48.30 -44.37 -28.40
N ALA C 1364 -48.33 -45.33 -29.33
CA ALA C 1364 -49.54 -45.59 -30.11
C ALA C 1364 -50.63 -46.22 -29.26
N SER C 1365 -50.26 -46.93 -28.20
CA SER C 1365 -51.25 -47.49 -27.28
C SER C 1365 -51.87 -46.39 -26.42
N HIS C 1493 21.27 -60.08 15.00
CA HIS C 1493 21.38 -60.74 13.69
C HIS C 1493 21.50 -59.72 12.58
N MET C 1494 22.50 -59.93 11.70
CA MET C 1494 22.72 -59.01 10.59
C MET C 1494 21.65 -59.14 9.51
N MET C 1495 21.01 -60.30 9.40
CA MET C 1495 20.21 -60.67 8.24
C MET C 1495 18.96 -59.81 8.07
N GLN C 1496 18.51 -59.12 9.13
CA GLN C 1496 17.31 -58.29 9.03
C GLN C 1496 17.50 -57.10 8.11
N ARG C 1497 18.72 -56.56 8.04
CA ARG C 1497 19.03 -55.48 7.10
C ARG C 1497 20.00 -55.91 6.01
N VAL C 1498 20.65 -57.07 6.14
CA VAL C 1498 21.35 -57.67 5.00
C VAL C 1498 20.33 -58.15 3.96
N LEU C 1499 19.12 -58.50 4.40
CA LEU C 1499 18.02 -58.78 3.47
C LEU C 1499 17.68 -57.54 2.64
N SER C 1500 17.71 -56.36 3.26
CA SER C 1500 17.48 -55.12 2.53
C SER C 1500 18.64 -54.81 1.60
N THR C 1501 19.87 -54.84 2.12
CA THR C 1501 21.06 -54.53 1.32
C THR C 1501 21.50 -55.68 0.42
N MET C 1502 20.71 -56.72 0.28
CA MET C 1502 20.84 -57.69 -0.82
C MET C 1502 19.70 -57.56 -1.82
N GLN C 1503 18.45 -57.60 -1.34
CA GLN C 1503 17.29 -57.56 -2.24
C GLN C 1503 17.13 -56.16 -2.86
N PHE C 1504 16.96 -55.14 -2.02
CA PHE C 1504 16.78 -53.79 -2.51
C PHE C 1504 18.06 -53.21 -3.10
N LEU C 1505 19.23 -53.82 -2.87
CA LEU C 1505 20.44 -53.38 -3.53
C LEU C 1505 20.55 -54.01 -4.92
N TRP C 1506 20.63 -55.35 -4.97
CA TRP C 1506 20.82 -56.03 -6.24
C TRP C 1506 19.52 -56.25 -6.98
N VAL C 1507 18.60 -57.03 -6.39
CA VAL C 1507 17.64 -57.80 -7.15
C VAL C 1507 16.52 -56.92 -7.70
N LEU C 1508 16.02 -55.98 -6.90
CA LEU C 1508 14.93 -55.13 -7.36
C LEU C 1508 15.39 -54.15 -8.43
N GLY C 1509 16.61 -53.61 -8.27
CA GLY C 1509 17.16 -52.75 -9.30
C GLY C 1509 17.47 -53.51 -10.58
N GLN C 1510 17.98 -54.73 -10.46
CA GLN C 1510 18.25 -55.55 -11.64
C GLN C 1510 16.96 -55.97 -12.33
N ALA C 1511 15.88 -56.13 -11.58
CA ALA C 1511 14.59 -56.43 -12.20
C ALA C 1511 14.07 -55.22 -12.97
N THR C 1512 14.33 -54.01 -12.48
CA THR C 1512 13.90 -52.82 -13.21
C THR C 1512 14.76 -52.58 -14.45
N VAL C 1513 16.06 -52.88 -14.36
CA VAL C 1513 16.93 -52.77 -15.54
C VAL C 1513 16.56 -53.80 -16.59
N ASP C 1514 16.25 -55.03 -16.16
CA ASP C 1514 15.77 -56.05 -17.09
C ASP C 1514 14.41 -55.69 -17.67
N GLY C 1515 13.57 -54.99 -16.90
CA GLY C 1515 12.32 -54.48 -17.45
C GLY C 1515 12.53 -53.42 -18.51
N LEU C 1516 13.57 -52.61 -18.36
CA LEU C 1516 13.87 -51.61 -19.40
C LEU C 1516 14.41 -52.29 -20.66
N THR C 1517 15.18 -53.38 -20.51
CA THR C 1517 15.60 -54.15 -21.67
C THR C 1517 14.41 -54.80 -22.36
N ARG C 1518 13.47 -55.35 -21.58
CA ARG C 1518 12.27 -55.95 -22.15
C ARG C 1518 11.43 -54.90 -22.88
N TRP C 1519 11.35 -53.69 -22.33
CA TRP C 1519 10.58 -52.63 -22.96
C TRP C 1519 11.22 -52.19 -24.28
N LEU C 1520 12.56 -52.14 -24.33
CA LEU C 1520 13.20 -51.76 -25.59
C LEU C 1520 13.19 -52.89 -26.62
N ARG C 1521 13.18 -54.14 -26.17
CA ARG C 1521 13.05 -55.26 -27.10
C ARG C 1521 11.67 -55.27 -27.75
N ALA C 1522 10.62 -55.00 -26.98
CA ALA C 1522 9.30 -54.83 -27.57
C ALA C 1522 9.20 -53.53 -28.35
N PHE C 1523 10.05 -52.55 -28.05
CA PHE C 1523 10.01 -51.29 -28.77
C PHE C 1523 10.59 -51.43 -30.17
N THR C 1524 11.54 -52.35 -30.38
CA THR C 1524 12.15 -52.51 -31.70
C THR C 1524 12.13 -53.96 -32.19
N LYS C 1525 11.12 -54.73 -31.80
CA LYS C 1525 10.94 -56.06 -32.38
C LYS C 1525 10.58 -55.98 -33.86
N HIS C 1526 9.89 -54.89 -34.26
CA HIS C 1526 9.46 -54.69 -35.65
C HIS C 1526 10.64 -54.57 -36.60
N HIS C 1527 11.79 -54.12 -36.10
CA HIS C 1527 13.03 -54.06 -36.86
C HIS C 1527 13.93 -55.27 -36.62
N ARG C 1528 13.90 -55.81 -35.40
CA ARG C 1528 14.78 -56.91 -35.01
C ARG C 1528 14.46 -58.18 -35.79
N THR C 1529 13.18 -58.45 -36.05
CA THR C 1529 12.82 -59.69 -36.72
C THR C 1529 13.24 -59.69 -38.18
N MET C 1530 13.03 -58.58 -38.89
CA MET C 1530 13.46 -58.54 -40.28
C MET C 1530 14.97 -58.43 -40.41
N SER C 1531 15.64 -57.87 -39.40
CA SER C 1531 17.10 -57.87 -39.42
C SER C 1531 17.65 -59.27 -39.21
N ASP C 1532 16.98 -60.09 -38.40
CA ASP C 1532 17.44 -61.46 -38.20
C ASP C 1532 17.17 -62.32 -39.42
N VAL C 1533 16.05 -62.08 -40.12
CA VAL C 1533 15.76 -62.80 -41.35
C VAL C 1533 16.78 -62.46 -42.44
N LEU C 1534 17.08 -61.16 -42.59
CA LEU C 1534 18.10 -60.76 -43.53
C LEU C 1534 19.50 -61.18 -43.09
N CYS C 1535 19.70 -61.40 -41.79
CA CYS C 1535 20.98 -61.94 -41.31
C CYS C 1535 21.19 -63.37 -41.78
N ALA C 1536 20.15 -64.20 -41.67
CA ALA C 1536 20.25 -65.60 -42.11
C ALA C 1536 20.45 -65.68 -43.62
N GLU C 1537 19.70 -64.87 -44.37
CA GLU C 1537 19.87 -64.86 -45.81
C GLU C 1537 21.19 -64.23 -46.24
N ARG C 1538 21.77 -63.35 -45.42
CA ARG C 1538 23.09 -62.83 -45.74
C ARG C 1538 24.16 -63.88 -45.55
N TYR C 1539 24.00 -64.75 -44.56
CA TYR C 1539 24.86 -65.91 -44.39
C TYR C 1539 24.84 -66.81 -45.62
N LEU C 1540 23.64 -67.12 -46.11
CA LEU C 1540 23.53 -67.98 -47.28
C LEU C 1540 23.96 -67.28 -48.57
N LEU C 1541 23.77 -65.97 -48.66
CA LEU C 1541 24.24 -65.26 -49.85
C LEU C 1541 25.75 -65.11 -49.88
N THR C 1542 26.41 -65.03 -48.71
CA THR C 1542 27.87 -65.07 -48.71
C THR C 1542 28.38 -66.45 -49.11
N GLN C 1543 27.69 -67.51 -48.66
CA GLN C 1543 28.05 -68.85 -49.12
C GLN C 1543 27.64 -69.12 -50.56
N GLU C 1544 26.86 -68.24 -51.19
CA GLU C 1544 26.68 -68.31 -52.63
C GLU C 1544 27.67 -67.40 -53.37
N LEU C 1545 27.99 -66.24 -52.80
CA LEU C 1545 28.97 -65.32 -53.37
C LEU C 1545 30.41 -65.81 -53.24
N LEU C 1546 30.64 -66.92 -52.54
CA LEU C 1546 31.99 -67.38 -52.28
C LEU C 1546 32.70 -67.85 -53.56
N ARG C 1547 31.95 -68.29 -54.58
CA ARG C 1547 32.59 -68.72 -55.81
C ARG C 1547 31.94 -68.16 -57.08
N VAL C 1548 30.67 -67.79 -57.04
CA VAL C 1548 29.96 -67.26 -58.19
C VAL C 1548 29.25 -65.97 -57.78
N GLY C 1549 28.63 -65.30 -58.75
CA GLY C 1549 27.79 -64.16 -58.44
C GLY C 1549 26.44 -64.55 -57.90
N GLU C 1550 25.60 -65.16 -58.74
CA GLU C 1550 24.28 -65.63 -58.34
C GLU C 1550 23.98 -66.92 -59.10
N VAL C 1551 22.91 -67.59 -58.67
CA VAL C 1551 22.31 -68.66 -59.47
C VAL C 1551 20.81 -68.67 -59.19
N ARG C 1552 20.06 -67.89 -59.97
CA ARG C 1552 18.59 -67.88 -60.02
C ARG C 1552 17.93 -67.66 -58.66
N ARG C 1553 18.65 -66.98 -57.74
CA ARG C 1553 18.29 -66.83 -56.33
C ARG C 1553 17.95 -68.19 -55.68
N GLY C 1554 18.88 -69.14 -55.82
CA GLY C 1554 18.69 -70.46 -55.23
C GLY C 1554 18.87 -70.46 -53.73
N VAL C 1555 19.64 -69.52 -53.18
CA VAL C 1555 19.76 -69.39 -51.73
C VAL C 1555 18.48 -68.92 -51.09
N LEU C 1556 17.62 -68.23 -51.83
CA LEU C 1556 16.30 -67.83 -51.35
C LEU C 1556 15.31 -68.99 -51.35
N ASP C 1557 15.63 -70.11 -52.00
CA ASP C 1557 14.68 -71.21 -52.10
C ASP C 1557 14.64 -72.03 -50.82
N GLN C 1558 15.81 -72.35 -50.27
CA GLN C 1558 15.89 -73.18 -49.08
C GLN C 1558 15.88 -72.39 -47.78
N LEU C 1559 15.99 -71.07 -47.85
CA LEU C 1559 16.08 -70.25 -46.65
C LEU C 1559 14.72 -70.12 -45.96
N TYR C 1560 13.75 -69.52 -46.65
CA TYR C 1560 12.44 -69.28 -46.05
C TYR C 1560 11.59 -70.54 -45.98
N VAL C 1561 11.90 -71.57 -46.77
CA VAL C 1561 11.08 -72.78 -46.76
C VAL C 1561 11.44 -73.68 -45.57
N GLY C 1562 12.73 -73.87 -45.29
CA GLY C 1562 13.14 -74.71 -44.18
C GLY C 1562 12.98 -74.03 -42.83
N GLU C 1563 12.77 -72.71 -42.81
CA GLU C 1563 12.45 -71.96 -41.58
C GLU C 1563 11.42 -70.92 -41.98
N ASP C 1564 10.14 -71.25 -41.80
CA ASP C 1564 9.05 -70.39 -42.24
C ASP C 1564 8.25 -69.78 -41.10
N GLU C 1565 8.26 -70.41 -39.92
CA GLU C 1565 7.55 -69.83 -38.78
C GLU C 1565 8.24 -68.57 -38.28
N ALA C 1566 9.58 -68.58 -38.25
CA ALA C 1566 10.32 -67.36 -37.93
C ALA C 1566 10.28 -66.37 -39.09
N THR C 1567 10.11 -66.86 -40.31
CA THR C 1567 9.98 -66.01 -41.49
C THR C 1567 8.54 -65.70 -41.82
N LEU C 1568 7.63 -65.82 -40.86
CA LEU C 1568 6.23 -65.46 -41.05
C LEU C 1568 5.89 -64.10 -40.47
N SER C 1569 6.50 -63.75 -39.33
CA SER C 1569 6.24 -62.45 -38.73
C SER C 1569 6.92 -61.34 -39.49
N GLY C 1570 8.12 -61.59 -40.01
CA GLY C 1570 8.85 -60.61 -40.80
C GLY C 1570 8.41 -60.66 -42.27
N PRO C 1571 8.53 -61.83 -42.90
CA PRO C 1571 8.20 -61.96 -44.31
C PRO C 1571 6.76 -62.44 -44.47
N VAL C 1572 6.06 -61.85 -45.43
CA VAL C 1572 4.72 -62.29 -45.80
C VAL C 1572 4.64 -62.78 -47.23
N GLU C 1573 5.13 -62.01 -48.19
CA GLU C 1573 5.06 -62.36 -49.60
C GLU C 1573 6.36 -62.98 -50.11
N THR C 1574 7.05 -63.73 -49.25
CA THR C 1574 8.32 -64.35 -49.64
C THR C 1574 8.10 -65.56 -50.53
N ARG C 1575 7.28 -66.52 -50.07
CA ARG C 1575 7.01 -67.73 -50.83
C ARG C 1575 6.08 -67.50 -52.02
N ASP C 1576 5.41 -66.35 -52.09
CA ASP C 1576 4.57 -66.06 -53.24
C ASP C 1576 5.40 -65.79 -54.49
N GLY C 1577 6.62 -65.28 -54.33
CA GLY C 1577 7.49 -65.00 -55.46
C GLY C 1577 8.45 -66.14 -55.75
N PRO C 1578 8.66 -67.05 -54.81
CA PRO C 1578 9.55 -68.19 -55.03
C PRO C 1578 9.13 -69.39 -54.20
N HIS C 1655 19.48 -76.09 -39.39
CA HIS C 1655 19.29 -75.01 -40.36
C HIS C 1655 20.04 -73.77 -39.91
N ILE C 1656 21.13 -73.47 -40.61
CA ILE C 1656 22.04 -72.33 -40.38
C ILE C 1656 22.56 -72.38 -38.94
N PRO C 1657 23.51 -73.26 -38.63
CA PRO C 1657 23.87 -73.50 -37.23
C PRO C 1657 24.74 -72.42 -36.59
N GLU C 1658 25.58 -71.75 -37.40
CA GLU C 1658 26.53 -70.79 -36.83
C GLU C 1658 25.81 -69.56 -36.28
N LEU C 1659 24.75 -69.14 -36.97
CA LEU C 1659 23.92 -68.06 -36.42
C LEU C 1659 23.14 -68.53 -35.20
N GLU C 1660 22.86 -69.83 -35.09
CA GLU C 1660 22.20 -70.34 -33.89
C GLU C 1660 23.12 -70.22 -32.68
N GLU C 1661 24.39 -70.67 -32.78
CA GLU C 1661 25.25 -70.47 -31.63
C GLU C 1661 25.70 -69.02 -31.48
N ALA C 1662 25.60 -68.22 -32.54
CA ALA C 1662 25.84 -66.78 -32.41
C ALA C 1662 24.81 -66.15 -31.48
N GLU C 1663 23.53 -66.49 -31.69
CA GLU C 1663 22.47 -66.00 -30.82
C GLU C 1663 22.58 -66.61 -29.43
N ARG C 1664 23.01 -67.87 -29.33
CA ARG C 1664 23.12 -68.52 -28.04
C ARG C 1664 24.26 -67.97 -27.20
N PHE C 1665 25.30 -67.43 -27.83
CA PHE C 1665 26.41 -66.83 -27.08
C PHE C 1665 26.39 -65.31 -27.08
N GLU C 1666 25.39 -64.68 -27.68
CA GLU C 1666 25.12 -63.28 -27.37
C GLU C 1666 23.92 -63.12 -26.46
N ALA C 1667 23.22 -64.21 -26.14
CA ALA C 1667 22.15 -64.13 -25.16
C ALA C 1667 22.64 -64.12 -23.72
N GLN C 1668 23.94 -64.33 -23.50
CA GLN C 1668 24.51 -64.35 -22.16
C GLN C 1668 25.59 -63.29 -22.01
N GLN C 1669 25.35 -62.10 -22.56
CA GLN C 1669 26.32 -61.02 -22.44
C GLN C 1669 26.34 -60.39 -21.06
N GLY C 1670 25.27 -60.54 -20.29
CA GLY C 1670 25.15 -59.83 -19.04
C GLY C 1670 24.60 -58.43 -19.22
N ARG C 1671 24.13 -57.85 -18.13
CA ARG C 1671 23.50 -56.55 -18.20
C ARG C 1671 24.54 -55.46 -18.39
N THR C 1672 24.06 -54.28 -18.78
CA THR C 1672 24.81 -53.07 -19.17
C THR C 1672 25.74 -53.29 -20.35
N LEU C 1673 25.61 -54.39 -21.07
CA LEU C 1673 26.10 -54.58 -22.42
C LEU C 1673 24.99 -55.10 -23.31
N ARG C 1674 24.13 -55.97 -22.78
CA ARG C 1674 22.89 -56.33 -23.44
C ARG C 1674 21.94 -55.14 -23.49
N LEU C 1675 21.95 -54.29 -22.45
CA LEU C 1675 21.19 -53.05 -22.49
C LEU C 1675 21.76 -52.09 -23.52
N LEU C 1676 23.08 -52.04 -23.68
CA LEU C 1676 23.67 -51.20 -24.71
C LEU C 1676 23.36 -51.74 -26.11
N ARG C 1677 23.28 -53.05 -26.25
CA ARG C 1677 22.89 -53.64 -27.53
C ARG C 1677 21.44 -53.30 -27.88
N ALA C 1678 20.56 -53.33 -26.88
CA ALA C 1678 19.17 -52.93 -27.10
C ALA C 1678 19.06 -51.45 -27.41
N GLY C 1679 19.89 -50.62 -26.76
CA GLY C 1679 19.87 -49.20 -27.03
C GLY C 1679 20.37 -48.87 -28.43
N TYR C 1680 21.41 -49.56 -28.88
CA TYR C 1680 21.91 -49.31 -30.23
C TYR C 1680 20.94 -49.82 -31.29
N GLN C 1681 20.20 -50.88 -30.98
CA GLN C 1681 19.15 -51.31 -31.91
C GLN C 1681 18.01 -50.31 -31.97
N CYS C 1682 17.71 -49.64 -30.84
CA CYS C 1682 16.68 -48.59 -30.86
C CYS C 1682 17.14 -47.38 -31.66
N VAL C 1683 18.41 -47.00 -31.51
CA VAL C 1683 18.97 -45.89 -32.27
C VAL C 1683 19.00 -46.21 -33.75
N ALA C 1684 19.40 -47.43 -34.11
CA ALA C 1684 19.49 -47.81 -35.51
C ALA C 1684 18.11 -47.96 -36.15
N ALA C 1685 17.11 -48.36 -35.37
CA ALA C 1685 15.76 -48.51 -35.93
C ALA C 1685 15.09 -47.16 -36.10
N HIS C 1686 14.91 -46.42 -35.01
CA HIS C 1686 14.20 -45.14 -35.06
C HIS C 1686 15.20 -44.01 -35.22
N SER C 1687 15.70 -43.86 -36.44
CA SER C 1687 16.71 -42.87 -36.73
C SER C 1687 16.20 -41.65 -37.49
N GLU C 1688 15.01 -41.72 -38.09
CA GLU C 1688 14.37 -40.51 -38.60
C GLU C 1688 14.12 -39.52 -37.48
N LEU C 1689 13.57 -39.99 -36.36
CA LEU C 1689 13.34 -39.13 -35.21
C LEU C 1689 14.64 -38.65 -34.59
N LEU C 1690 15.71 -39.44 -34.68
CA LEU C 1690 16.99 -39.02 -34.15
C LEU C 1690 17.60 -37.91 -35.00
N CYS C 1691 17.51 -38.03 -36.33
CA CYS C 1691 17.96 -36.97 -37.20
C CYS C 1691 17.15 -35.70 -36.98
N TYR C 1692 15.84 -35.84 -36.76
CA TYR C 1692 15.01 -34.69 -36.43
C TYR C 1692 15.37 -34.10 -35.09
N PHE C 1693 15.80 -34.95 -34.15
CA PHE C 1693 16.16 -34.49 -32.81
C PHE C 1693 17.39 -33.60 -32.84
N ILE C 1694 18.41 -33.97 -33.61
CA ILE C 1694 19.61 -33.14 -33.64
C ILE C 1694 19.44 -31.91 -34.57
N ILE C 1695 18.62 -32.03 -35.63
CA ILE C 1695 18.26 -30.86 -36.45
C ILE C 1695 17.54 -29.82 -35.60
N ILE C 1696 16.73 -30.27 -34.66
CA ILE C 1696 16.13 -29.34 -33.70
C ILE C 1696 17.16 -28.87 -32.68
N LEU C 1697 18.06 -29.75 -32.25
CA LEU C 1697 18.88 -29.48 -31.07
C LEU C 1697 19.94 -28.43 -31.36
N ASN C 1698 20.61 -28.51 -32.51
CA ASN C 1698 21.57 -27.47 -32.85
C ASN C 1698 20.90 -26.15 -33.20
N HIS C 1699 19.64 -26.18 -33.60
CA HIS C 1699 18.92 -24.93 -33.81
C HIS C 1699 18.41 -24.36 -32.50
N MET C 1700 18.19 -25.20 -31.50
CA MET C 1700 17.92 -24.70 -30.17
C MET C 1700 19.14 -23.99 -29.59
N VAL C 1701 20.33 -24.50 -29.88
CA VAL C 1701 21.54 -23.87 -29.36
C VAL C 1701 21.93 -22.67 -30.22
N THR C 1702 22.21 -22.91 -31.50
CA THR C 1702 22.49 -21.82 -32.43
C THR C 1702 21.16 -21.21 -32.85
N ALA C 1703 20.87 -20.00 -32.39
CA ALA C 1703 19.59 -19.34 -32.66
C ALA C 1703 19.62 -18.53 -33.94
N SER C 1704 20.40 -18.95 -34.93
CA SER C 1704 20.68 -18.15 -36.10
C SER C 1704 19.51 -18.18 -37.08
N ALA C 1705 19.67 -17.42 -38.17
CA ALA C 1705 18.70 -17.39 -39.26
C ALA C 1705 19.02 -18.37 -40.37
N ALA C 1706 20.24 -18.92 -40.38
CA ALA C 1706 20.58 -19.96 -41.34
C ALA C 1706 20.33 -21.35 -40.80
N SER C 1707 20.29 -21.50 -39.48
CA SER C 1707 19.87 -22.75 -38.87
C SER C 1707 18.36 -22.87 -38.77
N LEU C 1708 17.62 -21.84 -39.20
CA LEU C 1708 16.17 -21.95 -39.37
C LEU C 1708 15.79 -22.77 -40.59
N VAL C 1709 16.72 -22.93 -41.54
CA VAL C 1709 16.36 -23.46 -42.86
C VAL C 1709 15.98 -24.92 -42.77
N LEU C 1710 16.64 -25.67 -41.92
CA LEU C 1710 16.35 -27.09 -41.80
C LEU C 1710 15.07 -27.43 -41.03
N PRO C 1711 14.80 -26.96 -39.79
CA PRO C 1711 13.60 -27.47 -39.09
C PRO C 1711 12.30 -26.96 -39.66
N VAL C 1712 12.29 -25.82 -40.37
CA VAL C 1712 11.11 -25.42 -41.14
C VAL C 1712 10.80 -26.47 -42.20
N LEU C 1713 11.83 -26.89 -42.93
CA LEU C 1713 11.66 -27.95 -43.91
C LEU C 1713 11.39 -29.29 -43.27
N VAL C 1714 11.82 -29.51 -42.02
CA VAL C 1714 11.46 -30.73 -41.31
C VAL C 1714 9.96 -30.77 -41.07
N PHE C 1715 9.44 -29.74 -40.41
CA PHE C 1715 8.05 -29.69 -39.99
C PHE C 1715 7.09 -29.55 -41.15
N LEU C 1716 7.56 -29.05 -42.30
CA LEU C 1716 6.67 -28.85 -43.44
C LEU C 1716 6.91 -29.79 -44.60
N TRP C 1717 8.06 -30.46 -44.66
CA TRP C 1717 8.32 -31.34 -45.80
C TRP C 1717 8.96 -32.66 -45.45
N ALA C 1718 9.56 -32.82 -44.26
CA ALA C 1718 10.02 -34.14 -43.87
C ALA C 1718 8.95 -34.91 -43.13
N MET C 1719 8.11 -34.20 -42.38
CA MET C 1719 7.03 -34.81 -41.63
C MET C 1719 5.75 -34.97 -42.43
N LEU C 1720 5.57 -34.17 -43.47
CA LEU C 1720 4.32 -34.16 -44.20
C LEU C 1720 4.30 -35.03 -45.45
N THR C 1721 5.44 -35.59 -45.85
CA THR C 1721 5.40 -36.65 -46.85
C THR C 1721 4.86 -37.92 -46.21
N ILE C 1722 3.80 -38.47 -46.80
CA ILE C 1722 2.93 -39.41 -46.09
C ILE C 1722 3.58 -40.77 -45.84
N PRO C 1723 4.18 -41.51 -46.83
CA PRO C 1723 4.86 -42.75 -46.43
C PRO C 1723 6.15 -42.49 -45.65
N ARG C 1724 7.06 -41.72 -46.22
CA ARG C 1724 8.41 -41.51 -45.72
C ARG C 1724 8.94 -40.23 -46.35
N PRO C 1725 9.98 -39.63 -45.78
CA PRO C 1725 10.71 -38.59 -46.51
C PRO C 1725 11.41 -39.18 -47.73
N SER C 1726 11.52 -38.35 -48.77
CA SER C 1726 11.99 -38.83 -50.05
C SER C 1726 13.51 -38.92 -50.08
N LYS C 1727 14.03 -39.28 -51.26
CA LYS C 1727 15.44 -39.07 -51.56
C LYS C 1727 15.82 -37.60 -51.45
N ARG C 1728 14.92 -36.72 -51.90
CA ARG C 1728 15.27 -35.33 -52.14
C ARG C 1728 15.49 -34.57 -50.85
N PHE C 1729 14.72 -34.87 -49.81
CA PHE C 1729 14.91 -34.19 -48.53
C PHE C 1729 16.22 -34.54 -47.87
N TRP C 1730 16.54 -35.84 -47.81
CA TRP C 1730 17.76 -36.25 -47.12
C TRP C 1730 19.00 -35.79 -47.86
N MET C 1731 18.95 -35.77 -49.19
CA MET C 1731 20.05 -35.17 -49.94
C MET C 1731 20.11 -33.67 -49.74
N THR C 1732 18.95 -33.00 -49.57
CA THR C 1732 18.96 -31.57 -49.30
C THR C 1732 19.55 -31.27 -47.92
N ALA C 1733 19.19 -32.09 -46.92
CA ALA C 1733 19.69 -31.88 -45.57
C ALA C 1733 21.19 -32.14 -45.49
N ILE C 1734 21.66 -33.18 -46.18
CA ILE C 1734 23.10 -33.48 -46.20
C ILE C 1734 23.87 -32.38 -46.90
N VAL C 1735 23.39 -31.94 -48.07
CA VAL C 1735 24.09 -30.89 -48.82
C VAL C 1735 24.06 -29.57 -48.07
N PHE C 1736 22.94 -29.25 -47.40
CA PHE C 1736 22.89 -27.97 -46.70
C PHE C 1736 23.73 -27.98 -45.42
N THR C 1737 23.84 -29.12 -44.73
CA THR C 1737 24.75 -29.17 -43.60
C THR C 1737 26.21 -29.12 -44.05
N GLU C 1738 26.54 -29.70 -45.20
CA GLU C 1738 27.90 -29.59 -45.72
C GLU C 1738 28.23 -28.16 -46.11
N VAL C 1739 27.29 -27.46 -46.77
CA VAL C 1739 27.46 -26.05 -47.09
C VAL C 1739 27.59 -25.23 -45.81
N MET C 1740 26.82 -25.58 -44.78
CA MET C 1740 26.86 -24.79 -43.55
C MET C 1740 28.16 -25.01 -42.79
N VAL C 1741 28.72 -26.23 -42.84
CA VAL C 1741 30.03 -26.48 -42.24
C VAL C 1741 31.11 -25.67 -42.94
N VAL C 1742 31.09 -25.66 -44.28
CA VAL C 1742 32.11 -24.94 -45.03
C VAL C 1742 31.99 -23.43 -44.83
N THR C 1743 30.77 -22.91 -44.86
CA THR C 1743 30.60 -21.47 -44.69
C THR C 1743 30.81 -21.00 -43.26
N LYS C 1744 30.62 -21.88 -42.26
CA LYS C 1744 31.04 -21.53 -40.92
C LYS C 1744 32.52 -21.79 -40.70
N TYR C 1745 33.14 -22.63 -41.53
CA TYR C 1745 34.59 -22.77 -41.49
C TYR C 1745 35.27 -21.53 -42.02
N LEU C 1746 34.74 -20.99 -43.11
CA LEU C 1746 35.05 -19.63 -43.50
C LEU C 1746 34.45 -18.66 -42.48
N PHE C 1747 34.96 -17.43 -42.51
CA PHE C 1747 34.64 -16.35 -41.57
C PHE C 1747 34.98 -16.69 -40.12
N GLN C 1748 35.86 -17.67 -39.93
CA GLN C 1748 36.66 -17.81 -38.72
C GLN C 1748 37.97 -17.07 -38.85
N PHE C 1749 38.18 -16.43 -39.99
CA PHE C 1749 39.37 -15.66 -40.29
C PHE C 1749 39.12 -14.21 -39.94
N GLY C 1750 40.11 -13.56 -39.36
CA GLY C 1750 39.99 -12.15 -39.05
C GLY C 1750 40.42 -11.27 -40.21
N PHE C 1751 39.81 -11.49 -41.37
CA PHE C 1751 40.20 -10.77 -42.58
C PHE C 1751 39.48 -9.42 -42.64
N PHE C 1752 38.19 -9.47 -42.68
CA PHE C 1752 37.19 -8.44 -42.87
C PHE C 1752 36.81 -7.83 -41.53
N PRO C 1753 36.56 -6.51 -41.49
CA PRO C 1753 36.53 -5.79 -40.20
C PRO C 1753 35.38 -6.17 -39.28
N TRP C 1754 34.37 -6.89 -39.76
CA TRP C 1754 33.35 -7.39 -38.85
C TRP C 1754 33.83 -8.59 -38.04
N ASN C 1755 34.93 -9.21 -38.46
CA ASN C 1755 35.53 -10.33 -37.75
C ASN C 1755 36.61 -9.90 -36.77
N SER C 1756 36.90 -8.60 -36.68
CA SER C 1756 37.96 -8.12 -35.80
C SER C 1756 37.50 -8.15 -34.35
N TYR C 1757 38.46 -7.97 -33.44
CA TYR C 1757 38.25 -8.24 -32.03
C TYR C 1757 37.72 -7.05 -31.24
N VAL C 1758 38.06 -5.83 -31.64
CA VAL C 1758 37.58 -4.65 -30.93
C VAL C 1758 36.10 -4.44 -31.22
N VAL C 1759 35.69 -4.63 -32.48
CA VAL C 1759 34.27 -4.55 -32.80
C VAL C 1759 33.54 -5.79 -32.30
N LEU C 1760 34.25 -6.88 -32.02
CA LEU C 1760 33.64 -8.03 -31.36
C LEU C 1760 33.32 -7.70 -29.91
N ARG C 1761 34.19 -6.92 -29.27
CA ARG C 1761 33.88 -6.43 -27.92
C ARG C 1761 32.74 -5.41 -27.96
N ARG C 1762 32.60 -4.68 -29.08
CA ARG C 1762 31.45 -3.79 -29.24
C ARG C 1762 30.16 -4.59 -29.37
N TYR C 1763 30.12 -5.56 -30.30
CA TYR C 1763 28.93 -6.36 -30.56
C TYR C 1763 28.89 -7.65 -29.76
N GLU C 1764 29.50 -7.66 -28.56
CA GLU C 1764 29.42 -8.82 -27.69
C GLU C 1764 28.01 -8.97 -27.13
N ASN C 1765 27.44 -10.18 -27.32
CA ASN C 1765 26.13 -10.59 -26.76
C ASN C 1765 25.00 -9.67 -27.22
N LYS C 1766 24.97 -9.37 -28.51
CA LYS C 1766 23.97 -8.48 -29.10
C LYS C 1766 23.35 -9.14 -30.32
N PRO C 1767 22.06 -9.58 -30.24
CA PRO C 1767 21.38 -10.23 -31.36
C PRO C 1767 20.87 -9.26 -32.44
N TYR C 1768 21.70 -8.31 -32.82
CA TYR C 1768 21.45 -7.41 -33.94
C TYR C 1768 22.56 -7.48 -34.99
N PHE C 1769 23.73 -7.98 -34.62
CA PHE C 1769 24.85 -8.11 -35.54
C PHE C 1769 24.53 -9.20 -36.56
N PRO C 1770 24.51 -8.86 -37.86
CA PRO C 1770 23.90 -9.77 -38.86
C PRO C 1770 24.67 -11.06 -39.11
N PRO C 1771 26.00 -11.13 -38.92
CA PRO C 1771 26.60 -12.48 -38.83
C PRO C 1771 26.18 -13.26 -37.59
N ARG C 1772 25.95 -12.62 -36.45
CA ARG C 1772 25.40 -13.35 -35.31
C ARG C 1772 23.95 -13.74 -35.55
N ILE C 1773 23.21 -12.94 -36.33
CA ILE C 1773 21.86 -13.32 -36.70
C ILE C 1773 21.89 -14.46 -37.72
N LEU C 1774 22.89 -14.48 -38.61
CA LEU C 1774 22.93 -15.52 -39.62
C LEU C 1774 23.82 -16.70 -39.21
N GLY C 1775 24.60 -16.57 -38.15
CA GLY C 1775 25.37 -17.70 -37.67
C GLY C 1775 26.80 -17.75 -38.16
N LEU C 1776 27.52 -16.64 -38.00
CA LEU C 1776 28.93 -16.56 -38.37
C LEU C 1776 29.75 -16.05 -37.19
N GLU C 1777 29.54 -16.64 -36.03
CA GLU C 1777 30.27 -16.23 -34.84
C GLU C 1777 31.65 -16.87 -34.80
N LYS C 1778 32.65 -16.08 -34.44
CA LYS C 1778 34.02 -16.58 -34.31
C LYS C 1778 34.29 -17.14 -32.92
N THR C 1779 33.45 -18.07 -32.46
CA THR C 1779 33.71 -18.75 -31.20
C THR C 1779 34.50 -20.01 -31.46
N ASP C 1780 35.15 -20.51 -30.39
CA ASP C 1780 35.99 -21.70 -30.52
C ASP C 1780 35.15 -22.93 -30.81
N SER C 1781 34.04 -23.10 -30.10
CA SER C 1781 33.06 -24.14 -30.42
C SER C 1781 32.07 -23.57 -31.42
N TYR C 1782 32.55 -23.37 -32.65
CA TYR C 1782 31.68 -22.83 -33.69
C TYR C 1782 30.79 -23.90 -34.28
N ILE C 1783 31.31 -25.12 -34.43
CA ILE C 1783 30.47 -26.28 -34.69
C ILE C 1783 29.86 -26.69 -33.36
N LYS C 1784 28.59 -26.34 -33.15
CA LYS C 1784 27.94 -26.72 -31.90
C LYS C 1784 27.55 -28.19 -31.92
N TYR C 1785 26.65 -28.56 -32.83
CA TYR C 1785 26.22 -29.94 -32.99
C TYR C 1785 26.14 -30.32 -34.46
N ASP C 1786 26.88 -29.63 -35.33
CA ASP C 1786 26.82 -29.90 -36.75
C ASP C 1786 27.65 -31.13 -37.10
N LEU C 1787 28.64 -31.44 -36.29
CA LEU C 1787 29.38 -32.71 -36.42
C LEU C 1787 28.47 -33.89 -36.11
N VAL C 1788 27.71 -33.78 -35.01
CA VAL C 1788 26.74 -34.79 -34.63
C VAL C 1788 25.62 -34.87 -35.67
N GLN C 1789 25.30 -33.74 -36.28
CA GLN C 1789 24.24 -33.72 -37.29
C GLN C 1789 24.68 -34.41 -38.57
N LEU C 1790 25.96 -34.22 -38.96
CA LEU C 1790 26.48 -34.91 -40.14
C LEU C 1790 26.57 -36.41 -39.92
N MET C 1791 27.02 -36.85 -38.73
CA MET C 1791 27.08 -38.29 -38.52
C MET C 1791 25.68 -38.90 -38.43
N ALA C 1792 24.69 -38.12 -37.97
CA ALA C 1792 23.33 -38.64 -37.90
C ALA C 1792 22.71 -38.75 -39.29
N LEU C 1793 22.92 -37.73 -40.14
CA LEU C 1793 22.37 -37.77 -41.50
C LEU C 1793 23.02 -38.84 -42.35
N PHE C 1794 24.34 -39.02 -42.25
CA PHE C 1794 24.97 -40.06 -43.05
C PHE C 1794 24.70 -41.46 -42.51
N PHE C 1795 24.52 -41.62 -41.20
CA PHE C 1795 24.15 -42.93 -40.70
C PHE C 1795 22.75 -43.32 -41.15
N HIS C 1796 21.84 -42.36 -41.19
CA HIS C 1796 20.50 -42.67 -41.66
C HIS C 1796 20.48 -42.88 -43.16
N ARG C 1797 21.33 -42.18 -43.90
CA ARG C 1797 21.52 -42.48 -45.31
C ARG C 1797 22.06 -43.89 -45.51
N SER C 1798 22.97 -44.33 -44.63
CA SER C 1798 23.53 -45.67 -44.74
C SER C 1798 22.49 -46.74 -44.45
N GLN C 1799 21.55 -46.47 -43.54
CA GLN C 1799 20.47 -47.42 -43.29
C GLN C 1799 19.52 -47.50 -44.48
N LEU C 1800 19.10 -46.35 -45.01
CA LEU C 1800 18.22 -46.36 -46.16
C LEU C 1800 18.91 -46.82 -47.44
N LEU C 1801 20.23 -46.72 -47.54
CA LEU C 1801 20.96 -47.36 -48.62
C LEU C 1801 21.12 -48.85 -48.39
N CYS C 1802 21.17 -49.27 -47.12
CA CYS C 1802 21.21 -50.69 -46.82
C CYS C 1802 19.92 -51.38 -47.22
N TYR C 1803 18.80 -50.68 -47.14
CA TYR C 1803 17.55 -51.20 -47.64
C TYR C 1803 17.24 -50.53 -48.99
N GLY C 1804 16.05 -50.79 -49.52
CA GLY C 1804 15.72 -50.33 -50.86
C GLY C 1804 14.98 -49.01 -50.94
N LEU C 1805 15.60 -47.91 -50.56
CA LEU C 1805 14.87 -46.66 -50.38
C LEU C 1805 15.32 -45.51 -51.26
N TRP C 1806 16.43 -45.62 -51.97
CA TRP C 1806 16.91 -44.52 -52.79
C TRP C 1806 16.47 -44.72 -54.24
N ASP C 1807 15.16 -44.56 -54.42
CA ASP C 1807 14.54 -44.74 -55.73
C ASP C 1807 14.87 -43.57 -56.65
N GLN C 1952 3.21 -19.90 -61.83
CA GLN C 1952 1.86 -20.30 -62.16
C GLN C 1952 1.82 -21.66 -62.86
N SER C 1953 3.00 -22.12 -63.29
CA SER C 1953 3.09 -23.35 -64.08
C SER C 1953 4.14 -24.34 -63.59
N PHE C 1954 5.08 -23.92 -62.73
CA PHE C 1954 6.07 -24.84 -62.20
C PHE C 1954 5.79 -25.27 -60.76
N TYR C 1955 5.20 -24.39 -59.96
CA TYR C 1955 4.84 -24.75 -58.60
C TYR C 1955 3.64 -25.68 -58.56
N GLN C 1956 2.80 -25.65 -59.60
CA GLN C 1956 1.58 -26.45 -59.58
C GLN C 1956 1.79 -27.96 -59.71
N PRO C 1957 2.59 -28.49 -60.66
CA PRO C 1957 2.73 -29.96 -60.72
C PRO C 1957 3.50 -30.58 -59.56
N LEU C 1958 4.14 -29.78 -58.72
CA LEU C 1958 4.72 -30.30 -57.49
C LEU C 1958 3.74 -30.22 -56.33
N GLN C 1959 3.11 -29.05 -56.12
CA GLN C 1959 2.30 -28.85 -54.92
C GLN C 1959 0.93 -29.47 -55.02
N ARG C 1960 0.32 -29.47 -56.22
CA ARG C 1960 -0.95 -30.17 -56.37
C ARG C 1960 -0.79 -31.66 -56.17
N PHE C 1961 0.35 -32.21 -56.61
CA PHE C 1961 0.64 -33.61 -56.35
C PHE C 1961 1.04 -33.84 -54.89
N PHE C 1962 1.60 -32.82 -54.24
CA PHE C 1962 1.94 -32.90 -52.82
C PHE C 1962 0.68 -33.04 -51.97
N HIS C 1963 -0.31 -32.18 -52.22
CA HIS C 1963 -1.59 -32.33 -51.54
C HIS C 1963 -2.35 -33.55 -52.03
N ASP C 1964 -2.09 -34.02 -53.26
CA ASP C 1964 -2.69 -35.26 -53.74
C ASP C 1964 -2.17 -36.46 -52.97
N ILE C 1965 -0.91 -36.40 -52.53
CA ILE C 1965 -0.41 -37.39 -51.57
C ILE C 1965 -1.09 -37.20 -50.22
N LEU C 1966 -1.32 -35.95 -49.83
CA LEU C 1966 -1.87 -35.65 -48.52
C LEU C 1966 -3.35 -36.01 -48.37
N HIS C 1967 -4.07 -36.25 -49.47
CA HIS C 1967 -5.52 -36.37 -49.32
C HIS C 1967 -6.13 -37.54 -50.09
N THR C 1968 -5.33 -38.52 -50.53
CA THR C 1968 -5.87 -39.67 -51.24
C THR C 1968 -5.38 -41.02 -50.73
N LYS C 1969 -4.27 -41.08 -50.00
CA LYS C 1969 -3.80 -42.36 -49.48
C LYS C 1969 -4.70 -42.85 -48.37
N TYR C 1970 -4.93 -44.17 -48.33
CA TYR C 1970 -5.57 -44.82 -47.19
C TYR C 1970 -4.44 -45.38 -46.33
N ARG C 1971 -4.19 -44.73 -45.19
CA ARG C 1971 -2.93 -44.92 -44.48
C ARG C 1971 -3.10 -45.55 -43.10
N ALA C 1972 -3.88 -44.96 -42.20
CA ALA C 1972 -3.93 -45.37 -40.80
C ALA C 1972 -5.08 -44.62 -40.12
N ALA C 1973 -5.21 -44.82 -38.81
CA ALA C 1973 -6.25 -44.14 -38.03
C ALA C 1973 -5.74 -44.05 -36.59
N THR C 1974 -5.19 -42.90 -36.23
CA THR C 1974 -4.68 -42.66 -34.88
C THR C 1974 -5.24 -41.36 -34.34
N ASP C 1975 -5.20 -41.23 -33.01
CA ASP C 1975 -5.65 -40.04 -32.31
C ASP C 1975 -4.54 -39.62 -31.36
N VAL C 1976 -3.90 -38.50 -31.65
CA VAL C 1976 -2.75 -38.04 -30.89
C VAL C 1976 -3.09 -36.74 -30.15
N TYR C 1977 -4.38 -36.45 -29.98
CA TYR C 1977 -4.74 -35.15 -29.45
C TYR C 1977 -4.51 -35.05 -27.95
N ALA C 1978 -4.57 -36.18 -27.24
CA ALA C 1978 -4.25 -36.17 -25.82
C ALA C 1978 -2.79 -35.77 -25.60
N LEU C 1979 -1.89 -36.27 -26.44
CA LEU C 1979 -0.48 -35.95 -26.33
C LEU C 1979 -0.17 -34.53 -26.81
N MET C 1980 -0.89 -34.07 -27.84
CA MET C 1980 -0.76 -32.68 -28.27
C MET C 1980 -1.19 -31.72 -27.18
N PHE C 1981 -2.24 -32.06 -26.45
CA PHE C 1981 -2.71 -31.16 -25.42
C PHE C 1981 -1.87 -31.24 -24.16
N LEU C 1982 -1.23 -32.38 -23.90
CA LEU C 1982 -0.23 -32.44 -22.84
C LEU C 1982 0.94 -31.52 -23.14
N ALA C 1983 1.41 -31.52 -24.39
CA ALA C 1983 2.51 -30.64 -24.78
C ALA C 1983 2.10 -29.18 -24.71
N ASP C 1984 0.82 -28.88 -24.93
CA ASP C 1984 0.39 -27.50 -24.83
C ASP C 1984 0.29 -27.04 -23.38
N ILE C 1985 -0.12 -27.93 -22.47
CA ILE C 1985 -0.12 -27.59 -21.05
C ILE C 1985 1.29 -27.39 -20.54
N VAL C 1986 2.22 -28.25 -20.97
CA VAL C 1986 3.63 -28.11 -20.57
C VAL C 1986 4.23 -26.82 -21.14
N ASP C 1987 3.76 -26.38 -22.30
CA ASP C 1987 4.08 -25.04 -22.78
C ASP C 1987 3.60 -23.95 -21.83
N ILE C 1988 2.37 -24.10 -21.32
CA ILE C 1988 1.84 -23.09 -20.40
C ILE C 1988 2.60 -23.09 -19.08
N ILE C 1989 2.97 -24.27 -18.60
CA ILE C 1989 3.75 -24.40 -17.36
C ILE C 1989 5.12 -23.76 -17.51
N ILE C 1990 5.75 -23.96 -18.68
CA ILE C 1990 7.07 -23.39 -18.92
C ILE C 1990 6.99 -21.86 -19.08
N ILE C 1991 5.92 -21.36 -19.70
CA ILE C 1991 5.78 -19.91 -19.85
C ILE C 1991 5.53 -19.23 -18.51
N ILE C 1992 4.70 -19.85 -17.65
CA ILE C 1992 4.49 -19.31 -16.31
C ILE C 1992 5.76 -19.44 -15.46
N PHE C 1993 6.57 -20.47 -15.70
CA PHE C 1993 7.90 -20.49 -15.11
C PHE C 1993 8.82 -19.45 -15.75
N GLY C 1994 8.50 -19.00 -16.97
CA GLY C 1994 9.28 -17.95 -17.61
C GLY C 1994 8.99 -16.57 -17.10
N PHE C 1995 7.84 -16.37 -16.43
CA PHE C 1995 7.64 -15.14 -15.68
C PHE C 1995 8.45 -15.07 -14.41
N TRP C 1996 9.03 -16.20 -13.97
CA TRP C 1996 9.98 -16.23 -12.86
C TRP C 1996 11.37 -15.86 -13.41
N ALA C 1997 11.51 -14.58 -13.74
CA ALA C 1997 12.73 -14.08 -14.37
C ALA C 1997 12.91 -12.59 -14.07
N GLN C 2015 12.92 -6.08 -20.84
CA GLN C 2015 11.70 -5.95 -21.63
C GLN C 2015 11.17 -7.31 -22.04
N VAL C 2016 11.76 -8.36 -21.47
CA VAL C 2016 11.43 -9.75 -21.79
C VAL C 2016 10.10 -10.28 -21.23
N PRO C 2017 9.58 -9.94 -20.03
CA PRO C 2017 8.32 -10.60 -19.62
C PRO C 2017 7.08 -10.09 -20.33
N GLN C 2018 7.18 -9.00 -21.08
CA GLN C 2018 6.08 -8.56 -21.95
C GLN C 2018 6.01 -9.36 -23.25
N ALA C 2019 6.94 -10.26 -23.49
CA ALA C 2019 6.88 -11.15 -24.65
C ALA C 2019 6.25 -12.48 -24.30
N PHE C 2020 6.37 -12.92 -23.05
CA PHE C 2020 5.70 -14.14 -22.61
C PHE C 2020 4.19 -13.98 -22.55
N LEU C 2021 3.71 -12.74 -22.43
CA LEU C 2021 2.28 -12.46 -22.44
C LEU C 2021 1.69 -12.76 -23.82
N PHE C 2022 2.34 -12.27 -24.88
CA PHE C 2022 1.86 -12.57 -26.23
C PHE C 2022 2.00 -14.04 -26.55
N MET C 2023 2.97 -14.72 -25.93
CA MET C 2023 3.02 -16.18 -26.00
C MET C 2023 1.76 -16.81 -25.41
N LEU C 2024 1.26 -16.28 -24.29
CA LEU C 2024 0.06 -16.85 -23.68
C LEU C 2024 -1.18 -16.63 -24.53
N LEU C 2025 -1.29 -15.45 -25.14
CA LEU C 2025 -2.44 -15.23 -26.03
C LEU C 2025 -2.40 -16.15 -27.23
N VAL C 2026 -1.22 -16.36 -27.81
CA VAL C 2026 -1.17 -17.22 -28.97
C VAL C 2026 -1.33 -18.68 -28.58
N GLN C 2027 -0.88 -19.08 -27.37
CA GLN C 2027 -1.11 -20.45 -26.91
C GLN C 2027 -2.58 -20.72 -26.67
N PHE C 2028 -3.31 -19.76 -26.11
CA PHE C 2028 -4.74 -19.94 -25.93
C PHE C 2028 -5.47 -19.95 -27.27
N GLY C 2029 -5.01 -19.12 -28.21
CA GLY C 2029 -5.60 -19.13 -29.53
C GLY C 2029 -5.35 -20.42 -30.28
N THR C 2030 -4.15 -20.99 -30.14
CA THR C 2030 -3.88 -22.26 -30.80
C THR C 2030 -4.63 -23.41 -30.18
N MET C 2031 -4.81 -23.41 -28.84
CA MET C 2031 -5.60 -24.45 -28.21
C MET C 2031 -7.06 -24.40 -28.66
N VAL C 2032 -7.60 -23.19 -28.81
CA VAL C 2032 -8.97 -23.04 -29.26
C VAL C 2032 -9.14 -23.52 -30.70
N ILE C 2033 -8.21 -23.15 -31.57
CA ILE C 2033 -8.29 -23.60 -32.96
C ILE C 2033 -8.01 -25.10 -33.05
N ASP C 2034 -7.25 -25.66 -32.10
CA ASP C 2034 -7.01 -27.10 -32.10
C ASP C 2034 -8.27 -27.89 -31.80
N ARG C 2035 -9.05 -27.49 -30.80
CA ARG C 2035 -10.32 -28.19 -30.58
C ARG C 2035 -11.29 -27.97 -31.73
N ALA C 2036 -11.21 -26.82 -32.41
CA ALA C 2036 -12.03 -26.58 -33.58
C ALA C 2036 -11.71 -27.58 -34.70
N LEU C 2037 -10.43 -27.70 -35.03
CA LEU C 2037 -10.03 -28.58 -36.12
C LEU C 2037 -10.13 -30.04 -35.73
N TYR C 2038 -9.96 -30.36 -34.45
CA TYR C 2038 -10.09 -31.75 -33.99
C TYR C 2038 -11.54 -32.19 -34.03
N LEU C 2039 -12.46 -31.37 -33.53
CA LEU C 2039 -13.86 -31.77 -33.51
C LEU C 2039 -14.49 -31.72 -34.89
N ARG C 2040 -13.98 -30.90 -35.79
CA ARG C 2040 -14.54 -30.85 -37.13
C ARG C 2040 -13.77 -31.70 -38.13
N LYS C 2041 -12.69 -32.37 -37.71
CA LYS C 2041 -11.94 -33.36 -38.48
C LYS C 2041 -11.34 -32.81 -39.76
N THR C 2042 -11.16 -31.49 -39.86
CA THR C 2042 -10.75 -30.85 -41.10
C THR C 2042 -9.24 -30.99 -41.26
N VAL C 2043 -8.83 -31.88 -42.18
CA VAL C 2043 -7.40 -32.08 -42.44
C VAL C 2043 -6.83 -30.86 -43.15
N LEU C 2044 -7.58 -30.29 -44.09
CA LEU C 2044 -7.16 -29.10 -44.84
C LEU C 2044 -6.90 -27.92 -43.92
N GLY C 2045 -7.80 -27.69 -42.96
CA GLY C 2045 -7.59 -26.63 -41.99
C GLY C 2045 -6.41 -26.89 -41.09
N LYS C 2046 -6.14 -28.16 -40.79
CA LYS C 2046 -5.01 -28.47 -39.92
C LYS C 2046 -3.69 -28.35 -40.66
N LEU C 2047 -3.68 -28.63 -41.97
CA LEU C 2047 -2.53 -28.29 -42.81
C LEU C 2047 -2.22 -26.81 -42.75
N ALA C 2048 -3.21 -25.97 -43.02
CA ALA C 2048 -2.98 -24.53 -43.05
C ALA C 2048 -2.61 -23.99 -41.67
N PHE C 2049 -3.15 -24.60 -40.62
CA PHE C 2049 -2.84 -24.16 -39.27
C PHE C 2049 -1.42 -24.54 -38.87
N GLN C 2050 -0.96 -25.73 -39.25
CA GLN C 2050 0.40 -26.09 -38.92
C GLN C 2050 1.39 -25.30 -39.76
N VAL C 2051 1.06 -25.02 -41.02
CA VAL C 2051 1.93 -24.22 -41.88
C VAL C 2051 2.08 -22.81 -41.32
N VAL C 2052 0.97 -22.20 -40.89
CA VAL C 2052 1.07 -20.85 -40.37
C VAL C 2052 1.74 -20.86 -38.99
N LEU C 2053 1.63 -21.95 -38.23
CA LEU C 2053 2.31 -21.96 -36.93
C LEU C 2053 3.80 -22.16 -37.06
N VAL C 2054 4.24 -23.07 -37.94
CA VAL C 2054 5.67 -23.29 -38.15
C VAL C 2054 6.34 -22.02 -38.61
N VAL C 2055 5.72 -21.33 -39.58
CA VAL C 2055 6.29 -20.11 -40.12
C VAL C 2055 6.28 -19.00 -39.08
N ALA C 2056 5.14 -18.76 -38.44
CA ALA C 2056 5.04 -17.59 -37.55
C ALA C 2056 5.82 -17.77 -36.26
N ILE C 2057 5.89 -18.98 -35.71
CA ILE C 2057 6.64 -19.15 -34.47
C ILE C 2057 8.14 -19.11 -34.75
N HIS C 2058 8.58 -19.71 -35.84
CA HIS C 2058 10.00 -19.65 -36.17
C HIS C 2058 10.44 -18.25 -36.59
N ILE C 2059 9.53 -17.43 -37.10
CA ILE C 2059 9.84 -16.03 -37.30
C ILE C 2059 9.87 -15.30 -35.97
N TRP C 2060 8.78 -15.40 -35.19
CA TRP C 2060 8.59 -14.53 -34.04
C TRP C 2060 9.57 -14.81 -32.92
N MET C 2061 10.04 -16.05 -32.80
CA MET C 2061 11.01 -16.33 -31.76
C MET C 2061 12.39 -15.81 -32.14
N PHE C 2062 12.89 -16.22 -33.30
CA PHE C 2062 14.31 -16.03 -33.59
C PHE C 2062 14.60 -14.70 -34.26
N PHE C 2063 13.72 -14.23 -35.15
CA PHE C 2063 13.95 -12.93 -35.78
C PHE C 2063 13.68 -11.77 -34.84
N ILE C 2064 12.88 -11.96 -33.80
CA ILE C 2064 12.45 -10.88 -32.93
C ILE C 2064 13.06 -11.01 -31.54
N LEU C 2065 12.89 -12.15 -30.90
CA LEU C 2065 13.45 -12.31 -29.56
C LEU C 2065 14.88 -12.85 -29.64
N GLN C 2075 21.09 -18.20 -25.77
CA GLN C 2075 20.02 -17.30 -25.36
C GLN C 2075 19.31 -17.80 -24.09
N ASN C 2076 18.03 -17.47 -23.91
CA ASN C 2076 17.33 -17.79 -22.69
C ASN C 2076 16.96 -19.27 -22.64
N ALA C 2077 17.26 -19.91 -21.52
CA ALA C 2077 17.08 -21.36 -21.41
C ALA C 2077 15.60 -21.73 -21.35
N VAL C 2078 14.77 -20.90 -20.75
CA VAL C 2078 13.34 -21.23 -20.68
C VAL C 2078 12.68 -21.01 -22.03
N ALA C 2079 13.22 -20.11 -22.86
CA ALA C 2079 12.70 -19.96 -24.21
C ALA C 2079 13.11 -21.13 -25.08
N GLN C 2080 14.30 -21.66 -24.87
CA GLN C 2080 14.72 -22.87 -25.58
C GLN C 2080 13.89 -24.07 -25.14
N LEU C 2081 13.53 -24.14 -23.87
CA LEU C 2081 12.77 -25.28 -23.38
C LEU C 2081 11.32 -25.22 -23.82
N TRP C 2082 10.75 -24.01 -23.89
CA TRP C 2082 9.45 -23.84 -24.51
C TRP C 2082 9.47 -24.21 -25.98
N TYR C 2083 10.58 -23.92 -26.66
CA TYR C 2083 10.68 -24.28 -28.06
C TYR C 2083 10.80 -25.79 -28.24
N PHE C 2084 11.43 -26.48 -27.29
CA PHE C 2084 11.56 -27.92 -27.42
C PHE C 2084 10.21 -28.62 -27.22
N VAL C 2085 9.40 -28.13 -26.29
CA VAL C 2085 8.10 -28.75 -26.11
C VAL C 2085 7.17 -28.39 -27.27
N LYS C 2086 7.30 -27.18 -27.80
CA LYS C 2086 6.48 -26.78 -28.93
C LYS C 2086 6.86 -27.52 -30.21
N CYS C 2087 8.13 -27.88 -30.39
CA CYS C 2087 8.48 -28.61 -31.60
C CYS C 2087 8.12 -30.09 -31.48
N ILE C 2088 8.10 -30.63 -30.25
CA ILE C 2088 7.44 -31.92 -30.02
C ILE C 2088 5.98 -31.85 -30.46
N TYR C 2089 5.32 -30.74 -30.12
CA TYR C 2089 3.93 -30.53 -30.53
C TYR C 2089 3.77 -30.43 -32.04
N PHE C 2090 4.75 -29.86 -32.75
CA PHE C 2090 4.68 -29.84 -34.21
C PHE C 2090 4.84 -31.23 -34.79
N ALA C 2091 5.69 -32.05 -34.17
CA ALA C 2091 5.87 -33.42 -34.63
C ALA C 2091 4.60 -34.23 -34.47
N LEU C 2092 3.87 -34.01 -33.38
CA LEU C 2092 2.64 -34.75 -33.14
C LEU C 2092 1.51 -34.25 -34.04
N SER C 2093 1.45 -32.94 -34.29
CA SER C 2093 0.42 -32.41 -35.18
C SER C 2093 0.64 -32.84 -36.62
N ALA C 2094 1.89 -32.96 -37.05
CA ALA C 2094 2.15 -33.51 -38.38
C ALA C 2094 1.89 -35.00 -38.42
N TYR C 2095 2.10 -35.69 -37.31
CA TYR C 2095 1.76 -37.11 -37.27
C TYR C 2095 0.26 -37.34 -37.25
N GLN C 2096 -0.54 -36.31 -36.96
CA GLN C 2096 -1.98 -36.39 -37.15
C GLN C 2096 -2.41 -35.78 -38.48
N ILE C 2097 -1.53 -35.03 -39.16
CA ILE C 2097 -1.75 -34.74 -40.58
C ILE C 2097 -1.72 -36.02 -41.38
N ARG C 2098 -0.65 -36.81 -41.24
CA ARG C 2098 -0.73 -38.18 -41.74
C ARG C 2098 -1.48 -39.03 -40.72
N CYS C 2099 -1.68 -40.30 -41.05
CA CYS C 2099 -2.42 -41.30 -40.27
C CYS C 2099 -3.88 -40.92 -39.99
N GLY C 2100 -4.41 -39.88 -40.65
CA GLY C 2100 -5.79 -39.42 -40.64
C GLY C 2100 -6.43 -39.16 -39.29
N TYR C 2101 -7.75 -38.94 -39.35
CA TYR C 2101 -8.63 -38.90 -38.20
C TYR C 2101 -9.49 -40.15 -38.16
N PRO C 2102 -9.66 -40.76 -36.99
CA PRO C 2102 -10.62 -41.86 -36.88
C PRO C 2102 -12.04 -41.34 -36.99
N THR C 2103 -12.95 -42.24 -37.34
CA THR C 2103 -14.36 -41.90 -37.49
C THR C 2103 -15.13 -42.03 -36.19
N ARG C 2104 -14.46 -42.01 -35.05
CA ARG C 2104 -15.10 -42.02 -33.75
C ARG C 2104 -14.21 -41.24 -32.80
N ILE C 2105 -14.52 -39.95 -32.62
CA ILE C 2105 -13.74 -39.09 -31.72
C ILE C 2105 -13.86 -39.56 -30.27
N LEU C 2106 -15.08 -39.90 -29.85
CA LEU C 2106 -15.39 -40.52 -28.55
C LEU C 2106 -14.94 -39.64 -27.39
N GLY C 2107 -15.63 -38.50 -27.27
CA GLY C 2107 -15.74 -37.73 -26.04
C GLY C 2107 -14.51 -37.46 -25.21
N ASN C 2108 -14.46 -38.02 -24.01
CA ASN C 2108 -13.36 -37.79 -23.10
C ASN C 2108 -12.38 -38.95 -23.16
N PHE C 2109 -11.10 -38.64 -22.93
CA PHE C 2109 -10.07 -39.66 -23.01
C PHE C 2109 -9.84 -40.35 -21.68
N LEU C 2110 -10.27 -39.76 -20.57
CA LEU C 2110 -10.16 -40.41 -19.28
C LEU C 2110 -11.36 -41.30 -18.97
N THR C 2111 -12.45 -41.16 -19.69
CA THR C 2111 -13.64 -41.98 -19.42
C THR C 2111 -13.63 -43.24 -20.28
N LYS C 2112 -12.54 -43.99 -20.23
CA LYS C 2112 -12.42 -45.22 -21.02
C LYS C 2112 -12.20 -46.45 -20.16
N LYS C 2113 -11.28 -46.39 -19.20
CA LYS C 2113 -10.80 -47.59 -18.55
C LYS C 2113 -11.45 -47.87 -17.20
N TYR C 2114 -12.05 -46.85 -16.57
CA TYR C 2114 -12.73 -46.95 -15.28
C TYR C 2114 -11.81 -47.48 -14.18
N ASN C 2115 -10.54 -47.07 -14.20
CA ASN C 2115 -9.60 -47.59 -13.23
C ASN C 2115 -9.58 -46.74 -11.96
N HIS C 2116 -8.73 -47.14 -11.03
CA HIS C 2116 -8.50 -46.38 -9.81
C HIS C 2116 -7.72 -45.11 -10.10
N LEU C 2117 -6.57 -45.25 -10.76
CA LEU C 2117 -5.76 -44.10 -11.14
C LEU C 2117 -6.46 -43.25 -12.20
N ASN C 2118 -7.32 -43.87 -12.99
CA ASN C 2118 -8.08 -43.13 -13.98
C ASN C 2118 -9.08 -42.20 -13.32
N LEU C 2119 -9.65 -42.64 -12.20
CA LEU C 2119 -10.53 -41.78 -11.40
C LEU C 2119 -9.79 -40.60 -10.83
N PHE C 2120 -8.60 -40.83 -10.28
CA PHE C 2120 -7.87 -39.73 -9.67
C PHE C 2120 -7.33 -38.76 -10.69
N LEU C 2121 -7.04 -39.23 -11.91
CA LEU C 2121 -6.69 -38.29 -12.96
C LEU C 2121 -7.89 -37.47 -13.40
N PHE C 2122 -9.09 -38.06 -13.37
CA PHE C 2122 -10.26 -37.30 -13.78
C PHE C 2122 -10.61 -36.20 -12.78
N GLN C 2123 -10.57 -36.52 -11.50
CA GLN C 2123 -10.82 -35.50 -10.48
C GLN C 2123 -9.72 -34.46 -10.45
N GLY C 2124 -8.46 -34.87 -10.66
CA GLY C 2124 -7.38 -33.92 -10.77
C GLY C 2124 -7.48 -33.06 -12.01
N PHE C 2125 -8.10 -33.56 -13.06
CA PHE C 2125 -8.41 -32.73 -14.22
C PHE C 2125 -9.44 -31.67 -13.87
N ARG C 2126 -10.41 -32.02 -13.05
CA ARG C 2126 -11.43 -31.02 -12.72
C ARG C 2126 -10.98 -30.05 -11.66
N LEU C 2127 -9.87 -30.33 -10.95
CA LEU C 2127 -9.34 -29.37 -9.97
C LEU C 2127 -8.69 -28.16 -10.62
N VAL C 2128 -8.20 -28.30 -11.85
CA VAL C 2128 -7.71 -27.14 -12.60
C VAL C 2128 -8.87 -26.19 -12.84
N PRO C 2129 -8.71 -24.87 -12.61
CA PRO C 2129 -9.84 -23.94 -12.65
C PRO C 2129 -10.63 -23.87 -13.95
N PHE C 2130 -10.00 -23.56 -15.07
CA PHE C 2130 -10.74 -23.20 -16.26
C PHE C 2130 -10.58 -24.19 -17.41
N LEU C 2131 -10.55 -25.48 -17.12
CA LEU C 2131 -10.52 -26.49 -18.18
C LEU C 2131 -11.88 -27.12 -18.44
N VAL C 2132 -12.65 -27.43 -17.39
CA VAL C 2132 -13.92 -28.13 -17.57
C VAL C 2132 -14.94 -27.21 -18.23
N GLU C 2133 -14.92 -25.93 -17.88
CA GLU C 2133 -15.73 -24.92 -18.54
C GLU C 2133 -15.44 -24.87 -20.03
N LEU C 2134 -14.17 -24.70 -20.39
CA LEU C 2134 -13.79 -24.55 -21.78
C LEU C 2134 -14.00 -25.84 -22.56
N ARG C 2135 -13.76 -26.99 -21.94
CA ARG C 2135 -14.01 -28.25 -22.61
C ARG C 2135 -15.49 -28.40 -22.93
N ALA C 2136 -16.37 -28.07 -21.99
CA ALA C 2136 -17.79 -28.23 -22.20
C ALA C 2136 -18.33 -27.22 -23.22
N VAL C 2137 -17.88 -25.97 -23.14
CA VAL C 2137 -18.37 -24.93 -24.06
C VAL C 2137 -17.90 -25.21 -25.48
N MET C 2138 -16.59 -25.48 -25.66
CA MET C 2138 -16.07 -25.65 -27.00
C MET C 2138 -16.54 -26.94 -27.63
N ASP C 2139 -16.75 -27.98 -26.84
CA ASP C 2139 -17.34 -29.19 -27.39
C ASP C 2139 -18.77 -28.93 -27.83
N TRP C 2140 -19.47 -28.02 -27.17
CA TRP C 2140 -20.80 -27.66 -27.62
C TRP C 2140 -20.76 -26.87 -28.92
N VAL C 2141 -19.83 -25.92 -29.03
CA VAL C 2141 -19.81 -25.03 -30.18
C VAL C 2141 -19.40 -25.79 -31.44
N TRP C 2142 -18.38 -26.64 -31.33
CA TRP C 2142 -17.82 -27.23 -32.52
C TRP C 2142 -18.45 -28.56 -32.90
N THR C 2143 -19.22 -29.19 -32.02
CA THR C 2143 -20.09 -30.25 -32.48
C THR C 2143 -21.40 -29.65 -32.97
N ASP C 2144 -22.31 -30.52 -33.40
CA ASP C 2144 -23.41 -30.15 -34.27
C ASP C 2144 -24.74 -30.70 -33.74
N THR C 2145 -25.04 -30.41 -32.48
CA THR C 2145 -26.20 -30.97 -31.81
C THR C 2145 -27.39 -30.03 -31.85
N THR C 2146 -28.50 -30.49 -31.26
CA THR C 2146 -29.74 -29.72 -31.19
C THR C 2146 -29.95 -29.08 -29.84
N LEU C 2147 -29.13 -29.40 -28.85
CA LEU C 2147 -29.33 -28.94 -27.50
C LEU C 2147 -28.93 -27.47 -27.39
N SER C 2148 -29.38 -26.83 -26.33
CA SER C 2148 -28.94 -25.47 -26.03
C SER C 2148 -27.61 -25.54 -25.27
N LEU C 2149 -27.19 -24.42 -24.71
CA LEU C 2149 -25.95 -24.48 -23.94
C LEU C 2149 -26.21 -25.10 -22.58
N SER C 2150 -27.31 -24.75 -21.94
CA SER C 2150 -27.60 -25.28 -20.62
C SER C 2150 -27.92 -26.76 -20.66
N ASN C 2151 -28.52 -27.23 -21.76
CA ASN C 2151 -28.79 -28.66 -21.90
C ASN C 2151 -27.51 -29.45 -22.09
N TRP C 2152 -26.58 -28.89 -22.86
CA TRP C 2152 -25.26 -29.48 -23.01
C TRP C 2152 -24.54 -29.57 -21.67
N MET C 2153 -24.66 -28.53 -20.85
CA MET C 2153 -24.05 -28.55 -19.53
C MET C 2153 -24.71 -29.58 -18.63
N CYS C 2154 -26.03 -29.74 -18.73
CA CYS C 2154 -26.72 -30.73 -17.92
C CYS C 2154 -26.25 -32.14 -18.25
N VAL C 2155 -26.06 -32.43 -19.55
CA VAL C 2155 -25.63 -33.76 -19.95
C VAL C 2155 -24.22 -34.05 -19.44
N GLU C 2156 -23.32 -33.09 -19.60
CA GLU C 2156 -21.96 -33.39 -19.21
C GLU C 2156 -21.72 -33.31 -17.71
N ASP C 2157 -22.58 -32.61 -16.97
CA ASP C 2157 -22.48 -32.70 -15.51
C ASP C 2157 -23.00 -34.05 -15.02
N ILE C 2158 -24.05 -34.56 -15.67
CA ILE C 2158 -24.55 -35.90 -15.38
C ILE C 2158 -23.47 -36.94 -15.67
N TYR C 2159 -22.78 -36.78 -16.79
CA TYR C 2159 -21.79 -37.78 -17.19
C TYR C 2159 -20.54 -37.71 -16.31
N ALA C 2160 -20.17 -36.52 -15.86
CA ALA C 2160 -19.01 -36.41 -14.98
C ALA C 2160 -19.29 -36.99 -13.61
N ASN C 2161 -20.49 -36.72 -13.07
CA ASN C 2161 -20.85 -37.29 -11.77
C ASN C 2161 -20.93 -38.81 -11.84
N ILE C 2162 -21.44 -39.33 -12.95
CA ILE C 2162 -21.65 -40.77 -13.05
C ILE C 2162 -20.34 -41.51 -13.29
N PHE C 2163 -19.40 -40.89 -14.01
CA PHE C 2163 -18.10 -41.53 -14.16
C PHE C 2163 -17.35 -41.60 -12.84
N ILE C 2164 -17.49 -40.58 -12.00
CA ILE C 2164 -16.87 -40.64 -10.68
C ILE C 2164 -17.52 -41.70 -9.80
N ILE C 2165 -18.85 -41.83 -9.89
CA ILE C 2165 -19.54 -42.85 -9.12
C ILE C 2165 -19.19 -44.24 -9.62
N LYS C 2166 -19.12 -44.41 -10.95
CA LYS C 2166 -18.83 -45.72 -11.53
C LYS C 2166 -17.44 -46.22 -11.17
N CYS C 2167 -16.46 -45.32 -11.18
CA CYS C 2167 -15.12 -45.73 -10.78
C CYS C 2167 -15.04 -46.07 -9.30
N SER C 2168 -15.80 -45.37 -8.47
CA SER C 2168 -15.83 -45.72 -7.05
C SER C 2168 -16.50 -47.07 -6.83
N ARG C 2169 -17.53 -47.39 -7.61
CA ARG C 2169 -18.20 -48.68 -7.45
C ARG C 2169 -17.33 -49.82 -7.97
N GLU C 2170 -16.53 -49.56 -9.01
CA GLU C 2170 -15.66 -50.63 -9.49
C GLU C 2170 -14.47 -50.87 -8.58
N THR C 2171 -13.96 -49.84 -7.92
CA THR C 2171 -12.92 -50.12 -6.93
C THR C 2171 -13.51 -50.80 -5.71
N GLU C 2172 -14.79 -50.55 -5.42
CA GLU C 2172 -15.48 -51.33 -4.39
C GLU C 2172 -15.70 -52.77 -4.82
N LYS C 2173 -15.79 -53.03 -6.13
CA LYS C 2173 -15.89 -54.41 -6.60
C LYS C 2173 -14.54 -55.10 -6.62
N LYS C 2174 -13.52 -54.44 -7.19
CA LYS C 2174 -12.21 -55.07 -7.36
C LYS C 2174 -11.52 -55.27 -6.03
N TYR C 2175 -11.68 -54.35 -5.09
CA TYR C 2175 -11.10 -54.46 -3.76
C TYR C 2175 -12.20 -54.40 -2.71
N PRO C 2176 -12.98 -55.47 -2.54
CA PRO C 2176 -14.10 -55.41 -1.60
C PRO C 2176 -13.61 -55.52 -0.17
N GLN C 2177 -13.97 -54.55 0.65
CA GLN C 2177 -13.74 -54.69 2.07
C GLN C 2177 -14.74 -55.69 2.63
N PRO C 2178 -14.40 -56.38 3.73
CA PRO C 2178 -15.33 -57.35 4.31
C PRO C 2178 -16.63 -56.71 4.77
N LYS C 2179 -17.73 -57.28 4.28
CA LYS C 2179 -19.08 -56.74 4.47
C LYS C 2179 -19.49 -57.00 5.92
N GLY C 2180 -18.99 -56.16 6.82
CA GLY C 2180 -19.24 -56.35 8.22
C GLY C 2180 -18.68 -55.24 9.08
N GLN C 2181 -18.20 -55.58 10.27
CA GLN C 2181 -17.78 -54.59 11.25
C GLN C 2181 -16.30 -54.29 11.07
N LYS C 2182 -15.99 -53.64 9.96
CA LYS C 2182 -14.61 -53.33 9.62
C LYS C 2182 -14.30 -51.90 10.06
N LYS C 2183 -13.60 -51.78 11.18
CA LYS C 2183 -13.04 -50.50 11.58
C LYS C 2183 -11.88 -50.16 10.66
N LYS C 2184 -11.80 -48.91 10.24
CA LYS C 2184 -10.71 -48.48 9.38
C LYS C 2184 -9.44 -48.30 10.17
N LYS C 2185 -8.31 -48.69 9.58
CA LYS C 2185 -7.08 -48.84 10.37
C LYS C 2185 -6.35 -47.51 10.55
N ILE C 2186 -5.79 -46.97 9.47
CA ILE C 2186 -4.94 -45.79 9.54
C ILE C 2186 -5.30 -44.75 8.49
N VAL C 2187 -6.29 -45.03 7.64
CA VAL C 2187 -6.73 -44.02 6.68
C VAL C 2187 -7.46 -42.90 7.39
N LYS C 2188 -7.97 -43.16 8.61
CA LYS C 2188 -8.48 -42.10 9.47
C LYS C 2188 -7.39 -41.09 9.79
N TYR C 2189 -6.24 -41.57 10.25
CA TYR C 2189 -5.13 -40.66 10.51
C TYR C 2189 -4.51 -40.15 9.22
N GLY C 2190 -4.73 -40.85 8.11
CA GLY C 2190 -4.14 -40.43 6.86
C GLY C 2190 -4.80 -39.19 6.29
N MET C 2191 -6.13 -39.18 6.24
CA MET C 2191 -6.83 -38.05 5.66
C MET C 2191 -7.57 -37.19 6.68
N GLY C 2192 -8.05 -37.76 7.79
CA GLY C 2192 -8.66 -36.93 8.81
C GLY C 2192 -7.66 -36.04 9.50
N GLY C 2193 -6.49 -36.59 9.86
CA GLY C 2193 -5.44 -35.77 10.44
C GLY C 2193 -4.87 -34.77 9.46
N LEU C 2194 -4.90 -35.10 8.17
CA LEU C 2194 -4.56 -34.13 7.13
C LEU C 2194 -5.53 -32.96 7.13
N ILE C 2195 -6.83 -33.25 7.24
CA ILE C 2195 -7.85 -32.20 7.26
C ILE C 2195 -7.71 -31.35 8.51
N ILE C 2196 -7.44 -31.98 9.66
CA ILE C 2196 -7.33 -31.25 10.93
C ILE C 2196 -6.12 -30.31 10.90
N LEU C 2197 -4.98 -30.81 10.45
CA LEU C 2197 -3.77 -30.00 10.43
C LEU C 2197 -3.88 -28.87 9.40
N PHE C 2198 -4.49 -29.16 8.25
CA PHE C 2198 -4.70 -28.13 7.24
C PHE C 2198 -5.63 -27.04 7.76
N LEU C 2199 -6.64 -27.43 8.51
CA LEU C 2199 -7.63 -26.48 8.95
C LEU C 2199 -7.12 -25.64 10.11
N ILE C 2200 -6.31 -26.23 10.98
CA ILE C 2200 -5.64 -25.46 12.03
C ILE C 2200 -4.65 -24.47 11.41
N ALA C 2201 -4.00 -24.87 10.31
CA ALA C 2201 -3.11 -23.95 9.59
C ALA C 2201 -3.86 -22.75 9.02
N ILE C 2202 -5.11 -22.97 8.59
CA ILE C 2202 -5.97 -21.86 8.19
C ILE C 2202 -6.26 -20.96 9.38
N ILE C 2203 -6.33 -21.54 10.58
CA ILE C 2203 -6.48 -20.65 11.74
C ILE C 2203 -5.15 -19.99 12.11
N TRP C 2204 -4.03 -20.51 11.60
CA TRP C 2204 -2.70 -20.19 12.09
C TRP C 2204 -1.96 -19.12 11.29
N PHE C 2205 -2.40 -18.78 10.07
CA PHE C 2205 -1.71 -17.69 9.34
C PHE C 2205 -1.59 -16.30 10.00
N PRO C 2206 -2.33 -15.92 11.09
CA PRO C 2206 -1.86 -14.79 11.91
C PRO C 2206 -0.43 -14.83 12.45
N LEU C 2207 0.26 -15.97 12.36
CA LEU C 2207 1.71 -15.98 12.34
C LEU C 2207 2.25 -15.04 11.26
N LEU C 2208 1.76 -15.18 10.03
CA LEU C 2208 2.21 -14.32 8.93
C LEU C 2208 1.71 -12.89 9.12
N PHE C 2209 0.48 -12.73 9.60
CA PHE C 2209 -0.11 -11.42 9.86
C PHE C 2209 0.63 -10.67 10.97
N MET C 2210 1.30 -11.37 11.87
CA MET C 2210 2.13 -10.71 12.89
C MET C 2210 3.62 -10.77 12.58
N SER C 2211 4.05 -11.50 11.56
CA SER C 2211 5.43 -11.39 11.11
C SER C 2211 5.62 -10.27 10.09
N LEU C 2212 4.54 -9.71 9.56
CA LEU C 2212 4.63 -8.51 8.73
C LEU C 2212 4.52 -7.22 9.55
N ILE C 2213 4.71 -7.29 10.86
CA ILE C 2213 4.58 -6.13 11.75
C ILE C 2213 5.75 -6.14 12.72
N ARG C 2214 6.43 -4.98 12.81
CA ARG C 2214 7.47 -4.68 13.81
C ARG C 2214 8.66 -5.65 13.71
N SER C 2215 9.33 -5.60 12.55
CA SER C 2215 10.43 -6.51 12.26
C SER C 2215 11.79 -5.91 12.59
N VAL C 2216 12.16 -4.78 11.96
CA VAL C 2216 13.53 -4.28 12.05
C VAL C 2216 13.50 -3.07 12.98
N VAL C 2217 12.55 -3.06 13.91
CA VAL C 2217 12.47 -1.99 14.89
C VAL C 2217 13.63 -2.16 15.88
N GLY C 2218 14.49 -1.16 15.95
CA GLY C 2218 15.58 -1.23 16.91
C GLY C 2218 16.90 -0.63 16.49
N VAL C 2219 16.98 -0.12 15.27
CA VAL C 2219 18.23 0.45 14.79
C VAL C 2219 18.32 1.89 15.30
N VAL C 2220 19.48 2.25 15.85
CA VAL C 2220 19.63 3.46 16.65
C VAL C 2220 19.88 4.66 15.72
N ASN C 2221 19.32 5.81 16.08
CA ASN C 2221 19.53 7.06 15.34
C ASN C 2221 20.71 7.85 15.90
N GLN C 2222 21.89 7.22 15.92
CA GLN C 2222 23.08 7.95 16.35
C GLN C 2222 23.45 8.97 15.29
N PRO C 2223 23.47 10.26 15.61
CA PRO C 2223 23.65 11.28 14.58
C PRO C 2223 25.09 11.36 14.09
N ILE C 2224 25.25 12.07 12.98
CA ILE C 2224 26.56 12.26 12.36
C ILE C 2224 27.14 13.61 12.70
N ASP C 2225 26.39 14.68 12.45
CA ASP C 2225 26.84 16.04 12.67
C ASP C 2225 25.86 16.76 13.59
N VAL C 2226 26.37 17.72 14.37
CA VAL C 2226 25.52 18.62 15.15
C VAL C 2226 26.08 20.03 14.97
N THR C 2227 25.28 20.93 14.41
CA THR C 2227 25.72 22.31 14.23
C THR C 2227 24.99 23.21 15.22
N VAL C 2228 25.56 24.40 15.43
CA VAL C 2228 25.08 25.36 16.40
C VAL C 2228 25.31 26.77 15.85
N THR C 2229 24.25 27.59 15.83
CA THR C 2229 24.36 28.98 15.41
C THR C 2229 23.91 29.93 16.51
N LEU C 2230 24.18 31.22 16.30
CA LEU C 2230 23.73 32.30 17.17
C LEU C 2230 23.52 33.54 16.30
N LYS C 2231 22.28 33.80 15.92
CA LYS C 2231 21.97 34.93 15.06
C LYS C 2231 21.45 36.09 15.90
N LEU C 2232 22.19 37.20 15.89
CA LEU C 2232 21.79 38.42 16.58
C LEU C 2232 20.88 39.21 15.65
N GLY C 2233 19.57 38.97 15.78
CA GLY C 2233 18.60 39.67 14.96
C GLY C 2233 18.58 39.19 13.54
N GLY C 2234 18.36 40.11 12.60
CA GLY C 2234 18.32 39.75 11.20
C GLY C 2234 19.68 39.76 10.53
N TYR C 2235 20.73 39.61 11.31
CA TYR C 2235 22.09 39.67 10.79
C TYR C 2235 22.72 38.29 10.91
N GLU C 2236 24.01 38.23 10.58
CA GLU C 2236 24.68 36.96 10.38
C GLU C 2236 24.87 36.21 11.71
N PRO C 2237 24.93 34.87 11.65
CA PRO C 2237 25.27 34.12 12.85
C PRO C 2237 26.69 34.38 13.30
N LEU C 2238 26.90 34.21 14.60
CA LEU C 2238 28.24 34.35 15.16
C LEU C 2238 29.01 33.04 15.11
N PHE C 2239 28.30 31.93 14.92
CA PHE C 2239 28.88 30.58 14.98
C PHE C 2239 28.20 29.70 13.96
N THR C 2240 28.98 28.79 13.38
CA THR C 2240 28.48 27.56 12.77
C THR C 2240 29.43 26.48 13.26
N MET C 2241 29.15 25.94 14.45
CA MET C 2241 30.02 24.93 15.05
C MET C 2241 29.44 23.56 14.74
N SER C 2242 29.79 23.03 13.58
CA SER C 2242 29.38 21.68 13.19
C SER C 2242 30.21 20.68 13.98
N ALA C 2243 29.75 20.39 15.20
CA ALA C 2243 30.41 19.39 16.04
C ALA C 2243 30.15 18.02 15.46
N GLN C 2244 31.22 17.28 15.16
CA GLN C 2244 31.10 16.03 14.43
C GLN C 2244 31.84 14.90 15.13
N GLN C 2245 31.98 13.79 14.45
CA GLN C 2245 32.81 12.71 14.96
C GLN C 2245 34.29 13.07 14.78
N PRO C 2246 35.17 12.63 15.71
CA PRO C 2246 34.94 11.82 16.91
C PRO C 2246 34.55 12.62 18.14
N SER C 2247 34.31 13.93 17.98
CA SER C 2247 33.88 14.73 19.12
C SER C 2247 32.44 14.46 19.52
N ILE C 2248 31.67 13.79 18.67
CA ILE C 2248 30.39 13.22 19.04
C ILE C 2248 30.67 11.84 19.60
N VAL C 2249 30.41 11.65 20.89
CA VAL C 2249 30.80 10.47 21.63
C VAL C 2249 29.55 9.84 22.23
N PRO C 2250 29.32 8.53 22.06
CA PRO C 2250 28.20 7.86 22.73
C PRO C 2250 28.45 7.63 24.21
N PHE C 2251 27.54 6.94 24.89
CA PHE C 2251 27.67 6.74 26.33
C PHE C 2251 28.40 5.47 26.70
N THR C 2252 29.01 5.51 27.86
CA THR C 2252 29.32 4.34 28.66
C THR C 2252 28.09 3.97 29.48
N PRO C 2253 28.01 2.74 30.01
CA PRO C 2253 26.97 2.48 31.03
C PRO C 2253 27.16 3.28 32.30
N GLN C 2254 28.39 3.74 32.59
CA GLN C 2254 28.58 4.63 33.73
C GLN C 2254 27.95 5.99 33.49
N ALA C 2255 27.80 6.40 32.23
CA ALA C 2255 27.07 7.64 31.95
C ALA C 2255 25.58 7.48 32.25
N TYR C 2256 25.04 6.29 32.01
CA TYR C 2256 23.69 5.98 32.46
C TYR C 2256 23.61 5.99 33.98
N GLU C 2257 24.68 5.52 34.63
CA GLU C 2257 24.74 5.60 36.09
C GLU C 2257 24.81 7.04 36.57
N GLU C 2258 25.52 7.89 35.82
CA GLU C 2258 25.58 9.30 36.16
C GLU C 2258 24.23 9.98 36.02
N LEU C 2259 23.47 9.65 34.99
CA LEU C 2259 22.15 10.25 34.83
C LEU C 2259 21.17 9.72 35.87
N SER C 2260 21.24 8.42 36.16
CA SER C 2260 20.38 7.82 37.16
C SER C 2260 20.72 8.30 38.58
N GLN C 2261 21.92 8.81 38.79
CA GLN C 2261 22.27 9.40 40.08
C GLN C 2261 22.04 10.89 40.15
N GLN C 2262 22.22 11.61 39.04
CA GLN C 2262 21.98 13.05 39.05
C GLN C 2262 20.52 13.41 38.97
N PHE C 2263 19.64 12.49 38.63
CA PHE C 2263 18.22 12.81 38.49
C PHE C 2263 17.36 12.02 39.46
N ASP C 2264 17.86 11.90 40.70
CA ASP C 2264 17.09 11.27 41.77
C ASP C 2264 15.78 11.97 42.13
N PRO C 2265 15.72 13.28 42.45
CA PRO C 2265 14.48 13.81 43.04
C PRO C 2265 13.33 14.03 42.06
N TYR C 2266 13.42 13.53 40.84
CA TYR C 2266 12.30 13.52 39.92
C TYR C 2266 12.02 12.07 39.53
N PRO C 2267 10.79 11.59 39.70
CA PRO C 2267 10.48 10.23 39.23
C PRO C 2267 10.36 10.13 37.72
N LEU C 2268 9.84 11.18 37.08
CA LEU C 2268 9.70 11.19 35.62
C LEU C 2268 11.06 11.17 34.93
N ALA C 2269 12.06 11.81 35.55
CA ALA C 2269 13.41 11.78 35.01
C ALA C 2269 13.97 10.37 35.00
N MET C 2270 13.76 9.62 36.10
CA MET C 2270 14.27 8.26 36.18
C MET C 2270 13.56 7.33 35.20
N GLN C 2271 12.24 7.46 35.08
CA GLN C 2271 11.46 6.61 34.17
C GLN C 2271 11.84 6.87 32.71
N PHE C 2272 11.81 8.14 32.30
CA PHE C 2272 11.99 8.51 30.91
C PHE C 2272 13.44 8.60 30.49
N ILE C 2273 14.39 8.41 31.40
CA ILE C 2273 15.75 8.07 30.98
C ILE C 2273 15.91 6.56 30.88
N SER C 2274 15.28 5.80 31.79
CA SER C 2274 15.31 4.34 31.73
C SER C 2274 14.59 3.76 30.52
N GLN C 2275 13.79 4.57 29.82
CA GLN C 2275 13.20 4.13 28.55
C GLN C 2275 14.22 3.93 27.45
N TYR C 2276 15.42 4.49 27.57
CA TYR C 2276 16.40 4.44 26.51
C TYR C 2276 17.39 3.28 26.70
N SER C 2277 17.87 2.77 25.57
CA SER C 2277 18.78 1.64 25.53
C SER C 2277 20.18 2.09 25.95
N PRO C 2278 21.16 1.16 26.11
CA PRO C 2278 22.54 1.62 26.31
C PRO C 2278 23.24 2.23 25.10
N GLU C 2279 22.52 2.50 24.00
CA GLU C 2279 23.08 3.13 22.82
C GLU C 2279 22.32 4.36 22.35
N ASP C 2280 21.20 4.71 23.00
CA ASP C 2280 20.32 5.73 22.46
C ASP C 2280 20.85 7.15 22.67
N ILE C 2281 21.63 7.39 23.71
CA ILE C 2281 21.90 8.73 24.19
C ILE C 2281 23.38 9.02 23.92
N VAL C 2282 23.63 10.04 23.11
CA VAL C 2282 24.97 10.33 22.59
C VAL C 2282 25.34 11.77 22.94
N THR C 2283 26.60 12.00 23.32
CA THR C 2283 27.07 13.36 23.53
C THR C 2283 27.48 14.01 22.22
N ALA C 2284 27.72 15.32 22.28
CA ALA C 2284 28.29 16.06 21.16
C ALA C 2284 29.14 17.19 21.78
N GLN C 2285 30.43 16.94 21.92
CA GLN C 2285 31.32 17.87 22.61
C GLN C 2285 31.59 19.06 21.70
N ILE C 2286 30.85 20.14 21.93
CA ILE C 2286 30.87 21.30 21.05
C ILE C 2286 32.00 22.22 21.46
N GLU C 2287 32.93 22.48 20.54
CA GLU C 2287 34.03 23.39 20.81
C GLU C 2287 33.50 24.82 20.86
N GLY C 2288 33.88 25.56 21.89
CA GLY C 2288 33.49 26.95 22.01
C GLY C 2288 34.40 27.92 21.30
N SER C 2289 35.46 27.42 20.68
CA SER C 2289 36.46 28.24 20.01
C SER C 2289 36.29 28.03 18.50
N SER C 2290 35.48 28.89 17.89
CA SER C 2290 35.26 28.79 16.45
C SER C 2290 36.50 29.24 15.70
N GLY C 2291 36.80 28.54 14.61
CA GLY C 2291 37.88 28.94 13.73
C GLY C 2291 37.37 29.79 12.59
N ALA C 2292 36.17 30.33 12.75
CA ALA C 2292 35.47 31.00 11.66
C ALA C 2292 35.49 32.50 11.88
N LEU C 2293 36.09 33.22 10.93
CA LEU C 2293 36.00 34.67 10.88
C LEU C 2293 34.56 35.10 10.84
N TRP C 2294 34.13 35.89 11.81
CA TRP C 2294 32.80 36.47 11.75
C TRP C 2294 32.80 37.49 10.62
N ARG C 2295 32.02 37.21 9.57
CA ARG C 2295 31.97 38.09 8.42
C ARG C 2295 31.27 39.39 8.80
N ILE C 2296 31.75 40.48 8.22
CA ILE C 2296 31.29 41.81 8.56
C ILE C 2296 30.93 42.54 7.28
N SER C 2297 30.36 43.73 7.46
CA SER C 2297 30.22 44.77 6.46
C SER C 2297 29.87 46.03 7.22
N PRO C 2298 30.32 47.20 6.76
CA PRO C 2298 29.99 48.45 7.46
C PRO C 2298 28.49 48.73 7.55
N PRO C 2299 27.60 48.18 6.66
CA PRO C 2299 26.19 48.13 7.09
C PRO C 2299 25.95 47.20 8.26
N SER C 2300 26.50 45.98 8.25
CA SER C 2300 26.28 45.08 9.37
C SER C 2300 26.99 45.57 10.62
N ARG C 2301 28.19 46.14 10.46
CA ARG C 2301 28.91 46.78 11.56
C ARG C 2301 28.07 47.88 12.20
N ALA C 2302 27.70 48.89 11.40
CA ALA C 2302 27.05 50.06 11.95
C ALA C 2302 25.65 49.75 12.46
N GLN C 2303 24.90 48.91 11.75
CA GLN C 2303 23.53 48.68 12.16
C GLN C 2303 23.41 47.72 13.33
N MET C 2304 24.40 46.84 13.55
CA MET C 2304 24.44 46.18 14.84
C MET C 2304 24.75 47.17 15.96
N LYS C 2305 25.67 48.10 15.71
CA LYS C 2305 25.96 49.15 16.69
C LYS C 2305 24.75 50.04 16.93
N GLN C 2306 23.97 50.31 15.88
CA GLN C 2306 22.80 51.17 16.02
C GLN C 2306 21.67 50.45 16.73
N GLU C 2307 21.49 49.15 16.47
CA GLU C 2307 20.47 48.39 17.17
C GLU C 2307 20.83 48.18 18.64
N LEU C 2308 22.11 48.24 19.00
CA LEU C 2308 22.47 48.13 20.40
C LEU C 2308 22.45 49.48 21.11
N TYR C 2309 23.16 50.47 20.56
CA TYR C 2309 23.24 51.77 21.21
C TYR C 2309 21.95 52.56 21.05
N ASN C 2310 21.54 52.80 19.81
CA ASN C 2310 20.38 53.64 19.54
C ASN C 2310 19.09 52.86 19.46
N GLY C 2311 19.13 51.61 18.97
CA GLY C 2311 17.92 50.86 18.72
C GLY C 2311 17.28 50.37 20.01
N THR C 2312 16.01 50.69 20.21
CA THR C 2312 15.26 50.19 21.36
C THR C 2312 14.37 49.01 21.02
N ALA C 2313 14.23 48.67 19.74
CA ALA C 2313 13.44 47.52 19.34
C ALA C 2313 14.14 46.23 19.76
N ASP C 2314 13.35 45.22 20.10
CA ASP C 2314 13.88 44.02 20.72
C ASP C 2314 14.64 43.18 19.71
N ILE C 2315 15.93 42.99 19.96
CA ILE C 2315 16.78 42.15 19.13
C ILE C 2315 16.59 40.71 19.58
N THR C 2316 16.36 39.83 18.62
CA THR C 2316 16.10 38.42 18.91
C THR C 2316 17.37 37.61 18.66
N LEU C 2317 17.79 36.84 19.65
CA LEU C 2317 18.94 35.95 19.54
C LEU C 2317 18.44 34.52 19.45
N ARG C 2318 18.67 33.88 18.31
CA ARG C 2318 18.33 32.49 18.10
C ARG C 2318 19.45 31.58 18.56
N PHE C 2319 19.15 30.29 18.60
CA PHE C 2319 20.13 29.27 18.92
C PHE C 2319 19.66 27.99 18.24
N THR C 2320 20.19 27.71 17.05
CA THR C 2320 19.63 26.65 16.24
C THR C 2320 20.55 25.45 16.22
N TRP C 2321 20.03 24.35 15.68
CA TRP C 2321 20.64 23.03 15.76
C TRP C 2321 20.68 22.44 14.37
N ASN C 2322 21.37 21.30 14.24
CA ASN C 2322 21.21 20.34 13.16
C ASN C 2322 21.59 18.96 13.66
N PHE C 2323 21.11 17.95 12.94
CA PHE C 2323 21.43 16.55 13.24
C PHE C 2323 21.42 15.80 11.92
N GLN C 2324 22.58 15.36 11.44
CA GLN C 2324 22.62 14.44 10.31
C GLN C 2324 22.46 13.03 10.84
N ARG C 2325 21.44 12.32 10.36
CA ARG C 2325 21.19 10.95 10.75
C ARG C 2325 21.48 10.02 9.60
N ASP C 2326 21.83 8.78 9.94
CA ASP C 2326 22.09 7.76 8.93
C ASP C 2326 20.80 7.38 8.22
N LEU C 2327 20.69 7.71 6.94
CA LEU C 2327 19.61 7.13 6.16
C LEU C 2327 19.88 5.67 5.83
N ALA C 2328 21.13 5.24 5.91
CA ALA C 2328 21.44 3.82 5.76
C ALA C 2328 20.96 3.01 6.95
N LYS C 2329 20.75 3.64 8.10
CA LYS C 2329 20.16 2.99 9.25
C LYS C 2329 18.65 3.11 9.29
N GLY C 2330 18.00 3.31 8.14
CA GLY C 2330 16.56 3.46 8.10
C GLY C 2330 16.11 4.84 8.54
N GLY C 2331 14.82 5.09 8.39
CA GLY C 2331 14.26 6.38 8.67
C GLY C 2331 14.37 7.33 7.49
N THR C 2332 13.55 8.37 7.52
CA THR C 2332 13.49 9.33 6.42
C THR C 2332 13.91 10.73 6.81
N VAL C 2333 13.57 11.17 8.02
CA VAL C 2333 13.90 12.52 8.45
C VAL C 2333 15.38 12.59 8.77
N GLU C 2334 16.14 13.33 7.96
CA GLU C 2334 17.54 13.55 8.27
C GLU C 2334 17.67 14.55 9.40
N TYR C 2335 17.25 15.79 9.14
CA TYR C 2335 17.56 16.93 10.00
C TYR C 2335 16.40 17.23 10.94
N THR C 2336 16.75 17.57 12.19
CA THR C 2336 15.79 18.02 13.18
C THR C 2336 16.34 19.29 13.82
N ASN C 2337 15.57 20.36 13.78
CA ASN C 2337 16.03 21.66 14.23
C ASN C 2337 14.97 22.31 15.10
N GLU C 2338 15.39 23.18 16.02
CA GLU C 2338 14.49 24.15 16.63
C GLU C 2338 15.21 25.47 16.87
N LYS C 2339 14.48 26.56 16.68
CA LYS C 2339 14.93 27.89 17.02
C LYS C 2339 14.64 28.15 18.49
N HIS C 2340 15.53 28.87 19.16
CA HIS C 2340 15.41 29.12 20.59
C HIS C 2340 15.70 30.58 20.83
N THR C 2341 14.64 31.38 20.73
CA THR C 2341 14.76 32.83 20.68
C THR C 2341 14.64 33.41 22.08
N LEU C 2342 15.62 34.23 22.44
CA LEU C 2342 15.49 35.17 23.54
C LEU C 2342 15.58 36.58 22.96
N GLU C 2343 14.74 37.47 23.45
CA GLU C 2343 14.75 38.85 23.02
C GLU C 2343 15.61 39.70 23.94
N LEU C 2344 16.04 40.83 23.40
CA LEU C 2344 16.95 41.74 24.10
C LEU C 2344 16.20 43.04 24.32
N ALA C 2345 15.92 43.35 25.58
CA ALA C 2345 15.17 44.54 25.94
C ALA C 2345 16.05 45.79 25.81
N PRO C 2346 15.46 46.95 25.55
CA PRO C 2346 16.24 48.19 25.60
C PRO C 2346 16.63 48.53 27.03
N ASN C 2347 17.81 49.14 27.17
CA ASN C 2347 18.48 49.43 28.44
C ASN C 2347 18.70 48.17 29.28
N SER C 2348 18.84 47.00 28.63
CA SER C 2348 19.20 45.81 29.35
C SER C 2348 20.71 45.72 29.47
N THR C 2349 21.17 44.85 30.37
CA THR C 2349 22.60 44.67 30.56
C THR C 2349 23.24 43.98 29.37
N ALA C 2350 22.49 43.12 28.69
CA ALA C 2350 23.06 42.32 27.61
C ALA C 2350 23.38 43.18 26.39
N ARG C 2351 22.46 44.06 26.00
CA ARG C 2351 22.72 44.93 24.85
C ARG C 2351 23.84 45.91 25.15
N ARG C 2352 23.92 46.40 26.39
CA ARG C 2352 24.97 47.35 26.75
C ARG C 2352 26.34 46.69 26.70
N GLN C 2353 26.43 45.44 27.16
CA GLN C 2353 27.73 44.76 27.11
C GLN C 2353 28.11 44.40 25.69
N LEU C 2354 27.13 44.05 24.85
CA LEU C 2354 27.44 43.78 23.44
C LEU C 2354 27.82 45.05 22.70
N ALA C 2355 27.19 46.17 23.06
CA ALA C 2355 27.58 47.45 22.47
C ALA C 2355 28.98 47.86 22.91
N GLN C 2356 29.35 47.55 24.16
CA GLN C 2356 30.71 47.84 24.62
C GLN C 2356 31.73 46.91 23.98
N LEU C 2357 31.31 45.71 23.58
CA LEU C 2357 32.16 44.87 22.76
C LEU C 2357 32.42 45.51 21.41
N LEU C 2358 31.38 46.11 20.81
CA LEU C 2358 31.56 46.81 19.56
C LEU C 2358 32.21 48.18 19.73
N GLU C 2359 32.29 48.71 20.95
CA GLU C 2359 33.00 49.97 21.15
C GLU C 2359 34.51 49.75 21.10
N GLY C 2360 34.99 48.62 21.62
CA GLY C 2360 36.41 48.35 21.58
C GLY C 2360 37.05 48.06 22.92
N ARG C 2361 36.25 47.60 23.89
CA ARG C 2361 36.78 47.10 25.14
C ARG C 2361 36.91 45.59 25.03
N PRO C 2362 38.10 45.06 24.78
CA PRO C 2362 38.23 43.67 24.34
C PRO C 2362 38.20 42.63 25.45
N ASP C 2363 37.77 42.97 26.66
CA ASP C 2363 37.94 42.06 27.80
C ASP C 2363 36.62 41.88 28.55
N GLN C 2364 35.55 41.61 27.80
CA GLN C 2364 34.21 41.50 28.37
C GLN C 2364 33.56 40.21 27.92
N SER C 2365 33.15 39.38 28.88
CA SER C 2365 32.47 38.12 28.60
C SER C 2365 31.00 38.31 28.94
N VAL C 2366 30.17 38.49 27.92
CA VAL C 2366 28.74 38.71 28.12
C VAL C 2366 28.09 37.40 28.50
N VAL C 2367 27.38 37.40 29.62
CA VAL C 2367 26.70 36.21 30.12
C VAL C 2367 25.22 36.38 29.80
N ILE C 2368 24.80 35.87 28.66
CA ILE C 2368 23.39 35.88 28.30
C ILE C 2368 22.73 34.68 28.96
N PRO C 2369 21.79 34.89 29.88
CA PRO C 2369 21.31 33.78 30.70
C PRO C 2369 20.33 32.88 29.96
N HIS C 2370 20.50 31.58 30.18
CA HIS C 2370 19.55 30.52 29.83
C HIS C 2370 19.30 30.46 28.31
N LEU C 2371 20.38 30.09 27.61
CA LEU C 2371 20.32 29.74 26.19
C LEU C 2371 20.49 28.24 25.95
N PHE C 2372 21.54 27.65 26.53
CA PHE C 2372 22.03 26.35 26.09
C PHE C 2372 21.40 25.23 26.89
N PRO C 2373 20.67 24.31 26.27
CA PRO C 2373 20.19 23.13 26.98
C PRO C 2373 21.25 22.04 26.96
N LYS C 2374 20.96 20.97 27.67
CA LYS C 2374 21.75 19.75 27.54
C LYS C 2374 20.92 18.55 27.16
N TYR C 2375 19.73 18.41 27.73
CA TYR C 2375 18.96 17.17 27.71
C TYR C 2375 17.86 17.32 26.67
N ILE C 2376 18.08 16.73 25.49
CA ILE C 2376 17.31 17.00 24.30
C ILE C 2376 16.89 15.68 23.66
N ARG C 2377 15.59 15.48 23.49
CA ARG C 2377 15.11 14.37 22.69
C ARG C 2377 15.44 14.62 21.23
N ALA C 2378 15.85 13.57 20.53
CA ALA C 2378 16.05 13.61 19.08
C ALA C 2378 15.09 12.61 18.46
N PRO C 2379 13.82 12.98 18.31
CA PRO C 2379 12.83 12.02 17.82
C PRO C 2379 12.92 11.85 16.31
N ASN C 2380 12.24 10.82 15.83
CA ASN C 2380 12.18 10.55 14.39
C ASN C 2380 11.37 11.61 13.66
N GLY C 2381 10.50 12.34 14.35
CA GLY C 2381 9.80 13.47 13.78
C GLY C 2381 10.77 14.59 13.47
N PRO C 2382 10.36 15.53 12.61
CA PRO C 2382 11.30 16.54 12.10
C PRO C 2382 11.70 17.62 13.11
N GLU C 2383 11.22 17.59 14.34
CA GLU C 2383 11.68 18.50 15.36
C GLU C 2383 12.69 17.80 16.27
N ALA C 2384 13.39 18.62 17.07
CA ALA C 2384 14.27 18.14 18.12
C ALA C 2384 13.82 18.81 19.40
N ASN C 2385 13.24 18.05 20.28
CA ASN C 2385 12.65 18.67 21.45
C ASN C 2385 13.61 18.59 22.61
N PRO C 2386 13.88 19.70 23.30
CA PRO C 2386 14.52 19.59 24.62
C PRO C 2386 13.56 18.93 25.60
N VAL C 2387 14.11 18.13 26.51
CA VAL C 2387 13.27 17.31 27.38
C VAL C 2387 12.58 18.19 28.41
N LYS C 2388 11.25 18.26 28.32
CA LYS C 2388 10.46 19.10 29.20
C LYS C 2388 10.32 18.53 30.60
N GLN C 2389 10.81 17.32 30.82
CA GLN C 2389 10.82 16.67 32.12
C GLN C 2389 12.17 16.82 32.82
N LEU C 2390 13.26 16.61 32.08
CA LEU C 2390 14.60 16.90 32.59
C LEU C 2390 14.83 18.40 32.70
N GLN C 2391 14.08 19.20 31.96
CA GLN C 2391 14.11 20.66 32.09
C GLN C 2391 12.67 21.12 32.30
N PRO C 2392 12.13 20.99 33.53
CA PRO C 2392 10.76 21.46 33.75
C PRO C 2392 10.60 22.97 33.65
N ASP C 2393 11.57 23.73 34.14
CA ASP C 2393 11.61 25.15 33.82
C ASP C 2393 12.04 25.28 32.38
N GLU C 2394 11.07 25.44 31.49
CA GLU C 2394 11.29 25.41 30.05
C GLU C 2394 11.80 26.74 29.51
N GLU C 2395 12.22 27.65 30.38
CA GLU C 2395 12.98 28.82 29.99
C GLU C 2395 14.16 29.10 30.93
N GLU C 2396 14.26 28.39 32.06
CA GLU C 2396 15.28 28.70 33.07
C GLU C 2396 16.01 27.45 33.55
N ASP C 2397 15.96 26.35 32.80
CA ASP C 2397 16.89 25.26 32.99
C ASP C 2397 17.94 25.21 31.90
N TYR C 2398 17.78 26.04 30.87
CA TYR C 2398 18.83 26.34 29.91
C TYR C 2398 19.97 27.07 30.62
N LEU C 2399 21.15 27.02 30.01
CA LEU C 2399 22.34 27.50 30.68
C LEU C 2399 22.73 28.89 30.20
N GLY C 2400 23.27 29.69 31.11
CA GLY C 2400 23.81 30.99 30.74
C GLY C 2400 25.09 30.83 29.94
N VAL C 2401 25.22 31.63 28.90
CA VAL C 2401 26.28 31.47 27.91
C VAL C 2401 27.22 32.66 28.00
N ARG C 2402 28.50 32.39 28.26
CA ARG C 2402 29.54 33.42 28.30
C ARG C 2402 30.07 33.64 26.88
N ILE C 2403 30.06 34.90 26.45
CA ILE C 2403 30.34 35.25 25.06
C ILE C 2403 31.44 36.31 25.04
N GLN C 2404 32.54 36.00 24.35
CA GLN C 2404 33.62 36.95 24.13
C GLN C 2404 33.79 37.20 22.64
N LEU C 2405 34.59 38.20 22.33
CA LEU C 2405 35.12 38.43 21.00
C LEU C 2405 36.52 37.85 20.89
N ARG C 2406 37.18 38.14 19.77
CA ARG C 2406 38.58 37.81 19.57
C ARG C 2406 39.07 38.74 18.47
N ARG C 2407 39.95 39.67 18.80
CA ARG C 2407 40.43 40.62 17.82
C ARG C 2407 41.94 40.51 17.68
N GLU C 2408 42.45 41.02 16.56
CA GLU C 2408 43.89 41.08 16.33
C GLU C 2408 44.22 42.41 15.66
N GLN C 2409 45.46 42.49 15.18
CA GLN C 2409 45.91 43.54 14.27
C GLN C 2409 45.67 43.07 12.84
N VAL C 2410 46.34 43.71 11.88
CA VAL C 2410 46.22 43.35 10.47
C VAL C 2410 46.70 41.93 10.16
N GLY C 2411 47.44 41.31 11.06
CA GLY C 2411 47.93 39.96 10.85
C GLY C 2411 46.87 38.88 10.89
N SER C 2424 37.97 51.72 12.88
CA SER C 2424 38.01 50.60 11.94
C SER C 2424 38.10 49.29 12.69
N ASP C 2425 38.09 48.18 11.94
CA ASP C 2425 38.07 46.86 12.58
C ASP C 2425 39.20 45.98 12.06
N PHE C 2426 39.18 44.70 12.43
CA PHE C 2426 40.24 43.78 12.04
C PHE C 2426 39.63 42.39 11.87
N LEU C 2427 40.50 41.38 11.86
CA LEU C 2427 40.06 39.99 11.85
C LEU C 2427 39.42 39.68 13.20
N GLU C 2428 38.12 39.47 13.20
CA GLU C 2428 37.37 39.31 14.45
C GLU C 2428 36.71 37.93 14.50
N TRP C 2429 36.44 37.47 15.72
CA TRP C 2429 35.85 36.17 15.96
C TRP C 2429 34.87 36.27 17.12
N TRP C 2430 34.41 35.12 17.61
CA TRP C 2430 33.52 35.07 18.77
C TRP C 2430 33.83 33.83 19.58
N VAL C 2431 33.35 33.81 20.83
CA VAL C 2431 33.63 32.74 21.79
C VAL C 2431 32.31 32.35 22.47
N ILE C 2432 32.09 31.05 22.67
CA ILE C 2432 31.04 30.55 23.55
C ILE C 2432 31.69 29.83 24.72
N GLU C 2433 31.33 30.23 25.93
CA GLU C 2433 31.50 29.40 27.12
C GLU C 2433 30.19 29.43 27.89
N LEU C 2434 30.09 28.57 28.90
CA LEU C 2434 28.98 28.61 29.84
C LEU C 2434 29.45 29.24 31.14
N GLN C 2435 28.54 29.36 32.11
CA GLN C 2435 28.85 30.00 33.37
C GLN C 2435 29.83 29.20 34.23
N ASP C 2436 30.08 27.93 33.89
CA ASP C 2436 30.92 27.06 34.70
C ASP C 2436 31.94 26.32 33.84
N CYS C 2437 32.29 26.86 32.67
CA CYS C 2437 33.29 26.24 31.80
C CYS C 2437 34.67 26.45 32.41
N LYS C 2438 34.99 25.59 33.38
CA LYS C 2438 36.26 25.67 34.10
C LYS C 2438 37.10 24.42 33.90
N ALA C 2439 36.51 23.24 34.05
CA ALA C 2439 37.21 22.01 33.69
C ALA C 2439 37.28 21.85 32.17
N ASP C 2440 36.15 21.95 31.50
CA ASP C 2440 36.07 21.98 30.04
C ASP C 2440 35.69 23.40 29.64
N CYS C 2441 36.70 24.21 29.33
CA CYS C 2441 36.44 25.59 28.96
C CYS C 2441 35.86 25.69 27.55
N ASN C 2442 36.40 24.93 26.60
CA ASN C 2442 35.96 25.01 25.23
C ASN C 2442 34.92 23.98 24.85
N LEU C 2443 34.99 22.77 25.40
CA LEU C 2443 34.03 21.73 25.06
C LEU C 2443 32.69 22.00 25.72
N LEU C 2444 31.63 21.90 24.93
CA LEU C 2444 30.27 22.01 25.44
C LEU C 2444 29.60 20.66 25.35
N PRO C 2445 29.12 20.10 26.45
CA PRO C 2445 28.49 18.77 26.39
C PRO C 2445 27.07 18.85 25.87
N MET C 2446 26.67 17.80 25.18
CA MET C 2446 25.29 17.58 24.77
C MET C 2446 24.83 16.26 25.37
N VAL C 2447 23.53 16.16 25.62
CA VAL C 2447 22.91 14.89 26.01
C VAL C 2447 21.74 14.70 25.06
N ILE C 2448 21.98 13.99 23.96
CA ILE C 2448 21.05 13.93 22.84
C ILE C 2448 20.31 12.61 22.93
N PHE C 2449 19.03 12.68 23.27
CA PHE C 2449 18.19 11.49 23.43
C PHE C 2449 17.65 11.10 22.06
N SER C 2450 18.38 10.25 21.36
CA SER C 2450 17.96 9.82 20.04
C SER C 2450 17.17 8.53 20.13
N ASP C 2451 16.08 8.47 19.37
CA ASP C 2451 15.19 7.32 19.39
C ASP C 2451 15.71 6.26 18.43
N LYS C 2452 14.88 5.26 18.13
CA LYS C 2452 15.25 4.18 17.22
C LYS C 2452 14.39 4.23 15.96
N VAL C 2453 14.70 3.35 15.03
CA VAL C 2453 14.11 3.39 13.69
C VAL C 2453 13.06 2.30 13.56
N SER C 2454 11.84 2.71 13.23
CA SER C 2454 10.81 1.80 12.74
C SER C 2454 10.54 2.16 11.28
N PRO C 2455 11.16 1.47 10.32
CA PRO C 2455 11.17 1.95 8.92
C PRO C 2455 9.82 1.87 8.22
N PRO C 2456 8.86 1.03 8.68
CA PRO C 2456 7.56 1.46 8.17
C PRO C 2456 6.75 2.22 9.21
N GLY C 2463 -2.61 -3.63 14.72
CA GLY C 2463 -3.33 -2.47 14.24
C GLY C 2463 -4.82 -2.52 14.57
N TYR C 2464 -5.61 -1.72 13.85
CA TYR C 2464 -7.05 -1.66 14.08
C TYR C 2464 -7.89 -1.74 12.82
N GLY C 2465 -7.37 -1.38 11.65
CA GLY C 2465 -8.10 -1.47 10.40
C GLY C 2465 -7.75 -2.67 9.54
N ILE C 2466 -6.88 -3.56 10.02
CA ILE C 2466 -6.45 -4.71 9.24
C ILE C 2466 -6.70 -6.04 9.94
N VAL C 2467 -6.84 -6.08 11.28
CA VAL C 2467 -7.31 -7.27 11.96
C VAL C 2467 -8.79 -7.54 11.62
N GLY C 2468 -9.54 -6.50 11.25
CA GLY C 2468 -10.87 -6.70 10.71
C GLY C 2468 -10.86 -7.39 9.36
N LEU C 2469 -9.80 -7.19 8.58
CA LEU C 2469 -9.66 -7.95 7.35
C LEU C 2469 -9.14 -9.36 7.60
N TYR C 2470 -8.48 -9.60 8.74
CA TYR C 2470 -8.28 -10.98 9.16
C TYR C 2470 -9.59 -11.67 9.48
N VAL C 2471 -10.48 -11.00 10.20
CA VAL C 2471 -11.76 -11.62 10.54
C VAL C 2471 -12.62 -11.78 9.28
N SER C 2472 -12.44 -10.87 8.31
CA SER C 2472 -13.11 -11.02 7.02
C SER C 2472 -12.65 -12.28 6.30
N ILE C 2473 -11.34 -12.50 6.21
CA ILE C 2473 -10.86 -13.65 5.45
C ILE C 2473 -11.05 -14.96 6.22
N VAL C 2474 -11.11 -14.93 7.56
CA VAL C 2474 -11.39 -16.18 8.24
C VAL C 2474 -12.88 -16.53 8.14
N LEU C 2475 -13.77 -15.54 7.98
CA LEU C 2475 -15.17 -15.87 7.76
C LEU C 2475 -15.40 -16.38 6.34
N VAL C 2476 -14.69 -15.82 5.36
CA VAL C 2476 -14.86 -16.25 3.98
C VAL C 2476 -14.37 -17.68 3.80
N VAL C 2477 -13.20 -18.00 4.35
CA VAL C 2477 -12.73 -19.37 4.26
C VAL C 2477 -13.54 -20.29 5.18
N GLY C 2478 -14.14 -19.73 6.24
CA GLY C 2478 -14.99 -20.54 7.11
C GLY C 2478 -16.24 -21.05 6.42
N LYS C 2479 -16.96 -20.15 5.75
CA LYS C 2479 -18.12 -20.61 5.00
C LYS C 2479 -17.72 -21.30 3.71
N PHE C 2480 -16.50 -21.09 3.21
CA PHE C 2480 -16.04 -21.87 2.08
C PHE C 2480 -15.85 -23.34 2.44
N VAL C 2481 -15.32 -23.62 3.63
CA VAL C 2481 -15.19 -25.01 4.03
C VAL C 2481 -16.54 -25.57 4.43
N ARG C 2482 -17.43 -24.74 5.01
CA ARG C 2482 -18.79 -25.16 5.26
C ARG C 2482 -19.61 -25.39 4.00
N GLY C 2483 -19.13 -24.97 2.84
CA GLY C 2483 -19.72 -25.44 1.60
C GLY C 2483 -19.61 -26.94 1.44
N PHE C 2484 -18.45 -27.51 1.80
CA PHE C 2484 -18.24 -28.94 1.67
C PHE C 2484 -19.05 -29.75 2.66
N PHE C 2485 -19.56 -29.12 3.71
CA PHE C 2485 -20.39 -29.77 4.72
C PHE C 2485 -21.77 -29.13 4.67
N SER C 2486 -22.64 -29.57 5.57
CA SER C 2486 -23.93 -28.95 5.92
C SER C 2486 -25.00 -28.96 4.84
N GLU C 2487 -24.68 -29.37 3.61
CA GLU C 2487 -25.67 -29.43 2.56
C GLU C 2487 -25.48 -30.62 1.63
N ILE C 2488 -24.93 -31.72 2.13
CA ILE C 2488 -24.75 -32.88 1.26
C ILE C 2488 -25.81 -33.95 1.50
N SER C 2489 -26.69 -33.74 2.46
CA SER C 2489 -27.93 -34.50 2.49
C SER C 2489 -28.77 -34.22 1.26
N HIS C 2490 -28.65 -33.02 0.71
CA HIS C 2490 -29.35 -32.67 -0.52
C HIS C 2490 -28.80 -33.45 -1.71
N SER C 2491 -27.56 -33.91 -1.64
CA SER C 2491 -26.91 -34.58 -2.75
C SER C 2491 -26.81 -36.07 -2.57
N ILE C 2492 -27.35 -36.62 -1.48
CA ILE C 2492 -27.39 -38.07 -1.27
C ILE C 2492 -28.18 -38.76 -2.38
N MET C 2493 -29.30 -38.15 -2.81
CA MET C 2493 -30.15 -38.83 -3.77
C MET C 2493 -29.60 -38.84 -5.19
N PHE C 2494 -28.49 -38.14 -5.43
CA PHE C 2494 -27.87 -38.13 -6.75
C PHE C 2494 -26.46 -38.67 -6.76
N GLU C 2495 -25.85 -38.93 -5.61
CA GLU C 2495 -24.52 -39.51 -5.63
C GLU C 2495 -24.39 -40.80 -4.84
N GLU C 2496 -25.25 -41.05 -3.87
CA GLU C 2496 -25.15 -42.28 -3.08
C GLU C 2496 -26.10 -43.34 -3.67
N LEU C 2497 -25.80 -43.73 -4.90
CA LEU C 2497 -26.68 -44.65 -5.61
C LEU C 2497 -25.92 -45.87 -6.11
N PRO C 2498 -26.56 -47.04 -6.10
CA PRO C 2498 -25.92 -48.26 -6.59
C PRO C 2498 -25.85 -48.27 -8.11
N CYS C 2499 -25.57 -49.49 -8.63
CA CYS C 2499 -25.01 -49.79 -9.94
C CYS C 2499 -25.50 -48.91 -11.08
N VAL C 2500 -24.57 -48.27 -11.78
CA VAL C 2500 -24.86 -47.08 -12.56
C VAL C 2500 -24.62 -47.46 -14.00
N ASP C 2501 -24.81 -48.74 -14.30
CA ASP C 2501 -24.43 -49.24 -15.62
C ASP C 2501 -25.37 -48.74 -16.68
N ARG C 2502 -26.66 -48.66 -16.36
CA ARG C 2502 -27.67 -48.27 -17.34
C ARG C 2502 -27.52 -46.82 -17.75
N ILE C 2503 -27.06 -45.96 -16.83
CA ILE C 2503 -27.03 -44.56 -17.19
C ILE C 2503 -25.78 -44.24 -17.98
N LEU C 2504 -24.70 -45.00 -17.76
CA LEU C 2504 -23.56 -44.91 -18.69
C LEU C 2504 -23.92 -45.43 -20.05
N LYS C 2505 -24.78 -46.46 -20.13
CA LYS C 2505 -25.29 -46.89 -21.42
C LYS C 2505 -26.06 -45.78 -22.09
N LEU C 2506 -26.85 -45.03 -21.33
CA LEU C 2506 -27.64 -43.96 -21.92
C LEU C 2506 -26.76 -42.78 -22.33
N CYS C 2507 -25.75 -42.44 -21.52
CA CYS C 2507 -24.91 -41.30 -21.85
C CYS C 2507 -24.01 -41.60 -23.03
N GLN C 2508 -23.47 -42.82 -23.11
CA GLN C 2508 -22.65 -43.19 -24.25
C GLN C 2508 -23.50 -43.33 -25.51
N ASP C 2509 -24.78 -43.67 -25.35
CA ASP C 2509 -25.70 -43.61 -26.48
C ASP C 2509 -25.84 -42.20 -27.01
N ILE C 2510 -25.95 -41.21 -26.11
CA ILE C 2510 -26.07 -39.83 -26.55
C ILE C 2510 -24.80 -39.36 -27.25
N PHE C 2511 -23.64 -39.84 -26.81
CA PHE C 2511 -22.40 -39.39 -27.41
C PHE C 2511 -22.22 -39.93 -28.83
N LEU C 2512 -22.50 -41.22 -29.04
CA LEU C 2512 -22.35 -41.75 -30.38
C LEU C 2512 -23.45 -41.26 -31.32
N VAL C 2513 -24.62 -40.92 -30.77
CA VAL C 2513 -25.65 -40.31 -31.60
C VAL C 2513 -25.23 -38.89 -31.99
N ARG C 2514 -24.50 -38.19 -31.12
CA ARG C 2514 -23.93 -36.90 -31.51
C ARG C 2514 -22.89 -37.05 -32.61
N GLU C 2515 -22.21 -38.19 -32.67
CA GLU C 2515 -21.30 -38.43 -33.80
C GLU C 2515 -22.08 -38.70 -35.09
N THR C 2516 -23.00 -39.64 -35.06
CA THR C 2516 -23.65 -40.10 -36.28
C THR C 2516 -24.73 -39.17 -36.80
N ARG C 2517 -24.96 -38.03 -36.15
CA ARG C 2517 -25.84 -36.95 -36.61
C ARG C 2517 -27.28 -37.39 -36.77
N GLU C 2518 -27.72 -38.37 -35.98
CA GLU C 2518 -29.12 -38.78 -35.97
C GLU C 2518 -29.82 -38.12 -34.78
N LEU C 2519 -29.97 -36.81 -34.88
CA LEU C 2519 -30.20 -35.97 -33.71
C LEU C 2519 -31.61 -36.10 -33.13
N GLU C 2520 -32.54 -36.71 -33.84
CA GLU C 2520 -33.82 -37.06 -33.22
C GLU C 2520 -33.62 -38.06 -32.10
N LEU C 2521 -32.67 -38.98 -32.28
CA LEU C 2521 -32.36 -39.92 -31.22
C LEU C 2521 -31.68 -39.22 -30.06
N GLU C 2522 -30.94 -38.14 -30.35
CA GLU C 2522 -30.33 -37.36 -29.29
C GLU C 2522 -31.39 -36.70 -28.42
N GLU C 2523 -32.40 -36.09 -29.04
CA GLU C 2523 -33.45 -35.43 -28.27
C GLU C 2523 -34.29 -36.42 -27.49
N GLU C 2524 -34.51 -37.62 -28.03
CA GLU C 2524 -35.36 -38.56 -27.31
C GLU C 2524 -34.60 -39.23 -26.17
N LEU C 2525 -33.31 -39.51 -26.36
CA LEU C 2525 -32.50 -40.00 -25.24
C LEU C 2525 -32.27 -38.92 -24.20
N TYR C 2526 -32.19 -37.65 -24.60
CA TYR C 2526 -32.04 -36.58 -23.62
C TYR C 2526 -33.33 -36.37 -22.84
N ALA C 2527 -34.48 -36.61 -23.45
CA ALA C 2527 -35.71 -36.62 -22.69
C ALA C 2527 -35.74 -37.76 -21.69
N LYS C 2528 -35.07 -38.88 -22.00
CA LYS C 2528 -34.93 -39.94 -21.01
C LYS C 2528 -34.04 -39.52 -19.85
N LEU C 2529 -32.96 -38.78 -20.12
CA LEU C 2529 -32.10 -38.30 -19.04
C LEU C 2529 -32.82 -37.31 -18.13
N ILE C 2530 -33.47 -36.31 -18.72
CA ILE C 2530 -34.19 -35.32 -17.92
C ILE C 2530 -35.27 -35.99 -17.08
N PHE C 2531 -36.01 -36.93 -17.65
CA PHE C 2531 -37.03 -37.57 -16.85
C PHE C 2531 -36.44 -38.51 -15.82
N LEU C 2532 -35.23 -39.02 -16.05
CA LEU C 2532 -34.62 -39.83 -15.02
C LEU C 2532 -34.15 -38.97 -13.85
N TYR C 2533 -33.81 -37.72 -14.13
CA TYR C 2533 -33.42 -36.77 -13.09
C TYR C 2533 -34.58 -35.89 -12.64
N ARG C 2534 -35.79 -36.15 -13.10
CA ARG C 2534 -36.98 -35.52 -12.57
C ARG C 2534 -37.79 -36.41 -11.64
N SER C 2535 -37.40 -37.66 -11.49
CA SER C 2535 -38.18 -38.62 -10.72
C SER C 2535 -37.24 -39.57 -10.02
N PRO C 2536 -36.93 -39.30 -8.76
CA PRO C 2536 -36.02 -40.19 -8.01
C PRO C 2536 -36.55 -41.59 -7.76
N GLU C 2537 -37.86 -41.85 -7.84
CA GLU C 2537 -38.29 -43.24 -7.74
C GLU C 2537 -37.97 -44.01 -9.00
N THR C 2538 -37.93 -43.34 -10.16
CA THR C 2538 -37.42 -44.01 -11.33
C THR C 2538 -35.91 -44.13 -11.26
N MET C 2539 -35.25 -43.24 -10.52
CA MET C 2539 -33.83 -43.41 -10.24
C MET C 2539 -33.59 -44.65 -9.39
N ILE C 2540 -34.52 -44.95 -8.49
CA ILE C 2540 -34.42 -46.17 -7.69
C ILE C 2540 -34.68 -47.40 -8.56
N LYS C 2541 -35.65 -47.31 -9.47
CA LYS C 2541 -35.88 -48.41 -10.41
C LYS C 2541 -34.66 -48.63 -11.29
N TRP C 2542 -34.16 -47.57 -11.90
CA TRP C 2542 -33.15 -47.67 -12.93
C TRP C 2542 -31.76 -47.91 -12.36
N THR C 2543 -31.56 -47.69 -11.07
CA THR C 2543 -30.25 -47.95 -10.46
C THR C 2543 -30.34 -48.99 -9.36
N ARG C 2544 -31.00 -50.11 -9.60
CA ARG C 2544 -30.90 -51.23 -8.68
C ARG C 2544 -29.57 -51.96 -8.91
N GLU C 2545 -29.38 -53.09 -8.25
CA GLU C 2545 -28.08 -53.74 -8.28
C GLU C 2545 -28.11 -55.03 -9.10
N ARG C 2546 -29.01 -55.97 -8.77
CA ARG C 2546 -29.25 -57.22 -9.48
C ARG C 2546 -28.02 -58.11 -9.66
N LEU D 577 -49.54 36.21 74.24
CA LEU D 577 -48.13 36.52 74.01
C LEU D 577 -47.31 35.24 73.94
N VAL D 578 -46.08 35.30 74.47
CA VAL D 578 -45.16 34.16 74.49
C VAL D 578 -44.72 33.82 75.91
N THR D 579 -44.35 34.84 76.69
CA THR D 579 -43.91 34.75 78.10
C THR D 579 -42.72 33.80 78.25
N GLY D 580 -41.78 33.87 77.31
CA GLY D 580 -40.59 33.04 77.36
C GLY D 580 -39.39 33.77 77.91
N ILE D 581 -39.61 34.58 78.95
CA ILE D 581 -38.52 35.37 79.54
C ILE D 581 -37.76 34.61 80.61
N TYR D 582 -38.07 33.32 80.82
CA TYR D 582 -37.34 32.54 81.81
C TYR D 582 -35.94 32.15 81.34
N VAL D 583 -35.70 32.16 80.03
CA VAL D 583 -34.37 31.88 79.54
C VAL D 583 -33.47 33.11 79.64
N LYS D 584 -34.06 34.30 79.61
CA LYS D 584 -33.30 35.54 79.70
C LYS D 584 -33.20 36.04 81.14
N TYR D 585 -32.75 35.16 82.03
CA TYR D 585 -32.55 35.50 83.43
C TYR D 585 -31.21 34.99 83.95
N TRP D 586 -30.30 34.63 83.06
CA TRP D 586 -29.01 34.09 83.44
C TRP D 586 -27.97 35.21 83.56
N ILE D 587 -27.04 35.02 84.50
CA ILE D 587 -26.00 36.01 84.78
C ILE D 587 -24.72 35.73 84.00
N TYR D 588 -24.76 34.82 83.03
CA TYR D 588 -23.55 34.47 82.29
C TYR D 588 -23.15 35.58 81.33
N VAL D 589 -24.12 36.29 80.76
CA VAL D 589 -23.80 37.41 79.89
C VAL D 589 -23.26 38.57 80.71
N CYS D 590 -23.78 38.76 81.93
CA CYS D 590 -23.25 39.77 82.82
C CYS D 590 -21.85 39.43 83.29
N ALA D 591 -21.53 38.13 83.41
CA ALA D 591 -20.18 37.73 83.76
C ALA D 591 -19.23 37.92 82.57
N GLY D 592 -19.71 37.64 81.36
CA GLY D 592 -18.87 37.76 80.19
C GLY D 592 -18.58 39.20 79.80
N MET D 593 -19.50 40.13 80.15
CA MET D 593 -19.27 41.54 79.86
C MET D 593 -18.13 42.10 80.70
N PHE D 594 -17.88 41.53 81.89
CA PHE D 594 -16.77 41.98 82.71
C PHE D 594 -15.44 41.62 82.09
N ILE D 595 -15.32 40.41 81.53
CA ILE D 595 -14.08 40.01 80.87
C ILE D 595 -13.93 40.72 79.53
N VAL D 596 -15.06 41.01 78.86
CA VAL D 596 -15.01 41.74 77.60
C VAL D 596 -14.57 43.18 77.81
N VAL D 597 -14.91 43.75 78.97
CA VAL D 597 -14.38 45.07 79.32
C VAL D 597 -12.99 44.97 79.94
N SER D 598 -12.61 43.79 80.43
CA SER D 598 -11.27 43.62 80.98
C SER D 598 -10.23 43.57 79.86
N PHE D 599 -10.58 42.99 78.72
CA PHE D 599 -9.68 42.97 77.57
C PHE D 599 -9.86 44.26 76.75
N ALA D 600 -9.29 44.29 75.56
CA ALA D 600 -9.42 45.45 74.68
C ALA D 600 -9.90 45.04 73.29
N VAL D 605 -8.03 48.69 79.04
CA VAL D 605 -7.11 48.01 78.13
C VAL D 605 -5.88 47.53 78.88
N TYR D 606 -4.98 48.47 79.20
CA TYR D 606 -3.74 48.18 79.90
C TYR D 606 -3.59 49.12 81.10
N LYS D 607 -4.65 49.24 81.88
CA LYS D 607 -4.67 50.11 83.05
C LYS D 607 -4.79 49.28 84.31
N ILE D 608 -4.49 49.91 85.45
CA ILE D 608 -4.62 49.25 86.74
C ILE D 608 -6.06 49.18 87.23
N VAL D 609 -6.97 49.91 86.59
CA VAL D 609 -8.39 49.76 86.90
C VAL D 609 -8.96 48.47 86.32
N TYR D 610 -8.34 47.93 85.27
CA TYR D 610 -8.81 46.69 84.67
C TYR D 610 -8.56 45.48 85.57
N MET D 611 -7.60 45.57 86.48
CA MET D 611 -7.35 44.47 87.42
C MET D 611 -8.46 44.37 88.46
N PHE D 612 -9.18 45.46 88.72
CA PHE D 612 -10.27 45.41 89.69
C PHE D 612 -11.44 44.59 89.16
N LEU D 613 -11.69 44.63 87.85
CA LEU D 613 -12.75 43.82 87.26
C LEU D 613 -12.40 42.34 87.30
N PHE D 614 -11.14 42.01 87.04
CA PHE D 614 -10.70 40.62 87.11
C PHE D 614 -10.66 40.12 88.54
N LEU D 615 -10.34 40.99 89.49
CA LEU D 615 -10.42 40.62 90.91
C LEU D 615 -11.85 40.44 91.36
N LEU D 616 -12.78 41.19 90.77
CA LEU D 616 -14.20 41.02 91.09
C LEU D 616 -14.72 39.70 90.53
N CYS D 617 -14.31 39.34 89.31
CA CYS D 617 -14.73 38.06 88.73
C CYS D 617 -14.10 36.90 89.48
N LEU D 618 -12.85 37.06 89.94
CA LEU D 618 -12.19 36.01 90.71
C LEU D 618 -12.82 35.86 92.09
N THR D 619 -13.24 36.97 92.70
CA THR D 619 -13.89 36.90 94.01
C THR D 619 -15.29 36.30 93.89
N LEU D 620 -15.99 36.59 92.79
CA LEU D 620 -17.28 35.96 92.56
C LEU D 620 -17.15 34.47 92.26
N PHE D 621 -16.06 34.08 91.58
CA PHE D 621 -15.82 32.67 91.32
C PHE D 621 -15.49 31.93 92.61
N GLN D 622 -14.67 32.52 93.47
CA GLN D 622 -14.36 31.90 94.76
C GLN D 622 -15.58 31.89 95.68
N VAL D 623 -16.47 32.88 95.55
CA VAL D 623 -17.73 32.85 96.28
C VAL D 623 -18.63 31.74 95.76
N TYR D 624 -18.55 31.45 94.46
CA TYR D 624 -19.24 30.27 93.92
C TYR D 624 -18.60 28.98 94.41
N TYR D 625 -17.34 29.02 94.83
CA TYR D 625 -16.67 27.87 95.42
C TYR D 625 -16.71 27.85 96.94
N THR D 626 -17.29 28.87 97.59
CA THR D 626 -17.35 28.92 99.05
C THR D 626 -18.78 28.84 99.57
N LEU D 627 -19.64 29.78 99.18
CA LEU D 627 -20.99 29.87 99.74
C LEU D 627 -21.84 30.78 98.87
N TRP D 628 -23.04 30.33 98.55
CA TRP D 628 -23.99 31.09 97.74
C TRP D 628 -24.77 32.05 98.64
N ARG D 629 -25.87 32.60 98.11
CA ARG D 629 -26.87 33.40 98.81
C ARG D 629 -26.32 34.71 99.35
N LYS D 630 -25.23 35.20 98.77
CA LYS D 630 -24.74 36.54 99.09
C LYS D 630 -24.26 37.28 97.85
N LEU D 631 -24.52 36.75 96.66
CA LEU D 631 -24.03 37.35 95.43
C LEU D 631 -24.90 38.48 94.91
N LEU D 632 -26.08 38.69 95.50
CA LEU D 632 -26.93 39.82 95.09
C LEU D 632 -26.34 41.13 95.58
N ARG D 633 -25.95 41.18 96.85
CA ARG D 633 -25.26 42.36 97.38
C ARG D 633 -23.87 42.50 96.78
N VAL D 634 -23.25 41.39 96.40
CA VAL D 634 -21.96 41.45 95.72
C VAL D 634 -22.12 42.04 94.33
N PHE D 635 -23.21 41.70 93.64
CA PHE D 635 -23.49 42.31 92.34
C PHE D 635 -23.88 43.77 92.48
N TRP D 636 -24.52 44.14 93.60
CA TRP D 636 -24.80 45.54 93.86
C TRP D 636 -23.52 46.33 94.12
N TRP D 637 -22.58 45.73 94.84
CA TRP D 637 -21.28 46.38 95.03
C TRP D 637 -20.46 46.39 93.74
N LEU D 638 -20.66 45.40 92.88
CA LEU D 638 -20.00 45.41 91.57
C LEU D 638 -20.58 46.48 90.66
N VAL D 639 -21.89 46.73 90.77
CA VAL D 639 -22.51 47.85 90.07
C VAL D 639 -22.01 49.17 90.64
N VAL D 640 -21.76 49.22 91.96
CA VAL D 640 -21.22 50.43 92.57
C VAL D 640 -19.78 50.66 92.13
N ALA D 641 -19.01 49.58 91.97
CA ALA D 641 -17.63 49.71 91.53
C ALA D 641 -17.55 50.09 90.06
N TYR D 642 -18.47 49.57 89.24
CA TYR D 642 -18.55 50.00 87.85
C TYR D 642 -19.03 51.43 87.73
N THR D 643 -19.88 51.88 88.66
CA THR D 643 -20.28 53.27 88.70
C THR D 643 -19.12 54.17 89.10
N MET D 644 -18.27 53.70 90.02
CA MET D 644 -17.08 54.45 90.40
C MET D 644 -16.05 54.49 89.28
N LEU D 645 -15.96 53.41 88.49
CA LEU D 645 -15.06 53.39 87.34
C LEU D 645 -15.56 54.33 86.25
N VAL D 646 -16.88 54.39 86.05
CA VAL D 646 -17.45 55.33 85.08
C VAL D 646 -17.29 56.76 85.58
N LEU D 647 -17.33 56.97 86.91
CA LEU D 647 -17.12 58.30 87.45
C LEU D 647 -15.65 58.71 87.32
N ILE D 648 -14.73 57.76 87.46
CA ILE D 648 -13.31 58.05 87.27
C ILE D 648 -13.00 58.34 85.81
N ALA D 649 -13.69 57.67 84.90
CA ALA D 649 -13.55 57.99 83.48
C ALA D 649 -14.18 59.34 83.15
N VAL D 650 -15.24 59.72 83.86
CA VAL D 650 -15.93 60.97 83.57
C VAL D 650 -15.15 62.16 84.12
N TYR D 651 -14.44 61.98 85.24
CA TYR D 651 -13.72 63.10 85.85
C TYR D 651 -12.46 63.49 85.09
N THR D 652 -11.95 62.59 84.22
CA THR D 652 -10.74 62.83 83.48
C THR D 652 -11.01 63.28 82.04
N PHE D 653 -12.24 63.72 81.75
CA PHE D 653 -12.53 64.22 80.41
C PHE D 653 -11.89 65.58 80.19
N GLN D 654 -11.89 66.43 81.21
CA GLN D 654 -11.26 67.74 81.14
C GLN D 654 -9.81 67.62 81.60
N PHE D 655 -9.15 68.77 81.79
CA PHE D 655 -7.75 68.81 82.23
C PHE D 655 -7.70 68.82 83.76
N GLN D 656 -8.15 67.71 84.34
CA GLN D 656 -8.13 67.53 85.79
C GLN D 656 -7.06 66.56 86.25
N ASP D 657 -6.28 65.98 85.32
CA ASP D 657 -5.21 65.09 85.70
C ASP D 657 -4.03 65.83 86.31
N PHE D 658 -3.86 67.12 85.99
CA PHE D 658 -2.87 67.96 86.64
C PHE D 658 -3.30 68.20 88.08
N PRO D 659 -4.61 68.42 88.32
CA PRO D 659 -5.09 68.46 89.71
C PRO D 659 -5.02 67.11 90.39
N THR D 660 -5.12 66.01 89.64
CA THR D 660 -4.97 64.69 90.22
C THR D 660 -3.52 64.43 90.61
N TYR D 661 -2.57 64.94 89.82
CA TYR D 661 -1.17 64.84 90.17
C TYR D 661 -0.82 65.75 91.36
N TRP D 662 -1.52 66.88 91.48
CA TRP D 662 -1.34 67.72 92.65
C TRP D 662 -1.94 67.08 93.90
N ARG D 663 -3.10 66.42 93.75
CA ARG D 663 -3.75 65.77 94.86
C ARG D 663 -3.12 64.43 95.23
N ASN D 664 -2.30 63.87 94.36
CA ASN D 664 -1.59 62.64 94.67
C ASN D 664 -0.51 62.91 95.71
N LEU D 665 -0.48 62.08 96.75
CA LEU D 665 0.45 62.27 97.87
C LEU D 665 1.84 61.75 97.48
N THR D 666 2.51 62.55 96.63
CA THR D 666 3.87 62.31 96.11
C THR D 666 3.98 60.94 95.43
N GLY D 667 2.95 60.58 94.67
CA GLY D 667 2.94 59.30 94.00
C GLY D 667 2.38 59.34 92.59
N PHE D 668 2.50 60.47 91.90
CA PHE D 668 2.00 60.56 90.54
C PHE D 668 3.01 59.98 89.55
N THR D 669 4.17 60.63 89.42
CA THR D 669 5.37 60.19 88.69
C THR D 669 5.11 59.91 87.21
N ASP D 670 3.99 60.40 86.65
CA ASP D 670 3.59 60.34 85.25
C ASP D 670 3.33 58.93 84.71
N GLU D 671 3.52 57.90 85.54
CA GLU D 671 3.09 56.54 85.20
C GLU D 671 2.42 55.80 86.34
N GLN D 672 2.69 56.15 87.61
CA GLN D 672 2.00 55.52 88.72
C GLN D 672 0.56 56.00 88.84
N LEU D 673 0.24 57.14 88.23
CA LEU D 673 -1.13 57.61 88.15
C LEU D 673 -1.46 58.21 86.78
N GLY D 674 -0.54 58.13 85.81
CA GLY D 674 -0.73 58.78 84.54
C GLY D 674 -0.92 57.85 83.37
N ASP D 675 -0.30 56.66 83.43
CA ASP D 675 -0.51 55.68 82.37
C ASP D 675 -1.88 55.02 82.51
N LEU D 676 -2.27 54.67 83.72
CA LEU D 676 -3.60 54.15 84.01
C LEU D 676 -4.59 55.24 84.37
N GLY D 677 -4.20 56.51 84.23
CA GLY D 677 -5.03 57.61 84.66
C GLY D 677 -5.89 58.21 83.57
N LEU D 678 -6.37 57.36 82.66
CA LEU D 678 -7.33 57.70 81.59
C LEU D 678 -6.79 58.80 80.68
N GLU D 679 -5.73 58.44 79.95
CA GLU D 679 -5.18 59.30 78.92
C GLU D 679 -6.17 59.36 77.77
N GLN D 680 -6.92 60.47 77.71
CA GLN D 680 -8.02 60.59 76.75
C GLN D 680 -7.48 61.00 75.39
N PHE D 681 -7.78 60.21 74.36
CA PHE D 681 -7.41 60.56 72.99
C PHE D 681 -8.46 61.40 72.29
N SER D 682 -9.71 61.31 72.75
CA SER D 682 -10.83 62.14 72.33
C SER D 682 -11.16 62.03 70.83
N VAL D 683 -10.79 60.92 70.19
CA VAL D 683 -11.13 60.70 68.79
C VAL D 683 -11.90 59.39 68.68
N SER D 684 -11.24 58.28 69.02
CA SER D 684 -11.85 56.96 69.02
C SER D 684 -11.48 56.11 70.23
N GLU D 685 -10.36 56.38 70.90
CA GLU D 685 -10.00 55.66 72.10
C GLU D 685 -10.84 56.07 73.28
N LEU D 686 -11.21 57.35 73.36
CA LEU D 686 -12.16 57.80 74.37
C LEU D 686 -13.55 57.24 74.10
N PHE D 687 -13.93 57.09 72.83
CA PHE D 687 -15.20 56.48 72.48
C PHE D 687 -15.23 55.00 72.85
N SER D 688 -14.11 54.31 72.64
CA SER D 688 -14.05 52.89 73.01
C SER D 688 -14.02 52.72 74.53
N SER D 689 -13.28 53.58 75.23
CA SER D 689 -13.19 53.48 76.68
C SER D 689 -14.48 53.94 77.37
N ILE D 690 -15.31 54.72 76.70
CA ILE D 690 -16.60 55.08 77.27
C ILE D 690 -17.68 54.08 76.90
N LEU D 691 -17.54 53.39 75.76
CA LEU D 691 -18.52 52.39 75.37
C LEU D 691 -18.24 51.02 75.97
N ILE D 692 -17.03 50.77 76.46
CA ILE D 692 -16.67 49.52 77.10
C ILE D 692 -17.45 49.40 78.41
N PRO D 693 -17.36 50.39 79.30
CA PRO D 693 -18.21 50.37 80.50
C PRO D 693 -19.64 50.79 80.24
N GLY D 694 -19.95 51.31 79.04
CA GLY D 694 -21.30 51.72 78.74
C GLY D 694 -22.28 50.57 78.61
N PHE D 695 -21.78 49.41 78.16
CA PHE D 695 -22.62 48.22 78.18
C PHE D 695 -22.62 47.54 79.53
N PHE D 696 -21.50 47.66 80.28
CA PHE D 696 -21.40 47.02 81.58
C PHE D 696 -22.29 47.68 82.61
N LEU D 697 -22.48 49.00 82.52
CA LEU D 697 -23.34 49.70 83.47
C LEU D 697 -24.81 49.37 83.22
N LEU D 698 -25.21 49.26 81.95
CA LEU D 698 -26.57 48.86 81.63
C LEU D 698 -26.82 47.40 81.99
N ALA D 699 -25.80 46.54 81.83
CA ALA D 699 -25.91 45.16 82.28
C ALA D 699 -25.93 45.06 83.80
N CYS D 700 -25.29 46.01 84.48
CA CYS D 700 -25.36 46.06 85.93
C CYS D 700 -26.74 46.44 86.41
N ILE D 701 -27.39 47.39 85.71
CA ILE D 701 -28.75 47.78 86.08
C ILE D 701 -29.73 46.67 85.74
N LEU D 702 -29.49 45.93 84.64
CA LEU D 702 -30.36 44.81 84.29
C LEU D 702 -30.21 43.66 85.28
N GLN D 703 -28.97 43.40 85.73
CA GLN D 703 -28.76 42.38 86.75
C GLN D 703 -29.28 42.82 88.11
N LEU D 704 -29.29 44.12 88.38
CA LEU D 704 -29.88 44.61 89.62
C LEU D 704 -31.40 44.52 89.60
N HIS D 705 -32.01 44.62 88.41
CA HIS D 705 -33.45 44.48 88.30
C HIS D 705 -33.91 43.03 88.19
N TYR D 706 -33.01 42.11 87.82
CA TYR D 706 -33.36 40.71 87.64
C TYR D 706 -32.64 39.79 88.62
N PHE D 707 -32.19 40.31 89.76
CA PHE D 707 -31.47 39.49 90.73
C PHE D 707 -32.40 38.66 91.61
N HIS D 708 -33.67 39.05 91.73
CA HIS D 708 -34.61 38.32 92.56
C HIS D 708 -35.21 37.12 91.85
N ARG D 709 -35.43 37.21 90.54
CA ARG D 709 -35.98 36.11 89.77
C ARG D 709 -34.90 35.05 89.56
N PRO D 710 -33.66 35.46 89.31
CA PRO D 710 -32.60 34.46 89.09
C PRO D 710 -32.19 33.73 90.34
N PHE D 711 -32.33 34.35 91.51
CA PHE D 711 -32.08 33.67 92.78
C PHE D 711 -33.27 32.83 93.24
N MET D 712 -34.37 32.82 92.48
CA MET D 712 -35.47 31.93 92.80
C MET D 712 -35.23 30.53 92.24
N GLN D 713 -34.58 30.43 91.08
CA GLN D 713 -34.27 29.12 90.52
C GLN D 713 -33.00 28.54 91.13
N LEU D 714 -32.00 29.38 91.41
CA LEU D 714 -30.73 28.92 91.97
C LEU D 714 -30.73 28.98 93.49
N THR D 715 -31.76 28.39 94.10
CA THR D 715 -31.91 28.28 95.54
C THR D 715 -32.88 27.14 95.83
N ASP D 716 -33.36 27.08 97.07
CA ASP D 716 -34.38 26.10 97.46
C ASP D 716 -35.77 26.68 97.18
N LEU D 717 -36.04 26.87 95.89
CA LEU D 717 -37.25 27.49 95.34
C LEU D 717 -37.53 28.87 95.95
N ARG D 782 -49.67 16.95 63.03
CA ARG D 782 -48.50 16.19 63.46
C ARG D 782 -47.32 17.10 63.74
N LEU D 783 -47.58 18.20 64.44
CA LEU D 783 -46.54 19.18 64.78
C LEU D 783 -46.30 19.27 66.27
N LEU D 784 -47.35 19.53 67.05
CA LEU D 784 -47.18 19.77 68.49
C LEU D 784 -46.86 18.49 69.24
N ASP D 785 -47.43 17.36 68.80
CA ASP D 785 -47.16 16.08 69.46
C ASP D 785 -45.71 15.64 69.24
N LEU D 786 -45.21 15.78 68.01
CA LEU D 786 -43.82 15.45 67.74
C LEU D 786 -42.88 16.43 68.40
N ALA D 787 -43.29 17.70 68.53
CA ALA D 787 -42.44 18.70 69.20
C ALA D 787 -42.29 18.38 70.68
N ALA D 788 -43.40 18.06 71.35
CA ALA D 788 -43.35 17.75 72.78
C ALA D 788 -42.66 16.43 73.05
N SER D 789 -42.85 15.44 72.16
CA SER D 789 -42.21 14.15 72.36
C SER D 789 -40.70 14.22 72.12
N PHE D 790 -40.27 14.95 71.08
CA PHE D 790 -38.84 15.07 70.83
C PHE D 790 -38.17 16.00 71.84
N SER D 791 -38.92 16.95 72.41
CA SER D 791 -38.39 17.70 73.54
C SER D 791 -38.24 16.83 74.77
N ALA D 792 -39.15 15.86 74.96
CA ALA D 792 -39.00 14.92 76.06
C ALA D 792 -37.80 14.01 75.84
N VAL D 793 -37.53 13.64 74.58
CA VAL D 793 -36.31 12.90 74.26
C VAL D 793 -35.08 13.75 74.55
N LEU D 794 -35.17 15.06 74.29
CA LEU D 794 -34.06 15.96 74.60
C LEU D 794 -33.85 16.10 76.10
N THR D 795 -34.93 16.01 76.91
CA THR D 795 -34.76 16.02 78.35
C THR D 795 -34.16 14.71 78.86
N ARG D 796 -34.47 13.59 78.20
CA ARG D 796 -33.83 12.33 78.53
C ARG D 796 -32.34 12.39 78.23
N ILE D 797 -31.97 12.97 77.08
CA ILE D 797 -30.57 13.17 76.75
C ILE D 797 -29.94 14.20 77.69
N GLN D 798 -30.73 15.17 78.16
CA GLN D 798 -30.23 16.17 79.10
C GLN D 798 -29.83 15.55 80.43
N VAL D 799 -30.67 14.67 80.96
CA VAL D 799 -30.34 13.96 82.20
C VAL D 799 -29.21 12.96 81.96
N PHE D 800 -29.16 12.36 80.77
CA PHE D 800 -28.10 11.40 80.42
C PHE D 800 -26.73 12.08 80.37
N VAL D 801 -26.65 13.22 79.68
CA VAL D 801 -25.41 13.99 79.60
C VAL D 801 -25.05 14.54 80.98
N ARG D 802 -26.03 15.00 81.75
CA ARG D 802 -25.75 15.59 83.06
C ARG D 802 -25.27 14.54 84.06
N ARG D 803 -25.82 13.34 84.01
CA ARG D 803 -25.36 12.29 84.92
C ARG D 803 -23.98 11.81 84.52
N LEU D 804 -23.70 11.75 83.22
CA LEU D 804 -22.36 11.41 82.76
C LEU D 804 -21.36 12.54 82.99
N LEU D 805 -21.85 13.79 83.13
CA LEU D 805 -21.00 14.93 83.37
C LEU D 805 -20.95 15.29 84.85
N GLU D 806 -21.68 14.56 85.69
CA GLU D 806 -21.56 14.72 87.14
C GLU D 806 -20.17 14.32 87.60
N LEU D 807 -19.82 13.05 87.42
CA LEU D 807 -18.43 12.64 87.46
C LEU D 807 -17.86 12.78 86.05
N HIS D 808 -16.65 12.25 85.84
CA HIS D 808 -15.88 12.32 84.60
C HIS D 808 -15.57 13.77 84.19
N VAL D 809 -15.61 14.72 85.12
CA VAL D 809 -15.24 16.10 84.84
C VAL D 809 -14.08 16.52 85.72
N PHE D 810 -13.96 15.92 86.91
CA PHE D 810 -12.76 16.13 87.71
C PHE D 810 -11.54 15.56 87.00
N LYS D 811 -11.71 14.46 86.27
CA LYS D 811 -10.66 13.95 85.41
C LYS D 811 -10.37 14.90 84.26
N LEU D 812 -11.40 15.54 83.72
CA LEU D 812 -11.21 16.39 82.55
C LEU D 812 -10.57 17.73 82.95
N VAL D 813 -10.94 18.25 84.11
CA VAL D 813 -10.28 19.44 84.64
C VAL D 813 -8.84 19.14 84.98
N ALA D 814 -8.56 17.96 85.55
CA ALA D 814 -7.19 17.57 85.84
C ALA D 814 -6.36 17.41 84.57
N LEU D 815 -6.96 16.86 83.51
CA LEU D 815 -6.27 16.76 82.23
C LEU D 815 -5.98 18.12 81.62
N TYR D 816 -6.91 19.06 81.75
CA TYR D 816 -6.66 20.36 81.16
C TYR D 816 -5.64 21.17 81.96
N THR D 817 -5.64 21.05 83.29
CA THR D 817 -4.65 21.75 84.10
C THR D 817 -3.24 21.21 83.83
N VAL D 818 -3.11 19.91 83.62
CA VAL D 818 -1.80 19.37 83.30
C VAL D 818 -1.42 19.66 81.84
N TRP D 819 -2.40 19.73 80.93
CA TRP D 819 -2.14 20.18 79.56
C TRP D 819 -1.64 21.62 79.53
N VAL D 820 -2.16 22.46 80.43
CA VAL D 820 -1.66 23.82 80.56
C VAL D 820 -0.27 23.83 81.17
N ALA D 821 -0.09 23.12 82.28
CA ALA D 821 1.16 23.17 83.04
C ALA D 821 2.29 22.40 82.38
N LEU D 822 2.07 21.73 81.25
CA LEU D 822 3.16 21.09 80.54
C LEU D 822 3.42 21.65 79.15
N LYS D 823 2.39 22.14 78.45
CA LYS D 823 2.64 22.82 77.17
C LYS D 823 3.43 24.10 77.40
N GLU D 824 3.07 24.86 78.43
CA GLU D 824 3.89 25.93 78.97
C GLU D 824 4.25 25.53 80.38
N VAL D 825 5.55 25.36 80.64
CA VAL D 825 6.00 24.80 81.92
C VAL D 825 5.69 25.76 83.05
N SER D 826 6.34 26.93 83.05
CA SER D 826 5.90 28.17 83.70
C SER D 826 5.62 27.99 85.19
N VAL D 827 6.69 27.70 85.95
CA VAL D 827 6.59 27.33 87.37
C VAL D 827 5.96 28.48 88.17
N MET D 828 5.40 28.14 89.35
CA MET D 828 4.29 28.70 90.17
C MET D 828 2.97 28.07 89.72
N ASN D 829 2.95 27.22 88.70
CA ASN D 829 1.84 26.29 88.53
C ASN D 829 2.21 24.89 88.96
N LEU D 830 3.38 24.74 89.60
CA LEU D 830 3.75 23.47 90.20
C LEU D 830 2.83 23.14 91.36
N LEU D 831 2.23 24.15 91.99
CA LEU D 831 1.16 23.90 92.95
C LEU D 831 -0.03 23.22 92.29
N LEU D 832 -0.36 23.59 91.04
CA LEU D 832 -1.44 22.90 90.33
C LEU D 832 -1.07 21.46 90.02
N VAL D 833 0.19 21.24 89.62
CA VAL D 833 0.66 19.88 89.35
C VAL D 833 0.63 19.04 90.62
N VAL D 834 1.04 19.62 91.75
CA VAL D 834 1.03 18.90 93.03
C VAL D 834 -0.39 18.62 93.47
N LEU D 835 -1.27 19.62 93.42
CA LEU D 835 -2.63 19.45 93.93
C LEU D 835 -3.43 18.44 93.12
N TRP D 836 -3.29 18.45 91.79
CA TRP D 836 -4.05 17.49 91.01
C TRP D 836 -3.43 16.09 91.05
N ALA D 837 -2.11 15.99 91.15
CA ALA D 837 -1.49 14.67 91.28
C ALA D 837 -1.74 14.03 92.63
N PHE D 838 -2.20 14.78 93.63
CA PHE D 838 -2.74 14.17 94.83
C PHE D 838 -4.26 14.15 94.86
N ALA D 839 -4.92 14.92 93.99
CA ALA D 839 -6.38 14.87 93.94
C ALA D 839 -6.86 13.56 93.33
N LEU D 840 -6.14 13.05 92.34
CA LEU D 840 -6.61 11.85 91.65
C LEU D 840 -6.52 10.58 92.49
N PRO D 841 -5.39 10.23 93.15
CA PRO D 841 -5.43 8.99 93.95
C PRO D 841 -6.25 9.11 95.21
N TYR D 842 -6.16 10.23 95.90
CA TYR D 842 -6.78 10.35 97.20
C TYR D 842 -8.26 10.68 97.08
N PRO D 843 -9.14 9.96 97.77
CA PRO D 843 -10.58 10.22 97.66
C PRO D 843 -11.04 11.47 98.39
N ARG D 844 -10.56 11.68 99.61
CA ARG D 844 -11.04 12.79 100.43
C ARG D 844 -10.45 14.12 99.98
N PHE D 845 -9.34 14.09 99.25
CA PHE D 845 -8.66 15.29 98.81
C PHE D 845 -9.24 15.85 97.51
N ARG D 846 -10.28 15.21 96.96
CA ARG D 846 -10.89 15.71 95.72
C ARG D 846 -11.61 17.06 95.90
N PRO D 847 -12.52 17.26 96.88
CA PRO D 847 -13.12 18.61 96.98
C PRO D 847 -12.20 19.65 97.58
N MET D 848 -11.16 19.22 98.30
CA MET D 848 -10.23 20.17 98.90
C MET D 848 -9.27 20.74 97.86
N ALA D 849 -8.86 19.93 96.88
CA ALA D 849 -7.93 20.39 95.88
C ALA D 849 -8.60 21.26 94.83
N SER D 850 -9.89 21.06 94.57
CA SER D 850 -10.60 21.90 93.62
C SER D 850 -10.76 23.31 94.16
N CYS D 851 -11.04 23.44 95.46
CA CYS D 851 -11.18 24.76 96.09
C CYS D 851 -9.85 25.50 96.13
N LEU D 852 -8.78 24.79 96.48
CA LEU D 852 -7.46 25.41 96.48
C LEU D 852 -6.98 25.74 95.07
N SER D 853 -7.41 24.96 94.07
CA SER D 853 -7.08 25.31 92.70
C SER D 853 -7.82 26.57 92.26
N THR D 854 -9.06 26.75 92.71
CA THR D 854 -9.78 28.00 92.44
C THR D 854 -9.11 29.19 93.12
N VAL D 855 -8.47 28.96 94.27
CA VAL D 855 -7.74 30.05 94.92
C VAL D 855 -6.45 30.36 94.17
N TRP D 856 -5.61 29.33 93.95
CA TRP D 856 -4.26 29.59 93.47
C TRP D 856 -4.23 29.98 92.00
N THR D 857 -5.18 29.51 91.18
CA THR D 857 -5.21 29.95 89.78
C THR D 857 -5.60 31.41 89.67
N CYS D 858 -6.50 31.89 90.54
CA CYS D 858 -6.84 33.30 90.53
C CYS D 858 -5.70 34.16 91.05
N ILE D 859 -4.87 33.61 91.94
CA ILE D 859 -3.63 34.27 92.31
C ILE D 859 -2.71 34.39 91.10
N ILE D 860 -2.64 33.33 90.28
CA ILE D 860 -1.82 33.36 89.06
C ILE D 860 -2.42 34.31 88.03
N ILE D 861 -3.76 34.43 88.00
CA ILE D 861 -4.42 35.38 87.08
C ILE D 861 -4.07 36.82 87.43
N VAL D 862 -4.08 37.15 88.72
CA VAL D 862 -3.67 38.49 89.15
C VAL D 862 -2.18 38.71 88.89
N CYS D 863 -1.36 37.69 89.16
CA CYS D 863 0.07 37.78 88.91
C CYS D 863 0.44 37.70 87.44
N LYS D 864 -0.50 37.41 86.55
CA LYS D 864 -0.27 37.55 85.12
C LYS D 864 -1.01 38.74 84.51
N MET D 865 -1.80 39.44 85.32
CA MET D 865 -2.34 40.74 84.90
C MET D 865 -1.42 41.87 85.29
N LEU D 866 -0.75 41.78 86.45
CA LEU D 866 -0.03 42.92 87.01
C LEU D 866 1.38 43.06 86.45
N TYR D 867 1.46 43.17 85.12
CA TYR D 867 2.71 43.49 84.43
C TYR D 867 2.38 44.43 83.27
N GLN D 868 2.46 45.73 83.55
CA GLN D 868 2.14 46.79 82.58
C GLN D 868 3.26 47.80 82.41
N LEU D 869 3.95 48.19 83.48
CA LEU D 869 4.86 49.32 83.43
C LEU D 869 6.25 48.99 83.94
N LYS D 870 6.35 48.11 84.94
CA LYS D 870 7.64 47.74 85.51
C LYS D 870 8.42 46.90 84.51
N ILE D 871 9.42 47.51 83.88
CA ILE D 871 10.10 46.92 82.72
C ILE D 871 11.10 45.85 83.15
N VAL D 872 11.60 45.10 82.17
CA VAL D 872 12.45 43.95 82.41
C VAL D 872 13.86 44.36 82.83
N ASN D 873 14.32 45.54 82.39
CA ASN D 873 15.73 45.91 82.52
C ASN D 873 16.27 46.07 83.94
N PRO D 874 15.53 46.57 84.95
CA PRO D 874 16.05 46.45 86.32
C PRO D 874 16.08 45.01 86.82
N HIS D 875 15.10 44.20 86.43
CA HIS D 875 15.05 42.81 86.88
C HIS D 875 15.80 41.91 85.91
N ASN D 880 23.26 40.02 81.70
CA ASN D 880 22.99 38.67 82.15
C ASN D 880 23.73 37.61 81.34
N CYS D 881 24.55 36.82 82.04
CA CYS D 881 25.11 35.56 81.58
C CYS D 881 25.99 35.73 80.33
N THR D 882 27.11 36.42 80.52
CA THR D 882 28.13 36.45 79.49
C THR D 882 28.80 35.08 79.36
N GLU D 883 29.03 34.65 78.12
CA GLU D 883 29.35 33.25 77.86
C GLU D 883 30.79 32.91 78.24
N PRO D 884 31.03 31.72 78.78
CA PRO D 884 32.36 31.12 78.70
C PRO D 884 32.55 30.34 77.41
N PHE D 885 33.45 30.80 76.55
CA PHE D 885 33.68 30.15 75.26
C PHE D 885 34.38 28.78 75.32
N PRO D 886 35.25 28.46 76.33
CA PRO D 886 35.60 27.04 76.27
C PRO D 886 34.56 26.14 76.93
N GLN D 892 29.43 23.43 76.26
CA GLN D 892 30.21 22.29 75.77
C GLN D 892 30.06 22.01 74.26
N PRO D 893 28.83 22.13 73.63
CA PRO D 893 28.80 22.11 72.16
C PRO D 893 29.34 23.37 71.52
N LEU D 894 29.30 23.43 70.18
CA LEU D 894 29.81 24.60 69.47
C LEU D 894 28.80 25.75 69.51
N GLU D 895 27.52 25.45 69.31
CA GLU D 895 26.46 26.46 69.33
C GLU D 895 25.73 26.47 70.66
N ILE D 896 26.47 26.23 71.75
CA ILE D 896 25.91 26.28 73.10
C ILE D 896 25.53 27.70 73.51
N ASN D 897 26.10 28.71 72.85
CA ASN D 897 25.82 30.10 73.18
C ASN D 897 24.70 30.67 72.32
N GLN D 898 23.73 29.83 71.95
CA GLN D 898 22.63 30.22 71.08
C GLN D 898 21.26 29.98 71.71
N SER D 899 21.15 29.08 72.68
CA SER D 899 19.82 28.55 73.05
C SER D 899 19.13 29.32 74.17
N LEU D 900 19.63 29.19 75.40
CA LEU D 900 18.88 29.81 76.50
C LEU D 900 19.70 30.74 77.37
N LEU D 901 20.78 30.23 77.97
CA LEU D 901 21.41 30.93 79.08
C LEU D 901 22.33 32.03 78.61
N TYR D 902 23.38 31.67 77.89
CA TYR D 902 24.44 32.60 77.53
C TYR D 902 24.22 33.23 76.16
N ARG D 903 22.97 33.33 75.72
CA ARG D 903 22.63 34.01 74.48
C ARG D 903 21.84 35.29 74.75
N GLY D 904 20.72 35.20 75.46
CA GLY D 904 19.91 36.36 75.74
C GLY D 904 19.91 36.72 77.21
N PRO D 905 19.55 37.98 77.52
CA PRO D 905 19.39 38.38 78.93
C PRO D 905 18.20 37.68 79.55
N VAL D 906 18.47 36.87 80.56
CA VAL D 906 17.46 35.99 81.14
C VAL D 906 16.51 36.82 81.99
N ASP D 907 15.23 36.76 81.67
CA ASP D 907 14.19 37.35 82.50
C ASP D 907 14.11 36.55 83.80
N PRO D 908 14.36 37.14 84.97
CA PRO D 908 14.36 36.33 86.20
C PRO D 908 12.98 35.86 86.62
N ALA D 909 11.93 36.56 86.26
CA ALA D 909 10.58 36.15 86.58
C ALA D 909 9.96 35.27 85.50
N ASN D 910 10.69 34.99 84.42
CA ASN D 910 10.23 34.04 83.43
C ASN D 910 10.24 32.62 83.96
N TRP D 911 11.18 32.32 84.87
CA TRP D 911 11.17 31.04 85.58
C TRP D 911 9.98 30.97 86.53
N PHE D 912 9.48 32.12 86.98
CA PHE D 912 8.27 32.19 87.78
C PHE D 912 7.03 32.42 86.93
N GLY D 913 7.17 32.45 85.61
CA GLY D 913 6.02 32.48 84.72
C GLY D 913 5.52 33.87 84.41
N VAL D 914 6.42 34.78 84.04
CA VAL D 914 6.06 36.15 83.71
C VAL D 914 6.58 36.45 82.32
N ARG D 915 5.66 36.61 81.36
CA ARG D 915 5.96 37.14 80.04
C ARG D 915 4.81 38.04 79.65
N LYS D 916 5.04 39.33 79.55
CA LYS D 916 3.98 40.24 79.15
C LYS D 916 3.81 40.13 77.63
N GLY D 917 2.69 39.52 77.22
CA GLY D 917 2.40 39.35 75.82
C GLY D 917 1.65 40.53 75.22
N TYR D 918 1.61 40.56 73.90
CA TYR D 918 0.92 41.62 73.18
C TYR D 918 -0.62 41.51 73.12
N PRO D 919 -1.25 40.33 72.88
CA PRO D 919 -2.72 40.32 72.89
C PRO D 919 -3.33 40.52 74.27
N ASN D 920 -2.57 40.29 75.35
CA ASN D 920 -2.96 40.52 76.74
C ASN D 920 -4.15 39.67 77.20
N LEU D 921 -4.60 38.70 76.40
CA LEU D 921 -5.57 37.72 76.83
C LEU D 921 -5.09 36.34 76.43
N GLY D 922 -4.37 36.26 75.30
CA GLY D 922 -3.89 34.97 74.83
C GLY D 922 -2.81 34.37 75.71
N TYR D 923 -2.04 35.22 76.38
CA TYR D 923 -1.15 34.75 77.44
C TYR D 923 -1.91 34.24 78.65
N ILE D 924 -3.16 34.68 78.83
CA ILE D 924 -3.93 34.39 80.03
C ILE D 924 -5.11 33.47 79.74
N GLN D 925 -5.29 33.05 78.47
CA GLN D 925 -6.38 32.15 78.11
C GLN D 925 -6.28 30.80 78.80
N ASN D 926 -5.05 30.37 79.14
CA ASN D 926 -4.85 29.06 79.75
C ASN D 926 -5.46 28.99 81.14
N HIS D 927 -5.05 29.91 82.03
CA HIS D 927 -5.60 29.93 83.38
C HIS D 927 -7.03 30.45 83.41
N LEU D 928 -7.44 31.23 82.40
CA LEU D 928 -8.84 31.63 82.32
C LEU D 928 -9.73 30.43 82.04
N GLN D 929 -9.33 29.57 81.10
CA GLN D 929 -10.10 28.37 80.83
C GLN D 929 -10.02 27.36 81.96
N ILE D 930 -8.91 27.34 82.71
CA ILE D 930 -8.84 26.52 83.92
C ILE D 930 -9.86 26.99 84.94
N LEU D 931 -9.95 28.31 85.15
CA LEU D 931 -10.90 28.85 86.11
C LEU D 931 -12.33 28.66 85.62
N LEU D 932 -12.56 28.71 84.31
CA LEU D 932 -13.89 28.43 83.78
C LEU D 932 -14.28 26.97 84.00
N LEU D 933 -13.34 26.05 83.80
CA LEU D 933 -13.65 24.64 84.03
C LEU D 933 -13.84 24.32 85.50
N LEU D 934 -13.14 25.03 86.40
CA LEU D 934 -13.36 24.82 87.82
C LEU D 934 -14.73 25.33 88.27
N VAL D 935 -15.12 26.51 87.79
CA VAL D 935 -16.44 27.05 88.11
C VAL D 935 -17.53 26.20 87.49
N PHE D 936 -17.31 25.71 86.26
CA PHE D 936 -18.27 24.81 85.63
C PHE D 936 -18.36 23.47 86.35
N GLU D 937 -17.24 22.99 86.91
CA GLU D 937 -17.26 21.81 87.77
C GLU D 937 -18.07 22.05 89.03
N ALA D 938 -18.04 23.27 89.56
CA ALA D 938 -18.90 23.57 90.71
C ALA D 938 -20.36 23.66 90.30
N VAL D 939 -20.62 24.23 89.11
CA VAL D 939 -21.99 24.43 88.63
C VAL D 939 -22.71 23.11 88.42
N VAL D 940 -21.99 22.09 87.93
CA VAL D 940 -22.62 20.81 87.62
C VAL D 940 -23.04 20.08 88.89
N TYR D 941 -22.19 20.07 89.91
CA TYR D 941 -22.55 19.44 91.17
C TYR D 941 -23.68 20.19 91.89
N ARG D 942 -23.67 21.53 91.81
CA ARG D 942 -24.79 22.29 92.35
C ARG D 942 -26.08 22.00 91.60
N ARG D 943 -25.99 21.77 90.29
CA ARG D 943 -27.14 21.39 89.48
C ARG D 943 -27.64 19.99 89.88
N GLN D 944 -26.73 19.13 90.35
CA GLN D 944 -27.15 17.83 90.88
C GLN D 944 -27.99 18.00 92.14
N GLU D 945 -27.61 18.91 93.04
CA GLU D 945 -28.48 19.13 94.19
C GLU D 945 -29.74 19.91 93.85
N HIS D 946 -29.74 20.67 92.75
CA HIS D 946 -30.98 21.26 92.26
C HIS D 946 -31.96 20.19 91.80
N TYR D 947 -31.46 19.07 91.27
CA TYR D 947 -32.36 17.97 90.99
C TYR D 947 -32.60 17.11 92.22
N ARG D 948 -31.66 17.10 93.18
CA ARG D 948 -31.83 16.29 94.38
C ARG D 948 -32.88 16.88 95.33
N ARG D 949 -33.15 18.19 95.24
CA ARG D 949 -34.23 18.77 96.03
C ARG D 949 -35.59 18.22 95.62
N GLN D 950 -35.76 17.90 94.34
CA GLN D 950 -37.02 17.37 93.86
C GLN D 950 -37.08 15.85 93.88
N HIS D 951 -36.01 15.17 93.47
CA HIS D 951 -36.02 13.73 93.26
C HIS D 951 -34.72 13.14 93.80
N GLN D 952 -34.41 11.91 93.41
CA GLN D 952 -33.25 11.18 93.92
C GLN D 952 -32.05 11.36 93.00
N GLN D 953 -30.87 11.39 93.60
CA GLN D 953 -29.59 11.33 92.90
C GLN D 953 -28.72 10.20 93.44
N ALA D 954 -29.34 9.07 93.76
CA ALA D 954 -28.63 7.83 94.06
C ALA D 954 -29.21 6.76 93.15
N PRO D 955 -28.76 6.70 91.87
CA PRO D 955 -29.30 5.70 90.94
C PRO D 955 -28.90 4.30 91.34
N LEU D 956 -27.60 4.11 91.54
CA LEU D 956 -27.03 2.85 91.98
C LEU D 956 -26.08 3.11 93.14
N PRO D 957 -25.73 2.07 93.93
CA PRO D 957 -24.63 2.19 94.90
C PRO D 957 -23.31 2.66 94.29
N ALA D 958 -22.79 1.93 93.31
CA ALA D 958 -21.68 2.45 92.54
C ALA D 958 -22.16 3.58 91.65
N GLN D 959 -21.28 4.52 91.36
CA GLN D 959 -21.63 5.64 90.49
C GLN D 959 -21.83 5.11 89.07
N ALA D 960 -22.95 5.50 88.46
CA ALA D 960 -23.38 4.85 87.23
C ALA D 960 -24.36 5.73 86.48
N VAL D 961 -24.46 5.46 85.19
CA VAL D 961 -25.42 6.11 84.29
C VAL D 961 -26.31 5.01 83.73
N CYS D 962 -27.62 5.31 83.61
CA CYS D 962 -28.64 4.40 83.07
C CYS D 962 -28.71 3.11 83.91
N ALA D 963 -29.25 3.29 85.12
CA ALA D 963 -29.26 2.28 86.18
C ALA D 963 -30.01 0.99 85.89
N ASP D 964 -30.66 0.87 84.72
CA ASP D 964 -31.45 -0.32 84.43
C ASP D 964 -30.58 -1.55 84.16
N GLY D 965 -29.42 -1.38 83.53
CA GLY D 965 -28.59 -2.51 83.18
C GLY D 965 -27.87 -3.17 84.35
N THR D 966 -28.26 -4.39 84.68
CA THR D 966 -27.71 -5.11 85.82
C THR D 966 -26.62 -6.05 85.34
N ARG D 967 -26.09 -6.86 86.25
CA ARG D 967 -25.27 -7.99 85.86
C ARG D 967 -26.14 -9.09 85.26
N GLN D 968 -27.39 -9.19 85.70
CA GLN D 968 -28.32 -10.20 85.22
C GLN D 968 -29.05 -9.76 83.95
N ARG D 969 -29.39 -8.48 83.84
CA ARG D 969 -29.98 -7.95 82.62
C ARG D 969 -28.96 -7.81 81.50
N LEU D 970 -27.66 -7.93 81.82
CA LEU D 970 -26.61 -8.02 80.82
C LEU D 970 -26.85 -9.16 79.84
N ASP D 971 -27.34 -10.30 80.33
CA ASP D 971 -27.65 -11.42 79.45
C ASP D 971 -29.11 -11.37 78.98
N GLN D 972 -29.56 -10.22 78.49
CA GLN D 972 -30.88 -10.12 77.89
C GLN D 972 -30.86 -9.63 76.45
N ASP D 973 -30.21 -8.51 76.18
CA ASP D 973 -30.37 -7.84 74.90
C ASP D 973 -29.15 -6.98 74.64
N LEU D 974 -29.01 -6.53 73.39
CA LEU D 974 -27.94 -5.61 73.01
C LEU D 974 -28.00 -4.31 73.80
N LEU D 975 -29.20 -3.80 74.06
CA LEU D 975 -29.35 -2.49 74.67
C LEU D 975 -28.89 -2.49 76.11
N SER D 976 -29.26 -3.52 76.89
CA SER D 976 -28.80 -3.59 78.26
C SER D 976 -27.32 -3.90 78.35
N CYS D 977 -26.77 -4.62 77.38
CA CYS D 977 -25.34 -4.85 77.34
C CYS D 977 -24.59 -3.56 77.04
N LEU D 978 -25.17 -2.71 76.19
CA LEU D 978 -24.57 -1.42 75.90
C LEU D 978 -24.61 -0.51 77.11
N LYS D 979 -25.72 -0.51 77.84
CA LYS D 979 -25.81 0.30 79.05
C LYS D 979 -24.87 -0.21 80.14
N TYR D 980 -24.71 -1.53 80.24
CA TYR D 980 -23.84 -2.10 81.26
C TYR D 980 -22.38 -1.81 80.97
N PHE D 981 -21.98 -1.83 79.71
CA PHE D 981 -20.62 -1.44 79.37
C PHE D 981 -20.49 0.04 79.06
N ILE D 982 -21.50 0.84 79.38
CA ILE D 982 -21.30 2.27 79.63
C ILE D 982 -20.95 2.52 81.09
N ASN D 983 -21.75 2.00 82.02
CA ASN D 983 -21.56 2.40 83.41
C ASN D 983 -20.61 1.50 84.20
N PHE D 984 -20.19 0.36 83.65
CA PHE D 984 -19.23 -0.49 84.36
C PHE D 984 -18.18 -1.03 83.41
N PHE D 985 -17.69 -0.21 82.49
CA PHE D 985 -16.66 -0.68 81.58
C PHE D 985 -15.29 -0.64 82.24
N PHE D 986 -14.93 0.48 82.86
CA PHE D 986 -13.67 0.56 83.59
C PHE D 986 -13.72 -0.25 84.88
N TYR D 987 -14.91 -0.56 85.36
CA TYR D 987 -15.07 -1.47 86.48
C TYR D 987 -14.56 -2.86 86.14
N LYS D 988 -14.90 -3.36 84.96
CA LYS D 988 -14.51 -4.71 84.57
C LYS D 988 -13.11 -4.76 83.99
N PHE D 989 -12.77 -3.80 83.13
CA PHE D 989 -11.56 -3.84 82.31
C PHE D 989 -10.60 -2.73 82.71
N GLY D 990 -10.41 -2.52 84.00
CA GLY D 990 -9.57 -1.44 84.47
C GLY D 990 -8.09 -1.73 84.37
N LEU D 991 -7.67 -2.90 84.88
CA LEU D 991 -6.25 -3.25 84.88
C LEU D 991 -5.69 -3.41 83.48
N GLU D 992 -6.51 -3.88 82.53
CA GLU D 992 -6.08 -3.99 81.14
C GLU D 992 -5.81 -2.61 80.55
N ILE D 993 -6.68 -1.63 80.84
CA ILE D 993 -6.48 -0.27 80.34
C ILE D 993 -5.27 0.38 81.01
N CYS D 994 -5.05 0.08 82.30
CA CYS D 994 -3.89 0.63 83.00
C CYS D 994 -2.59 0.07 82.45
N PHE D 995 -2.59 -1.22 82.08
CA PHE D 995 -1.41 -1.81 81.47
C PHE D 995 -1.16 -1.24 80.08
N LEU D 996 -2.24 -0.97 79.33
CA LEU D 996 -2.11 -0.36 78.01
C LEU D 996 -1.58 1.06 78.08
N MET D 997 -2.02 1.84 79.07
CA MET D 997 -1.54 3.20 79.17
C MET D 997 -0.11 3.25 79.67
N ALA D 998 0.33 2.22 80.41
CA ALA D 998 1.75 2.09 80.70
C ALA D 998 2.55 1.87 79.43
N VAL D 999 2.03 1.04 78.52
CA VAL D 999 2.65 0.86 77.21
C VAL D 999 2.57 2.15 76.39
N ASN D 1000 1.54 2.97 76.63
CA ASN D 1000 1.42 4.25 75.94
C ASN D 1000 2.52 5.21 76.37
N VAL D 1001 2.86 5.22 77.67
CA VAL D 1001 3.97 6.03 78.16
C VAL D 1001 5.28 5.58 77.55
N ILE D 1002 5.48 4.25 77.47
CA ILE D 1002 6.63 3.70 76.77
C ILE D 1002 6.56 3.99 75.27
N GLY D 1003 5.35 4.21 74.74
CA GLY D 1003 5.21 4.43 73.32
C GLY D 1003 5.70 5.79 72.87
N GLN D 1004 5.26 6.85 73.53
CA GLN D 1004 5.71 8.18 73.10
C GLN D 1004 7.04 8.59 73.69
N ARG D 1005 7.42 8.10 74.86
CA ARG D 1005 8.64 8.65 75.48
C ARG D 1005 9.89 7.95 75.00
N MET D 1006 10.03 6.66 75.32
CA MET D 1006 11.24 5.86 75.11
C MET D 1006 12.49 6.53 75.67
N ASN D 1007 12.41 6.96 76.93
CA ASN D 1007 13.52 7.62 77.60
C ASN D 1007 14.05 6.73 78.73
N PHE D 1008 15.05 7.26 79.44
CA PHE D 1008 15.67 6.50 80.52
C PHE D 1008 14.75 6.41 81.74
N MET D 1009 13.92 7.41 81.97
CA MET D 1009 13.05 7.37 83.15
C MET D 1009 11.79 6.55 82.92
N VAL D 1010 11.49 6.18 81.67
CA VAL D 1010 10.35 5.32 81.38
C VAL D 1010 10.77 3.85 81.41
N ILE D 1011 12.07 3.58 81.46
CA ILE D 1011 12.60 2.26 81.83
C ILE D 1011 12.08 1.86 83.21
N LEU D 1012 11.93 2.85 84.11
CA LEU D 1012 11.28 2.61 85.39
C LEU D 1012 9.85 2.13 85.21
N HIS D 1013 9.13 2.68 84.23
CA HIS D 1013 7.74 2.26 84.02
C HIS D 1013 7.67 0.84 83.49
N GLY D 1014 8.61 0.46 82.62
CA GLY D 1014 8.63 -0.91 82.14
C GLY D 1014 9.02 -1.91 83.22
N CYS D 1015 9.98 -1.53 84.07
CA CYS D 1015 10.45 -2.43 85.12
C CYS D 1015 9.40 -2.62 86.20
N TRP D 1016 8.71 -1.55 86.60
CA TRP D 1016 7.63 -1.73 87.56
C TRP D 1016 6.40 -2.38 86.93
N LEU D 1017 6.26 -2.31 85.59
CA LEU D 1017 5.20 -3.04 84.92
C LEU D 1017 5.41 -4.54 85.00
N VAL D 1018 6.65 -5.00 84.80
CA VAL D 1018 6.97 -6.41 85.00
C VAL D 1018 6.81 -6.79 86.46
N ALA D 1019 7.13 -5.87 87.38
CA ALA D 1019 6.92 -6.09 88.80
C ALA D 1019 5.45 -6.22 89.16
N ILE D 1020 4.54 -5.71 88.32
CA ILE D 1020 3.12 -5.99 88.47
C ILE D 1020 2.73 -7.28 87.76
N LEU D 1021 3.17 -7.45 86.51
CA LEU D 1021 2.68 -8.52 85.67
C LEU D 1021 3.23 -9.91 86.03
N THR D 1022 4.35 -9.98 86.74
CA THR D 1022 4.77 -11.29 87.25
C THR D 1022 3.83 -11.79 88.33
N ARG D 1023 3.29 -10.87 89.13
CA ARG D 1023 2.21 -11.22 90.06
C ARG D 1023 0.94 -11.41 89.23
N ARG D 1024 0.62 -12.68 88.97
CA ARG D 1024 -0.40 -13.01 87.98
C ARG D 1024 -1.81 -12.72 88.46
N ARG D 1025 -2.14 -13.08 89.70
CA ARG D 1025 -3.49 -12.93 90.19
C ARG D 1025 -3.78 -11.47 90.55
N ARG D 1026 -5.04 -11.20 90.85
CA ARG D 1026 -5.44 -9.84 91.20
C ARG D 1026 -5.02 -9.48 92.63
N GLU D 1027 -5.10 -10.44 93.54
CA GLU D 1027 -4.76 -10.17 94.94
C GLU D 1027 -3.27 -9.93 95.10
N ALA D 1028 -2.45 -10.64 94.33
CA ALA D 1028 -1.01 -10.41 94.36
C ALA D 1028 -0.63 -9.05 93.77
N ILE D 1029 -1.47 -8.49 92.92
CA ILE D 1029 -1.27 -7.11 92.49
C ILE D 1029 -1.75 -6.14 93.56
N ALA D 1030 -2.92 -6.43 94.15
CA ALA D 1030 -3.54 -5.55 95.13
C ALA D 1030 -2.73 -5.41 96.42
N ARG D 1031 -1.87 -6.37 96.72
CA ARG D 1031 -0.98 -6.26 97.87
C ARG D 1031 0.13 -5.23 97.67
N LEU D 1032 0.33 -4.76 96.44
CA LEU D 1032 1.41 -3.82 96.15
C LEU D 1032 0.97 -2.65 95.27
N TRP D 1033 -0.28 -2.63 94.84
CA TRP D 1033 -0.80 -1.59 93.95
C TRP D 1033 -0.90 -0.19 94.57
N PRO D 1034 -1.33 0.02 95.83
CA PRO D 1034 -1.28 1.40 96.37
C PRO D 1034 0.14 1.91 96.56
N ASN D 1035 1.09 1.03 96.89
CA ASN D 1035 2.48 1.45 97.01
C ASN D 1035 3.01 1.92 95.66
N TYR D 1036 2.64 1.21 94.59
CA TYR D 1036 3.09 1.61 93.26
C TYR D 1036 2.41 2.88 92.78
N CYS D 1037 1.13 3.07 93.10
CA CYS D 1037 0.46 4.31 92.69
C CYS D 1037 1.02 5.53 93.44
N LEU D 1038 1.38 5.36 94.71
CA LEU D 1038 2.00 6.46 95.44
C LEU D 1038 3.41 6.73 94.93
N PHE D 1039 4.13 5.68 94.53
CA PHE D 1039 5.40 5.88 93.86
C PHE D 1039 5.21 6.52 92.49
N LEU D 1040 4.06 6.27 91.86
CA LEU D 1040 3.83 6.80 90.52
C LEU D 1040 3.59 8.30 90.57
N THR D 1041 2.76 8.76 91.51
CA THR D 1041 2.53 10.19 91.63
C THR D 1041 3.75 10.92 92.19
N LEU D 1042 4.56 10.24 93.02
CA LEU D 1042 5.85 10.81 93.39
C LEU D 1042 6.81 10.86 92.21
N PHE D 1043 6.69 9.91 91.28
CA PHE D 1043 7.54 9.92 90.09
C PHE D 1043 7.12 11.03 89.13
N LEU D 1044 5.81 11.29 89.04
CA LEU D 1044 5.35 12.39 88.21
C LEU D 1044 5.75 13.74 88.79
N LEU D 1045 5.68 13.89 90.11
CA LEU D 1045 6.12 15.13 90.73
C LEU D 1045 7.63 15.28 90.66
N TYR D 1046 8.37 14.18 90.73
CA TYR D 1046 9.81 14.22 90.49
C TYR D 1046 10.10 14.63 89.06
N GLN D 1047 9.29 14.15 88.12
CA GLN D 1047 9.50 14.45 86.71
C GLN D 1047 9.24 15.92 86.41
N TYR D 1048 8.27 16.52 87.10
CA TYR D 1048 7.98 17.93 86.90
C TYR D 1048 8.87 18.85 87.72
N LEU D 1049 9.41 18.36 88.85
CA LEU D 1049 10.48 19.10 89.52
C LEU D 1049 11.71 19.16 88.65
N LEU D 1050 12.00 18.09 87.91
CA LEU D 1050 12.98 18.19 86.85
C LEU D 1050 12.39 19.00 85.69
N CYS D 1051 13.29 19.42 84.78
CA CYS D 1051 13.25 20.58 83.87
C CYS D 1051 13.46 21.89 84.59
N LEU D 1052 13.78 21.88 85.89
CA LEU D 1052 14.08 23.11 86.60
C LEU D 1052 15.52 23.15 87.09
N GLY D 1053 15.92 22.21 87.95
CA GLY D 1053 17.26 22.20 88.52
C GLY D 1053 17.56 23.44 89.33
N MET D 1054 18.41 24.29 88.77
CA MET D 1054 18.69 25.64 89.22
C MET D 1054 18.07 26.64 88.25
N PRO D 1055 17.64 27.82 88.74
CA PRO D 1055 16.93 28.74 87.86
C PRO D 1055 17.85 29.34 86.82
N PRO D 1056 17.34 29.70 85.64
CA PRO D 1056 18.18 30.33 84.62
C PRO D 1056 18.55 31.77 84.92
N ALA D 1057 17.87 32.41 85.88
CA ALA D 1057 18.27 33.74 86.32
C ALA D 1057 19.65 33.72 86.94
N LEU D 1058 19.94 32.68 87.72
CA LEU D 1058 21.30 32.41 88.15
C LEU D 1058 22.10 31.91 86.95
N CYS D 1059 23.21 32.57 86.65
CA CYS D 1059 24.07 32.15 85.54
C CYS D 1059 24.92 30.93 85.88
N ILE D 1060 24.82 30.39 87.09
CA ILE D 1060 25.44 29.12 87.41
C ILE D 1060 24.79 28.03 86.57
N ASP D 1061 25.60 27.07 86.12
CA ASP D 1061 25.19 26.20 85.04
C ASP D 1061 25.01 24.78 85.56
N TYR D 1062 24.41 23.93 84.72
CA TYR D 1062 24.27 22.53 85.06
C TYR D 1062 25.63 21.84 84.96
N PRO D 1063 25.93 20.89 85.87
CA PRO D 1063 27.25 20.24 85.88
C PRO D 1063 27.41 19.13 84.84
N TRP D 1064 27.13 19.46 83.57
CA TRP D 1064 27.37 18.52 82.49
C TRP D 1064 28.08 19.18 81.31
N ARG D 1065 28.66 20.36 81.51
CA ARG D 1065 29.75 20.81 80.67
C ARG D 1065 31.10 20.32 81.17
N TRP D 1066 31.17 19.82 82.40
CA TRP D 1066 32.38 19.17 82.91
C TRP D 1066 32.58 17.79 82.29
N SER D 1067 31.50 17.18 81.81
CA SER D 1067 31.45 16.05 80.87
C SER D 1067 31.88 14.70 81.44
N LYS D 1068 32.37 14.67 82.70
CA LYS D 1068 32.86 13.46 83.39
C LYS D 1068 33.96 12.76 82.56
N ALA D 1069 34.78 13.58 81.88
CA ALA D 1069 35.93 13.20 81.06
C ALA D 1069 35.59 12.31 79.85
N ILE D 1070 34.32 11.99 79.65
CA ILE D 1070 33.82 11.28 78.47
C ILE D 1070 32.60 12.07 78.01
N PRO D 1071 32.76 13.06 77.12
CA PRO D 1071 31.64 13.95 76.79
C PRO D 1071 30.60 13.25 75.94
N MET D 1072 29.33 13.43 76.32
CA MET D 1072 28.21 12.90 75.56
C MET D 1072 27.62 14.01 74.70
N ASN D 1073 26.91 13.59 73.66
CA ASN D 1073 26.39 14.53 72.68
C ASN D 1073 25.08 15.13 73.16
N SER D 1074 24.39 15.84 72.28
CA SER D 1074 23.16 16.53 72.62
C SER D 1074 21.95 15.61 72.67
N ALA D 1075 22.11 14.32 72.38
CA ALA D 1075 20.99 13.39 72.40
C ALA D 1075 21.01 12.42 73.57
N LEU D 1076 22.18 12.11 74.13
CA LEU D 1076 22.21 11.28 75.33
C LEU D 1076 21.73 12.07 76.54
N ILE D 1077 21.94 13.39 76.53
CA ILE D 1077 21.29 14.27 77.50
C ILE D 1077 19.82 14.51 77.18
N LYS D 1078 19.34 14.04 76.03
CA LYS D 1078 17.93 14.02 75.71
C LYS D 1078 17.31 12.65 75.92
N TRP D 1079 18.02 11.56 75.59
CA TRP D 1079 17.50 10.23 75.85
C TRP D 1079 17.43 9.95 77.34
N LEU D 1080 18.52 10.17 78.06
CA LEU D 1080 18.39 10.36 79.49
C LEU D 1080 17.75 11.71 79.72
N TYR D 1081 16.87 11.78 80.72
CA TYR D 1081 16.11 13.00 80.95
C TYR D 1081 16.97 13.96 81.77
N LEU D 1082 17.87 14.65 81.07
CA LEU D 1082 18.68 15.64 81.78
C LEU D 1082 18.03 17.00 81.69
N PRO D 1083 17.82 17.69 82.82
CA PRO D 1083 17.35 19.08 82.75
C PRO D 1083 18.46 19.99 82.30
N ASP D 1084 18.41 20.41 81.04
CA ASP D 1084 19.44 21.26 80.47
C ASP D 1084 18.78 22.48 79.85
N PHE D 1085 19.60 23.27 79.16
CA PHE D 1085 19.16 24.54 78.59
C PHE D 1085 19.36 24.62 77.09
N PHE D 1086 20.14 23.72 76.49
CA PHE D 1086 20.33 23.69 75.05
C PHE D 1086 19.31 22.77 74.39
N ARG D 1087 19.32 21.49 74.75
CA ARG D 1087 18.28 20.55 74.36
C ARG D 1087 17.32 20.48 75.54
N ALA D 1088 16.32 21.35 75.52
CA ALA D 1088 15.33 21.42 76.58
C ALA D 1088 14.51 20.15 76.60
N PRO D 1089 14.50 19.39 77.70
CA PRO D 1089 13.79 18.10 77.71
C PRO D 1089 12.29 18.30 77.69
N ASN D 1090 11.63 17.53 76.82
CA ASN D 1090 10.23 17.77 76.51
C ASN D 1090 9.34 17.32 77.66
N SER D 1091 8.39 18.16 78.02
CA SER D 1091 7.40 17.85 79.04
C SER D 1091 5.99 17.75 78.46
N THR D 1092 5.82 18.07 77.18
CA THR D 1092 4.51 17.91 76.54
C THR D 1092 4.19 16.44 76.26
N ASN D 1093 5.17 15.55 76.32
CA ASN D 1093 4.95 14.13 76.17
C ASN D 1093 4.69 13.43 77.50
N LEU D 1094 4.61 14.20 78.58
CA LEU D 1094 4.36 13.68 79.92
C LEU D 1094 2.87 13.57 80.23
N ILE D 1095 2.01 14.07 79.35
CA ILE D 1095 0.57 14.04 79.56
C ILE D 1095 0.04 12.61 79.44
N SER D 1096 0.75 11.74 78.71
CA SER D 1096 0.43 10.33 78.71
C SER D 1096 0.72 9.70 80.06
N ASP D 1097 1.78 10.15 80.74
CA ASP D 1097 2.06 9.66 82.08
C ASP D 1097 1.04 10.16 83.09
N PHE D 1098 0.52 11.38 82.89
CA PHE D 1098 -0.54 11.85 83.75
C PHE D 1098 -1.84 11.08 83.50
N LEU D 1099 -2.09 10.67 82.25
CA LEU D 1099 -3.20 9.77 81.94
C LEU D 1099 -3.04 8.44 82.67
N LEU D 1100 -1.81 7.93 82.72
CA LEU D 1100 -1.55 6.66 83.40
C LEU D 1100 -1.72 6.80 84.91
N LEU D 1101 -1.39 7.98 85.46
CA LEU D 1101 -1.66 8.25 86.87
C LEU D 1101 -3.17 8.32 87.13
N LEU D 1102 -3.91 8.88 86.16
CA LEU D 1102 -5.36 8.97 86.29
C LEU D 1102 -6.00 7.59 86.28
N CYS D 1103 -5.54 6.70 85.39
CA CYS D 1103 -6.13 5.38 85.27
C CYS D 1103 -5.84 4.52 86.50
N ALA D 1104 -4.63 4.61 87.05
CA ALA D 1104 -4.34 3.88 88.27
C ALA D 1104 -5.06 4.49 89.48
N SER D 1105 -5.37 5.79 89.42
CA SER D 1105 -6.10 6.44 90.50
C SER D 1105 -7.50 5.88 90.65
N GLN D 1106 -8.26 5.80 89.56
CA GLN D 1106 -9.56 5.15 89.68
C GLN D 1106 -9.46 3.63 89.76
N GLN D 1107 -8.31 3.04 89.44
CA GLN D 1107 -8.10 1.63 89.71
C GLN D 1107 -8.06 1.33 91.20
N TRP D 1108 -7.72 2.31 92.05
CA TRP D 1108 -7.88 2.13 93.49
C TRP D 1108 -9.33 1.86 93.89
N GLN D 1109 -10.27 2.58 93.28
CA GLN D 1109 -11.67 2.32 93.58
C GLN D 1109 -12.13 0.98 93.02
N VAL D 1110 -11.57 0.58 91.88
CA VAL D 1110 -11.88 -0.73 91.33
C VAL D 1110 -11.31 -1.83 92.24
N PHE D 1111 -10.16 -1.60 92.85
CA PHE D 1111 -9.67 -2.53 93.86
C PHE D 1111 -10.45 -2.46 95.16
N SER D 1112 -11.10 -1.33 95.45
CA SER D 1112 -11.92 -1.26 96.64
C SER D 1112 -13.25 -1.98 96.46
N ALA D 1113 -13.63 -2.27 95.22
CA ALA D 1113 -14.84 -3.04 94.95
C ALA D 1113 -14.75 -4.47 95.48
N GLU D 1114 -13.54 -5.05 95.49
CA GLU D 1114 -13.35 -6.36 96.08
C GLU D 1114 -13.55 -6.32 97.60
N ARG D 1115 -13.22 -5.19 98.22
CA ARG D 1115 -13.46 -5.03 99.64
C ARG D 1115 -14.94 -4.81 99.95
N THR D 1116 -15.61 -3.97 99.17
CA THR D 1116 -16.95 -3.50 99.50
C THR D 1116 -18.01 -4.41 98.91
N GLU D 1117 -18.89 -4.90 99.77
CA GLU D 1117 -20.13 -5.56 99.38
C GLU D 1117 -21.18 -4.55 98.88
N GLU D 1118 -20.90 -3.26 99.03
CA GLU D 1118 -21.91 -2.21 98.87
C GLU D 1118 -22.41 -2.11 97.44
N TRP D 1119 -21.59 -2.43 96.45
CA TRP D 1119 -22.06 -2.47 95.07
C TRP D 1119 -21.70 -3.79 94.40
N GLN D 1120 -21.83 -4.90 95.12
CA GLN D 1120 -21.67 -6.21 94.50
C GLN D 1120 -22.98 -6.75 93.94
N ARG D 1121 -24.09 -6.06 94.14
CA ARG D 1121 -25.35 -6.47 93.52
C ARG D 1121 -25.35 -6.14 92.04
N MET D 1122 -25.21 -4.86 91.72
CA MET D 1122 -25.02 -4.41 90.35
C MET D 1122 -23.53 -4.56 90.03
N ALA D 1123 -23.21 -5.32 88.97
CA ALA D 1123 -21.84 -5.58 88.52
C ALA D 1123 -21.01 -6.24 89.62
N GLY D 1124 -21.30 -7.51 89.84
CA GLY D 1124 -20.74 -8.29 90.95
C GLY D 1124 -19.26 -8.61 90.91
N ILE D 1125 -18.89 -9.74 91.52
CA ILE D 1125 -17.48 -10.07 91.76
C ILE D 1125 -16.72 -10.26 90.45
N ASN D 1126 -15.42 -9.99 90.48
CA ASN D 1126 -14.55 -10.16 89.33
C ASN D 1126 -13.31 -10.93 89.72
N THR D 1127 -13.47 -11.95 90.54
CA THR D 1127 -12.33 -12.76 90.92
C THR D 1127 -11.91 -13.67 89.77
N ASP D 1128 -10.61 -13.91 89.67
CA ASP D 1128 -10.04 -14.72 88.60
C ASP D 1128 -9.89 -16.19 89.01
N HIS D 1129 -10.98 -16.78 89.50
CA HIS D 1129 -10.98 -18.17 89.92
C HIS D 1129 -12.26 -18.82 89.42
N LEU D 1130 -12.12 -19.79 88.52
CA LEU D 1130 -13.26 -20.49 87.95
C LEU D 1130 -13.61 -21.67 88.86
N GLU D 1131 -14.46 -22.58 88.36
CA GLU D 1131 -15.05 -23.64 89.18
C GLU D 1131 -14.74 -25.01 88.60
N PRO D 1132 -13.60 -25.62 88.95
CA PRO D 1132 -13.38 -27.02 88.63
C PRO D 1132 -14.03 -27.93 89.66
N LEU D 1133 -14.01 -29.23 89.35
CA LEU D 1133 -14.52 -30.31 90.22
C LEU D 1133 -15.99 -30.09 90.57
N ARG D 1134 -16.77 -29.61 89.61
CA ARG D 1134 -18.10 -29.09 89.84
C ARG D 1134 -19.15 -29.94 89.13
N GLY D 1135 -20.26 -30.18 89.82
CA GLY D 1135 -21.41 -30.82 89.21
C GLY D 1135 -21.98 -29.98 88.10
N GLU D 1136 -22.54 -28.82 88.44
CA GLU D 1136 -22.85 -27.83 87.41
C GLU D 1136 -22.60 -26.42 87.96
N PRO D 1137 -21.74 -25.64 87.32
CA PRO D 1137 -21.53 -24.26 87.78
C PRO D 1137 -22.74 -23.37 87.50
N ASN D 1138 -23.17 -23.32 86.23
CA ASN D 1138 -24.27 -22.59 85.62
C ASN D 1138 -24.60 -21.22 86.21
N PRO D 1139 -23.72 -20.21 86.15
CA PRO D 1139 -24.17 -18.86 86.51
C PRO D 1139 -24.89 -18.16 85.37
N ILE D 1140 -24.71 -18.64 84.15
CA ILE D 1140 -25.34 -18.10 82.95
C ILE D 1140 -25.93 -19.30 82.22
N PRO D 1141 -27.11 -19.19 81.60
CA PRO D 1141 -27.62 -20.29 80.76
C PRO D 1141 -26.75 -20.51 79.52
N ASN D 1142 -26.99 -21.66 78.88
CA ASN D 1142 -26.18 -22.09 77.75
C ASN D 1142 -26.44 -21.18 76.56
N PHE D 1143 -25.38 -20.55 76.05
CA PHE D 1143 -25.51 -19.46 75.09
C PHE D 1143 -24.96 -19.80 73.72
N ILE D 1144 -24.51 -21.05 73.50
CA ILE D 1144 -23.79 -21.42 72.27
C ILE D 1144 -24.66 -21.23 71.04
N HIS D 1145 -25.96 -21.48 71.16
CA HIS D 1145 -26.90 -21.27 70.10
C HIS D 1145 -27.61 -19.94 70.31
N CYS D 1146 -27.85 -19.22 69.23
CA CYS D 1146 -28.02 -17.77 69.32
C CYS D 1146 -29.36 -17.34 69.91
N ARG D 1147 -30.45 -17.61 69.18
CA ARG D 1147 -31.84 -17.20 69.45
C ARG D 1147 -32.00 -15.76 69.93
N SER D 1148 -31.12 -14.86 69.49
CA SER D 1148 -31.04 -13.47 69.93
C SER D 1148 -30.13 -12.73 68.95
N TYR D 1149 -29.79 -11.49 69.30
CA TYR D 1149 -28.78 -10.72 68.60
C TYR D 1149 -27.54 -10.48 69.45
N LEU D 1150 -27.72 -10.27 70.76
CA LEU D 1150 -26.58 -10.14 71.66
C LEU D 1150 -25.89 -11.47 71.86
N ASP D 1151 -26.63 -12.58 71.75
CA ASP D 1151 -26.00 -13.88 71.92
C ASP D 1151 -25.22 -14.27 70.68
N MET D 1152 -25.62 -13.77 69.51
CA MET D 1152 -24.83 -13.98 68.30
C MET D 1152 -23.51 -13.22 68.38
N LEU D 1153 -23.54 -12.00 68.92
CA LEU D 1153 -22.29 -11.28 69.17
C LEU D 1153 -21.49 -11.94 70.29
N LYS D 1154 -22.17 -12.58 71.24
CA LYS D 1154 -21.49 -13.21 72.35
C LYS D 1154 -20.74 -14.46 71.92
N VAL D 1155 -21.33 -15.26 71.03
CA VAL D 1155 -20.59 -16.40 70.50
C VAL D 1155 -19.57 -15.98 69.47
N ALA D 1156 -19.76 -14.82 68.82
CA ALA D 1156 -18.74 -14.28 67.93
C ALA D 1156 -17.46 -13.95 68.71
N VAL D 1157 -17.61 -13.21 69.81
CA VAL D 1157 -16.46 -12.90 70.66
C VAL D 1157 -15.90 -14.15 71.29
N PHE D 1158 -16.70 -14.81 72.13
CA PHE D 1158 -16.20 -15.88 73.00
C PHE D 1158 -15.95 -17.20 72.29
N ARG D 1159 -16.14 -17.29 70.98
CA ARG D 1159 -15.67 -18.49 70.31
C ARG D 1159 -14.79 -18.18 69.11
N TYR D 1160 -15.09 -17.13 68.35
CA TYR D 1160 -14.36 -16.87 67.13
C TYR D 1160 -13.32 -15.77 67.27
N LEU D 1161 -13.36 -14.96 68.33
CA LEU D 1161 -12.34 -13.93 68.52
C LEU D 1161 -11.27 -14.45 69.49
N PHE D 1162 -10.68 -15.53 69.07
CA PHE D 1162 -9.43 -16.10 69.57
C PHE D 1162 -8.46 -16.33 68.44
N TRP D 1163 -8.95 -16.80 67.29
CA TRP D 1163 -8.12 -16.96 66.11
C TRP D 1163 -7.84 -15.62 65.47
N LEU D 1164 -8.73 -14.63 65.67
CA LEU D 1164 -8.46 -13.26 65.28
C LEU D 1164 -7.26 -12.70 66.01
N VAL D 1165 -7.06 -13.11 67.26
CA VAL D 1165 -5.89 -12.68 68.02
C VAL D 1165 -4.62 -13.22 67.38
N LEU D 1166 -4.66 -14.47 66.89
CA LEU D 1166 -3.49 -15.04 66.23
C LEU D 1166 -3.23 -14.40 64.88
N VAL D 1167 -4.29 -13.90 64.23
CA VAL D 1167 -4.11 -13.08 63.03
C VAL D 1167 -3.38 -11.78 63.38
N VAL D 1168 -3.75 -11.14 64.50
CA VAL D 1168 -3.10 -9.89 64.89
C VAL D 1168 -1.66 -10.14 65.33
N VAL D 1169 -1.38 -11.31 65.93
CA VAL D 1169 -0.02 -11.70 66.24
C VAL D 1169 0.79 -11.88 64.96
N PHE D 1170 0.17 -12.44 63.92
CA PHE D 1170 0.86 -12.60 62.65
C PHE D 1170 1.06 -11.27 61.93
N VAL D 1171 0.13 -10.33 62.09
CA VAL D 1171 0.28 -9.02 61.48
C VAL D 1171 1.39 -8.23 62.16
N ALA D 1172 1.46 -8.29 63.49
CA ALA D 1172 2.54 -7.61 64.22
C ALA D 1172 3.90 -8.22 63.93
N GLY D 1173 3.94 -9.52 63.63
CA GLY D 1173 5.16 -10.10 63.14
C GLY D 1173 5.49 -9.62 61.74
N ALA D 1174 4.48 -9.51 60.87
CA ALA D 1174 4.74 -9.27 59.46
C ALA D 1174 5.06 -7.81 59.15
N THR D 1175 4.17 -6.89 59.52
CA THR D 1175 4.27 -5.53 59.01
C THR D 1175 5.37 -4.71 59.68
N ARG D 1176 5.92 -5.17 60.81
CA ARG D 1176 7.12 -4.58 61.40
C ARG D 1176 8.11 -5.72 61.64
N ILE D 1177 9.28 -5.61 61.04
CA ILE D 1177 10.19 -6.75 60.88
C ILE D 1177 11.40 -6.58 61.80
N SER D 1178 11.59 -7.54 62.69
CA SER D 1178 12.72 -7.59 63.61
C SER D 1178 12.91 -9.04 64.04
N ILE D 1179 13.84 -9.26 64.97
CA ILE D 1179 13.98 -10.58 65.59
C ILE D 1179 12.76 -10.87 66.45
N PHE D 1180 12.27 -9.86 67.15
CA PHE D 1180 11.10 -10.05 67.99
C PHE D 1180 9.83 -10.23 67.16
N GLY D 1181 9.80 -9.66 65.96
CA GLY D 1181 8.74 -9.97 65.02
C GLY D 1181 8.80 -11.41 64.53
N LEU D 1182 10.01 -11.94 64.39
CA LEU D 1182 10.16 -13.37 64.07
C LEU D 1182 9.66 -14.23 65.22
N GLY D 1183 9.82 -13.75 66.45
CA GLY D 1183 9.23 -14.44 67.59
C GLY D 1183 7.72 -14.40 67.58
N TYR D 1184 7.13 -13.29 67.12
CA TYR D 1184 5.69 -13.24 66.93
C TYR D 1184 5.23 -14.24 65.88
N LEU D 1185 6.02 -14.41 64.81
CA LEU D 1185 5.65 -15.36 63.76
C LEU D 1185 5.70 -16.79 64.26
N LEU D 1186 6.74 -17.15 65.02
CA LEU D 1186 6.85 -18.51 65.51
C LEU D 1186 5.79 -18.81 66.56
N ALA D 1187 5.42 -17.80 67.37
CA ALA D 1187 4.34 -18.00 68.32
C ALA D 1187 3.00 -18.16 67.61
N CYS D 1188 2.81 -17.43 66.51
CA CYS D 1188 1.60 -17.58 65.72
C CYS D 1188 1.51 -18.96 65.08
N PHE D 1189 2.64 -19.48 64.59
CA PHE D 1189 2.64 -20.80 63.95
C PHE D 1189 2.39 -21.91 64.96
N TYR D 1190 2.99 -21.79 66.15
CA TYR D 1190 2.78 -22.78 67.20
C TYR D 1190 1.33 -22.79 67.69
N LEU D 1191 0.73 -21.61 67.82
CA LEU D 1191 -0.64 -21.57 68.30
C LEU D 1191 -1.64 -21.94 67.21
N LEU D 1192 -1.33 -21.68 65.94
CA LEU D 1192 -2.21 -22.15 64.88
C LEU D 1192 -2.16 -23.67 64.76
N LEU D 1193 -1.03 -24.29 65.07
CA LEU D 1193 -0.99 -25.76 65.10
C LEU D 1193 -1.77 -26.30 66.28
N PHE D 1194 -1.49 -25.78 67.48
CA PHE D 1194 -1.96 -26.39 68.72
C PHE D 1194 -3.13 -25.65 69.34
N GLY D 1195 -3.91 -24.90 68.55
CA GLY D 1195 -5.03 -24.18 69.11
C GLY D 1195 -6.19 -25.08 69.49
N THR D 1196 -6.42 -26.13 68.71
CA THR D 1196 -7.54 -27.03 68.97
C THR D 1196 -7.36 -27.83 70.25
N THR D 1197 -6.12 -28.03 70.68
CA THR D 1197 -5.86 -28.62 71.98
C THR D 1197 -5.57 -27.58 73.07
N LEU D 1198 -5.23 -26.35 72.70
CA LEU D 1198 -5.09 -25.29 73.70
C LEU D 1198 -6.45 -24.88 74.25
N LEU D 1199 -7.46 -24.83 73.38
CA LEU D 1199 -8.80 -24.47 73.84
C LEU D 1199 -9.45 -25.56 74.68
N GLN D 1200 -8.91 -26.78 74.64
CA GLN D 1200 -9.44 -27.90 75.40
C GLN D 1200 -8.65 -28.19 76.67
N LYS D 1201 -7.73 -27.31 77.03
CA LYS D 1201 -6.98 -27.48 78.27
C LYS D 1201 -7.80 -26.96 79.45
N ASP D 1202 -7.14 -26.84 80.60
CA ASP D 1202 -7.73 -26.25 81.79
C ASP D 1202 -6.89 -25.05 82.20
N THR D 1203 -7.52 -24.15 82.98
CA THR D 1203 -6.96 -22.84 83.29
C THR D 1203 -5.72 -22.87 84.18
N ARG D 1204 -5.29 -24.04 84.64
CA ARG D 1204 -4.02 -24.15 85.34
C ARG D 1204 -2.86 -24.41 84.40
N ALA D 1205 -3.11 -24.69 83.12
CA ALA D 1205 -2.04 -24.94 82.16
C ALA D 1205 -2.12 -24.04 80.93
N GLN D 1206 -3.32 -23.84 80.38
CA GLN D 1206 -3.47 -22.96 79.22
C GLN D 1206 -3.16 -21.52 79.57
N LEU D 1207 -3.41 -21.13 80.82
CA LEU D 1207 -3.11 -19.79 81.27
C LEU D 1207 -1.63 -19.62 81.55
N VAL D 1208 -0.91 -20.72 81.85
CA VAL D 1208 0.54 -20.65 81.99
C VAL D 1208 1.20 -20.43 80.64
N LEU D 1209 0.74 -21.14 79.60
CA LEU D 1209 1.23 -20.91 78.25
C LEU D 1209 0.85 -19.51 77.77
N TRP D 1210 -0.35 -19.05 78.14
CA TRP D 1210 -0.79 -17.73 77.71
C TRP D 1210 -0.01 -16.62 78.41
N ASP D 1211 0.35 -16.83 79.68
CA ASP D 1211 1.18 -15.87 80.39
C ASP D 1211 2.59 -15.82 79.83
N CYS D 1212 3.10 -16.94 79.31
CA CYS D 1212 4.38 -16.90 78.60
C CYS D 1212 4.29 -16.03 77.36
N LEU D 1213 3.14 -16.06 76.69
CA LEU D 1213 2.96 -15.23 75.50
C LEU D 1213 2.85 -13.74 75.87
N ILE D 1214 2.13 -13.42 76.95
CA ILE D 1214 2.01 -12.04 77.39
C ILE D 1214 3.36 -11.51 77.86
N LEU D 1215 4.11 -12.34 78.59
CA LEU D 1215 5.45 -11.97 79.04
C LEU D 1215 6.39 -11.74 77.86
N TYR D 1216 6.20 -12.48 76.77
CA TYR D 1216 6.99 -12.23 75.58
C TYR D 1216 6.71 -10.86 75.00
N ASN D 1217 5.44 -10.47 74.93
CA ASN D 1217 5.10 -9.17 74.31
C ASN D 1217 5.60 -8.01 75.17
N VAL D 1218 5.55 -8.16 76.48
CA VAL D 1218 6.07 -7.13 77.37
C VAL D 1218 7.58 -6.99 77.23
N THR D 1219 8.27 -8.12 77.07
CA THR D 1219 9.71 -8.06 76.85
C THR D 1219 10.07 -7.51 75.47
N VAL D 1220 9.18 -7.65 74.49
CA VAL D 1220 9.38 -7.01 73.19
C VAL D 1220 9.36 -5.49 73.33
N ILE D 1221 8.38 -4.98 74.07
CA ILE D 1221 8.25 -3.54 74.29
C ILE D 1221 9.43 -3.00 75.09
N ILE D 1222 9.82 -3.71 76.14
CA ILE D 1222 10.88 -3.21 77.00
C ILE D 1222 12.25 -3.35 76.35
N SER D 1223 12.47 -4.41 75.56
CA SER D 1223 13.72 -4.49 74.81
C SER D 1223 13.78 -3.45 73.70
N LYS D 1224 12.62 -3.01 73.21
CA LYS D 1224 12.66 -1.91 72.26
C LYS D 1224 12.96 -0.59 72.97
N ASN D 1225 12.63 -0.49 74.26
CA ASN D 1225 13.13 0.65 75.03
C ASN D 1225 14.63 0.53 75.27
N MET D 1226 15.10 -0.71 75.56
CA MET D 1226 16.52 -0.99 75.75
C MET D 1226 17.33 -0.72 74.49
N LEU D 1227 16.70 -0.82 73.33
CA LEU D 1227 17.34 -0.53 72.06
C LEU D 1227 16.97 0.84 71.51
N SER D 1228 16.04 1.54 72.16
CA SER D 1228 15.90 2.97 71.98
C SER D 1228 16.97 3.74 72.75
N LEU D 1229 17.72 3.06 73.62
CA LEU D 1229 19.03 3.56 74.05
C LEU D 1229 19.92 3.93 72.87
N LEU D 1230 19.90 3.13 71.80
CA LEU D 1230 20.74 3.38 70.64
C LEU D 1230 20.16 4.42 69.69
N SER D 1231 19.11 5.14 70.09
CA SER D 1231 18.64 6.28 69.31
C SER D 1231 19.60 7.45 69.40
N CYS D 1232 20.24 7.65 70.55
CA CYS D 1232 21.20 8.73 70.70
C CYS D 1232 22.53 8.36 70.04
N VAL D 1233 23.15 7.26 70.49
CA VAL D 1233 24.34 6.76 69.83
C VAL D 1233 23.88 5.97 68.62
N PHE D 1234 23.77 6.65 67.48
CA PHE D 1234 23.24 6.04 66.27
C PHE D 1234 24.23 6.02 65.12
N VAL D 1235 24.80 7.19 64.76
CA VAL D 1235 25.72 7.24 63.63
C VAL D 1235 27.11 6.74 63.99
N GLU D 1236 27.40 6.53 65.28
CA GLU D 1236 28.65 5.89 65.65
C GLU D 1236 28.62 4.40 65.31
N GLN D 1237 27.50 3.74 65.59
CA GLN D 1237 27.34 2.32 65.28
C GLN D 1237 26.86 2.08 63.86
N MET D 1238 26.68 3.14 63.06
CA MET D 1238 26.06 2.96 61.74
C MET D 1238 27.06 2.43 60.73
N GLN D 1239 28.06 3.22 60.38
CA GLN D 1239 28.95 2.83 59.29
C GLN D 1239 30.04 1.86 59.73
N SER D 1240 30.21 1.65 61.04
CA SER D 1240 31.09 0.60 61.53
C SER D 1240 30.31 -0.70 61.54
N ASN D 1241 30.85 -1.72 60.87
CA ASN D 1241 30.17 -3.00 60.73
C ASN D 1241 30.16 -3.81 62.03
N PHE D 1242 29.10 -3.64 62.81
CA PHE D 1242 28.85 -4.47 63.99
C PHE D 1242 27.90 -5.61 63.61
N CYS D 1243 28.34 -6.39 62.61
CA CYS D 1243 27.51 -7.30 61.79
C CYS D 1243 26.24 -6.62 61.27
N TRP D 1244 26.33 -5.30 61.03
CA TRP D 1244 25.25 -4.42 60.61
C TRP D 1244 24.01 -4.58 61.50
N VAL D 1245 24.20 -4.17 62.76
CA VAL D 1245 23.26 -4.47 63.83
C VAL D 1245 22.01 -3.59 63.80
N ILE D 1246 21.99 -2.53 62.98
CA ILE D 1246 20.84 -1.63 62.96
C ILE D 1246 19.63 -2.32 62.34
N GLN D 1247 19.81 -2.93 61.19
CA GLN D 1247 18.68 -3.56 60.52
C GLN D 1247 18.38 -4.96 61.04
N LEU D 1248 19.07 -5.43 62.07
CA LEU D 1248 18.58 -6.58 62.82
C LEU D 1248 17.34 -6.19 63.62
N PHE D 1249 17.49 -5.26 64.55
CA PHE D 1249 16.44 -4.92 65.49
C PHE D 1249 15.60 -3.74 65.03
N SER D 1250 15.79 -3.28 63.79
CA SER D 1250 15.19 -2.07 63.22
C SER D 1250 15.44 -0.86 64.13
N LEU D 1251 16.73 -0.55 64.29
CA LEU D 1251 17.15 0.50 65.22
C LEU D 1251 16.84 1.87 64.66
N VAL D 1252 15.62 2.35 64.90
CA VAL D 1252 15.17 3.65 64.45
C VAL D 1252 14.24 4.22 65.51
N CYS D 1253 14.20 5.54 65.62
CA CYS D 1253 13.41 6.20 66.64
C CYS D 1253 12.12 6.77 66.05
N THR D 1254 11.21 7.16 66.95
CA THR D 1254 9.97 7.83 66.57
C THR D 1254 9.79 9.20 67.20
N VAL D 1255 10.57 9.54 68.23
CA VAL D 1255 10.36 10.77 68.99
C VAL D 1255 10.97 11.92 68.22
N LYS D 1256 10.30 13.09 68.27
CA LYS D 1256 10.65 14.22 67.42
C LYS D 1256 11.99 14.85 67.80
N GLY D 1257 12.25 15.00 69.09
CA GLY D 1257 13.43 15.72 69.55
C GLY D 1257 14.73 14.95 69.48
N TYR D 1258 15.04 14.41 68.31
CA TYR D 1258 16.22 13.57 68.10
C TYR D 1258 16.68 13.79 66.66
N TYR D 1259 17.43 12.81 66.13
CA TYR D 1259 18.10 12.88 64.82
C TYR D 1259 17.17 12.96 63.62
N ASP D 1260 15.84 13.03 63.81
CA ASP D 1260 14.82 13.26 62.78
C ASP D 1260 14.84 12.17 61.71
N PRO D 1261 14.33 10.97 62.01
CA PRO D 1261 14.36 9.88 61.03
C PRO D 1261 13.48 10.17 59.83
N LYS D 1262 13.76 9.42 58.75
CA LYS D 1262 13.29 9.62 57.36
C LYS D 1262 13.45 11.06 56.85
N GLU D 1263 14.38 11.83 57.42
CA GLU D 1263 14.98 12.99 56.77
C GLU D 1263 16.49 12.86 56.59
N MET D 1264 17.16 12.06 57.41
CA MET D 1264 18.52 11.62 57.12
C MET D 1264 18.54 10.32 56.33
N MET D 1265 17.44 9.99 55.65
CA MET D 1265 17.38 8.93 54.66
C MET D 1265 18.15 9.28 53.40
N THR D 1266 18.50 10.56 53.21
CA THR D 1266 19.17 11.02 51.99
C THR D 1266 20.57 10.44 51.87
N ARG D 1267 21.28 10.25 52.98
CA ARG D 1267 22.50 9.45 52.93
C ARG D 1267 22.12 7.99 52.71
N ASP D 1268 22.85 7.33 51.81
CA ASP D 1268 22.44 6.02 51.34
C ASP D 1268 23.47 4.91 51.51
N ARG D 1269 24.76 5.24 51.57
CA ARG D 1269 25.79 4.21 51.74
C ARG D 1269 25.69 3.66 53.16
N ASP D 1270 25.32 2.38 53.25
CA ASP D 1270 24.98 1.69 54.51
C ASP D 1270 23.88 2.45 55.26
N CYS D 1271 22.70 2.46 54.63
CA CYS D 1271 21.57 3.21 55.15
C CYS D 1271 20.58 2.31 55.87
N LEU D 1272 19.71 2.95 56.65
CA LEU D 1272 18.79 2.29 57.57
C LEU D 1272 17.44 2.03 56.90
N LEU D 1273 16.46 1.60 57.69
CA LEU D 1273 15.10 1.40 57.23
C LEU D 1273 14.13 2.22 58.09
N PRO D 1274 13.53 3.27 57.54
CA PRO D 1274 12.66 4.13 58.35
C PRO D 1274 11.21 3.67 58.41
N VAL D 1275 10.72 3.01 57.36
CA VAL D 1275 9.28 2.73 57.25
C VAL D 1275 8.84 1.65 58.21
N GLU D 1276 9.77 0.82 58.66
CA GLU D 1276 9.54 -0.05 59.82
C GLU D 1276 10.05 0.71 61.02
N GLU D 1277 9.13 1.37 61.73
CA GLU D 1277 9.47 2.23 62.86
C GLU D 1277 9.78 1.41 64.10
N ALA D 1278 9.73 2.07 65.27
CA ALA D 1278 9.90 1.38 66.54
C ALA D 1278 8.88 0.26 66.73
N GLY D 1279 7.71 0.36 66.12
CA GLY D 1279 6.81 -0.76 66.02
C GLY D 1279 6.06 -1.07 67.30
N ILE D 1280 5.97 -0.10 68.20
CA ILE D 1280 5.25 -0.32 69.46
C ILE D 1280 3.75 -0.24 69.26
N ILE D 1281 3.30 0.20 68.08
CA ILE D 1281 1.87 0.29 67.77
C ILE D 1281 1.25 -1.10 67.76
N TRP D 1282 1.77 -1.98 66.91
CA TRP D 1282 1.23 -3.33 66.82
C TRP D 1282 1.58 -4.18 68.03
N ASP D 1283 2.65 -3.84 68.75
CA ASP D 1283 2.94 -4.54 70.00
C ASP D 1283 1.90 -4.19 71.06
N SER D 1284 1.47 -2.93 71.10
CA SER D 1284 0.42 -2.53 72.04
C SER D 1284 -0.95 -3.06 71.62
N ILE D 1285 -1.20 -3.17 70.31
CA ILE D 1285 -2.45 -3.74 69.84
C ILE D 1285 -2.53 -5.23 70.18
N CYS D 1286 -1.44 -5.96 69.97
CA CYS D 1286 -1.38 -7.34 70.42
C CYS D 1286 -1.52 -7.46 71.92
N PHE D 1287 -0.95 -6.51 72.66
CA PHE D 1287 -1.03 -6.52 74.11
C PHE D 1287 -2.47 -6.34 74.58
N PHE D 1288 -3.25 -5.53 73.86
CA PHE D 1288 -4.68 -5.42 74.09
C PHE D 1288 -5.40 -6.74 73.89
N PHE D 1289 -5.10 -7.43 72.77
CA PHE D 1289 -5.79 -8.68 72.49
C PHE D 1289 -5.38 -9.81 73.43
N LEU D 1290 -4.13 -9.82 73.89
CA LEU D 1290 -3.68 -10.87 74.80
C LEU D 1290 -4.37 -10.76 76.14
N LEU D 1291 -4.45 -9.53 76.69
CA LEU D 1291 -5.11 -9.35 77.97
C LEU D 1291 -6.61 -9.54 77.87
N LEU D 1292 -7.19 -9.23 76.71
CA LEU D 1292 -8.62 -9.48 76.49
C LEU D 1292 -8.92 -10.97 76.47
N GLN D 1293 -8.03 -11.77 75.86
CA GLN D 1293 -8.21 -13.22 75.90
C GLN D 1293 -7.99 -13.80 77.29
N ARG D 1294 -7.10 -13.19 78.09
CA ARG D 1294 -6.95 -13.65 79.46
C ARG D 1294 -8.23 -13.45 80.25
N ARG D 1295 -8.92 -12.33 80.00
CA ARG D 1295 -10.27 -12.16 80.55
C ARG D 1295 -11.24 -13.21 80.00
N ILE D 1296 -11.05 -13.64 78.75
CA ILE D 1296 -11.96 -14.63 78.17
C ILE D 1296 -11.69 -16.02 78.74
N PHE D 1297 -10.43 -16.43 78.85
CA PHE D 1297 -10.10 -17.72 79.45
C PHE D 1297 -10.44 -17.77 80.94
N LEU D 1298 -10.54 -16.62 81.60
CA LEU D 1298 -10.99 -16.55 82.98
C LEU D 1298 -12.48 -16.26 83.10
N SER D 1299 -13.28 -16.68 82.14
CA SER D 1299 -14.71 -16.45 82.15
C SER D 1299 -15.48 -17.77 82.16
N HIS D 1300 -16.75 -17.68 82.56
CA HIS D 1300 -17.64 -18.82 82.49
C HIS D 1300 -18.17 -19.03 81.09
N TYR D 1301 -18.06 -18.03 80.23
CA TYR D 1301 -18.50 -18.17 78.85
C TYR D 1301 -17.60 -19.12 78.09
N PHE D 1302 -16.28 -19.02 78.31
CA PHE D 1302 -15.37 -20.03 77.79
C PHE D 1302 -15.56 -21.38 78.46
N LEU D 1303 -16.11 -21.42 79.69
CA LEU D 1303 -16.43 -22.69 80.30
C LEU D 1303 -17.61 -23.37 79.61
N HIS D 1304 -18.48 -22.61 78.95
CA HIS D 1304 -19.45 -23.23 78.06
C HIS D 1304 -18.84 -23.60 76.71
N VAL D 1305 -17.92 -22.77 76.20
CA VAL D 1305 -17.38 -22.98 74.86
C VAL D 1305 -16.44 -24.19 74.83
N SER D 1306 -15.58 -24.34 75.85
CA SER D 1306 -14.69 -25.49 75.88
C SER D 1306 -15.44 -26.79 76.15
N ALA D 1307 -16.53 -26.71 76.93
CA ALA D 1307 -17.40 -27.86 77.09
C ALA D 1307 -18.11 -28.21 75.78
N ASP D 1308 -18.37 -27.20 74.95
CA ASP D 1308 -18.91 -27.48 73.63
C ASP D 1308 -17.88 -28.09 72.69
N LEU D 1309 -16.61 -27.72 72.86
CA LEU D 1309 -15.56 -28.23 71.98
C LEU D 1309 -15.20 -29.67 72.28
N LYS D 1310 -15.27 -30.08 73.56
CA LYS D 1310 -14.93 -31.46 73.91
C LYS D 1310 -15.92 -32.46 73.35
N ALA D 1311 -17.18 -32.05 73.16
CA ALA D 1311 -18.16 -32.93 72.54
C ALA D 1311 -17.88 -33.15 71.07
N THR D 1312 -17.32 -32.14 70.39
CA THR D 1312 -16.88 -32.34 69.00
C THR D 1312 -15.67 -33.27 68.95
N ALA D 1313 -14.80 -33.18 69.96
CA ALA D 1313 -13.68 -34.12 70.06
C ALA D 1313 -14.16 -35.54 70.27
N LEU D 1314 -15.34 -35.72 70.84
CA LEU D 1314 -15.96 -37.05 70.89
C LEU D 1314 -16.66 -37.40 69.58
N GLN D 1315 -17.21 -36.41 68.87
CA GLN D 1315 -17.98 -36.65 67.66
C GLN D 1315 -17.15 -36.83 66.39
N ALA D 1316 -15.82 -36.86 66.50
CA ALA D 1316 -14.97 -37.10 65.33
C ALA D 1316 -15.27 -38.45 64.67
N SER D 1317 -15.48 -39.49 65.49
CA SER D 1317 -15.70 -40.83 64.94
C SER D 1317 -17.04 -40.93 64.23
N ARG D 1318 -18.09 -40.32 64.79
CA ARG D 1318 -19.39 -40.40 64.16
C ARG D 1318 -19.48 -39.47 62.96
N GLY D 1319 -18.69 -38.39 62.93
CA GLY D 1319 -18.62 -37.58 61.72
C GLY D 1319 -18.01 -38.33 60.56
N PHE D 1320 -16.96 -39.11 60.82
CA PHE D 1320 -16.44 -39.99 59.78
C PHE D 1320 -17.42 -41.11 59.44
N ALA D 1321 -18.25 -41.51 60.40
CA ALA D 1321 -19.28 -42.51 60.11
C ALA D 1321 -20.36 -41.93 59.19
N LEU D 1322 -20.70 -40.65 59.37
CA LEU D 1322 -21.69 -40.03 58.49
C LEU D 1322 -21.13 -39.82 57.09
N TYR D 1323 -19.83 -39.54 56.99
CA TYR D 1323 -19.19 -39.50 55.67
C TYR D 1323 -19.22 -40.86 55.00
N ASN D 1324 -19.02 -41.94 55.77
CA ASN D 1324 -19.09 -43.28 55.21
C ASN D 1324 -20.50 -43.62 54.74
N ALA D 1325 -21.51 -43.17 55.50
CA ALA D 1325 -22.90 -43.46 55.15
C ALA D 1325 -23.30 -42.76 53.85
N ALA D 1326 -22.96 -41.47 53.73
CA ALA D 1326 -23.31 -40.73 52.53
C ALA D 1326 -22.53 -41.22 51.31
N ASN D 1327 -21.28 -41.67 51.50
CA ASN D 1327 -20.50 -42.12 50.35
C ASN D 1327 -20.95 -43.49 49.86
N LEU D 1328 -21.33 -44.40 50.77
CA LEU D 1328 -21.90 -45.67 50.33
C LEU D 1328 -23.23 -45.48 49.63
N LYS D 1329 -24.05 -44.55 50.12
CA LYS D 1329 -25.34 -44.27 49.50
C LYS D 1329 -25.16 -43.63 48.12
N SER D 1330 -24.15 -42.79 47.96
CA SER D 1330 -23.93 -42.14 46.67
C SER D 1330 -23.37 -43.12 45.63
N ILE D 1331 -22.44 -43.98 46.04
CA ILE D 1331 -21.86 -44.92 45.09
C ILE D 1331 -22.89 -45.97 44.67
N ASN D 1332 -23.76 -46.39 45.60
CA ASN D 1332 -24.83 -47.29 45.21
C ASN D 1332 -25.89 -46.59 44.37
N PHE D 1333 -26.04 -45.27 44.54
CA PHE D 1333 -26.95 -44.51 43.70
C PHE D 1333 -26.45 -44.46 42.25
N HIS D 1334 -25.15 -44.22 42.06
CA HIS D 1334 -24.57 -44.30 40.73
C HIS D 1334 -24.59 -45.73 40.19
N ARG D 1335 -24.53 -46.72 41.07
CA ARG D 1335 -24.63 -48.12 40.65
C ARG D 1335 -26.01 -48.42 40.07
N GLN D 1336 -27.06 -47.90 40.71
CA GLN D 1336 -28.41 -48.09 40.19
C GLN D 1336 -28.60 -47.36 38.87
N ILE D 1337 -27.99 -46.17 38.73
CA ILE D 1337 -28.09 -45.43 37.48
C ILE D 1337 -27.40 -46.17 36.35
N GLU D 1338 -26.22 -46.75 36.60
CA GLU D 1338 -25.50 -47.47 35.55
C GLU D 1338 -26.21 -48.76 35.16
N GLU D 1339 -26.79 -49.46 36.14
CA GLU D 1339 -27.47 -50.72 35.81
C GLU D 1339 -28.75 -50.47 35.04
N LYS D 1340 -29.50 -49.43 35.40
CA LYS D 1340 -30.71 -49.10 34.65
C LYS D 1340 -30.38 -48.59 33.25
N SER D 1341 -29.28 -47.86 33.10
CA SER D 1341 -28.91 -47.37 31.78
C SER D 1341 -28.46 -48.49 30.86
N LEU D 1342 -27.73 -49.47 31.41
CA LEU D 1342 -27.34 -50.60 30.57
C LEU D 1342 -28.49 -51.54 30.29
N ALA D 1343 -29.50 -51.56 31.16
CA ALA D 1343 -30.73 -52.28 30.83
C ALA D 1343 -31.47 -51.59 29.69
N GLN D 1344 -31.43 -50.26 29.65
CA GLN D 1344 -32.03 -49.54 28.53
C GLN D 1344 -31.29 -49.81 27.24
N LEU D 1345 -29.95 -49.89 27.29
CA LEU D 1345 -29.20 -50.20 26.08
C LEU D 1345 -29.43 -51.63 25.62
N LYS D 1346 -29.63 -52.56 26.55
CA LYS D 1346 -29.97 -53.92 26.17
C LYS D 1346 -31.33 -54.00 25.48
N ARG D 1347 -32.32 -53.26 26.02
CA ARG D 1347 -33.64 -53.18 25.40
C ARG D 1347 -33.56 -52.62 24.00
N GLN D 1348 -32.84 -51.51 23.83
CA GLN D 1348 -32.83 -50.81 22.55
C GLN D 1348 -32.05 -51.59 21.49
N MET D 1349 -30.98 -52.27 21.89
CA MET D 1349 -30.27 -53.13 20.94
C MET D 1349 -31.12 -54.31 20.52
N LYS D 1350 -31.93 -54.85 21.44
CA LYS D 1350 -32.84 -55.90 21.03
C LYS D 1350 -33.95 -55.37 20.12
N ARG D 1351 -34.36 -54.12 20.30
CA ARG D 1351 -35.35 -53.52 19.40
C ARG D 1351 -34.81 -53.39 17.99
N ILE D 1352 -33.55 -52.94 17.87
CA ILE D 1352 -32.91 -52.80 16.57
C ILE D 1352 -32.74 -54.17 15.91
N ARG D 1353 -32.29 -55.16 16.69
CA ARG D 1353 -32.07 -56.49 16.13
C ARG D 1353 -33.39 -57.17 15.76
N ALA D 1354 -34.46 -56.92 16.52
CA ALA D 1354 -35.74 -57.54 16.19
C ALA D 1354 -36.32 -56.95 14.91
N LYS D 1355 -36.22 -55.63 14.75
CA LYS D 1355 -36.64 -54.99 13.49
C LYS D 1355 -35.86 -55.54 12.31
N GLN D 1356 -34.56 -55.69 12.46
CA GLN D 1356 -33.79 -56.08 11.30
C GLN D 1356 -33.79 -57.58 11.07
N GLU D 1357 -34.19 -58.39 12.05
CA GLU D 1357 -34.44 -59.79 11.74
C GLU D 1357 -35.79 -59.99 11.06
N LYS D 1358 -36.76 -59.12 11.35
CA LYS D 1358 -37.95 -59.04 10.50
C LYS D 1358 -37.57 -58.68 9.07
N TYR D 1359 -36.56 -57.83 8.92
CA TYR D 1359 -36.10 -57.46 7.59
C TYR D 1359 -35.32 -58.60 6.94
N ARG D 1360 -34.69 -59.46 7.75
CA ARG D 1360 -34.10 -60.67 7.20
C ARG D 1360 -35.17 -61.61 6.66
N GLN D 1361 -36.31 -61.70 7.33
CA GLN D 1361 -37.36 -62.59 6.85
C GLN D 1361 -38.06 -62.01 5.62
N SER D 1362 -38.22 -60.69 5.57
CA SER D 1362 -38.78 -60.06 4.38
C SER D 1362 -37.80 -60.12 3.21
N GLN D 1363 -36.50 -60.14 3.51
CA GLN D 1363 -35.50 -60.46 2.49
C GLN D 1363 -35.65 -61.90 2.01
N ALA D 1364 -35.98 -62.81 2.93
CA ALA D 1364 -36.13 -64.21 2.57
C ALA D 1364 -37.37 -64.45 1.71
N SER D 1365 -38.38 -63.61 1.84
CA SER D 1365 -39.55 -63.71 0.97
C SER D 1365 -39.22 -63.23 -0.45
N HIS D 1493 -51.78 11.27 38.85
CA HIS D 1493 -51.65 10.25 39.89
C HIS D 1493 -50.21 9.74 40.00
N MET D 1494 -49.70 9.71 41.22
CA MET D 1494 -48.34 9.25 41.45
C MET D 1494 -48.19 7.75 41.28
N MET D 1495 -49.27 6.99 41.47
CA MET D 1495 -49.21 5.54 41.64
C MET D 1495 -48.74 4.80 40.39
N GLN D 1496 -48.80 5.43 39.22
CA GLN D 1496 -48.40 4.77 37.98
C GLN D 1496 -46.90 4.49 37.94
N ARG D 1497 -46.09 5.35 38.57
CA ARG D 1497 -44.67 5.12 38.69
C ARG D 1497 -44.22 4.86 40.12
N VAL D 1498 -45.08 5.11 41.12
CA VAL D 1498 -44.83 4.61 42.46
C VAL D 1498 -44.98 3.08 42.49
N LEU D 1499 -45.81 2.53 41.59
CA LEU D 1499 -45.86 1.08 41.39
C LEU D 1499 -44.51 0.54 40.92
N SER D 1500 -43.85 1.28 40.04
CA SER D 1500 -42.52 0.88 39.59
C SER D 1500 -41.48 1.02 40.71
N THR D 1501 -41.44 2.19 41.34
CA THR D 1501 -40.49 2.46 42.41
C THR D 1501 -40.87 1.84 43.75
N MET D 1502 -41.89 0.98 43.80
CA MET D 1502 -42.10 0.05 44.90
C MET D 1502 -41.82 -1.39 44.50
N GLN D 1503 -42.40 -1.87 43.40
CA GLN D 1503 -42.23 -3.25 42.99
C GLN D 1503 -40.82 -3.49 42.46
N PHE D 1504 -40.43 -2.76 41.41
CA PHE D 1504 -39.09 -2.93 40.83
C PHE D 1504 -37.99 -2.40 41.72
N LEU D 1505 -38.32 -1.61 42.75
CA LEU D 1505 -37.30 -1.20 43.72
C LEU D 1505 -37.12 -2.27 44.79
N TRP D 1506 -38.17 -2.58 45.55
CA TRP D 1506 -38.06 -3.52 46.64
C TRP D 1506 -38.23 -4.96 46.18
N VAL D 1507 -39.40 -5.29 45.64
CA VAL D 1507 -39.92 -6.66 45.71
C VAL D 1507 -39.21 -7.58 44.74
N LEU D 1508 -38.96 -7.11 43.51
CA LEU D 1508 -38.32 -7.96 42.52
C LEU D 1508 -36.85 -8.21 42.86
N GLY D 1509 -36.16 -7.19 43.37
CA GLY D 1509 -34.80 -7.38 43.82
C GLY D 1509 -34.71 -8.28 45.04
N GLN D 1510 -35.65 -8.13 45.97
CA GLN D 1510 -35.68 -9.00 47.15
C GLN D 1510 -36.02 -10.43 46.78
N ALA D 1511 -36.81 -10.64 45.73
CA ALA D 1511 -37.08 -11.99 45.26
C ALA D 1511 -35.84 -12.62 44.64
N THR D 1512 -35.01 -11.82 43.97
CA THR D 1512 -33.78 -12.35 43.40
C THR D 1512 -32.75 -12.65 44.50
N VAL D 1513 -32.69 -11.80 45.54
CA VAL D 1513 -31.79 -12.05 46.66
C VAL D 1513 -32.23 -13.30 47.42
N ASP D 1514 -33.54 -13.46 47.63
CA ASP D 1514 -34.06 -14.67 48.25
C ASP D 1514 -33.83 -15.90 47.38
N GLY D 1515 -33.84 -15.73 46.05
CA GLY D 1515 -33.49 -16.83 45.17
C GLY D 1515 -32.03 -17.23 45.28
N LEU D 1516 -31.15 -16.26 45.54
CA LEU D 1516 -29.75 -16.59 45.75
C LEU D 1516 -29.53 -17.30 47.07
N THR D 1517 -30.31 -16.94 48.10
CA THR D 1517 -30.27 -17.68 49.36
C THR D 1517 -30.79 -19.11 49.18
N ARG D 1518 -31.86 -19.28 48.40
CA ARG D 1518 -32.39 -20.61 48.13
C ARG D 1518 -31.39 -21.45 47.36
N TRP D 1519 -30.69 -20.83 46.41
CA TRP D 1519 -29.68 -21.55 45.62
C TRP D 1519 -28.51 -21.99 46.48
N LEU D 1520 -28.09 -21.15 47.43
CA LEU D 1520 -26.98 -21.55 48.30
C LEU D 1520 -27.41 -22.56 49.36
N ARG D 1521 -28.68 -22.52 49.79
CA ARG D 1521 -29.18 -23.54 50.70
C ARG D 1521 -29.23 -24.91 50.05
N ALA D 1522 -29.67 -24.97 48.79
CA ALA D 1522 -29.58 -26.21 48.04
C ALA D 1522 -28.14 -26.56 47.68
N PHE D 1523 -27.25 -25.56 47.64
CA PHE D 1523 -25.86 -25.81 47.32
C PHE D 1523 -25.13 -26.51 48.46
N THR D 1524 -25.54 -26.25 49.72
CA THR D 1524 -24.87 -26.83 50.87
C THR D 1524 -25.83 -27.54 51.83
N LYS D 1525 -26.93 -28.08 51.31
CA LYS D 1525 -27.79 -28.93 52.14
C LYS D 1525 -27.09 -30.21 52.55
N HIS D 1526 -26.18 -30.70 51.71
CA HIS D 1526 -25.43 -31.94 51.96
C HIS D 1526 -24.55 -31.85 53.19
N HIS D 1527 -24.12 -30.64 53.55
CA HIS D 1527 -23.38 -30.37 54.76
C HIS D 1527 -24.25 -29.88 55.90
N ARG D 1528 -25.31 -29.12 55.58
CA ARG D 1528 -26.18 -28.54 56.58
C ARG D 1528 -26.94 -29.58 57.38
N THR D 1529 -27.37 -30.67 56.72
CA THR D 1529 -28.17 -31.67 57.43
C THR D 1529 -27.33 -32.45 58.43
N MET D 1530 -26.12 -32.85 58.06
CA MET D 1530 -25.29 -33.58 59.00
C MET D 1530 -24.74 -32.66 60.08
N SER D 1531 -24.59 -31.36 59.79
CA SER D 1531 -24.20 -30.44 60.84
C SER D 1531 -25.32 -30.24 61.85
N ASP D 1532 -26.57 -30.27 61.40
CA ASP D 1532 -27.69 -30.14 62.33
C ASP D 1532 -27.87 -31.41 63.17
N VAL D 1533 -27.61 -32.58 62.58
CA VAL D 1533 -27.69 -33.82 63.33
C VAL D 1533 -26.60 -33.86 64.40
N LEU D 1534 -25.38 -33.49 64.03
CA LEU D 1534 -24.30 -33.42 65.00
C LEU D 1534 -24.50 -32.29 66.00
N CYS D 1535 -25.27 -31.26 65.64
CA CYS D 1535 -25.62 -30.21 66.58
C CYS D 1535 -26.52 -30.74 67.70
N ALA D 1536 -27.54 -31.52 67.33
CA ALA D 1536 -28.45 -32.08 68.33
C ALA D 1536 -27.73 -33.07 69.24
N GLU D 1537 -26.88 -33.91 68.65
CA GLU D 1537 -26.11 -34.85 69.45
C GLU D 1537 -25.03 -34.16 70.27
N ARG D 1538 -24.56 -32.99 69.86
CA ARG D 1538 -23.60 -32.25 70.68
C ARG D 1538 -24.29 -31.66 71.90
N TYR D 1539 -25.56 -31.24 71.74
CA TYR D 1539 -26.37 -30.81 72.87
C TYR D 1539 -26.51 -31.92 73.90
N LEU D 1540 -26.84 -33.13 73.44
CA LEU D 1540 -27.01 -34.24 74.37
C LEU D 1540 -25.69 -34.74 74.94
N LEU D 1541 -24.60 -34.63 74.17
CA LEU D 1541 -23.30 -35.03 74.70
C LEU D 1541 -22.77 -34.03 75.73
N THR D 1542 -23.10 -32.75 75.59
CA THR D 1542 -22.75 -31.81 76.65
C THR D 1542 -23.57 -32.08 77.91
N GLN D 1543 -24.84 -32.43 77.76
CA GLN D 1543 -25.64 -32.83 78.91
C GLN D 1543 -25.27 -34.21 79.45
N GLU D 1544 -24.42 -34.97 78.74
CA GLU D 1544 -23.81 -36.15 79.34
C GLU D 1544 -22.44 -35.85 79.94
N LEU D 1545 -21.68 -34.95 79.30
CA LEU D 1545 -20.37 -34.53 79.81
C LEU D 1545 -20.46 -33.61 81.02
N LEU D 1546 -21.66 -33.20 81.41
CA LEU D 1546 -21.81 -32.24 82.49
C LEU D 1546 -21.39 -32.81 83.84
N ARG D 1547 -21.46 -34.14 84.03
CA ARG D 1547 -21.03 -34.72 85.30
C ARG D 1547 -20.11 -35.92 85.15
N VAL D 1548 -20.16 -36.64 84.04
CA VAL D 1548 -19.33 -37.82 83.81
C VAL D 1548 -18.66 -37.68 82.45
N GLY D 1549 -17.79 -38.64 82.14
CA GLY D 1549 -17.21 -38.72 80.80
C GLY D 1549 -18.17 -39.29 79.78
N GLU D 1550 -18.48 -40.58 79.90
CA GLU D 1550 -19.41 -41.25 79.01
C GLU D 1550 -20.18 -42.29 79.81
N VAL D 1551 -21.24 -42.83 79.18
CA VAL D 1551 -21.88 -44.04 79.69
C VAL D 1551 -22.43 -44.81 78.49
N ARG D 1552 -21.59 -45.69 77.93
CA ARG D 1552 -21.94 -46.68 76.90
C ARG D 1552 -22.60 -46.07 75.66
N ARG D 1553 -22.31 -44.78 75.40
CA ARG D 1553 -22.98 -43.95 74.38
C ARG D 1553 -24.50 -44.01 74.53
N GLY D 1554 -24.99 -43.72 75.74
CA GLY D 1554 -26.43 -43.72 75.99
C GLY D 1554 -27.12 -42.51 75.40
N VAL D 1555 -26.40 -41.40 75.21
CA VAL D 1555 -26.98 -40.24 74.54
C VAL D 1555 -27.24 -40.50 73.06
N LEU D 1556 -26.52 -41.45 72.46
CA LEU D 1556 -26.79 -41.86 71.09
C LEU D 1556 -28.00 -42.77 70.97
N ASP D 1557 -28.53 -43.28 72.08
CA ASP D 1557 -29.64 -44.23 72.01
C ASP D 1557 -30.97 -43.51 71.80
N GLN D 1558 -31.20 -42.42 72.52
CA GLN D 1558 -32.45 -41.69 72.44
C GLN D 1558 -32.43 -40.57 71.41
N LEU D 1559 -31.26 -40.26 70.84
CA LEU D 1559 -31.17 -39.14 69.91
C LEU D 1559 -31.76 -39.50 68.54
N TYR D 1560 -31.17 -40.49 67.87
CA TYR D 1560 -31.61 -40.86 66.53
C TYR D 1560 -32.91 -41.64 66.53
N VAL D 1561 -33.30 -42.24 67.66
CA VAL D 1561 -34.52 -43.03 67.70
C VAL D 1561 -35.76 -42.15 67.84
N GLY D 1562 -35.71 -41.15 68.72
CA GLY D 1562 -36.85 -40.27 68.92
C GLY D 1562 -36.99 -39.23 67.80
N GLU D 1563 -35.96 -39.06 66.97
CA GLU D 1563 -36.04 -38.21 65.78
C GLU D 1563 -35.25 -38.92 64.69
N ASP D 1564 -35.94 -39.71 63.87
CA ASP D 1564 -35.31 -40.53 62.86
C ASP D 1564 -35.57 -40.09 61.43
N GLU D 1565 -36.67 -39.38 61.19
CA GLU D 1565 -36.95 -38.88 59.84
C GLU D 1565 -35.96 -37.78 59.45
N ALA D 1566 -35.64 -36.89 60.39
CA ALA D 1566 -34.59 -35.91 60.14
C ALA D 1566 -33.21 -36.55 60.16
N THR D 1567 -33.05 -37.66 60.88
CA THR D 1567 -31.79 -38.40 60.92
C THR D 1567 -31.75 -39.51 59.89
N LEU D 1568 -32.58 -39.43 58.84
CA LEU D 1568 -32.55 -40.40 57.75
C LEU D 1568 -31.80 -39.89 56.53
N SER D 1569 -31.90 -38.59 56.25
CA SER D 1569 -31.20 -38.02 55.11
C SER D 1569 -29.71 -37.88 55.39
N GLY D 1570 -29.36 -37.55 56.63
CA GLY D 1570 -27.96 -37.42 57.03
C GLY D 1570 -27.39 -38.78 57.44
N PRO D 1571 -28.01 -39.42 58.42
CA PRO D 1571 -27.53 -40.69 58.93
C PRO D 1571 -28.22 -41.85 58.23
N VAL D 1572 -27.44 -42.87 57.89
CA VAL D 1572 -27.97 -44.10 57.32
C VAL D 1572 -27.69 -45.31 58.21
N GLU D 1573 -26.44 -45.51 58.63
CA GLU D 1573 -26.06 -46.66 59.44
C GLU D 1573 -25.99 -46.32 60.92
N THR D 1574 -26.85 -45.42 61.39
CA THR D 1574 -26.83 -45.02 62.79
C THR D 1574 -27.46 -46.08 63.68
N ARG D 1575 -28.69 -46.50 63.36
CA ARG D 1575 -29.40 -47.49 64.15
C ARG D 1575 -28.87 -48.91 63.95
N ASP D 1576 -28.05 -49.15 62.92
CA ASP D 1576 -27.47 -50.46 62.73
C ASP D 1576 -26.40 -50.77 63.77
N GLY D 1577 -25.75 -49.74 64.30
CA GLY D 1577 -24.73 -49.93 65.33
C GLY D 1577 -25.27 -49.78 66.74
N PRO D 1578 -26.44 -49.17 66.90
CA PRO D 1578 -27.03 -49.00 68.23
C PRO D 1578 -28.55 -48.93 68.14
N HIS D 1655 -38.70 -32.98 71.84
CA HIS D 1655 -37.38 -33.56 71.62
C HIS D 1655 -36.36 -32.46 71.31
N ILE D 1656 -35.48 -32.20 72.26
CA ILE D 1656 -34.42 -31.18 72.23
C ILE D 1656 -35.03 -29.81 71.93
N PRO D 1657 -35.66 -29.17 72.90
CA PRO D 1657 -36.46 -27.98 72.61
C PRO D 1657 -35.65 -26.70 72.38
N GLU D 1658 -34.47 -26.59 73.01
CA GLU D 1658 -33.71 -25.35 72.93
C GLU D 1658 -33.14 -25.14 71.53
N LEU D 1659 -32.74 -26.22 70.87
CA LEU D 1659 -32.35 -26.12 69.48
C LEU D 1659 -33.53 -25.85 68.57
N GLU D 1660 -34.74 -26.25 68.98
CA GLU D 1660 -35.93 -25.92 68.21
C GLU D 1660 -36.19 -24.41 68.22
N GLU D 1661 -36.17 -23.78 69.39
CA GLU D 1661 -36.35 -22.33 69.37
C GLU D 1661 -35.11 -21.61 68.87
N ALA D 1662 -33.94 -22.26 68.89
CA ALA D 1662 -32.75 -21.68 68.26
C ALA D 1662 -32.96 -21.54 66.77
N GLU D 1663 -33.46 -22.59 66.13
CA GLU D 1663 -33.77 -22.54 64.70
C GLU D 1663 -34.92 -21.58 64.42
N ARG D 1664 -35.90 -21.53 65.33
CA ARG D 1664 -37.06 -20.67 65.12
C ARG D 1664 -36.72 -19.19 65.26
N PHE D 1665 -35.69 -18.85 66.02
CA PHE D 1665 -35.28 -17.46 66.14
C PHE D 1665 -34.01 -17.12 65.36
N GLU D 1666 -33.46 -18.06 64.60
CA GLU D 1666 -32.52 -17.70 63.55
C GLU D 1666 -33.15 -17.78 62.16
N ALA D 1667 -34.40 -18.25 62.08
CA ALA D 1667 -35.10 -18.22 60.80
C ALA D 1667 -35.67 -16.85 60.46
N GLN D 1668 -35.62 -15.90 61.38
CA GLN D 1668 -36.13 -14.55 61.16
C GLN D 1668 -35.05 -13.50 61.32
N GLN D 1669 -33.85 -13.79 60.81
CA GLN D 1669 -32.76 -12.83 60.88
C GLN D 1669 -32.91 -11.68 59.92
N GLY D 1670 -33.70 -11.84 58.86
CA GLY D 1670 -33.76 -10.85 57.81
C GLY D 1670 -32.65 -11.04 56.78
N ARG D 1671 -32.84 -10.41 55.63
CA ARG D 1671 -31.89 -10.58 54.56
C ARG D 1671 -30.62 -9.79 54.83
N THR D 1672 -29.57 -10.12 54.07
CA THR D 1672 -28.18 -9.65 54.17
C THR D 1672 -27.53 -9.94 55.52
N LEU D 1673 -28.12 -10.80 56.33
CA LEU D 1673 -27.49 -11.51 57.42
C LEU D 1673 -27.77 -13.00 57.32
N ARG D 1674 -28.98 -13.36 56.90
CA ARG D 1674 -29.28 -14.73 56.52
C ARG D 1674 -28.52 -15.12 55.26
N LEU D 1675 -28.33 -14.16 54.34
CA LEU D 1675 -27.48 -14.39 53.17
C LEU D 1675 -26.02 -14.57 53.57
N LEU D 1676 -25.56 -13.81 54.58
CA LEU D 1676 -24.20 -13.99 55.06
C LEU D 1676 -24.03 -15.32 55.78
N ARG D 1677 -25.08 -15.78 56.47
CA ARG D 1677 -25.04 -17.10 57.10
C ARG D 1677 -24.96 -18.20 56.07
N ALA D 1678 -25.71 -18.06 54.97
CA ALA D 1678 -25.64 -19.04 53.88
C ALA D 1678 -24.28 -18.99 53.19
N GLY D 1679 -23.71 -17.80 53.05
CA GLY D 1679 -22.39 -17.69 52.44
C GLY D 1679 -21.29 -18.30 53.29
N TYR D 1680 -21.37 -18.11 54.61
CA TYR D 1680 -20.37 -18.70 55.48
C TYR D 1680 -20.53 -20.22 55.56
N GLN D 1681 -21.75 -20.73 55.43
CA GLN D 1681 -21.92 -22.17 55.35
C GLN D 1681 -21.37 -22.73 54.04
N CYS D 1682 -21.45 -21.97 52.95
CA CYS D 1682 -20.84 -22.40 51.69
C CYS D 1682 -19.32 -22.41 51.77
N VAL D 1683 -18.75 -21.39 52.42
CA VAL D 1683 -17.30 -21.33 52.61
C VAL D 1683 -16.83 -22.47 53.52
N ALA D 1684 -17.56 -22.73 54.60
CA ALA D 1684 -17.16 -23.79 55.52
C ALA D 1684 -17.34 -25.16 54.92
N ALA D 1685 -18.31 -25.34 54.03
CA ALA D 1685 -18.51 -26.66 53.43
C ALA D 1685 -17.47 -26.92 52.34
N HIS D 1686 -17.44 -26.07 51.31
CA HIS D 1686 -16.56 -26.29 50.16
C HIS D 1686 -15.28 -25.49 50.38
N SER D 1687 -14.42 -26.03 51.24
CA SER D 1687 -13.18 -25.34 51.60
C SER D 1687 -11.94 -25.96 50.98
N GLU D 1688 -12.02 -27.18 50.45
CA GLU D 1688 -10.93 -27.70 49.62
C GLU D 1688 -10.72 -26.82 48.39
N LEU D 1689 -11.82 -26.47 47.71
CA LEU D 1689 -11.73 -25.59 46.55
C LEU D 1689 -11.29 -24.19 46.94
N LEU D 1690 -11.62 -23.74 48.15
CA LEU D 1690 -11.20 -22.42 48.59
C LEU D 1690 -9.70 -22.39 48.88
N CYS D 1691 -9.17 -23.45 49.50
CA CYS D 1691 -7.73 -23.55 49.69
C CYS D 1691 -7.01 -23.63 48.36
N TYR D 1692 -7.57 -24.35 47.40
CA TYR D 1692 -7.01 -24.40 46.05
C TYR D 1692 -7.08 -23.05 45.37
N PHE D 1693 -8.14 -22.28 45.66
CA PHE D 1693 -8.32 -20.98 45.04
C PHE D 1693 -7.25 -20.00 45.48
N ILE D 1694 -6.91 -19.98 46.76
CA ILE D 1694 -5.88 -19.03 47.21
C ILE D 1694 -4.45 -19.54 46.90
N ILE D 1695 -4.24 -20.86 46.89
CA ILE D 1695 -2.97 -21.43 46.43
C ILE D 1695 -2.71 -21.05 44.97
N ILE D 1696 -3.76 -20.99 44.17
CA ILE D 1696 -3.62 -20.48 42.82
C ILE D 1696 -3.46 -18.96 42.82
N LEU D 1697 -4.17 -18.27 43.70
CA LEU D 1697 -4.31 -16.81 43.59
C LEU D 1697 -3.01 -16.10 43.94
N ASN D 1698 -2.34 -16.53 45.01
CA ASN D 1698 -1.06 -15.90 45.32
C ASN D 1698 0.03 -16.29 44.34
N HIS D 1699 -0.13 -17.41 43.64
CA HIS D 1699 0.82 -17.75 42.60
C HIS D 1699 0.52 -17.01 41.31
N MET D 1700 -0.74 -16.61 41.11
CA MET D 1700 -1.04 -15.70 40.01
C MET D 1700 -0.42 -14.34 40.25
N VAL D 1701 -0.39 -13.89 41.50
CA VAL D 1701 0.19 -12.59 41.79
C VAL D 1701 1.71 -12.68 41.87
N THR D 1702 2.22 -13.48 42.80
CA THR D 1702 3.66 -13.72 42.89
C THR D 1702 4.02 -14.76 41.83
N ALA D 1703 4.73 -14.34 40.78
CA ALA D 1703 5.06 -15.21 39.67
C ALA D 1703 6.37 -15.95 39.89
N SER D 1704 6.72 -16.25 41.13
CA SER D 1704 8.04 -16.74 41.48
C SER D 1704 8.19 -18.21 41.14
N ALA D 1705 9.39 -18.73 41.38
CA ALA D 1705 9.71 -20.14 41.20
C ALA D 1705 9.53 -20.95 42.47
N ALA D 1706 9.39 -20.30 43.62
CA ALA D 1706 9.10 -21.02 44.85
C ALA D 1706 7.61 -21.09 45.13
N SER D 1707 6.82 -20.20 44.55
CA SER D 1707 5.37 -20.32 44.59
C SER D 1707 4.84 -21.25 43.52
N LEU D 1708 5.70 -21.81 42.67
CA LEU D 1708 5.32 -22.90 41.78
C LEU D 1708 5.15 -24.22 42.52
N VAL D 1709 5.72 -24.34 43.71
CA VAL D 1709 5.84 -25.65 44.37
C VAL D 1709 4.47 -26.17 44.79
N LEU D 1710 3.61 -25.28 45.24
CA LEU D 1710 2.29 -25.71 45.70
C LEU D 1710 1.29 -26.06 44.59
N PRO D 1711 1.00 -25.22 43.57
CA PRO D 1711 -0.07 -25.61 42.64
C PRO D 1711 0.29 -26.76 41.72
N VAL D 1712 1.57 -27.02 41.47
CA VAL D 1712 1.98 -28.25 40.79
C VAL D 1712 1.56 -29.45 41.62
N LEU D 1713 1.84 -29.41 42.92
CA LEU D 1713 1.40 -30.48 43.80
C LEU D 1713 -0.11 -30.49 44.00
N VAL D 1714 -0.79 -29.36 43.81
CA VAL D 1714 -2.25 -29.34 43.84
C VAL D 1714 -2.80 -30.16 42.67
N PHE D 1715 -2.40 -29.78 41.46
CA PHE D 1715 -2.94 -30.37 40.25
C PHE D 1715 -2.49 -31.81 40.04
N LEU D 1716 -1.40 -32.22 40.68
CA LEU D 1716 -0.90 -33.58 40.49
C LEU D 1716 -1.05 -34.48 41.70
N TRP D 1717 -1.26 -33.93 42.89
CA TRP D 1717 -1.36 -34.79 44.06
C TRP D 1717 -2.46 -34.41 45.03
N ALA D 1718 -3.02 -33.20 44.97
CA ALA D 1718 -4.19 -32.91 45.79
C ALA D 1718 -5.47 -33.25 45.06
N MET D 1719 -5.48 -33.09 43.75
CA MET D 1719 -6.64 -33.37 42.93
C MET D 1719 -6.71 -34.82 42.48
N LEU D 1720 -5.58 -35.53 42.44
CA LEU D 1720 -5.53 -36.86 41.89
C LEU D 1720 -5.65 -37.98 42.92
N THR D 1721 -5.62 -37.65 44.21
CA THR D 1721 -6.02 -38.64 45.21
C THR D 1721 -7.52 -38.82 45.15
N ILE D 1722 -7.97 -40.05 44.97
CA ILE D 1722 -9.33 -40.32 44.49
C ILE D 1722 -10.41 -40.03 45.53
N PRO D 1723 -10.37 -40.53 46.81
CA PRO D 1723 -11.42 -40.06 47.74
C PRO D 1723 -11.26 -38.61 48.15
N ARG D 1724 -10.09 -38.25 48.68
CA ARG D 1724 -9.81 -36.96 49.30
C ARG D 1724 -8.30 -36.79 49.32
N PRO D 1725 -7.81 -35.56 49.49
CA PRO D 1725 -6.39 -35.39 49.83
C PRO D 1725 -6.09 -35.95 51.20
N SER D 1726 -4.87 -36.44 51.36
CA SER D 1726 -4.51 -37.18 52.56
C SER D 1726 -4.17 -36.23 53.70
N LYS D 1727 -3.75 -36.83 54.81
CA LYS D 1727 -3.06 -36.08 55.87
C LYS D 1727 -1.80 -35.42 55.33
N ARG D 1728 -1.09 -36.13 54.45
CA ARG D 1728 0.28 -35.78 54.11
C ARG D 1728 0.34 -34.51 53.26
N PHE D 1729 -0.64 -34.32 52.36
CA PHE D 1729 -0.65 -33.13 51.53
C PHE D 1729 -0.92 -31.87 52.33
N TRP D 1730 -1.94 -31.91 53.20
CA TRP D 1730 -2.30 -30.71 53.93
C TRP D 1730 -1.23 -30.35 54.95
N MET D 1731 -0.57 -31.34 55.54
CA MET D 1731 0.59 -31.04 56.38
C MET D 1731 1.76 -30.52 55.55
N THR D 1732 1.91 -30.99 54.31
CA THR D 1732 2.97 -30.46 53.46
C THR D 1732 2.68 -29.02 53.05
N ALA D 1733 1.43 -28.71 52.74
CA ALA D 1733 1.05 -27.36 52.34
C ALA D 1733 1.20 -26.38 53.51
N ILE D 1734 0.81 -26.80 54.71
CA ILE D 1734 0.94 -25.96 55.89
C ILE D 1734 2.41 -25.71 56.22
N VAL D 1735 3.22 -26.76 56.21
CA VAL D 1735 4.65 -26.63 56.53
C VAL D 1735 5.36 -25.81 55.47
N PHE D 1736 5.00 -25.97 54.19
CA PHE D 1736 5.70 -25.21 53.16
C PHE D 1736 5.29 -23.74 53.16
N THR D 1737 4.04 -23.42 53.49
CA THR D 1737 3.68 -22.02 53.62
C THR D 1737 4.32 -21.39 54.85
N GLU D 1738 4.49 -22.15 55.93
CA GLU D 1738 5.19 -21.61 57.09
C GLU D 1738 6.67 -21.36 56.79
N VAL D 1739 7.31 -22.29 56.07
CA VAL D 1739 8.69 -22.09 55.62
C VAL D 1739 8.78 -20.90 54.69
N MET D 1740 7.78 -20.73 53.82
CA MET D 1740 7.84 -19.62 52.87
C MET D 1740 7.62 -18.28 53.53
N VAL D 1741 6.79 -18.23 54.58
CA VAL D 1741 6.61 -17.00 55.35
C VAL D 1741 7.91 -16.62 56.04
N VAL D 1742 8.58 -17.60 56.67
CA VAL D 1742 9.82 -17.33 57.40
C VAL D 1742 10.94 -16.92 56.44
N THR D 1743 11.06 -17.61 55.30
CA THR D 1743 12.13 -17.28 54.38
C THR D 1743 11.86 -15.99 53.59
N LYS D 1744 10.61 -15.59 53.44
CA LYS D 1744 10.34 -14.26 52.91
C LYS D 1744 10.40 -13.19 53.99
N TYR D 1745 10.28 -13.58 55.26
CA TYR D 1745 10.52 -12.65 56.35
C TYR D 1745 11.99 -12.31 56.45
N LEU D 1746 12.84 -13.33 56.32
CA LEU D 1746 14.25 -13.10 56.03
C LEU D 1746 14.39 -12.54 54.63
N PHE D 1747 15.56 -11.94 54.37
CA PHE D 1747 15.91 -11.23 53.13
C PHE D 1747 15.00 -10.03 52.87
N GLN D 1748 14.32 -9.54 53.90
CA GLN D 1748 13.82 -8.18 53.96
C GLN D 1748 14.84 -7.25 54.59
N PHE D 1749 15.99 -7.80 54.95
CA PHE D 1749 17.09 -7.07 55.55
C PHE D 1749 18.06 -6.65 54.45
N GLY D 1750 18.57 -5.43 54.56
CA GLY D 1750 19.55 -4.96 53.60
C GLY D 1750 20.96 -5.34 54.01
N PHE D 1751 21.19 -6.63 54.25
CA PHE D 1751 22.50 -7.08 54.73
C PHE D 1751 23.44 -7.30 53.56
N PHE D 1752 23.08 -8.18 52.69
CA PHE D 1752 23.78 -8.73 51.53
C PHE D 1752 23.51 -7.86 50.31
N PRO D 1753 24.52 -7.70 49.44
CA PRO D 1753 24.47 -6.63 48.43
C PRO D 1753 23.42 -6.79 47.36
N TRP D 1754 22.78 -7.95 47.24
CA TRP D 1754 21.65 -8.07 46.34
C TRP D 1754 20.39 -7.44 46.91
N ASN D 1755 20.36 -7.18 48.21
CA ASN D 1755 19.24 -6.52 48.87
C ASN D 1755 19.40 -5.00 48.94
N SER D 1756 20.51 -4.47 48.45
CA SER D 1756 20.75 -3.03 48.53
C SER D 1756 19.89 -2.27 47.52
N TYR D 1757 19.85 -0.95 47.68
CA TYR D 1757 18.87 -0.13 46.98
C TYR D 1757 19.32 0.37 45.62
N VAL D 1758 20.64 0.58 45.44
CA VAL D 1758 21.12 1.04 44.14
C VAL D 1758 21.06 -0.08 43.12
N VAL D 1759 21.41 -1.30 43.53
CA VAL D 1759 21.25 -2.44 42.64
C VAL D 1759 19.79 -2.84 42.51
N LEU D 1760 18.93 -2.41 43.45
CA LEU D 1760 17.50 -2.60 43.28
C LEU D 1760 16.98 -1.68 42.17
N ARG D 1761 17.53 -0.47 42.09
CA ARG D 1761 17.20 0.42 40.98
C ARG D 1761 17.76 -0.11 39.66
N ARG D 1762 18.87 -0.85 39.73
CA ARG D 1762 19.38 -1.52 38.54
C ARG D 1762 18.45 -2.64 38.08
N TYR D 1763 18.10 -3.55 38.99
CA TYR D 1763 17.26 -4.70 38.69
C TYR D 1763 15.77 -4.42 38.93
N GLU D 1764 15.34 -3.17 38.78
CA GLU D 1764 13.92 -2.85 38.90
C GLU D 1764 13.14 -3.40 37.71
N ASN D 1765 12.09 -4.18 38.01
CA ASN D 1765 11.14 -4.71 37.03
C ASN D 1765 11.82 -5.58 35.97
N LYS D 1766 12.70 -6.46 36.42
CA LYS D 1766 13.47 -7.34 35.53
C LYS D 1766 13.35 -8.78 36.00
N PRO D 1767 12.61 -9.66 35.28
CA PRO D 1767 12.46 -11.07 35.66
C PRO D 1767 13.65 -11.96 35.32
N TYR D 1768 14.86 -11.47 35.61
CA TYR D 1768 16.08 -12.25 35.51
C TYR D 1768 16.83 -12.30 36.83
N PHE D 1769 16.54 -11.38 37.74
CA PHE D 1769 17.18 -11.34 39.06
C PHE D 1769 16.71 -12.54 39.88
N PRO D 1770 17.61 -13.42 40.31
CA PRO D 1770 17.19 -14.76 40.81
C PRO D 1770 16.45 -14.73 42.15
N PRO D 1771 16.66 -13.74 43.05
CA PRO D 1771 15.65 -13.59 44.12
C PRO D 1771 14.27 -13.15 43.62
N ARG D 1772 14.18 -12.32 42.58
CA ARG D 1772 12.88 -12.01 42.01
C ARG D 1772 12.28 -13.22 41.29
N ILE D 1773 13.14 -14.08 40.74
CA ILE D 1773 12.65 -15.32 40.15
C ILE D 1773 12.21 -16.29 41.24
N LEU D 1774 12.89 -16.30 42.38
CA LEU D 1774 12.54 -17.23 43.43
C LEU D 1774 11.60 -16.63 44.47
N GLY D 1775 11.39 -15.32 44.46
CA GLY D 1775 10.42 -14.72 45.35
C GLY D 1775 11.00 -14.16 46.63
N LEU D 1776 12.03 -13.33 46.51
CA LEU D 1776 12.66 -12.66 47.64
C LEU D 1776 12.71 -11.16 47.40
N GLU D 1777 11.58 -10.59 47.00
CA GLU D 1777 11.53 -9.16 46.74
C GLU D 1777 11.34 -8.38 48.03
N LYS D 1778 12.09 -7.29 48.17
CA LYS D 1778 11.96 -6.41 49.33
C LYS D 1778 10.88 -5.36 49.15
N THR D 1779 9.67 -5.78 48.80
CA THR D 1779 8.55 -4.85 48.73
C THR D 1779 7.83 -4.80 50.07
N ASP D 1780 7.07 -3.72 50.27
CA ASP D 1780 6.37 -3.54 51.53
C ASP D 1780 5.27 -4.57 51.72
N SER D 1781 4.48 -4.81 50.67
CA SER D 1781 3.53 -5.91 50.65
C SER D 1781 4.23 -7.17 50.14
N TYR D 1782 5.12 -7.70 50.97
CA TYR D 1782 5.87 -8.89 50.57
C TYR D 1782 5.03 -10.15 50.76
N ILE D 1783 4.23 -10.20 51.83
CA ILE D 1783 3.17 -11.20 51.95
C ILE D 1783 2.02 -10.71 51.08
N LYS D 1784 1.87 -11.31 49.90
CA LYS D 1784 0.76 -10.91 49.04
C LYS D 1784 -0.54 -11.51 49.51
N TYR D 1785 -0.64 -12.84 49.50
CA TYR D 1785 -1.82 -13.54 49.98
C TYR D 1785 -1.43 -14.75 50.82
N ASP D 1786 -0.23 -14.74 51.40
CA ASP D 1786 0.23 -15.87 52.18
C ASP D 1786 -0.41 -15.87 53.57
N LEU D 1787 -0.80 -14.70 54.05
CA LEU D 1787 -1.58 -14.60 55.29
C LEU D 1787 -2.96 -15.22 55.10
N VAL D 1788 -3.61 -14.91 53.97
CA VAL D 1788 -4.90 -15.50 53.61
C VAL D 1788 -4.74 -16.98 53.35
N GLN D 1789 -3.59 -17.39 52.83
CA GLN D 1789 -3.34 -18.80 52.56
C GLN D 1789 -3.17 -19.59 53.85
N LEU D 1790 -2.48 -19.02 54.84
CA LEU D 1790 -2.35 -19.68 56.13
C LEU D 1790 -3.67 -19.80 56.86
N MET D 1791 -4.50 -18.75 56.83
CA MET D 1791 -5.78 -18.88 57.51
C MET D 1791 -6.70 -19.85 56.78
N ALA D 1792 -6.55 -19.99 55.46
CA ALA D 1792 -7.36 -20.94 54.71
C ALA D 1792 -6.93 -22.38 55.00
N LEU D 1793 -5.62 -22.63 55.04
CA LEU D 1793 -5.12 -23.97 55.31
C LEU D 1793 -5.42 -24.42 56.73
N PHE D 1794 -5.27 -23.52 57.71
CA PHE D 1794 -5.57 -23.94 59.08
C PHE D 1794 -7.06 -24.03 59.35
N PHE D 1795 -7.89 -23.25 58.66
CA PHE D 1795 -9.33 -23.41 58.84
C PHE D 1795 -9.80 -24.74 58.26
N HIS D 1796 -9.23 -25.14 57.13
CA HIS D 1796 -9.60 -26.42 56.56
C HIS D 1796 -9.04 -27.58 57.37
N ARG D 1797 -7.87 -27.39 57.99
CA ARG D 1797 -7.37 -28.38 58.94
C ARG D 1797 -8.30 -28.47 60.15
N SER D 1798 -8.86 -27.35 60.59
CA SER D 1798 -9.77 -27.36 61.72
C SER D 1798 -11.08 -28.07 61.40
N GLN D 1799 -11.54 -27.97 60.15
CA GLN D 1799 -12.74 -28.70 59.75
C GLN D 1799 -12.47 -30.20 59.69
N LEU D 1800 -11.37 -30.59 59.06
CA LEU D 1800 -11.04 -32.01 58.98
C LEU D 1800 -10.60 -32.59 60.32
N LEU D 1801 -10.13 -31.77 61.25
CA LEU D 1801 -9.94 -32.23 62.63
C LEU D 1801 -11.24 -32.30 63.39
N CYS D 1802 -12.20 -31.44 63.03
CA CYS D 1802 -13.52 -31.52 63.65
C CYS D 1802 -14.23 -32.79 63.27
N TYR D 1803 -13.98 -33.31 62.08
CA TYR D 1803 -14.49 -34.61 61.68
C TYR D 1803 -13.36 -35.63 61.77
N GLY D 1804 -13.62 -36.85 61.31
CA GLY D 1804 -12.66 -37.94 61.48
C GLY D 1804 -11.73 -38.18 60.32
N LEU D 1805 -10.84 -37.24 60.02
CA LEU D 1805 -10.09 -37.32 58.77
C LEU D 1805 -8.58 -37.40 58.92
N TRP D 1806 -8.03 -37.22 60.11
CA TRP D 1806 -6.59 -37.25 60.29
C TRP D 1806 -6.15 -38.64 60.77
N ASP D 1807 -6.27 -39.58 59.85
CA ASP D 1807 -5.94 -40.97 60.12
C ASP D 1807 -4.44 -41.16 60.19
N GLN D 1952 14.69 -47.16 42.26
CA GLN D 1952 14.16 -48.37 41.65
C GLN D 1952 13.38 -49.20 42.66
N SER D 1953 13.50 -48.86 43.95
CA SER D 1953 12.91 -49.65 45.02
C SER D 1953 12.12 -48.83 46.04
N PHE D 1954 12.28 -47.51 46.08
CA PHE D 1954 11.52 -46.68 47.00
C PHE D 1954 10.39 -45.92 46.34
N TYR D 1955 10.57 -45.52 45.08
CA TYR D 1955 9.50 -44.85 44.35
C TYR D 1955 8.38 -45.81 43.96
N GLN D 1956 8.70 -47.10 43.84
CA GLN D 1956 7.71 -48.07 43.37
C GLN D 1956 6.58 -48.36 44.35
N PRO D 1957 6.83 -48.65 45.65
CA PRO D 1957 5.67 -48.95 46.53
C PRO D 1957 4.79 -47.74 46.84
N LEU D 1958 5.20 -46.53 46.48
CA LEU D 1958 4.32 -45.37 46.57
C LEU D 1958 3.55 -45.15 45.27
N GLN D 1959 4.25 -45.15 44.13
CA GLN D 1959 3.62 -44.76 42.88
C GLN D 1959 2.80 -45.87 42.26
N ARG D 1960 3.21 -47.13 42.40
CA ARG D 1960 2.38 -48.23 41.93
C ARG D 1960 1.09 -48.30 42.72
N PHE D 1961 1.15 -48.00 44.02
CA PHE D 1961 -0.06 -47.94 44.82
C PHE D 1961 -0.87 -46.68 44.51
N PHE D 1962 -0.19 -45.62 44.08
CA PHE D 1962 -0.87 -44.38 43.68
C PHE D 1962 -1.74 -44.60 42.45
N HIS D 1963 -1.17 -45.24 41.43
CA HIS D 1963 -1.97 -45.61 40.27
C HIS D 1963 -2.94 -46.74 40.58
N ASP D 1964 -2.64 -47.57 41.59
CA ASP D 1964 -3.59 -48.59 42.02
C ASP D 1964 -4.83 -47.95 42.64
N ILE D 1965 -4.67 -46.81 43.30
CA ILE D 1965 -5.83 -46.01 43.71
C ILE D 1965 -6.51 -45.43 42.48
N LEU D 1966 -5.73 -45.02 41.48
CA LEU D 1966 -6.28 -44.36 40.31
C LEU D 1966 -7.04 -45.29 39.37
N HIS D 1967 -6.89 -46.61 39.50
CA HIS D 1967 -7.44 -47.48 38.47
C HIS D 1967 -8.19 -48.69 39.00
N THR D 1968 -8.58 -48.71 40.27
CA THR D 1968 -9.33 -49.84 40.82
C THR D 1968 -10.56 -49.46 41.62
N LYS D 1969 -10.68 -48.22 42.09
CA LYS D 1969 -11.87 -47.83 42.83
C LYS D 1969 -13.08 -47.71 41.90
N TYR D 1970 -14.23 -48.12 42.39
CA TYR D 1970 -15.50 -47.86 41.74
C TYR D 1970 -16.10 -46.63 42.40
N ARG D 1971 -16.06 -45.49 41.71
CA ARG D 1971 -16.24 -44.20 42.36
C ARG D 1971 -17.48 -43.45 41.90
N ALA D 1972 -17.64 -43.17 40.61
CA ALA D 1972 -18.69 -42.28 40.11
C ALA D 1972 -18.70 -42.37 38.59
N ALA D 1973 -19.56 -41.56 37.96
CA ALA D 1973 -19.64 -41.50 36.52
C ALA D 1973 -20.14 -40.10 36.14
N THR D 1974 -19.22 -39.23 35.75
CA THR D 1974 -19.56 -37.86 35.35
C THR D 1974 -18.90 -37.54 34.02
N ASP D 1975 -19.44 -36.53 33.36
CA ASP D 1975 -18.91 -36.04 32.09
C ASP D 1975 -18.74 -34.53 32.21
N VAL D 1976 -17.49 -34.08 32.23
CA VAL D 1976 -17.18 -32.67 32.46
C VAL D 1976 -16.57 -32.06 31.20
N TYR D 1977 -16.74 -32.71 30.05
CA TYR D 1977 -16.02 -32.26 28.86
C TYR D 1977 -16.62 -31.01 28.26
N ALA D 1978 -17.92 -30.79 28.45
CA ALA D 1978 -18.53 -29.54 28.01
C ALA D 1978 -17.93 -28.35 28.73
N LEU D 1979 -17.69 -28.49 30.03
CA LEU D 1979 -17.10 -27.41 30.82
C LEU D 1979 -15.62 -27.24 30.53
N MET D 1980 -14.91 -28.35 30.29
CA MET D 1980 -13.51 -28.27 29.88
C MET D 1980 -13.37 -27.53 28.56
N PHE D 1981 -14.28 -27.77 27.63
CA PHE D 1981 -14.17 -27.13 26.33
C PHE D 1981 -14.63 -25.68 26.38
N LEU D 1982 -15.54 -25.34 27.29
CA LEU D 1982 -15.85 -23.93 27.52
C LEU D 1982 -14.64 -23.18 28.03
N ALA D 1983 -13.90 -23.78 28.98
CA ALA D 1983 -12.68 -23.15 29.48
C ALA D 1983 -11.61 -23.03 28.41
N ASP D 1984 -11.58 -23.95 27.47
CA ASP D 1984 -10.61 -23.86 26.38
C ASP D 1984 -10.97 -22.76 25.39
N ILE D 1985 -12.26 -22.57 25.12
CA ILE D 1985 -12.68 -21.46 24.26
C ILE D 1985 -12.39 -20.12 24.93
N VAL D 1986 -12.65 -20.03 26.24
CA VAL D 1986 -12.37 -18.79 26.97
C VAL D 1986 -10.87 -18.52 27.01
N ASP D 1987 -10.05 -19.58 27.01
CA ASP D 1987 -8.61 -19.41 26.80
C ASP D 1987 -8.31 -18.80 25.43
N ILE D 1988 -9.00 -19.25 24.38
CA ILE D 1988 -8.76 -18.70 23.05
C ILE D 1988 -9.21 -17.25 22.96
N ILE D 1989 -10.33 -16.93 23.60
CA ILE D 1989 -10.85 -15.55 23.63
C ILE D 1989 -9.88 -14.63 24.35
N ILE D 1990 -9.29 -15.10 25.45
CA ILE D 1990 -8.35 -14.30 26.21
C ILE D 1990 -7.04 -14.12 25.46
N ILE D 1991 -6.59 -15.14 24.73
CA ILE D 1991 -5.36 -15.03 23.96
C ILE D 1991 -5.53 -14.06 22.79
N ILE D 1992 -6.68 -14.11 22.11
CA ILE D 1992 -6.95 -13.15 21.04
C ILE D 1992 -7.14 -11.75 21.60
N PHE D 1993 -7.67 -11.63 22.81
CA PHE D 1993 -7.62 -10.35 23.50
C PHE D 1993 -6.20 -9.97 23.93
N GLY D 1994 -5.30 -10.96 24.06
CA GLY D 1994 -3.92 -10.69 24.39
C GLY D 1994 -3.10 -10.18 23.23
N PHE D 1995 -3.57 -10.41 21.99
CA PHE D 1995 -2.96 -9.73 20.86
C PHE D 1995 -3.33 -8.25 20.79
N TRP D 1996 -4.33 -7.80 21.57
CA TRP D 1996 -4.65 -6.39 21.73
C TRP D 1996 -3.71 -5.80 22.79
N ALA D 1997 -2.44 -5.66 22.40
CA ALA D 1997 -1.39 -5.22 23.31
C ALA D 1997 -0.27 -4.53 22.55
N GLN D 2015 8.47 -7.98 22.46
CA GLN D 2015 8.65 -9.32 21.90
C GLN D 2015 7.58 -10.27 22.42
N VAL D 2016 6.59 -9.70 23.10
CA VAL D 2016 5.51 -10.47 23.72
C VAL D 2016 4.44 -11.05 22.78
N PRO D 2017 3.99 -10.44 21.65
CA PRO D 2017 2.92 -11.10 20.90
C PRO D 2017 3.36 -12.32 20.10
N GLN D 2018 4.66 -12.56 19.97
CA GLN D 2018 5.17 -13.79 19.39
C GLN D 2018 5.13 -14.95 20.36
N ALA D 2019 4.75 -14.73 21.61
CA ALA D 2019 4.56 -15.80 22.57
C ALA D 2019 3.12 -16.27 22.64
N PHE D 2020 2.17 -15.39 22.35
CA PHE D 2020 0.76 -15.78 22.28
C PHE D 2020 0.47 -16.67 21.09
N LEU D 2021 1.31 -16.62 20.06
CA LEU D 2021 1.18 -17.50 18.91
C LEU D 2021 1.46 -18.95 19.29
N PHE D 2022 2.55 -19.19 20.02
CA PHE D 2022 2.85 -20.54 20.47
C PHE D 2022 1.82 -21.02 21.48
N MET D 2023 1.20 -20.10 22.22
CA MET D 2023 0.05 -20.44 23.03
C MET D 2023 -1.11 -20.98 22.18
N LEU D 2024 -1.35 -20.37 21.02
CA LEU D 2024 -2.44 -20.82 20.15
C LEU D 2024 -2.15 -22.19 19.57
N LEU D 2025 -0.90 -22.46 19.18
CA LEU D 2025 -0.60 -23.79 18.67
C LEU D 2025 -0.75 -24.85 19.75
N VAL D 2026 -0.33 -24.55 20.98
CA VAL D 2026 -0.46 -25.55 22.01
C VAL D 2026 -1.91 -25.70 22.45
N GLN D 2027 -2.71 -24.62 22.40
CA GLN D 2027 -4.13 -24.74 22.71
C GLN D 2027 -4.86 -25.59 21.69
N PHE D 2028 -4.54 -25.44 20.41
CA PHE D 2028 -5.15 -26.28 19.39
C PHE D 2028 -4.69 -27.72 19.52
N GLY D 2029 -3.42 -27.92 19.88
CA GLY D 2029 -2.92 -29.27 20.10
C GLY D 2029 -3.57 -29.94 21.29
N THR D 2030 -3.80 -29.19 22.37
CA THR D 2030 -4.44 -29.77 23.54
C THR D 2030 -5.91 -30.07 23.28
N MET D 2031 -6.61 -29.23 22.51
CA MET D 2031 -8.00 -29.52 22.18
C MET D 2031 -8.11 -30.78 21.34
N VAL D 2032 -7.18 -30.96 20.41
CA VAL D 2032 -7.19 -32.15 19.56
C VAL D 2032 -6.92 -33.41 20.38
N ILE D 2033 -5.94 -33.35 21.28
CA ILE D 2033 -5.66 -34.52 22.10
C ILE D 2033 -6.78 -34.73 23.13
N ASP D 2034 -7.51 -33.68 23.49
CA ASP D 2034 -8.64 -33.84 24.40
C ASP D 2034 -9.78 -34.63 23.77
N ARG D 2035 -10.15 -34.32 22.53
CA ARG D 2035 -11.16 -35.14 21.87
C ARG D 2035 -10.66 -36.56 21.62
N ALA D 2036 -9.36 -36.73 21.42
CA ALA D 2036 -8.79 -38.08 21.27
C ALA D 2036 -8.99 -38.89 22.53
N LEU D 2037 -8.59 -38.34 23.67
CA LEU D 2037 -8.68 -39.07 24.93
C LEU D 2037 -10.12 -39.18 25.42
N TYR D 2038 -10.97 -38.21 25.08
CA TYR D 2038 -12.37 -38.27 25.48
C TYR D 2038 -13.11 -39.34 24.70
N LEU D 2039 -12.91 -39.39 23.38
CA LEU D 2039 -13.61 -40.38 22.58
C LEU D 2039 -13.06 -41.78 22.76
N ARG D 2040 -11.79 -41.92 23.15
CA ARG D 2040 -11.24 -43.24 23.37
C ARG D 2040 -11.26 -43.66 24.83
N LYS D 2041 -11.73 -42.80 25.73
CA LYS D 2041 -11.98 -43.09 27.15
C LYS D 2041 -10.73 -43.51 27.90
N THR D 2042 -9.55 -43.16 27.40
CA THR D 2042 -8.30 -43.66 27.97
C THR D 2042 -7.93 -42.83 29.19
N VAL D 2043 -8.11 -43.42 30.38
CA VAL D 2043 -7.77 -42.74 31.61
C VAL D 2043 -6.26 -42.60 31.75
N LEU D 2044 -5.52 -43.65 31.38
CA LEU D 2044 -4.05 -43.65 31.41
C LEU D 2044 -3.46 -42.54 30.57
N GLY D 2045 -3.99 -42.38 29.35
CA GLY D 2045 -3.52 -41.30 28.49
C GLY D 2045 -3.88 -39.93 29.03
N LYS D 2046 -5.00 -39.83 29.74
CA LYS D 2046 -5.39 -38.54 30.28
C LYS D 2046 -4.58 -38.18 31.51
N LEU D 2047 -4.16 -39.19 32.29
CA LEU D 2047 -3.17 -38.98 33.34
C LEU D 2047 -1.88 -38.40 32.77
N ALA D 2048 -1.31 -39.06 31.77
CA ALA D 2048 -0.05 -38.59 31.20
C ALA D 2048 -0.18 -37.23 30.54
N PHE D 2049 -1.36 -36.96 29.96
CA PHE D 2049 -1.57 -35.68 29.31
C PHE D 2049 -1.71 -34.56 30.31
N GLN D 2050 -2.38 -34.81 31.44
CA GLN D 2050 -2.49 -33.75 32.45
C GLN D 2050 -1.16 -33.54 33.15
N VAL D 2051 -0.39 -34.61 33.37
CA VAL D 2051 0.92 -34.48 33.99
C VAL D 2051 1.85 -33.66 33.11
N VAL D 2052 1.85 -33.94 31.80
CA VAL D 2052 2.75 -33.19 30.93
C VAL D 2052 2.24 -31.76 30.75
N LEU D 2053 0.93 -31.52 30.86
CA LEU D 2053 0.46 -30.14 30.73
C LEU D 2053 0.74 -29.30 31.96
N VAL D 2054 0.55 -29.87 33.16
CA VAL D 2054 0.83 -29.13 34.39
C VAL D 2054 2.30 -28.74 34.44
N VAL D 2055 3.18 -29.69 34.11
CA VAL D 2055 4.61 -29.45 34.15
C VAL D 2055 5.02 -28.46 33.08
N ALA D 2056 4.60 -28.67 31.83
CA ALA D 2056 5.10 -27.83 30.74
C ALA D 2056 4.52 -26.43 30.76
N ILE D 2057 3.27 -26.26 31.18
CA ILE D 2057 2.71 -24.91 31.21
C ILE D 2057 3.27 -24.12 32.38
N HIS D 2058 3.44 -24.77 33.54
CA HIS D 2058 4.02 -24.07 34.67
C HIS D 2058 5.50 -23.77 34.47
N ILE D 2059 6.19 -24.55 33.63
CA ILE D 2059 7.54 -24.17 33.24
C ILE D 2059 7.50 -23.02 32.25
N TRP D 2060 6.74 -23.19 31.16
CA TRP D 2060 6.85 -22.29 30.01
C TRP D 2060 6.31 -20.89 30.33
N MET D 2061 5.35 -20.79 31.24
CA MET D 2061 4.86 -19.46 31.57
C MET D 2061 5.84 -18.72 32.48
N PHE D 2062 6.21 -19.33 33.60
CA PHE D 2062 6.88 -18.58 34.66
C PHE D 2062 8.40 -18.58 34.50
N PHE D 2063 8.99 -19.68 34.05
CA PHE D 2063 10.44 -19.70 33.86
C PHE D 2063 10.87 -18.93 32.63
N ILE D 2064 9.99 -18.75 31.66
CA ILE D 2064 10.34 -18.15 30.38
C ILE D 2064 9.70 -16.77 30.20
N LEU D 2065 8.40 -16.67 30.38
CA LEU D 2065 7.75 -15.38 30.21
C LEU D 2065 7.72 -14.63 31.54
N GLN D 2075 3.01 -8.98 36.85
CA GLN D 2075 3.28 -9.18 35.43
C GLN D 2075 2.05 -8.83 34.57
N ASN D 2076 1.90 -9.47 33.41
CA ASN D 2076 0.84 -9.10 32.48
C ASN D 2076 -0.51 -9.64 32.95
N ALA D 2077 -1.52 -8.78 32.96
CA ALA D 2077 -2.81 -9.15 33.51
C ALA D 2077 -3.54 -10.15 32.63
N VAL D 2078 -3.37 -10.06 31.31
CA VAL D 2078 -4.05 -11.00 30.43
C VAL D 2078 -3.38 -12.37 30.50
N ALA D 2079 -2.08 -12.42 30.82
CA ALA D 2079 -1.42 -13.71 31.02
C ALA D 2079 -1.86 -14.34 32.32
N GLN D 2080 -2.10 -13.51 33.35
CA GLN D 2080 -2.63 -14.03 34.60
C GLN D 2080 -4.06 -14.54 34.42
N LEU D 2081 -4.85 -13.86 33.59
CA LEU D 2081 -6.23 -14.25 33.40
C LEU D 2081 -6.35 -15.50 32.54
N TRP D 2082 -5.46 -15.65 31.55
CA TRP D 2082 -5.36 -16.91 30.82
C TRP D 2082 -4.92 -18.04 31.73
N TYR D 2083 -4.06 -17.75 32.70
CA TYR D 2083 -3.64 -18.78 33.63
C TYR D 2083 -4.77 -19.18 34.57
N PHE D 2084 -5.64 -18.24 34.93
CA PHE D 2084 -6.75 -18.57 35.82
C PHE D 2084 -7.78 -19.46 35.12
N VAL D 2085 -8.04 -19.20 33.85
CA VAL D 2085 -8.99 -20.06 33.13
C VAL D 2085 -8.36 -21.41 32.85
N LYS D 2086 -7.06 -21.44 32.57
CA LYS D 2086 -6.39 -22.71 32.33
C LYS D 2086 -6.27 -23.56 33.60
N CYS D 2087 -6.14 -22.94 34.77
CA CYS D 2087 -6.07 -23.76 35.97
C CYS D 2087 -7.45 -24.23 36.42
N ILE D 2088 -8.50 -23.49 36.09
CA ILE D 2088 -9.86 -24.03 36.17
C ILE D 2088 -9.98 -25.29 35.29
N TYR D 2089 -9.39 -25.23 34.11
CA TYR D 2089 -9.38 -26.37 33.20
C TYR D 2089 -8.59 -27.56 33.76
N PHE D 2090 -7.51 -27.30 34.51
CA PHE D 2090 -6.80 -28.40 35.14
C PHE D 2090 -7.62 -29.03 36.25
N ALA D 2091 -8.38 -28.22 36.97
CA ALA D 2091 -9.25 -28.74 38.03
C ALA D 2091 -10.33 -29.64 37.46
N LEU D 2092 -10.88 -29.26 36.30
CA LEU D 2092 -11.93 -30.07 35.69
C LEU D 2092 -11.37 -31.33 35.06
N SER D 2093 -10.17 -31.26 34.46
CA SER D 2093 -9.57 -32.45 33.88
C SER D 2093 -9.15 -33.45 34.96
N ALA D 2094 -8.71 -32.98 36.13
CA ALA D 2094 -8.44 -33.90 37.22
C ALA D 2094 -9.74 -34.44 37.82
N TYR D 2095 -10.81 -33.65 37.79
CA TYR D 2095 -12.09 -34.16 38.25
C TYR D 2095 -12.68 -35.18 37.29
N GLN D 2096 -12.17 -35.24 36.05
CA GLN D 2096 -12.52 -36.34 35.16
C GLN D 2096 -11.48 -37.45 35.18
N ILE D 2097 -10.29 -37.20 35.74
CA ILE D 2097 -9.41 -38.30 36.13
C ILE D 2097 -10.08 -39.17 37.19
N ARG D 2098 -10.51 -38.54 38.27
CA ARG D 2098 -11.42 -39.25 39.16
C ARG D 2098 -12.83 -39.20 38.58
N CYS D 2099 -13.77 -39.86 39.24
CA CYS D 2099 -15.18 -39.99 38.85
C CYS D 2099 -15.38 -40.66 37.49
N GLY D 2100 -14.33 -41.25 36.89
CA GLY D 2100 -14.31 -42.04 35.67
C GLY D 2100 -14.94 -41.41 34.42
N TYR D 2101 -15.07 -42.27 33.41
CA TYR D 2101 -15.83 -41.99 32.20
C TYR D 2101 -17.12 -42.80 32.21
N PRO D 2102 -18.25 -42.21 31.84
CA PRO D 2102 -19.47 -43.00 31.67
C PRO D 2102 -19.36 -43.88 30.44
N THR D 2103 -20.17 -44.93 30.42
CA THR D 2103 -20.18 -45.88 29.31
C THR D 2103 -21.13 -45.47 28.21
N ARG D 2104 -21.51 -44.19 28.14
CA ARG D 2104 -22.33 -43.67 27.05
C ARG D 2104 -21.91 -42.22 26.83
N ILE D 2105 -21.02 -42.00 25.86
CA ILE D 2105 -20.54 -40.66 25.55
C ILE D 2105 -21.67 -39.79 25.02
N LEU D 2106 -22.49 -40.35 24.11
CA LEU D 2106 -23.72 -39.76 23.59
C LEU D 2106 -23.44 -38.42 22.91
N GLY D 2107 -22.74 -38.51 21.78
CA GLY D 2107 -22.74 -37.53 20.70
C GLY D 2107 -22.60 -36.06 21.04
N ASN D 2108 -23.65 -35.28 20.79
CA ASN D 2108 -23.62 -33.86 21.03
C ASN D 2108 -24.29 -33.52 22.35
N PHE D 2109 -23.81 -32.46 22.99
CA PHE D 2109 -24.34 -32.07 24.29
C PHE D 2109 -25.51 -31.11 24.17
N LEU D 2110 -25.68 -30.47 23.02
CA LEU D 2110 -26.83 -29.60 22.82
C LEU D 2110 -28.03 -30.35 22.27
N THR D 2111 -27.85 -31.55 21.75
CA THR D 2111 -28.97 -32.31 21.21
C THR D 2111 -29.60 -33.22 22.27
N LYS D 2112 -29.95 -32.65 23.41
CA LYS D 2112 -30.55 -33.42 24.49
C LYS D 2112 -31.93 -32.93 24.87
N LYS D 2113 -32.11 -31.62 25.03
CA LYS D 2113 -33.32 -31.11 25.68
C LYS D 2113 -34.37 -30.62 24.72
N TYR D 2114 -34.00 -30.31 23.47
CA TYR D 2114 -34.90 -29.83 22.41
C TYR D 2114 -35.64 -28.56 22.82
N ASN D 2115 -34.97 -27.67 23.50
CA ASN D 2115 -35.62 -26.46 23.98
C ASN D 2115 -35.53 -25.34 22.95
N HIS D 2116 -36.10 -24.20 23.32
CA HIS D 2116 -36.01 -22.99 22.51
C HIS D 2116 -34.60 -22.41 22.55
N LEU D 2117 -34.10 -22.17 23.76
CA LEU D 2117 -32.75 -21.66 23.93
C LEU D 2117 -31.71 -22.69 23.51
N ASN D 2118 -32.05 -23.97 23.60
CA ASN D 2118 -31.15 -25.02 23.15
C ASN D 2118 -30.97 -24.97 21.64
N LEU D 2119 -32.03 -24.63 20.92
CA LEU D 2119 -31.95 -24.44 19.47
C LEU D 2119 -31.05 -23.26 19.13
N PHE D 2120 -31.22 -22.14 19.83
CA PHE D 2120 -30.41 -20.98 19.48
C PHE D 2120 -28.95 -21.15 19.87
N LEU D 2121 -28.67 -21.95 20.90
CA LEU D 2121 -27.27 -22.28 21.18
C LEU D 2121 -26.69 -23.20 20.12
N PHE D 2122 -27.50 -24.07 19.53
CA PHE D 2122 -26.99 -24.98 18.52
C PHE D 2122 -26.66 -24.23 17.23
N GLN D 2123 -27.55 -23.33 16.80
CA GLN D 2123 -27.27 -22.53 15.61
C GLN D 2123 -26.13 -21.56 15.85
N GLY D 2124 -26.05 -21.00 17.06
CA GLY D 2124 -24.91 -20.15 17.40
C GLY D 2124 -23.61 -20.92 17.47
N PHE D 2125 -23.68 -22.21 17.79
CA PHE D 2125 -22.50 -23.06 17.71
C PHE D 2125 -22.06 -23.23 16.27
N ARG D 2126 -23.01 -23.35 15.35
CA ARG D 2126 -22.61 -23.54 13.97
C ARG D 2126 -22.21 -22.26 13.27
N LEU D 2127 -22.50 -21.09 13.87
CA LEU D 2127 -22.05 -19.82 13.29
C LEU D 2127 -20.56 -19.60 13.45
N VAL D 2128 -19.94 -20.19 14.45
CA VAL D 2128 -18.48 -20.17 14.58
C VAL D 2128 -17.87 -20.88 13.37
N PRO D 2129 -16.85 -20.30 12.71
CA PRO D 2129 -16.36 -20.87 11.44
C PRO D 2129 -15.87 -22.30 11.46
N PHE D 2130 -14.90 -22.63 12.29
CA PHE D 2130 -14.20 -23.91 12.14
C PHE D 2130 -14.41 -24.85 13.32
N LEU D 2131 -15.62 -24.90 13.87
CA LEU D 2131 -15.93 -25.89 14.90
C LEU D 2131 -16.68 -27.10 14.38
N VAL D 2132 -17.65 -26.91 13.49
CA VAL D 2132 -18.48 -28.03 13.04
C VAL D 2132 -17.67 -28.97 12.15
N GLU D 2133 -16.76 -28.40 11.34
CA GLU D 2133 -15.81 -29.18 10.56
C GLU D 2133 -14.96 -30.07 11.46
N LEU D 2134 -14.31 -29.46 12.45
CA LEU D 2134 -13.40 -30.20 13.31
C LEU D 2134 -14.14 -31.19 14.19
N ARG D 2135 -15.34 -30.83 14.65
CA ARG D 2135 -16.12 -31.78 15.44
C ARG D 2135 -16.47 -33.00 14.63
N ALA D 2136 -16.89 -32.81 13.37
CA ALA D 2136 -17.29 -33.92 12.54
C ALA D 2136 -16.10 -34.79 12.13
N VAL D 2137 -14.97 -34.15 11.78
CA VAL D 2137 -13.80 -34.91 11.34
C VAL D 2137 -13.20 -35.70 12.50
N MET D 2138 -13.00 -35.04 13.64
CA MET D 2138 -12.33 -35.70 14.76
C MET D 2138 -13.22 -36.77 15.39
N ASP D 2139 -14.54 -36.56 15.38
CA ASP D 2139 -15.42 -37.62 15.85
C ASP D 2139 -15.37 -38.81 14.90
N TRP D 2140 -15.11 -38.57 13.62
CA TRP D 2140 -14.94 -39.70 12.70
C TRP D 2140 -13.63 -40.42 12.95
N VAL D 2141 -12.55 -39.68 13.19
CA VAL D 2141 -11.24 -40.31 13.29
C VAL D 2141 -11.14 -41.13 14.58
N TRP D 2142 -11.62 -40.58 15.69
CA TRP D 2142 -11.38 -41.21 16.97
C TRP D 2142 -12.47 -42.19 17.38
N THR D 2143 -13.63 -42.19 16.72
CA THR D 2143 -14.50 -43.34 16.86
C THR D 2143 -14.11 -44.41 15.87
N ASP D 2144 -14.86 -45.51 15.86
CA ASP D 2144 -14.42 -46.78 15.31
C ASP D 2144 -15.47 -47.38 14.39
N THR D 2145 -15.93 -46.59 13.41
CA THR D 2145 -17.04 -46.99 12.56
C THR D 2145 -16.55 -47.57 11.24
N THR D 2146 -17.50 -47.98 10.41
CA THR D 2146 -17.24 -48.56 9.10
C THR D 2146 -17.43 -47.56 7.96
N LEU D 2147 -17.97 -46.39 8.25
CA LEU D 2147 -18.30 -45.43 7.22
C LEU D 2147 -17.03 -44.76 6.71
N SER D 2148 -17.14 -44.13 5.54
CA SER D 2148 -16.05 -43.33 5.03
C SER D 2148 -16.14 -41.94 5.63
N LEU D 2149 -15.38 -41.00 5.10
CA LEU D 2149 -15.48 -39.65 5.64
C LEU D 2149 -16.72 -38.96 5.13
N SER D 2150 -17.04 -39.14 3.85
CA SER D 2150 -18.21 -38.48 3.28
C SER D 2150 -19.50 -39.06 3.83
N ASN D 2151 -19.51 -40.35 4.17
CA ASN D 2151 -20.69 -40.95 4.78
C ASN D 2151 -20.91 -40.44 6.18
N TRP D 2152 -19.82 -40.26 6.94
CA TRP D 2152 -19.89 -39.65 8.25
C TRP D 2152 -20.44 -38.22 8.17
N MET D 2153 -20.01 -37.48 7.15
CA MET D 2153 -20.52 -36.13 6.95
C MET D 2153 -22.00 -36.14 6.59
N CYS D 2154 -22.43 -37.10 5.78
CA CYS D 2154 -23.83 -37.19 5.40
C CYS D 2154 -24.71 -37.45 6.61
N VAL D 2155 -24.26 -38.32 7.52
CA VAL D 2155 -25.05 -38.63 8.70
C VAL D 2155 -25.17 -37.42 9.60
N GLU D 2156 -24.07 -36.72 9.83
CA GLU D 2156 -24.13 -35.63 10.78
C GLU D 2156 -24.76 -34.38 10.19
N ASP D 2157 -24.77 -34.22 8.87
CA ASP D 2157 -25.54 -33.13 8.28
C ASP D 2157 -27.03 -33.42 8.35
N ILE D 2158 -27.41 -34.68 8.18
CA ILE D 2158 -28.80 -35.09 8.38
C ILE D 2158 -29.23 -34.84 9.81
N TYR D 2159 -28.37 -35.17 10.77
CA TYR D 2159 -28.73 -35.04 12.17
C TYR D 2159 -28.79 -33.58 12.61
N ALA D 2160 -27.92 -32.74 12.05
CA ALA D 2160 -27.96 -31.33 12.40
C ALA D 2160 -29.19 -30.64 11.83
N ASN D 2161 -29.55 -30.97 10.58
CA ASN D 2161 -30.76 -30.39 9.99
C ASN D 2161 -32.00 -30.84 10.75
N ILE D 2162 -32.03 -32.09 11.18
CA ILE D 2162 -33.22 -32.62 11.83
C ILE D 2162 -33.37 -32.11 13.24
N PHE D 2163 -32.26 -31.89 13.94
CA PHE D 2163 -32.37 -31.30 15.27
C PHE D 2163 -32.88 -29.86 15.21
N ILE D 2164 -32.49 -29.12 14.18
CA ILE D 2164 -33.02 -27.76 14.02
C ILE D 2164 -34.50 -27.79 13.68
N ILE D 2165 -34.92 -28.75 12.84
CA ILE D 2165 -36.33 -28.87 12.50
C ILE D 2165 -37.14 -29.32 13.71
N LYS D 2166 -36.62 -30.27 14.48
CA LYS D 2166 -37.34 -30.81 15.63
C LYS D 2166 -37.56 -29.76 16.71
N CYS D 2167 -36.56 -28.92 16.95
CA CYS D 2167 -36.74 -27.85 17.92
C CYS D 2167 -37.73 -26.81 17.44
N SER D 2168 -37.76 -26.53 16.14
CA SER D 2168 -38.75 -25.61 15.62
C SER D 2168 -40.16 -26.19 15.73
N ARG D 2169 -40.30 -27.50 15.53
CA ARG D 2169 -41.63 -28.10 15.64
C ARG D 2169 -42.09 -28.17 17.09
N GLU D 2170 -41.16 -28.36 18.03
CA GLU D 2170 -41.58 -28.38 19.43
C GLU D 2170 -41.91 -27.00 19.96
N THR D 2171 -41.25 -25.95 19.48
CA THR D 2171 -41.69 -24.62 19.88
C THR D 2171 -43.02 -24.27 19.22
N GLU D 2172 -43.30 -24.84 18.05
CA GLU D 2172 -44.62 -24.70 17.47
C GLU D 2172 -45.66 -25.49 18.26
N LYS D 2173 -45.25 -26.55 18.95
CA LYS D 2173 -46.20 -27.27 19.80
C LYS D 2173 -46.41 -26.57 21.14
N LYS D 2174 -45.31 -26.17 21.79
CA LYS D 2174 -45.40 -25.59 23.13
C LYS D 2174 -46.04 -24.22 23.10
N TYR D 2175 -45.79 -23.43 22.05
CA TYR D 2175 -46.38 -22.12 21.89
C TYR D 2175 -47.13 -22.06 20.57
N PRO D 2176 -48.32 -22.68 20.48
CA PRO D 2176 -49.02 -22.72 19.20
C PRO D 2176 -49.69 -21.38 18.92
N GLN D 2177 -49.39 -20.79 17.77
CA GLN D 2177 -50.14 -19.65 17.33
C GLN D 2177 -51.52 -20.12 16.86
N PRO D 2178 -52.53 -19.26 16.92
CA PRO D 2178 -53.88 -19.66 16.48
C PRO D 2178 -53.91 -20.03 15.01
N LYS D 2179 -54.43 -21.22 14.74
CA LYS D 2179 -54.44 -21.84 13.42
C LYS D 2179 -55.47 -21.11 12.57
N GLY D 2180 -55.08 -19.95 12.07
CA GLY D 2180 -56.00 -19.13 11.32
C GLY D 2180 -55.35 -17.90 10.73
N GLN D 2181 -56.10 -16.80 10.67
CA GLN D 2181 -55.65 -15.59 9.99
C GLN D 2181 -54.92 -14.69 10.98
N LYS D 2182 -53.75 -15.15 11.40
CA LYS D 2182 -52.96 -14.43 12.39
C LYS D 2182 -51.92 -13.59 11.68
N LYS D 2183 -52.19 -12.30 11.57
CA LYS D 2183 -51.18 -11.35 11.12
C LYS D 2183 -50.14 -11.18 12.22
N LYS D 2184 -48.87 -11.16 11.83
CA LYS D 2184 -47.80 -10.99 12.80
C LYS D 2184 -47.71 -9.53 13.24
N LYS D 2185 -47.45 -9.31 14.54
CA LYS D 2185 -47.63 -7.99 15.11
C LYS D 2185 -46.43 -7.07 14.86
N ILE D 2186 -45.30 -7.37 15.50
CA ILE D 2186 -44.13 -6.50 15.47
C ILE D 2186 -42.85 -7.26 15.19
N VAL D 2187 -42.92 -8.59 15.03
CA VAL D 2187 -41.73 -9.35 14.66
C VAL D 2187 -41.34 -9.05 13.22
N LYS D 2188 -42.28 -8.56 12.41
CA LYS D 2188 -41.97 -8.02 11.09
C LYS D 2188 -41.01 -6.86 11.20
N TYR D 2189 -41.32 -5.88 12.04
CA TYR D 2189 -40.41 -4.76 12.25
C TYR D 2189 -39.19 -5.18 13.04
N GLY D 2190 -39.27 -6.29 13.78
CA GLY D 2190 -38.15 -6.72 14.58
C GLY D 2190 -37.01 -7.29 13.75
N MET D 2191 -37.35 -8.19 12.83
CA MET D 2191 -36.30 -8.80 12.02
C MET D 2191 -36.28 -8.35 10.56
N GLY D 2192 -37.42 -7.99 9.98
CA GLY D 2192 -37.41 -7.46 8.63
C GLY D 2192 -36.74 -6.10 8.57
N GLY D 2193 -37.08 -5.20 9.50
CA GLY D 2193 -36.40 -3.91 9.56
C GLY D 2193 -34.94 -4.03 9.92
N LEU D 2194 -34.58 -5.05 10.69
CA LEU D 2194 -33.18 -5.38 10.94
C LEU D 2194 -32.46 -5.74 9.64
N ILE D 2195 -33.09 -6.57 8.81
CA ILE D 2195 -32.51 -6.98 7.54
C ILE D 2195 -32.38 -5.79 6.60
N ILE D 2196 -33.39 -4.92 6.55
CA ILE D 2196 -33.39 -3.77 5.66
C ILE D 2196 -32.27 -2.79 6.06
N LEU D 2197 -32.18 -2.48 7.35
CA LEU D 2197 -31.16 -1.53 7.81
C LEU D 2197 -29.76 -2.10 7.64
N PHE D 2198 -29.58 -3.39 7.91
CA PHE D 2198 -28.30 -4.04 7.71
C PHE D 2198 -27.89 -4.02 6.24
N LEU D 2199 -28.85 -4.21 5.36
CA LEU D 2199 -28.53 -4.32 3.95
C LEU D 2199 -28.28 -2.97 3.32
N ILE D 2200 -28.99 -1.93 3.80
CA ILE D 2200 -28.69 -0.57 3.38
C ILE D 2200 -27.31 -0.15 3.87
N ALA D 2201 -26.92 -0.60 5.07
CA ALA D 2201 -25.57 -0.34 5.58
C ALA D 2201 -24.49 -0.98 4.71
N ILE D 2202 -24.78 -2.15 4.13
CA ILE D 2202 -23.89 -2.75 3.15
C ILE D 2202 -23.83 -1.88 1.90
N ILE D 2203 -24.91 -1.17 1.56
CA ILE D 2203 -24.78 -0.24 0.46
C ILE D 2203 -24.06 1.04 0.89
N TRP D 2204 -23.95 1.28 2.20
CA TRP D 2204 -23.58 2.58 2.75
C TRP D 2204 -22.10 2.72 3.11
N PHE D 2205 -21.33 1.63 3.21
CA PHE D 2205 -19.90 1.79 3.49
C PHE D 2205 -19.04 2.66 2.55
N PRO D 2206 -19.45 3.06 1.31
CA PRO D 2206 -18.78 4.21 0.68
C PRO D 2206 -18.71 5.53 1.45
N LEU D 2207 -19.44 5.66 2.57
CA LEU D 2207 -19.05 6.58 3.63
C LEU D 2207 -17.60 6.36 4.05
N LEU D 2208 -17.24 5.12 4.36
CA LEU D 2208 -15.86 4.80 4.75
C LEU D 2208 -14.90 4.94 3.58
N PHE D 2209 -15.33 4.52 2.40
CA PHE D 2209 -14.52 4.63 1.18
C PHE D 2209 -14.25 6.08 0.79
N MET D 2210 -15.10 7.03 1.20
CA MET D 2210 -14.84 8.43 0.96
C MET D 2210 -14.34 9.17 2.20
N SER D 2211 -14.33 8.54 3.36
CA SER D 2211 -13.66 9.14 4.51
C SER D 2211 -12.18 8.77 4.57
N LEU D 2212 -11.73 7.81 3.76
CA LEU D 2212 -10.30 7.55 3.61
C LEU D 2212 -9.67 8.36 2.49
N ILE D 2213 -10.33 9.42 2.01
CA ILE D 2213 -9.84 10.24 0.91
C ILE D 2213 -10.00 11.70 1.29
N ARG D 2214 -8.92 12.47 1.14
CA ARG D 2214 -8.89 13.94 1.25
C ARG D 2214 -9.33 14.41 2.63
N SER D 2215 -8.55 14.02 3.64
CA SER D 2215 -8.87 14.33 5.03
C SER D 2215 -8.16 15.59 5.54
N VAL D 2216 -6.83 15.62 5.52
CA VAL D 2216 -6.10 16.68 6.21
C VAL D 2216 -5.57 17.61 5.11
N VAL D 2217 -6.26 17.68 3.99
CA VAL D 2217 -5.88 18.59 2.92
C VAL D 2217 -6.21 20.01 3.35
N GLY D 2218 -5.18 20.85 3.41
CA GLY D 2218 -5.42 22.24 3.77
C GLY D 2218 -4.37 22.92 4.61
N VAL D 2219 -3.33 22.20 4.99
CA VAL D 2219 -2.28 22.80 5.82
C VAL D 2219 -1.32 23.56 4.90
N VAL D 2220 -1.00 24.79 5.28
CA VAL D 2220 -0.33 25.74 4.39
C VAL D 2220 1.17 25.49 4.40
N ASN D 2221 1.81 25.65 3.23
CA ASN D 2221 3.25 25.54 3.10
C ASN D 2221 3.94 26.90 3.28
N GLN D 2222 3.73 27.53 4.42
CA GLN D 2222 4.43 28.77 4.70
C GLN D 2222 5.90 28.48 4.95
N PRO D 2223 6.81 29.02 4.15
CA PRO D 2223 8.22 28.61 4.24
C PRO D 2223 8.91 29.21 5.45
N ILE D 2224 10.08 28.68 5.75
CA ILE D 2224 10.89 29.11 6.88
C ILE D 2224 12.00 30.05 6.45
N ASP D 2225 12.80 29.62 5.48
CA ASP D 2225 13.95 30.37 5.00
C ASP D 2225 13.83 30.57 3.50
N VAL D 2226 14.37 31.67 2.99
CA VAL D 2226 14.51 31.90 1.56
C VAL D 2226 15.92 32.46 1.31
N THR D 2227 16.73 31.73 0.56
CA THR D 2227 18.07 32.19 0.24
C THR D 2227 18.15 32.64 -1.20
N VAL D 2228 19.17 33.43 -1.51
CA VAL D 2228 19.37 34.05 -2.82
C VAL D 2228 20.87 34.11 -3.11
N THR D 2229 21.29 33.60 -4.27
CA THR D 2229 22.67 33.67 -4.69
C THR D 2229 22.79 34.39 -6.04
N LEU D 2230 24.05 34.70 -6.39
CA LEU D 2230 24.39 35.29 -7.70
C LEU D 2230 25.79 34.80 -8.06
N LYS D 2231 25.86 33.78 -8.89
CA LYS D 2231 27.15 33.21 -9.27
C LYS D 2231 27.56 33.74 -10.64
N LEU D 2232 28.68 34.47 -10.68
CA LEU D 2232 29.25 34.98 -11.91
C LEU D 2232 30.12 33.88 -12.52
N GLY D 2233 29.52 33.08 -13.40
CA GLY D 2233 30.24 32.02 -14.06
C GLY D 2233 30.54 30.85 -13.15
N GLY D 2234 31.70 30.25 -13.32
CA GLY D 2234 32.09 29.12 -12.49
C GLY D 2234 32.79 29.51 -11.21
N TYR D 2235 32.56 30.74 -10.75
CA TYR D 2235 33.21 31.26 -9.57
C TYR D 2235 32.18 31.45 -8.47
N GLU D 2236 32.63 32.03 -7.36
CA GLU D 2236 31.84 32.04 -6.15
C GLU D 2236 30.62 32.94 -6.26
N PRO D 2237 29.56 32.65 -5.50
CA PRO D 2237 28.43 33.57 -5.45
C PRO D 2237 28.80 34.89 -4.79
N LEU D 2238 28.08 35.92 -5.17
CA LEU D 2238 28.26 37.22 -4.56
C LEU D 2238 27.41 37.39 -3.32
N PHE D 2239 26.39 36.55 -3.17
CA PHE D 2239 25.41 36.66 -2.10
C PHE D 2239 24.98 35.28 -1.63
N THR D 2240 24.73 35.16 -0.33
CA THR D 2240 23.88 34.12 0.24
C THR D 2240 22.98 34.84 1.22
N MET D 2241 21.88 35.40 0.73
CA MET D 2241 20.99 36.17 1.58
C MET D 2241 19.85 35.26 2.01
N SER D 2242 20.06 34.52 3.10
CA SER D 2242 19.03 33.68 3.68
C SER D 2242 18.04 34.57 4.40
N ALA D 2243 17.08 35.09 3.65
CA ALA D 2243 16.01 35.90 4.21
C ALA D 2243 15.09 35.00 5.01
N GLN D 2244 14.90 35.31 6.29
CA GLN D 2244 14.20 34.42 7.20
C GLN D 2244 13.09 35.15 7.97
N GLN D 2245 12.55 34.50 8.97
CA GLN D 2245 11.62 35.16 9.88
C GLN D 2245 12.40 36.07 10.81
N PRO D 2246 11.81 37.22 11.23
CA PRO D 2246 10.49 37.76 10.90
C PRO D 2246 10.45 38.58 9.62
N SER D 2247 11.55 38.62 8.86
CA SER D 2247 11.54 39.34 7.59
C SER D 2247 10.73 38.63 6.52
N ILE D 2248 10.40 37.36 6.72
CA ILE D 2248 9.40 36.66 5.92
C ILE D 2248 8.05 36.95 6.57
N VAL D 2249 7.19 37.67 5.84
CA VAL D 2249 5.94 38.20 6.37
C VAL D 2249 4.80 37.68 5.52
N PRO D 2250 3.74 37.11 6.12
CA PRO D 2250 2.56 36.72 5.34
C PRO D 2250 1.70 37.90 4.91
N PHE D 2251 0.55 37.65 4.29
CA PHE D 2251 -0.28 38.74 3.79
C PHE D 2251 -1.34 39.18 4.80
N THR D 2252 -1.72 40.44 4.66
CA THR D 2252 -3.00 40.95 5.10
C THR D 2252 -4.02 40.66 4.00
N PRO D 2253 -5.32 40.73 4.32
CA PRO D 2253 -6.32 40.72 3.23
C PRO D 2253 -6.24 41.95 2.35
N GLN D 2254 -5.69 43.07 2.84
CA GLN D 2254 -5.45 44.21 1.98
C GLN D 2254 -4.36 43.95 0.95
N ALA D 2255 -3.44 43.02 1.24
CA ALA D 2255 -2.47 42.63 0.22
C ALA D 2255 -3.14 41.84 -0.90
N TYR D 2256 -4.14 41.04 -0.57
CA TYR D 2256 -4.99 40.42 -1.59
C TYR D 2256 -5.75 41.48 -2.37
N GLU D 2257 -6.18 42.54 -1.70
CA GLU D 2257 -6.82 43.66 -2.38
C GLU D 2257 -5.83 44.37 -3.30
N GLU D 2258 -4.58 44.48 -2.87
CA GLU D 2258 -3.55 45.09 -3.71
C GLU D 2258 -3.29 44.26 -4.97
N LEU D 2259 -3.25 42.94 -4.83
CA LEU D 2259 -3.02 42.10 -6.01
C LEU D 2259 -4.23 42.10 -6.93
N SER D 2260 -5.43 42.06 -6.36
CA SER D 2260 -6.65 42.10 -7.15
C SER D 2260 -6.87 43.44 -7.82
N GLN D 2261 -6.22 44.50 -7.34
CA GLN D 2261 -6.29 45.81 -8.00
C GLN D 2261 -5.14 46.03 -8.96
N GLN D 2262 -3.95 45.50 -8.67
CA GLN D 2262 -2.83 45.69 -9.58
C GLN D 2262 -2.86 44.75 -10.77
N PHE D 2263 -3.70 43.73 -10.76
CA PHE D 2263 -3.73 42.78 -11.87
C PHE D 2263 -5.10 42.76 -12.54
N ASP D 2264 -5.67 43.94 -12.73
CA ASP D 2264 -6.92 44.08 -13.47
C ASP D 2264 -6.87 43.66 -14.94
N PRO D 2265 -5.96 44.14 -15.80
CA PRO D 2265 -6.14 43.88 -17.24
C PRO D 2265 -5.77 42.47 -17.70
N TYR D 2266 -5.55 41.53 -16.79
CA TYR D 2266 -5.41 40.14 -17.14
C TYR D 2266 -6.49 39.34 -16.41
N PRO D 2267 -7.30 38.55 -17.13
CA PRO D 2267 -8.28 37.71 -16.43
C PRO D 2267 -7.65 36.52 -15.74
N LEU D 2268 -6.59 35.94 -16.34
CA LEU D 2268 -5.91 34.80 -15.74
C LEU D 2268 -5.23 35.18 -14.43
N ALA D 2269 -4.74 36.42 -14.34
CA ALA D 2269 -4.14 36.90 -13.10
C ALA D 2269 -5.17 36.94 -11.98
N MET D 2270 -6.37 37.43 -12.28
CA MET D 2270 -7.41 37.52 -11.26
C MET D 2270 -7.87 36.13 -10.82
N GLN D 2271 -8.06 35.21 -11.77
CA GLN D 2271 -8.51 33.86 -11.45
C GLN D 2271 -7.48 33.11 -10.62
N PHE D 2272 -6.24 33.08 -11.09
CA PHE D 2272 -5.20 32.26 -10.48
C PHE D 2272 -4.53 32.91 -9.28
N ILE D 2273 -4.89 34.16 -8.96
CA ILE D 2273 -4.61 34.66 -7.60
C ILE D 2273 -5.78 34.35 -6.68
N SER D 2274 -7.02 34.43 -7.18
CA SER D 2274 -8.19 34.07 -6.38
C SER D 2274 -8.26 32.59 -6.02
N GLN D 2275 -7.45 31.75 -6.65
CA GLN D 2275 -7.36 30.36 -6.25
C GLN D 2275 -6.70 30.17 -4.88
N TYR D 2276 -5.99 31.17 -4.38
CA TYR D 2276 -5.25 31.02 -3.14
C TYR D 2276 -6.03 31.54 -1.95
N SER D 2277 -5.78 30.92 -0.79
CA SER D 2277 -6.46 31.22 0.45
C SER D 2277 -5.92 32.54 1.02
N PRO D 2278 -6.52 33.08 2.12
CA PRO D 2278 -5.87 34.24 2.77
C PRO D 2278 -4.58 33.94 3.54
N GLU D 2279 -4.01 32.74 3.41
CA GLU D 2279 -2.75 32.40 4.07
C GLU D 2279 -1.71 31.83 3.11
N ASP D 2280 -2.03 31.65 1.83
CA ASP D 2280 -1.14 30.92 0.93
C ASP D 2280 0.07 31.73 0.48
N ILE D 2281 -0.05 33.05 0.42
CA ILE D 2281 0.91 33.87 -0.30
C ILE D 2281 1.67 34.70 0.72
N VAL D 2282 2.98 34.52 0.78
CA VAL D 2282 3.82 35.06 1.83
C VAL D 2282 4.94 35.89 1.18
N THR D 2283 5.28 37.03 1.78
CA THR D 2283 6.43 37.80 1.33
C THR D 2283 7.72 37.26 1.91
N ALA D 2284 8.84 37.76 1.39
CA ALA D 2284 10.16 37.50 1.95
C ALA D 2284 11.01 38.73 1.69
N GLN D 2285 11.07 39.63 2.67
CA GLN D 2285 11.74 40.91 2.49
C GLN D 2285 13.24 40.69 2.51
N ILE D 2286 13.83 40.62 1.33
CA ILE D 2286 15.23 40.26 1.17
C ILE D 2286 16.09 41.51 1.31
N GLU D 2287 17.00 41.50 2.28
CA GLU D 2287 17.92 42.61 2.46
C GLU D 2287 18.94 42.63 1.33
N GLY D 2288 19.14 43.80 0.74
CA GLY D 2288 20.13 43.94 -0.31
C GLY D 2288 21.53 44.23 0.18
N SER D 2289 21.70 44.36 1.49
CA SER D 2289 22.97 44.70 2.10
C SER D 2289 23.50 43.46 2.81
N SER D 2290 24.30 42.68 2.09
CA SER D 2290 24.87 41.47 2.67
C SER D 2290 25.94 41.83 3.69
N GLY D 2291 25.97 41.07 4.78
CA GLY D 2291 27.02 41.23 5.76
C GLY D 2291 28.15 40.26 5.52
N ALA D 2292 28.21 39.72 4.31
CA ALA D 2292 29.11 38.63 3.99
C ALA D 2292 30.25 39.13 3.13
N LEU D 2293 31.48 39.00 3.65
CA LEU D 2293 32.68 39.24 2.86
C LEU D 2293 32.68 38.36 1.63
N TRP D 2294 32.76 38.97 0.46
CA TRP D 2294 32.92 38.19 -0.75
C TRP D 2294 34.31 37.60 -0.74
N ARG D 2295 34.38 36.28 -0.64
CA ARG D 2295 35.67 35.61 -0.59
C ARG D 2295 36.38 35.72 -1.93
N ILE D 2296 37.70 35.86 -1.86
CA ILE D 2296 38.51 36.10 -3.04
C ILE D 2296 39.65 35.11 -3.05
N SER D 2297 40.39 35.14 -4.15
CA SER D 2297 41.72 34.55 -4.30
C SER D 2297 42.30 35.16 -5.56
N PRO D 2298 43.61 35.38 -5.62
CA PRO D 2298 44.22 35.95 -6.84
C PRO D 2298 44.01 35.10 -8.09
N PRO D 2299 43.76 33.75 -8.01
CA PRO D 2299 43.14 33.14 -9.20
C PRO D 2299 41.72 33.63 -9.45
N SER D 2300 40.86 33.70 -8.43
CA SER D 2300 39.50 34.16 -8.67
C SER D 2300 39.48 35.64 -9.02
N ARG D 2301 40.35 36.44 -8.37
CA ARG D 2301 40.53 37.85 -8.71
C ARG D 2301 40.90 38.02 -10.18
N ALA D 2302 42.03 37.43 -10.59
CA ALA D 2302 42.56 37.67 -11.91
C ALA D 2302 41.68 37.06 -12.98
N GLN D 2303 41.15 35.87 -12.76
CA GLN D 2303 40.39 35.21 -13.81
C GLN D 2303 38.98 35.77 -13.96
N MET D 2304 38.40 36.38 -12.92
CA MET D 2304 37.23 37.19 -13.17
C MET D 2304 37.58 38.43 -13.99
N LYS D 2305 38.73 39.06 -13.69
CA LYS D 2305 39.18 40.20 -14.49
C LYS D 2305 39.49 39.78 -15.93
N GLN D 2306 40.03 38.58 -16.12
CA GLN D 2306 40.36 38.10 -17.45
C GLN D 2306 39.11 37.73 -18.23
N GLU D 2307 38.12 37.13 -17.57
CA GLU D 2307 36.88 36.81 -18.25
C GLU D 2307 36.07 38.05 -18.59
N LEU D 2308 36.27 39.16 -17.88
CA LEU D 2308 35.59 40.39 -18.24
C LEU D 2308 36.35 41.20 -19.27
N TYR D 2309 37.62 41.48 -19.01
CA TYR D 2309 38.41 42.30 -19.93
C TYR D 2309 38.80 41.52 -21.18
N ASN D 2310 39.52 40.41 -21.00
CA ASN D 2310 40.04 39.64 -22.14
C ASN D 2310 39.09 38.56 -22.61
N GLY D 2311 38.31 37.96 -21.71
CA GLY D 2311 37.48 36.83 -22.08
C GLY D 2311 36.27 37.23 -22.89
N THR D 2312 36.10 36.62 -24.06
CA THR D 2312 34.94 36.86 -24.88
C THR D 2312 33.88 35.77 -24.76
N ALA D 2313 34.20 34.67 -24.07
CA ALA D 2313 33.23 33.61 -23.84
C ALA D 2313 32.14 34.09 -22.90
N ASP D 2314 30.93 33.57 -23.11
CA ASP D 2314 29.76 34.10 -22.42
C ASP D 2314 29.76 33.68 -20.95
N ILE D 2315 29.83 34.66 -20.06
CA ILE D 2315 29.76 34.42 -18.64
C ILE D 2315 28.30 34.29 -18.25
N THR D 2316 27.97 33.25 -17.50
CA THR D 2316 26.60 32.98 -17.09
C THR D 2316 26.39 33.43 -15.65
N LEU D 2317 25.37 34.26 -15.44
CA LEU D 2317 24.99 34.72 -14.12
C LEU D 2317 23.70 34.02 -13.69
N ARG D 2318 23.81 33.19 -12.65
CA ARG D 2318 22.67 32.49 -12.09
C ARG D 2318 21.99 33.36 -11.04
N PHE D 2319 20.81 32.90 -10.62
CA PHE D 2319 20.06 33.54 -9.54
C PHE D 2319 19.23 32.44 -8.90
N THR D 2320 19.71 31.86 -7.82
CA THR D 2320 19.08 30.67 -7.29
C THR D 2320 18.34 30.99 -5.99
N TRP D 2321 17.55 30.02 -5.55
CA TRP D 2321 16.58 30.16 -4.48
C TRP D 2321 16.79 29.05 -3.48
N ASN D 2322 16.09 29.16 -2.34
CA ASN D 2322 15.79 28.04 -1.45
C ASN D 2322 14.50 28.35 -0.72
N PHE D 2323 13.89 27.28 -0.19
CA PHE D 2323 12.66 27.39 0.60
C PHE D 2323 12.69 26.25 1.62
N GLN D 2324 12.87 26.56 2.90
CA GLN D 2324 12.67 25.55 3.94
C GLN D 2324 11.20 25.51 4.29
N ARG D 2325 10.59 24.35 4.16
CA ARG D 2325 9.19 24.17 4.50
C ARG D 2325 9.06 23.31 5.73
N ASP D 2326 7.96 23.49 6.45
CA ASP D 2326 7.68 22.71 7.64
C ASP D 2326 7.37 21.27 7.25
N LEU D 2327 8.25 20.34 7.63
CA LEU D 2327 7.87 18.94 7.53
C LEU D 2327 6.88 18.55 8.61
N ALA D 2328 6.82 19.32 9.70
CA ALA D 2328 5.80 19.09 10.72
C ALA D 2328 4.42 19.47 10.22
N LYS D 2329 4.32 20.30 9.20
CA LYS D 2329 3.05 20.61 8.54
C LYS D 2329 2.74 19.68 7.39
N GLY D 2330 3.30 18.47 7.38
CA GLY D 2330 3.07 17.54 6.30
C GLY D 2330 3.88 17.88 5.06
N GLY D 2331 3.82 16.98 4.09
CA GLY D 2331 4.60 17.11 2.88
C GLY D 2331 6.01 16.55 3.05
N THR D 2332 6.63 16.27 1.92
CA THR D 2332 7.95 15.65 1.91
C THR D 2332 9.03 16.53 1.31
N VAL D 2333 8.72 17.28 0.26
CA VAL D 2333 9.71 18.10 -0.42
C VAL D 2333 9.99 19.32 0.46
N GLU D 2334 11.20 19.39 1.01
CA GLU D 2334 11.60 20.57 1.76
C GLU D 2334 11.92 21.70 0.79
N TYR D 2335 12.96 21.53 -0.02
CA TYR D 2335 13.55 22.60 -0.79
C TYR D 2335 13.04 22.61 -2.22
N THR D 2336 12.80 23.80 -2.74
CA THR D 2336 12.43 24.02 -4.14
C THR D 2336 13.31 25.12 -4.70
N ASN D 2337 14.02 24.83 -5.78
CA ASN D 2337 15.00 25.76 -6.33
C ASN D 2337 14.82 25.83 -7.84
N GLU D 2338 15.21 26.97 -8.42
CA GLU D 2338 15.46 27.06 -9.85
C GLU D 2338 16.63 27.99 -10.12
N LYS D 2339 17.43 27.63 -11.11
CA LYS D 2339 18.49 28.47 -11.63
C LYS D 2339 17.91 29.40 -12.68
N HIS D 2340 18.41 30.63 -12.73
CA HIS D 2340 17.87 31.65 -13.63
C HIS D 2340 19.05 32.34 -14.30
N THR D 2341 19.49 31.75 -15.41
CA THR D 2341 20.74 32.13 -16.04
C THR D 2341 20.50 33.20 -17.10
N LEU D 2342 21.26 34.28 -16.99
CA LEU D 2342 21.46 35.19 -18.10
C LEU D 2342 22.94 35.16 -18.46
N GLU D 2343 23.20 35.18 -19.76
CA GLU D 2343 24.57 35.17 -20.25
C GLU D 2343 25.06 36.59 -20.51
N LEU D 2344 26.37 36.74 -20.52
CA LEU D 2344 27.01 38.04 -20.68
C LEU D 2344 27.78 38.01 -21.98
N ALA D 2345 27.35 38.80 -22.95
CA ALA D 2345 27.97 38.86 -24.26
C ALA D 2345 29.30 39.61 -24.20
N PRO D 2346 30.23 39.29 -25.10
CA PRO D 2346 31.44 40.13 -25.21
C PRO D 2346 31.11 41.49 -25.79
N ASN D 2347 31.86 42.49 -25.32
CA ASN D 2347 31.65 43.92 -25.60
C ASN D 2347 30.25 44.39 -25.19
N SER D 2348 29.64 43.75 -24.20
CA SER D 2348 28.39 44.23 -23.67
C SER D 2348 28.65 45.28 -22.61
N THR D 2349 27.61 46.03 -22.26
CA THR D 2349 27.75 47.07 -21.24
C THR D 2349 27.93 46.47 -19.86
N ALA D 2350 27.35 45.28 -19.63
CA ALA D 2350 27.37 44.68 -18.31
C ALA D 2350 28.77 44.21 -17.93
N ARG D 2351 29.45 43.52 -18.85
CA ARG D 2351 30.80 43.07 -18.56
C ARG D 2351 31.77 44.23 -18.40
N ARG D 2352 31.58 45.28 -19.19
CA ARG D 2352 32.47 46.44 -19.10
C ARG D 2352 32.30 47.16 -17.76
N GLN D 2353 31.07 47.27 -17.27
CA GLN D 2353 30.87 47.91 -15.99
C GLN D 2353 31.38 47.04 -14.84
N LEU D 2354 31.24 45.72 -14.96
CA LEU D 2354 31.79 44.84 -13.92
C LEU D 2354 33.31 44.84 -13.95
N ALA D 2355 33.89 44.94 -15.14
CA ALA D 2355 35.35 45.06 -15.25
C ALA D 2355 35.83 46.38 -14.66
N GLN D 2356 35.06 47.46 -14.85
CA GLN D 2356 35.44 48.73 -14.24
C GLN D 2356 35.25 48.72 -12.73
N LEU D 2357 34.33 47.89 -12.23
CA LEU D 2357 34.27 47.66 -10.78
C LEU D 2357 35.55 46.99 -10.29
N LEU D 2358 36.05 46.02 -11.04
CA LEU D 2358 37.31 45.39 -10.67
C LEU D 2358 38.53 46.24 -11.00
N GLU D 2359 38.39 47.30 -11.79
CA GLU D 2359 39.52 48.20 -12.03
C GLU D 2359 39.76 49.09 -10.82
N GLY D 2360 38.69 49.51 -10.14
CA GLY D 2360 38.86 50.36 -8.97
C GLY D 2360 38.12 51.68 -9.02
N ARG D 2361 37.06 51.75 -9.81
CA ARG D 2361 36.16 52.90 -9.78
C ARG D 2361 35.00 52.56 -8.86
N PRO D 2362 34.99 53.03 -7.62
CA PRO D 2362 34.09 52.48 -6.61
C PRO D 2362 32.67 53.03 -6.63
N ASP D 2363 32.24 53.71 -7.68
CA ASP D 2363 30.97 54.44 -7.65
C ASP D 2363 30.11 54.08 -8.85
N GLN D 2364 29.97 52.79 -9.12
CA GLN D 2364 29.26 52.31 -10.30
C GLN D 2364 28.23 51.26 -9.88
N SER D 2365 26.96 51.51 -10.21
CA SER D 2365 25.88 50.58 -9.92
C SER D 2365 25.48 49.91 -11.23
N VAL D 2366 25.91 48.67 -11.42
CA VAL D 2366 25.62 47.94 -12.65
C VAL D 2366 24.17 47.50 -12.62
N VAL D 2367 23.43 47.85 -13.68
CA VAL D 2367 22.02 47.49 -13.78
C VAL D 2367 21.94 46.35 -14.78
N ILE D 2368 21.96 45.12 -14.26
CA ILE D 2368 21.78 43.94 -15.10
C ILE D 2368 20.28 43.73 -15.28
N PRO D 2369 19.76 43.83 -16.49
CA PRO D 2369 18.31 43.87 -16.67
C PRO D 2369 17.68 42.49 -16.54
N HIS D 2370 16.52 42.47 -15.87
CA HIS D 2370 15.58 41.35 -15.83
C HIS D 2370 16.19 40.09 -15.24
N LEU D 2371 16.53 40.19 -13.96
CA LEU D 2371 16.91 39.04 -13.14
C LEU D 2371 15.85 38.64 -12.14
N PHE D 2372 15.35 39.60 -11.36
CA PHE D 2372 14.62 39.31 -10.13
C PHE D 2372 13.12 39.23 -10.40
N PRO D 2373 12.47 38.10 -10.16
CA PRO D 2373 11.01 38.04 -10.22
C PRO D 2373 10.39 38.47 -8.90
N LYS D 2374 9.08 38.56 -8.90
CA LYS D 2374 8.35 38.70 -7.66
C LYS D 2374 7.33 37.60 -7.45
N TYR D 2375 6.61 37.22 -8.50
CA TYR D 2375 5.40 36.43 -8.41
C TYR D 2375 5.73 34.99 -8.77
N ILE D 2376 5.89 34.15 -7.74
CA ILE D 2376 6.50 32.83 -7.87
C ILE D 2376 5.61 31.81 -7.18
N ARG D 2377 5.18 30.79 -7.93
CA ARG D 2377 4.54 29.64 -7.32
C ARG D 2377 5.55 28.86 -6.50
N ALA D 2378 5.14 28.39 -5.34
CA ALA D 2378 5.93 27.47 -4.52
C ALA D 2378 5.16 26.17 -4.40
N PRO D 2379 5.20 25.31 -5.42
CA PRO D 2379 4.38 24.10 -5.40
C PRO D 2379 5.01 23.03 -4.53
N ASN D 2380 4.22 22.00 -4.25
CA ASN D 2380 4.70 20.86 -3.48
C ASN D 2380 5.72 20.04 -4.24
N GLY D 2381 5.75 20.14 -5.56
CA GLY D 2381 6.78 19.53 -6.36
C GLY D 2381 8.12 20.18 -6.10
N PRO D 2382 9.22 19.51 -6.47
CA PRO D 2382 10.56 19.98 -6.06
C PRO D 2382 11.06 21.21 -6.81
N GLU D 2383 10.29 21.78 -7.72
CA GLU D 2383 10.66 23.03 -8.35
C GLU D 2383 9.92 24.19 -7.72
N ALA D 2384 10.39 25.40 -8.02
CA ALA D 2384 9.70 26.63 -7.65
C ALA D 2384 9.50 27.42 -8.93
N ASN D 2385 8.28 27.51 -9.37
CA ASN D 2385 8.07 28.11 -10.67
C ASN D 2385 7.66 29.57 -10.51
N PRO D 2386 8.32 30.50 -11.21
CA PRO D 2386 7.76 31.85 -11.33
C PRO D 2386 6.47 31.77 -12.14
N VAL D 2387 5.51 32.62 -11.79
CA VAL D 2387 4.17 32.52 -12.37
C VAL D 2387 4.22 33.02 -13.81
N LYS D 2388 3.97 32.11 -14.75
CA LYS D 2388 4.03 32.42 -16.18
C LYS D 2388 2.82 33.22 -16.65
N GLN D 2389 1.83 33.42 -15.79
CA GLN D 2389 0.66 34.23 -16.07
C GLN D 2389 0.80 35.64 -15.52
N LEU D 2390 1.27 35.77 -14.28
CA LEU D 2390 1.62 37.07 -13.73
C LEU D 2390 2.86 37.65 -14.36
N GLN D 2391 3.69 36.80 -14.97
CA GLN D 2391 4.85 37.24 -15.75
C GLN D 2391 4.75 36.56 -17.11
N PRO D 2392 3.91 37.07 -18.02
CA PRO D 2392 3.81 36.44 -19.34
C PRO D 2392 5.07 36.61 -20.18
N ASP D 2393 5.71 37.77 -20.12
CA ASP D 2393 7.06 37.88 -20.66
C ASP D 2393 8.00 37.15 -19.72
N GLU D 2394 8.31 35.90 -20.07
CA GLU D 2394 9.05 35.00 -19.21
C GLU D 2394 10.56 35.24 -19.26
N GLU D 2395 11.00 36.34 -19.86
CA GLU D 2395 12.36 36.83 -19.73
C GLU D 2395 12.42 38.33 -19.47
N GLU D 2396 11.31 39.06 -19.59
CA GLU D 2396 11.33 40.52 -19.50
C GLU D 2396 10.25 41.07 -18.57
N ASP D 2397 9.71 40.24 -17.68
CA ASP D 2397 8.95 40.74 -16.54
C ASP D 2397 9.73 40.62 -15.25
N TYR D 2398 10.88 39.95 -15.30
CA TYR D 2398 11.88 40.00 -14.25
C TYR D 2398 12.43 41.42 -14.14
N LEU D 2399 13.00 41.74 -12.99
CA LEU D 2399 13.39 43.11 -12.70
C LEU D 2399 14.88 43.32 -12.91
N GLY D 2400 15.22 44.52 -13.37
CA GLY D 2400 16.63 44.89 -13.47
C GLY D 2400 17.22 45.10 -12.09
N VAL D 2401 18.44 44.62 -11.91
CA VAL D 2401 19.08 44.55 -10.60
C VAL D 2401 20.27 45.50 -10.58
N ARG D 2402 20.24 46.47 -9.65
CA ARG D 2402 21.36 47.39 -9.46
C ARG D 2402 22.38 46.76 -8.52
N ILE D 2403 23.63 46.72 -8.96
CA ILE D 2403 24.68 45.98 -8.27
C ILE D 2403 25.86 46.91 -8.02
N GLN D 2404 26.23 47.06 -6.74
CA GLN D 2404 27.41 47.81 -6.36
C GLN D 2404 28.39 46.90 -5.64
N LEU D 2405 29.59 47.43 -5.44
CA LEU D 2405 30.58 46.85 -4.55
C LEU D 2405 30.52 47.56 -3.20
N ARG D 2406 31.48 47.23 -2.34
CA ARG D 2406 31.68 47.92 -1.07
C ARG D 2406 33.12 47.65 -0.66
N ARG D 2407 33.96 48.67 -0.68
CA ARG D 2407 35.36 48.49 -0.35
C ARG D 2407 35.74 49.34 0.85
N GLU D 2408 36.85 48.98 1.48
CA GLU D 2408 37.39 49.76 2.59
C GLU D 2408 38.91 49.79 2.47
N GLN D 2409 39.54 50.27 3.54
CA GLN D 2409 40.97 50.14 3.77
C GLN D 2409 41.23 48.83 4.51
N VAL D 2410 42.40 48.71 5.13
CA VAL D 2410 42.77 47.53 5.91
C VAL D 2410 41.89 47.30 7.12
N GLY D 2411 41.11 48.30 7.54
CA GLY D 2411 40.22 48.15 8.68
C GLY D 2411 39.03 47.25 8.46
N SER D 2424 46.35 45.82 -5.41
CA SER D 2424 45.91 44.90 -4.37
C SER D 2424 44.46 45.21 -3.97
N ASP D 2425 43.90 44.42 -3.07
CA ASP D 2425 42.50 44.57 -2.71
C ASP D 2425 42.32 44.72 -1.21
N PHE D 2426 41.08 44.69 -0.74
CA PHE D 2426 40.77 44.88 0.67
C PHE D 2426 39.55 44.06 1.03
N LEU D 2427 38.95 44.39 2.16
CA LEU D 2427 37.69 43.79 2.58
C LEU D 2427 36.59 44.28 1.63
N GLU D 2428 36.07 43.38 0.80
CA GLU D 2428 35.14 43.75 -0.24
C GLU D 2428 33.80 43.06 -0.03
N TRP D 2429 32.74 43.66 -0.59
CA TRP D 2429 31.39 43.16 -0.44
C TRP D 2429 30.63 43.39 -1.75
N TRP D 2430 29.32 43.18 -1.73
CA TRP D 2430 28.48 43.44 -2.90
C TRP D 2430 27.12 43.95 -2.43
N VAL D 2431 26.37 44.55 -3.35
CA VAL D 2431 25.08 45.17 -3.07
C VAL D 2431 24.08 44.72 -4.13
N ILE D 2432 22.84 44.43 -3.73
CA ILE D 2432 21.71 44.28 -4.64
C ILE D 2432 20.71 45.39 -4.37
N GLU D 2433 20.35 46.12 -5.41
CA GLU D 2433 19.12 46.90 -5.44
C GLU D 2433 18.41 46.63 -6.76
N LEU D 2434 17.18 47.09 -6.87
CA LEU D 2434 16.47 47.06 -8.13
C LEU D 2434 16.47 48.46 -8.74
N GLN D 2435 15.85 48.59 -9.92
CA GLN D 2435 15.83 49.86 -10.63
C GLN D 2435 15.01 50.93 -9.93
N ASP D 2436 14.19 50.57 -8.94
CA ASP D 2436 13.29 51.50 -8.28
C ASP D 2436 13.36 51.37 -6.77
N CYS D 2437 14.48 50.88 -6.24
CA CYS D 2437 14.66 50.75 -4.80
C CYS D 2437 14.89 52.15 -4.21
N LYS D 2438 13.80 52.86 -4.00
CA LYS D 2438 13.83 54.22 -3.48
C LYS D 2438 13.12 54.34 -2.15
N ALA D 2439 11.91 53.79 -2.04
CA ALA D 2439 11.25 53.71 -0.73
C ALA D 2439 11.89 52.63 0.12
N ASP D 2440 12.01 51.42 -0.41
CA ASP D 2440 12.73 50.33 0.22
C ASP D 2440 14.01 50.11 -0.59
N CYS D 2441 15.10 50.72 -0.13
CA CYS D 2441 16.36 50.59 -0.86
C CYS D 2441 16.98 49.21 -0.64
N ASN D 2442 16.96 48.71 0.58
CA ASN D 2442 17.60 47.44 0.88
C ASN D 2442 16.64 46.26 0.85
N LEU D 2443 15.39 46.43 1.26
CA LEU D 2443 14.44 45.33 1.28
C LEU D 2443 13.98 45.00 -0.13
N LEU D 2444 14.01 43.70 -0.46
CA LEU D 2444 13.49 43.23 -1.74
C LEU D 2444 12.24 42.41 -1.47
N PRO D 2445 11.10 42.77 -2.05
CA PRO D 2445 9.88 42.02 -1.80
C PRO D 2445 9.83 40.74 -2.61
N MET D 2446 9.18 39.74 -2.01
CA MET D 2446 8.85 38.50 -2.69
C MET D 2446 7.34 38.34 -2.64
N VAL D 2447 6.78 37.64 -3.62
CA VAL D 2447 5.38 37.25 -3.61
C VAL D 2447 5.38 35.74 -3.89
N ILE D 2448 5.40 34.95 -2.82
CA ILE D 2448 5.66 33.52 -2.92
C ILE D 2448 4.33 32.80 -2.82
N PHE D 2449 3.88 32.23 -3.93
CA PHE D 2449 2.59 31.53 -3.99
C PHE D 2449 2.80 30.10 -3.53
N SER D 2450 2.64 29.87 -2.24
CA SER D 2450 2.82 28.55 -1.68
C SER D 2450 1.50 27.81 -1.62
N ASP D 2451 1.53 26.54 -2.02
CA ASP D 2451 0.34 25.71 -2.07
C ASP D 2451 0.06 25.11 -0.69
N LYS D 2452 -0.83 24.13 -0.63
CA LYS D 2452 -1.18 23.47 0.62
C LYS D 2452 -0.74 22.01 0.58
N VAL D 2453 -0.93 21.33 1.71
CA VAL D 2453 -0.39 20.00 1.91
C VAL D 2453 -1.51 18.97 1.78
N SER D 2454 -1.33 18.02 0.86
CA SER D 2454 -2.11 16.79 0.82
C SER D 2454 -1.16 15.64 1.14
N PRO D 2455 -1.10 15.19 2.40
CA PRO D 2455 -0.01 14.29 2.83
C PRO D 2455 -0.09 12.90 2.25
N PRO D 2456 -1.27 12.41 1.78
CA PRO D 2456 -0.99 11.28 0.88
C PRO D 2456 -1.09 11.69 -0.59
N GLY D 2463 -11.11 8.29 -6.92
CA GLY D 2463 -10.11 7.73 -7.81
C GLY D 2463 -10.70 6.99 -8.99
N TYR D 2464 -9.90 6.13 -9.62
CA TYR D 2464 -10.34 5.38 -10.79
C TYR D 2464 -10.01 3.89 -10.74
N GLY D 2465 -8.99 3.47 -9.99
CA GLY D 2465 -8.65 2.07 -9.86
C GLY D 2465 -9.12 1.41 -8.59
N ILE D 2466 -9.86 2.11 -7.75
CA ILE D 2466 -10.32 1.57 -6.48
C ILE D 2466 -11.83 1.62 -6.31
N VAL D 2467 -12.55 2.49 -7.02
CA VAL D 2467 -14.01 2.40 -7.09
C VAL D 2467 -14.45 1.14 -7.84
N GLY D 2468 -13.60 0.62 -8.73
CA GLY D 2468 -13.86 -0.69 -9.32
C GLY D 2468 -13.76 -1.81 -8.32
N LEU D 2469 -12.94 -1.65 -7.28
CA LEU D 2469 -12.92 -2.62 -6.20
C LEU D 2469 -14.07 -2.42 -5.23
N TYR D 2470 -14.66 -1.22 -5.18
CA TYR D 2470 -15.96 -1.09 -4.52
C TYR D 2470 -17.05 -1.87 -5.27
N VAL D 2471 -17.07 -1.77 -6.59
CA VAL D 2471 -18.09 -2.50 -7.35
C VAL D 2471 -17.82 -4.00 -7.28
N SER D 2472 -16.55 -4.40 -7.15
CA SER D 2472 -16.21 -5.80 -6.92
C SER D 2472 -16.78 -6.31 -5.61
N ILE D 2473 -16.57 -5.56 -4.52
CA ILE D 2473 -17.03 -6.08 -3.23
C ILE D 2473 -18.54 -5.93 -3.07
N VAL D 2474 -19.19 -4.99 -3.76
CA VAL D 2474 -20.65 -4.96 -3.65
C VAL D 2474 -21.27 -6.08 -4.48
N LEU D 2475 -20.60 -6.54 -5.55
CA LEU D 2475 -21.14 -7.70 -6.28
C LEU D 2475 -20.92 -8.99 -5.51
N VAL D 2476 -19.78 -9.11 -4.81
CA VAL D 2476 -19.50 -10.32 -4.04
C VAL D 2476 -20.48 -10.45 -2.88
N VAL D 2477 -20.71 -9.36 -2.15
CA VAL D 2477 -21.68 -9.43 -1.07
C VAL D 2477 -23.10 -9.50 -1.61
N GLY D 2478 -23.32 -8.99 -2.84
CA GLY D 2478 -24.64 -9.09 -3.44
C GLY D 2478 -25.05 -10.52 -3.75
N LYS D 2479 -24.17 -11.28 -4.40
CA LYS D 2479 -24.48 -12.68 -4.64
C LYS D 2479 -24.32 -13.52 -3.37
N PHE D 2480 -23.57 -13.03 -2.38
CA PHE D 2480 -23.54 -13.73 -1.10
C PHE D 2480 -24.88 -13.68 -0.39
N VAL D 2481 -25.57 -12.54 -0.44
CA VAL D 2481 -26.87 -12.47 0.17
C VAL D 2481 -27.89 -13.19 -0.70
N ARG D 2482 -27.73 -13.16 -2.03
CA ARG D 2482 -28.57 -13.95 -2.91
C ARG D 2482 -28.35 -15.45 -2.77
N GLY D 2483 -27.30 -15.89 -2.08
CA GLY D 2483 -27.22 -17.28 -1.68
C GLY D 2483 -28.37 -17.66 -0.76
N PHE D 2484 -28.71 -16.77 0.18
CA PHE D 2484 -29.77 -17.06 1.14
C PHE D 2484 -31.16 -17.05 0.50
N PHE D 2485 -31.28 -16.48 -0.69
CA PHE D 2485 -32.53 -16.42 -1.42
C PHE D 2485 -32.34 -17.22 -2.72
N SER D 2486 -33.38 -17.23 -3.55
CA SER D 2486 -33.38 -17.66 -4.95
C SER D 2486 -33.14 -19.16 -5.19
N GLU D 2487 -32.79 -19.92 -4.16
CA GLU D 2487 -32.58 -21.36 -4.34
C GLU D 2487 -33.05 -22.16 -3.14
N ILE D 2488 -34.08 -21.70 -2.42
CA ILE D 2488 -34.56 -22.46 -1.28
C ILE D 2488 -35.83 -23.22 -1.61
N SER D 2489 -36.36 -23.06 -2.82
CA SER D 2489 -37.35 -24.01 -3.31
C SER D 2489 -36.73 -25.39 -3.48
N HIS D 2490 -35.43 -25.44 -3.74
CA HIS D 2490 -34.71 -26.71 -3.82
C HIS D 2490 -34.63 -27.40 -2.47
N SER D 2491 -34.71 -26.64 -1.38
CA SER D 2491 -34.55 -27.16 -0.04
C SER D 2491 -35.86 -27.31 0.71
N ILE D 2492 -37.00 -26.99 0.07
CA ILE D 2492 -38.30 -27.20 0.70
C ILE D 2492 -38.53 -28.68 1.02
N MET D 2493 -38.11 -29.57 0.12
CA MET D 2493 -38.42 -30.98 0.32
C MET D 2493 -37.58 -31.64 1.38
N PHE D 2494 -36.60 -30.95 1.94
CA PHE D 2494 -35.79 -31.50 3.00
C PHE D 2494 -35.85 -30.72 4.30
N GLU D 2495 -36.48 -29.54 4.32
CA GLU D 2495 -36.60 -28.81 5.56
C GLU D 2495 -38.02 -28.45 5.94
N GLU D 2496 -38.94 -28.36 4.99
CA GLU D 2496 -40.32 -28.01 5.31
C GLU D 2496 -41.14 -29.28 5.46
N LEU D 2497 -40.79 -30.08 6.46
CA LEU D 2497 -41.44 -31.36 6.65
C LEU D 2497 -42.00 -31.51 8.05
N PRO D 2498 -43.13 -32.18 8.19
CA PRO D 2498 -43.73 -32.40 9.50
C PRO D 2498 -42.99 -33.46 10.30
N CYS D 2499 -43.66 -33.93 11.35
CA CYS D 2499 -43.11 -34.59 12.55
C CYS D 2499 -41.95 -35.53 12.29
N VAL D 2500 -40.84 -35.29 12.96
CA VAL D 2500 -39.54 -35.78 12.52
C VAL D 2500 -39.08 -36.75 13.58
N ASP D 2501 -40.04 -37.39 14.25
CA ASP D 2501 -39.71 -38.21 15.40
C ASP D 2501 -39.02 -39.49 14.98
N ARG D 2502 -39.45 -40.06 13.86
CA ARG D 2502 -38.91 -41.34 13.42
C ARG D 2502 -37.46 -41.21 12.98
N ILE D 2503 -37.08 -40.06 12.43
CA ILE D 2503 -35.74 -39.98 11.90
C ILE D 2503 -34.76 -39.67 13.02
N LEU D 2504 -35.20 -38.98 14.07
CA LEU D 2504 -34.38 -38.89 15.27
C LEU D 2504 -34.23 -40.24 15.95
N LYS D 2505 -35.28 -41.08 15.89
CA LYS D 2505 -35.12 -42.45 16.36
C LYS D 2505 -34.07 -43.18 15.56
N LEU D 2506 -34.03 -42.97 14.26
CA LEU D 2506 -33.07 -43.67 13.43
C LEU D 2506 -31.65 -43.12 13.65
N CYS D 2507 -31.51 -41.81 13.81
CA CYS D 2507 -30.18 -41.25 13.99
C CYS D 2507 -29.60 -41.58 15.35
N GLN D 2508 -30.44 -41.56 16.39
CA GLN D 2508 -29.97 -41.95 17.72
C GLN D 2508 -29.69 -43.45 17.79
N ASP D 2509 -30.39 -44.24 16.97
CA ASP D 2509 -30.02 -45.64 16.82
C ASP D 2509 -28.62 -45.80 16.25
N ILE D 2510 -28.28 -44.99 15.25
CA ILE D 2510 -26.95 -45.08 14.65
C ILE D 2510 -25.88 -44.66 15.65
N PHE D 2511 -26.18 -43.69 16.52
CA PHE D 2511 -25.18 -43.22 17.46
C PHE D 2511 -24.89 -44.26 18.55
N LEU D 2512 -25.93 -44.88 19.11
CA LEU D 2512 -25.67 -45.87 20.14
C LEU D 2512 -25.09 -47.16 19.54
N VAL D 2513 -25.38 -47.45 18.28
CA VAL D 2513 -24.74 -48.57 17.62
C VAL D 2513 -23.26 -48.27 17.38
N ARG D 2514 -22.92 -47.01 17.13
CA ARG D 2514 -21.51 -46.63 17.06
C ARG D 2514 -20.81 -46.79 18.41
N GLU D 2515 -21.54 -46.65 19.51
CA GLU D 2515 -20.95 -46.93 20.82
C GLU D 2515 -20.74 -48.43 21.03
N THR D 2516 -21.79 -49.22 20.82
CA THR D 2516 -21.74 -50.64 21.19
C THR D 2516 -20.99 -51.51 20.19
N ARG D 2517 -20.42 -50.92 19.14
CA ARG D 2517 -19.53 -51.58 18.17
C ARG D 2517 -20.20 -52.74 17.44
N GLU D 2518 -21.52 -52.66 17.26
CA GLU D 2518 -22.23 -53.66 16.46
C GLU D 2518 -22.46 -53.11 15.06
N LEU D 2519 -21.36 -52.98 14.33
CA LEU D 2519 -21.30 -52.09 13.16
C LEU D 2519 -22.06 -52.61 11.95
N GLU D 2520 -22.46 -53.88 11.94
CA GLU D 2520 -23.39 -54.34 10.92
C GLU D 2520 -24.73 -53.61 11.04
N LEU D 2521 -25.16 -53.35 12.27
CA LEU D 2521 -26.38 -52.58 12.46
C LEU D 2521 -26.18 -51.14 12.03
N GLU D 2522 -24.95 -50.63 12.14
CA GLU D 2522 -24.66 -49.28 11.66
C GLU D 2522 -24.83 -49.18 10.16
N GLU D 2523 -24.27 -50.16 9.43
CA GLU D 2523 -24.39 -50.13 7.98
C GLU D 2523 -25.82 -50.34 7.51
N GLU D 2524 -26.60 -51.15 8.21
CA GLU D 2524 -27.96 -51.38 7.75
C GLU D 2524 -28.87 -50.21 8.08
N LEU D 2525 -28.68 -49.57 9.24
CA LEU D 2525 -29.42 -48.35 9.53
C LEU D 2525 -28.98 -47.20 8.64
N TYR D 2526 -27.71 -47.15 8.25
CA TYR D 2526 -27.27 -46.12 7.34
C TYR D 2526 -27.81 -46.32 5.94
N ALA D 2527 -28.02 -47.57 5.53
CA ALA D 2527 -28.72 -47.82 4.28
C ALA D 2527 -30.18 -47.38 4.37
N LYS D 2528 -30.76 -47.41 5.57
CA LYS D 2528 -32.10 -46.85 5.74
C LYS D 2528 -32.09 -45.33 5.61
N LEU D 2529 -31.05 -44.66 6.12
CA LEU D 2529 -30.96 -43.20 5.97
C LEU D 2529 -30.79 -42.79 4.52
N ILE D 2530 -29.84 -43.42 3.83
CA ILE D 2530 -29.61 -43.08 2.42
C ILE D 2530 -30.85 -43.32 1.60
N PHE D 2531 -31.54 -44.44 1.82
CA PHE D 2531 -32.74 -44.64 1.03
C PHE D 2531 -33.88 -43.73 1.44
N LEU D 2532 -33.87 -43.23 2.67
CA LEU D 2532 -34.88 -42.27 3.04
C LEU D 2532 -34.62 -40.93 2.38
N TYR D 2533 -33.36 -40.61 2.11
CA TYR D 2533 -32.99 -39.40 1.40
C TYR D 2533 -32.78 -39.63 -0.09
N ARG D 2534 -33.10 -40.81 -0.60
CA ARG D 2534 -33.14 -41.05 -2.04
C ARG D 2534 -34.55 -41.10 -2.59
N SER D 2535 -35.55 -41.02 -1.75
CA SER D 2535 -36.94 -41.20 -2.19
C SER D 2535 -37.81 -40.28 -1.36
N PRO D 2536 -38.14 -39.10 -1.88
CA PRO D 2536 -39.00 -38.18 -1.14
C PRO D 2536 -40.43 -38.66 -0.93
N GLU D 2537 -40.95 -39.63 -1.69
CA GLU D 2537 -42.27 -40.15 -1.32
C GLU D 2537 -42.20 -41.03 -0.10
N THR D 2538 -41.07 -41.68 0.13
CA THR D 2538 -40.90 -42.35 1.41
C THR D 2538 -40.64 -41.35 2.52
N MET D 2539 -40.09 -40.18 2.17
CA MET D 2539 -40.00 -39.09 3.14
C MET D 2539 -41.38 -38.61 3.53
N ILE D 2540 -42.32 -38.63 2.59
CA ILE D 2540 -43.69 -38.25 2.90
C ILE D 2540 -44.36 -39.33 3.77
N LYS D 2541 -44.10 -40.60 3.47
CA LYS D 2541 -44.60 -41.68 4.32
C LYS D 2541 -44.03 -41.58 5.72
N TRP D 2542 -42.72 -41.45 5.82
CA TRP D 2542 -42.04 -41.57 7.10
C TRP D 2542 -42.14 -40.31 7.93
N THR D 2543 -42.55 -39.18 7.35
CA THR D 2543 -42.72 -37.95 8.11
C THR D 2543 -44.14 -37.44 8.06
N ARG D 2544 -45.13 -38.30 8.27
CA ARG D 2544 -46.49 -37.82 8.48
C ARG D 2544 -46.62 -37.30 9.90
N GLU D 2545 -47.83 -36.94 10.31
CA GLU D 2545 -48.03 -36.27 11.58
C GLU D 2545 -48.69 -37.17 12.62
N ARG D 2546 -49.87 -37.72 12.28
CA ARG D 2546 -50.62 -38.68 13.11
C ARG D 2546 -50.94 -38.20 14.53
N UNK E 1 -37.40 -29.89 -29.54
CA UNK E 1 -38.31 -28.79 -29.21
C UNK E 1 -39.27 -29.21 -28.10
N UNK E 2 -40.40 -29.79 -28.51
CA UNK E 2 -41.37 -30.37 -27.59
C UNK E 2 -41.19 -31.87 -27.44
N UNK E 3 -40.23 -32.45 -28.14
CA UNK E 3 -39.84 -33.83 -27.88
C UNK E 3 -38.80 -33.93 -26.78
N UNK E 4 -38.05 -32.86 -26.52
CA UNK E 4 -37.08 -32.88 -25.44
C UNK E 4 -37.75 -32.81 -24.09
N UNK E 5 -38.87 -32.09 -23.99
CA UNK E 5 -39.63 -31.94 -22.75
C UNK E 5 -40.84 -32.88 -22.73
N UNK E 6 -40.68 -34.11 -23.20
CA UNK E 6 -41.78 -35.07 -23.22
C UNK E 6 -41.24 -36.47 -22.95
N UNK E 7 -41.47 -36.96 -21.73
CA UNK E 7 -41.11 -38.33 -21.37
C UNK E 7 -41.99 -38.77 -20.22
N UNK E 8 -42.60 -39.93 -20.34
CA UNK E 8 -43.62 -40.38 -19.41
C UNK E 8 -43.03 -41.29 -18.34
N UNK E 9 -43.83 -41.54 -17.31
CA UNK E 9 -43.41 -42.32 -16.15
C UNK E 9 -43.26 -43.77 -16.56
N UNK E 10 -42.01 -44.16 -16.83
CA UNK E 10 -41.57 -45.51 -17.17
C UNK E 10 -42.17 -46.03 -18.47
N UNK E 11 -42.79 -45.17 -19.29
CA UNK E 11 -43.12 -45.58 -20.64
C UNK E 11 -41.88 -45.70 -21.49
N UNK E 12 -40.80 -45.03 -21.10
CA UNK E 12 -39.48 -45.20 -21.69
C UNK E 12 -38.53 -45.95 -20.77
N UNK E 13 -38.97 -46.29 -19.55
CA UNK E 13 -38.07 -46.89 -18.57
C UNK E 13 -38.61 -48.20 -18.02
N UNK E 14 -39.55 -48.83 -18.71
CA UNK E 14 -40.02 -50.14 -18.29
C UNK E 14 -38.95 -51.19 -18.57
N UNK E 15 -38.85 -52.16 -17.66
CA UNK E 15 -37.80 -53.18 -17.76
C UNK E 15 -38.12 -54.13 -18.90
N UNK E 16 -37.22 -54.21 -19.87
CA UNK E 16 -37.45 -55.05 -21.05
C UNK E 16 -36.35 -56.10 -21.18
N UNK F 1 -20.20 -52.37 2.92
CA UNK F 1 -19.70 -52.47 1.56
C UNK F 1 -20.85 -52.39 0.56
N UNK F 2 -21.42 -53.56 0.24
CA UNK F 2 -22.61 -53.65 -0.60
C UNK F 2 -23.89 -53.76 0.22
N UNK F 3 -23.77 -53.77 1.55
CA UNK F 3 -24.93 -53.64 2.41
C UNK F 3 -25.29 -52.19 2.67
N UNK F 4 -24.34 -51.28 2.54
CA UNK F 4 -24.62 -49.86 2.72
C UNK F 4 -25.40 -49.29 1.55
N UNK F 5 -25.16 -49.80 0.34
CA UNK F 5 -25.84 -49.37 -0.86
C UNK F 5 -26.95 -50.34 -1.26
N UNK F 6 -27.70 -50.85 -0.29
CA UNK F 6 -28.77 -51.81 -0.58
C UNK F 6 -29.92 -51.57 0.39
N UNK F 7 -31.00 -50.95 -0.10
CA UNK F 7 -32.21 -50.76 0.68
C UNK F 7 -33.37 -50.59 -0.27
N UNK F 8 -34.45 -51.34 -0.05
CA UNK F 8 -35.54 -51.43 -1.00
C UNK F 8 -36.67 -50.48 -0.62
N UNK F 9 -37.59 -50.31 -1.56
CA UNK F 9 -38.69 -49.36 -1.41
C UNK F 9 -39.66 -49.90 -0.37
N UNK F 10 -39.53 -49.37 0.85
CA UNK F 10 -40.36 -49.63 2.01
C UNK F 10 -40.31 -51.09 2.48
N UNK F 11 -39.36 -51.88 1.98
CA UNK F 11 -39.11 -53.18 2.60
C UNK F 11 -38.48 -53.01 3.96
N UNK F 12 -37.82 -51.87 4.20
CA UNK F 12 -37.33 -51.49 5.51
C UNK F 12 -38.15 -50.37 6.13
N UNK F 13 -39.14 -49.84 5.42
CA UNK F 13 -39.89 -48.68 5.89
C UNK F 13 -41.38 -48.93 5.91
N UNK F 14 -41.81 -50.18 5.90
CA UNK F 14 -43.24 -50.48 6.03
C UNK F 14 -43.69 -50.22 7.46
N UNK F 15 -44.91 -49.71 7.60
CA UNK F 15 -45.44 -49.34 8.90
C UNK F 15 -45.75 -50.59 9.71
N UNK F 16 -45.09 -50.74 10.85
CA UNK F 16 -45.27 -51.91 11.70
C UNK F 16 -45.79 -51.54 13.08
#